data_7N6A
#
_entry.id   7N6A
#
loop_
_entity.id
_entity.type
_entity.pdbx_description
1 polymer 'Spike glycoprotein E1'
2 polymer 'Spike glycoprotein E2'
#
loop_
_entity_poly.entity_id
_entity_poly.type
_entity_poly.pdbx_seq_one_letter_code
_entity_poly.pdbx_strand_id
1 'polypeptide(L)'
;YEHTAVMPNKVGIPYKALVERPGYAPVHLQIQLVNTRIIPSTNLEYITCKYKTKVPSPVVKCCGATQCTSKPHPDYQCQV
FTGVYPFMWGGAYCFCDTENTQMSEAYVERSEECSIDHAKAYKVHTGTVQAMVNITYGSVSWRSADVYVNGETPAKIGDA
KLIIGPLSSAWSPFDNKVVVYGHEVYNYDFPEYGTGKAGSFGDLQSRTSTSNDLYANTNLKLQRPQAGIVHTPFTQAPSG
FERWKRDKGAPLNDVAPFGCSIALEPLRAENCAVGSIPISIDIPDAAFTRISETPTVSDLECKITECTYASDFGGIATVA
YKSSKAGNCPIHSPSGVAVIKENDVTLAESGSFTFHFSTANIHPAFKLQVCTSAVTCKGDCKPPKDHIVDYPAQHTESFT
SAISATAWSWLKVLVGGTSAFIVLGLIATAVVALVLFFHRH
;
A,C,E,G,I,K
2 'polypeptide(L)'
;DLDTHFTQYKLARPYIADCPNCGHSRCDSPIAIEEVRGDAHAGVIRIQTSAMFGLKTDGVDLAYMSFMNGKTQKSIKIDN
LHVRTSAPCSLVSHHGYYILAQCPPGDTVTVGFHDGPNRHTCTVAHKVEFRPVGREKYRHPPEHGVELPCNRYTHKRADQ
GHYVEMHQPGLVADHSLLSIHSAKVKITVPSGAQVKYYCKCPDVREGITSSDHTTTCTDVKQCRAYLIDNKKWVYNSGRL
PRGEGDTFKGKLHVPFVPVKAKCIATLAPEPLVEHKHRTLILHLHPDHPTLLTTRSLGSDANPTRQWIERPTTVNFTVTG
EGLEYTWGNHPPKRVWAQESGEGNPHGWPHEVVVYYYNRYPLTTIIGLCTCVAIIMVSCVTSVWLLCRTRNLCITPYKLA
PNAQVPILLALLCCIKPTRA
;
B,D,F,H,J,L
#
# COMPACT_ATOMS: atom_id res chain seq x y z
N TYR A 1 26.21 -33.00 0.03
CA TYR A 1 25.27 -33.41 1.10
C TYR A 1 24.21 -32.34 1.14
N GLU A 2 24.53 -31.15 1.70
CA GLU A 2 23.61 -30.04 1.80
C GLU A 2 23.81 -29.21 0.55
N HIS A 3 23.02 -29.51 -0.50
CA HIS A 3 23.24 -29.12 -1.86
C HIS A 3 22.88 -27.70 -2.20
N THR A 4 23.82 -26.74 -2.01
CA THR A 4 23.71 -25.42 -2.60
C THR A 4 23.61 -25.51 -4.11
N ALA A 5 22.85 -24.58 -4.71
CA ALA A 5 22.67 -24.51 -6.13
C ALA A 5 22.13 -23.14 -6.37
N VAL A 6 22.89 -22.33 -7.13
CA VAL A 6 22.40 -21.09 -7.67
C VAL A 6 22.62 -21.18 -9.15
N MET A 7 21.65 -20.61 -9.88
CA MET A 7 21.52 -20.73 -11.30
C MET A 7 20.88 -19.42 -11.60
N PRO A 8 20.74 -19.05 -12.86
CA PRO A 8 20.00 -17.85 -13.21
C PRO A 8 18.54 -18.16 -12.96
N ASN A 9 17.71 -17.18 -12.52
CA ASN A 9 16.31 -17.40 -12.31
C ASN A 9 15.69 -17.28 -13.66
N LYS A 10 15.65 -18.41 -14.38
CA LYS A 10 15.25 -18.48 -15.75
C LYS A 10 14.21 -19.54 -15.82
N VAL A 11 13.07 -19.17 -16.47
CA VAL A 11 11.80 -19.80 -16.27
C VAL A 11 11.75 -21.21 -16.79
N GLY A 12 12.36 -21.45 -17.97
CA GLY A 12 12.01 -22.57 -18.81
C GLY A 12 13.14 -23.53 -18.92
N ILE A 13 14.08 -23.51 -17.95
CA ILE A 13 15.29 -24.28 -18.02
C ILE A 13 15.34 -25.25 -16.87
N PRO A 14 15.36 -26.54 -17.14
CA PRO A 14 15.50 -27.51 -16.08
C PRO A 14 16.96 -27.77 -15.83
N TYR A 15 17.61 -27.09 -14.85
CA TYR A 15 19.03 -27.26 -14.63
C TYR A 15 19.00 -28.37 -13.63
N LYS A 16 19.78 -29.43 -13.86
CA LYS A 16 19.46 -30.73 -13.35
C LYS A 16 20.45 -31.18 -12.34
N ALA A 17 20.87 -30.22 -11.47
CA ALA A 17 21.85 -30.24 -10.39
C ALA A 17 22.20 -31.53 -9.69
N LEU A 18 23.35 -31.55 -8.98
CA LEU A 18 23.92 -32.79 -8.48
C LEU A 18 24.35 -32.54 -7.07
N VAL A 19 23.94 -33.42 -6.13
CA VAL A 19 24.39 -33.41 -4.75
C VAL A 19 25.68 -34.18 -4.81
N GLU A 20 26.83 -33.54 -4.60
CA GLU A 20 28.09 -34.23 -4.55
C GLU A 20 28.22 -34.75 -3.15
N ARG A 21 28.47 -36.07 -2.96
CA ARG A 21 28.58 -36.62 -1.64
C ARG A 21 29.39 -37.90 -1.72
N PRO A 22 30.03 -38.37 -0.64
CA PRO A 22 30.70 -39.67 -0.67
C PRO A 22 30.22 -40.53 0.47
N GLY A 23 29.52 -39.96 1.50
CA GLY A 23 28.87 -40.71 2.55
C GLY A 23 27.84 -41.59 1.97
N TYR A 24 26.94 -40.99 1.16
CA TYR A 24 25.98 -41.71 0.38
C TYR A 24 26.34 -41.33 -1.02
N ALA A 25 25.66 -41.97 -1.99
CA ALA A 25 25.85 -41.78 -3.40
C ALA A 25 25.41 -40.40 -3.76
N PRO A 26 26.09 -39.69 -4.65
CA PRO A 26 25.62 -38.46 -5.24
C PRO A 26 24.26 -38.68 -5.86
N VAL A 27 23.38 -37.69 -5.68
CA VAL A 27 22.02 -37.82 -6.08
C VAL A 27 21.72 -36.58 -6.80
N HIS A 28 20.96 -36.76 -7.87
CA HIS A 28 20.58 -35.75 -8.81
C HIS A 28 19.55 -34.91 -8.12
N LEU A 29 19.38 -33.67 -8.59
CA LEU A 29 18.34 -32.77 -8.20
C LEU A 29 17.99 -32.21 -9.51
N GLN A 30 17.03 -31.29 -9.52
CA GLN A 30 16.94 -30.35 -10.58
C GLN A 30 16.68 -29.10 -9.84
N ILE A 31 17.63 -28.15 -9.85
CA ILE A 31 17.34 -26.92 -9.17
C ILE A 31 17.11 -26.10 -10.40
N GLN A 32 15.80 -25.89 -10.63
CA GLN A 32 15.23 -25.19 -11.72
C GLN A 32 14.58 -24.00 -11.16
N LEU A 33 15.13 -22.82 -11.42
CA LEU A 33 14.60 -21.61 -10.89
C LEU A 33 13.55 -21.11 -11.84
N VAL A 34 12.35 -21.75 -11.76
CA VAL A 34 11.29 -21.58 -12.70
C VAL A 34 10.45 -20.43 -12.27
N ASN A 35 10.32 -19.44 -13.20
CA ASN A 35 9.52 -18.25 -13.12
C ASN A 35 10.08 -17.28 -12.14
N THR A 36 10.29 -16.05 -12.61
CA THR A 36 10.77 -14.98 -11.77
C THR A 36 9.62 -14.37 -11.04
N ARG A 37 9.72 -14.44 -9.70
CA ARG A 37 8.73 -13.99 -8.75
C ARG A 37 9.45 -12.94 -7.98
N ILE A 38 8.68 -11.95 -7.48
CA ILE A 38 9.21 -10.67 -7.11
C ILE A 38 8.24 -10.19 -6.06
N ILE A 39 6.97 -9.99 -6.48
CA ILE A 39 5.75 -9.65 -5.75
C ILE A 39 5.94 -9.01 -4.39
N PRO A 40 6.13 -7.70 -4.29
CA PRO A 40 6.09 -6.97 -3.04
C PRO A 40 4.71 -6.42 -2.82
N SER A 41 4.52 -5.77 -1.64
CA SER A 41 3.35 -5.00 -1.30
C SER A 41 3.25 -3.80 -2.20
N THR A 42 2.03 -3.36 -2.54
CA THR A 42 1.82 -2.37 -3.56
C THR A 42 0.69 -1.51 -3.10
N ASN A 43 0.37 -0.45 -3.89
CA ASN A 43 -0.76 0.40 -3.62
C ASN A 43 -1.17 0.89 -4.98
N LEU A 44 -2.48 0.70 -5.32
CA LEU A 44 -3.08 1.29 -6.50
C LEU A 44 -3.25 2.75 -6.26
N GLU A 45 -2.49 3.58 -7.01
CA GLU A 45 -2.50 4.99 -6.84
C GLU A 45 -3.49 5.59 -7.78
N TYR A 46 -3.43 5.20 -9.07
CA TYR A 46 -4.42 5.65 -10.01
C TYR A 46 -4.32 4.81 -11.24
N ILE A 47 -5.49 4.46 -11.81
CA ILE A 47 -5.63 3.94 -13.15
C ILE A 47 -5.44 5.13 -14.08
N THR A 48 -4.82 4.87 -15.24
CA THR A 48 -4.77 5.77 -16.37
C THR A 48 -5.29 4.88 -17.47
N CYS A 49 -5.56 5.46 -18.64
CA CYS A 49 -6.33 4.84 -19.67
C CYS A 49 -6.64 6.00 -20.55
N LYS A 50 -6.88 5.75 -21.88
CA LYS A 50 -7.18 6.82 -22.81
C LYS A 50 -8.45 7.46 -22.39
N TYR A 51 -8.55 8.79 -22.59
CA TYR A 51 -9.70 9.53 -22.15
C TYR A 51 -10.96 9.07 -22.84
N LYS A 52 -12.10 9.59 -22.35
CA LYS A 52 -13.30 9.78 -23.08
C LYS A 52 -13.89 11.02 -22.54
N THR A 53 -14.06 12.07 -23.38
CA THR A 53 -14.72 13.29 -22.99
C THR A 53 -16.22 13.06 -22.90
N LYS A 54 -16.62 12.38 -21.80
CA LYS A 54 -17.94 12.05 -21.36
C LYS A 54 -18.41 13.26 -20.65
N VAL A 55 -18.93 14.24 -21.42
CA VAL A 55 -19.24 15.56 -20.95
C VAL A 55 -20.24 15.42 -19.81
N PRO A 56 -20.11 16.07 -18.65
CA PRO A 56 -21.13 16.04 -17.62
C PRO A 56 -22.29 16.96 -17.95
N SER A 57 -22.37 17.45 -19.22
CA SER A 57 -23.26 18.48 -19.70
C SER A 57 -22.81 19.83 -19.23
N PRO A 58 -22.50 20.80 -20.11
CA PRO A 58 -21.93 22.07 -19.70
C PRO A 58 -22.82 22.87 -18.78
N VAL A 59 -22.42 23.14 -17.52
CA VAL A 59 -23.16 24.06 -16.67
C VAL A 59 -23.01 25.42 -17.32
N VAL A 60 -24.16 25.97 -17.77
CA VAL A 60 -24.17 27.21 -18.50
C VAL A 60 -24.93 28.24 -17.73
N LYS A 61 -24.23 29.38 -17.54
CA LYS A 61 -24.76 30.61 -17.02
C LYS A 61 -24.34 31.52 -18.13
N CYS A 62 -25.33 32.11 -18.85
CA CYS A 62 -25.08 32.74 -20.12
C CYS A 62 -24.80 34.20 -19.96
N CYS A 63 -25.33 34.80 -18.88
CA CYS A 63 -25.31 36.22 -18.70
C CYS A 63 -25.05 36.47 -17.25
N GLY A 64 -24.68 37.74 -16.92
CA GLY A 64 -24.45 38.20 -15.57
C GLY A 64 -23.31 37.45 -14.94
N ALA A 65 -23.47 37.02 -13.67
CA ALA A 65 -22.41 36.47 -12.88
C ALA A 65 -22.39 34.99 -13.16
N THR A 66 -21.42 34.57 -14.01
CA THR A 66 -21.16 33.20 -14.42
C THR A 66 -20.92 32.23 -13.30
N GLN A 67 -21.38 30.98 -13.50
CA GLN A 67 -21.16 29.90 -12.58
C GLN A 67 -21.15 28.64 -13.40
N CYS A 68 -20.16 27.75 -13.14
CA CYS A 68 -20.07 26.46 -13.79
C CYS A 68 -20.28 25.40 -12.74
N THR A 69 -20.53 25.83 -11.47
CA THR A 69 -20.92 25.10 -10.29
C THR A 69 -20.17 23.80 -10.06
N SER A 70 -20.77 22.88 -9.26
CA SER A 70 -20.16 21.63 -8.91
C SER A 70 -21.30 20.66 -8.81
N LYS A 71 -21.12 19.49 -9.45
CA LYS A 71 -22.07 18.42 -9.49
C LYS A 71 -21.25 17.16 -9.31
N PRO A 72 -21.84 15.99 -8.97
CA PRO A 72 -21.12 14.75 -8.70
C PRO A 72 -20.12 14.35 -9.77
N HIS A 73 -18.91 13.95 -9.33
CA HIS A 73 -17.74 13.61 -10.11
C HIS A 73 -16.96 14.91 -10.30
N PRO A 74 -16.46 15.56 -9.25
CA PRO A 74 -15.76 16.84 -9.31
C PRO A 74 -14.55 16.87 -10.21
N ASP A 75 -14.13 18.10 -10.57
CA ASP A 75 -13.04 18.48 -11.44
C ASP A 75 -13.61 18.59 -12.81
N TYR A 76 -13.96 19.83 -13.21
CA TYR A 76 -14.56 20.12 -14.48
C TYR A 76 -13.74 21.21 -15.09
N GLN A 77 -13.29 21.01 -16.35
CA GLN A 77 -12.59 22.01 -17.12
C GLN A 77 -13.73 22.73 -17.79
N CYS A 78 -13.77 24.07 -17.62
CA CYS A 78 -14.90 24.85 -18.04
C CYS A 78 -14.37 26.16 -18.50
N GLN A 79 -14.84 26.60 -19.68
CA GLN A 79 -14.37 27.77 -20.37
C GLN A 79 -15.54 28.41 -21.05
N VAL A 80 -15.78 29.70 -20.75
CA VAL A 80 -16.74 30.54 -21.45
C VAL A 80 -16.28 30.77 -22.87
N PHE A 81 -17.25 30.94 -23.79
CA PHE A 81 -16.99 31.28 -25.17
C PHE A 81 -18.09 32.22 -25.53
N THR A 82 -17.74 33.25 -26.32
CA THR A 82 -18.65 34.24 -26.80
C THR A 82 -18.63 34.10 -28.30
N GLY A 83 -19.33 35.00 -29.02
CA GLY A 83 -19.42 35.01 -30.46
C GLY A 83 -20.34 33.93 -30.91
N VAL A 84 -21.21 33.46 -29.98
CA VAL A 84 -22.17 32.42 -30.21
C VAL A 84 -23.50 32.94 -29.80
N TYR A 85 -24.53 32.44 -30.50
CA TYR A 85 -25.90 32.80 -30.34
C TYR A 85 -26.53 31.48 -30.69
N PRO A 86 -26.42 30.45 -29.82
CA PRO A 86 -26.43 29.04 -30.20
C PRO A 86 -27.66 28.54 -30.92
N PHE A 87 -27.61 27.28 -31.37
CA PHE A 87 -28.74 26.60 -31.95
C PHE A 87 -28.47 25.17 -31.61
N MET A 88 -29.53 24.35 -31.54
CA MET A 88 -29.44 22.94 -31.21
C MET A 88 -30.67 22.28 -31.79
N TRP A 89 -31.68 23.09 -32.16
CA TRP A 89 -32.78 22.74 -33.01
C TRP A 89 -33.54 24.02 -33.14
N GLY A 90 -33.81 24.67 -31.99
CA GLY A 90 -34.49 25.95 -31.90
C GLY A 90 -33.41 26.97 -31.74
N GLY A 91 -33.79 28.15 -31.18
CA GLY A 91 -33.02 29.36 -31.19
C GLY A 91 -31.94 29.33 -30.14
N ALA A 92 -31.30 30.51 -29.93
CA ALA A 92 -30.29 30.73 -28.92
C ALA A 92 -30.79 30.55 -27.52
N TYR A 93 -29.91 29.96 -26.68
CA TYR A 93 -30.15 29.79 -25.27
C TYR A 93 -29.10 30.56 -24.51
N CYS A 94 -28.21 31.31 -25.20
CA CYS A 94 -27.29 32.25 -24.59
C CYS A 94 -27.30 33.38 -25.56
N PHE A 95 -27.47 34.63 -25.04
CA PHE A 95 -28.09 35.61 -25.90
C PHE A 95 -28.01 37.05 -25.43
N CYS A 96 -27.48 37.33 -24.21
CA CYS A 96 -27.41 38.70 -23.73
C CYS A 96 -26.32 39.47 -24.38
N ASP A 97 -26.33 40.80 -24.16
CA ASP A 97 -25.38 41.72 -24.73
C ASP A 97 -24.58 42.25 -23.57
N THR A 98 -24.87 41.78 -22.33
CA THR A 98 -24.04 42.03 -21.17
C THR A 98 -22.94 41.01 -21.13
N GLU A 99 -23.09 39.87 -21.87
CA GLU A 99 -22.02 38.92 -22.03
C GLU A 99 -22.07 38.36 -23.43
N ASN A 100 -22.98 37.38 -23.65
CA ASN A 100 -23.29 36.74 -24.92
C ASN A 100 -22.45 35.50 -24.91
N THR A 101 -22.33 34.86 -23.72
CA THR A 101 -21.39 33.81 -23.47
C THR A 101 -22.17 32.57 -23.24
N GLN A 102 -21.56 31.45 -23.67
CA GLN A 102 -22.12 30.15 -23.61
C GLN A 102 -20.93 29.43 -23.10
N MET A 103 -21.16 28.80 -21.95
CA MET A 103 -20.15 28.27 -21.10
C MET A 103 -20.22 26.79 -21.26
N SER A 104 -19.17 26.30 -21.96
CA SER A 104 -18.93 24.93 -22.32
C SER A 104 -18.08 24.37 -21.22
N GLU A 105 -18.35 23.11 -20.81
CA GLU A 105 -17.58 22.46 -19.79
C GLU A 105 -17.44 21.07 -20.27
N ALA A 106 -16.22 20.52 -20.11
CA ALA A 106 -15.92 19.19 -20.52
C ALA A 106 -14.84 18.77 -19.60
N TYR A 107 -14.95 17.55 -19.04
CA TYR A 107 -13.91 16.99 -18.23
C TYR A 107 -13.56 15.70 -18.89
N VAL A 108 -12.38 15.19 -18.49
CA VAL A 108 -11.90 13.92 -18.96
C VAL A 108 -12.53 13.01 -17.96
N GLU A 109 -12.94 11.84 -18.43
CA GLU A 109 -13.64 10.88 -17.64
C GLU A 109 -13.11 9.63 -18.23
N ARG A 110 -13.06 8.62 -17.36
CA ARG A 110 -12.64 7.30 -17.66
C ARG A 110 -13.45 6.73 -18.81
N SER A 111 -12.73 6.08 -19.72
CA SER A 111 -13.20 5.30 -20.82
C SER A 111 -13.71 4.00 -20.26
N GLU A 112 -14.39 3.21 -21.12
CA GLU A 112 -14.81 1.86 -20.83
C GLU A 112 -13.64 0.92 -20.74
N GLU A 113 -12.53 1.26 -21.44
CA GLU A 113 -11.31 0.50 -21.41
C GLU A 113 -10.58 0.63 -20.09
N CYS A 114 -10.85 1.69 -19.29
CA CYS A 114 -10.30 1.85 -17.96
C CYS A 114 -10.67 0.71 -17.04
N SER A 115 -11.89 0.17 -17.24
CA SER A 115 -12.46 -0.94 -16.52
C SER A 115 -11.71 -2.24 -16.76
N ILE A 116 -11.18 -2.41 -17.99
CA ILE A 116 -10.74 -3.70 -18.45
C ILE A 116 -9.71 -3.46 -19.51
N ASP A 117 -8.44 -3.83 -19.19
CA ASP A 117 -7.28 -3.70 -20.03
C ASP A 117 -6.90 -2.24 -20.04
N HIS A 118 -6.03 -1.84 -19.10
CA HIS A 118 -5.82 -0.45 -18.81
C HIS A 118 -4.48 -0.30 -18.20
N ALA A 119 -3.86 0.88 -18.41
CA ALA A 119 -2.69 1.32 -17.69
C ALA A 119 -3.03 1.48 -16.24
N LYS A 120 -2.08 1.16 -15.35
CA LYS A 120 -2.43 1.07 -13.96
C LYS A 120 -1.15 1.31 -13.25
N ALA A 121 -1.10 2.45 -12.55
CA ALA A 121 0.04 2.91 -11.82
C ALA A 121 0.04 2.29 -10.46
N TYR A 122 1.20 2.34 -9.79
CA TYR A 122 1.30 1.91 -8.43
C TYR A 122 2.49 2.65 -7.92
N LYS A 123 2.42 3.10 -6.65
CA LYS A 123 3.53 3.43 -5.80
C LYS A 123 3.69 2.16 -5.03
N VAL A 124 4.85 1.49 -5.16
CA VAL A 124 4.99 0.13 -4.72
C VAL A 124 5.90 0.21 -3.52
N HIS A 125 5.36 -0.25 -2.37
CA HIS A 125 6.04 -0.36 -1.11
C HIS A 125 6.99 -1.53 -1.14
N THR A 126 8.00 -1.51 -0.24
CA THR A 126 9.12 -2.43 -0.23
C THR A 126 8.67 -3.87 -0.07
N GLY A 127 7.72 -4.11 0.86
CA GLY A 127 7.04 -5.35 1.15
C GLY A 127 7.84 -6.62 1.04
N THR A 128 7.19 -7.65 0.48
CA THR A 128 7.58 -9.03 0.53
C THR A 128 8.40 -9.35 -0.69
N VAL A 129 8.97 -10.57 -0.73
CA VAL A 129 9.91 -10.96 -1.74
C VAL A 129 9.66 -12.42 -1.91
N GLN A 130 9.61 -12.88 -3.17
CA GLN A 130 9.11 -14.20 -3.50
C GLN A 130 9.98 -14.78 -4.54
N ALA A 131 9.92 -16.11 -4.68
CA ALA A 131 10.77 -16.89 -5.53
C ALA A 131 9.93 -18.08 -5.92
N MET A 132 10.39 -18.85 -6.92
CA MET A 132 9.71 -20.07 -7.26
C MET A 132 10.76 -20.99 -7.75
N VAL A 133 10.81 -22.19 -7.13
CA VAL A 133 11.98 -23.05 -7.17
C VAL A 133 11.44 -24.43 -7.34
N ASN A 134 11.87 -25.09 -8.43
CA ASN A 134 11.76 -26.51 -8.62
C ASN A 134 12.93 -27.15 -7.93
N ILE A 135 12.65 -28.25 -7.19
CA ILE A 135 13.66 -29.20 -6.79
C ILE A 135 13.15 -30.57 -7.19
N THR A 136 13.87 -31.26 -8.10
CA THR A 136 13.69 -32.67 -8.41
C THR A 136 14.80 -33.34 -7.63
N TYR A 137 15.00 -34.65 -7.82
CA TYR A 137 15.86 -35.44 -6.99
C TYR A 137 16.18 -36.62 -7.89
N GLY A 138 17.21 -37.42 -7.55
CA GLY A 138 17.53 -38.70 -8.15
C GLY A 138 16.76 -39.81 -7.51
N SER A 139 15.56 -39.50 -6.98
CA SER A 139 14.61 -40.46 -6.51
C SER A 139 13.27 -39.84 -6.79
N VAL A 140 12.96 -38.70 -6.11
CA VAL A 140 11.79 -37.86 -6.30
C VAL A 140 11.79 -37.33 -7.71
N SER A 141 10.59 -37.24 -8.32
CA SER A 141 10.40 -36.68 -9.63
C SER A 141 9.54 -35.45 -9.51
N TRP A 142 10.18 -34.28 -9.72
CA TRP A 142 9.66 -32.93 -9.76
C TRP A 142 8.82 -32.46 -8.60
N ARG A 143 9.00 -31.16 -8.31
CA ARG A 143 8.04 -30.33 -7.65
C ARG A 143 8.57 -28.98 -7.98
N SER A 144 7.68 -28.09 -8.47
CA SER A 144 7.98 -26.75 -8.90
C SER A 144 7.08 -25.90 -8.08
N ALA A 145 7.59 -25.45 -6.91
CA ALA A 145 6.77 -24.89 -5.87
C ALA A 145 7.23 -23.50 -5.54
N ASP A 146 6.24 -22.59 -5.35
CA ASP A 146 6.40 -21.23 -4.90
C ASP A 146 6.95 -21.24 -3.50
N VAL A 147 7.91 -20.33 -3.22
CA VAL A 147 8.64 -20.31 -2.00
C VAL A 147 8.87 -18.86 -1.71
N TYR A 148 8.58 -18.45 -0.46
CA TYR A 148 8.78 -17.11 -0.01
C TYR A 148 10.22 -16.95 0.40
N VAL A 149 10.67 -15.69 0.52
CA VAL A 149 12.05 -15.37 0.77
C VAL A 149 12.10 -14.37 1.89
N ASN A 150 10.95 -13.73 2.22
CA ASN A 150 10.84 -12.84 3.35
C ASN A 150 10.63 -13.67 4.60
N GLY A 151 9.92 -13.12 5.62
CA GLY A 151 9.93 -13.66 6.95
C GLY A 151 9.03 -14.85 7.05
N GLU A 152 7.91 -14.85 6.29
CA GLU A 152 7.14 -16.04 6.01
C GLU A 152 7.92 -16.95 5.10
N THR A 153 7.85 -18.28 5.41
CA THR A 153 8.50 -19.43 4.82
C THR A 153 9.67 -19.23 3.87
N PRO A 154 10.89 -19.01 4.36
CA PRO A 154 12.09 -19.23 3.57
C PRO A 154 12.66 -20.55 4.03
N ALA A 155 11.78 -21.52 4.37
CA ALA A 155 12.15 -22.86 4.70
C ALA A 155 11.36 -23.80 3.83
N LYS A 156 11.47 -25.11 4.15
CA LYS A 156 10.92 -26.27 3.48
C LYS A 156 9.58 -26.11 2.81
N ILE A 157 9.54 -26.50 1.53
CA ILE A 157 8.36 -26.67 0.72
C ILE A 157 8.86 -27.78 -0.18
N GLY A 158 7.99 -28.77 -0.54
CA GLY A 158 8.36 -29.98 -1.24
C GLY A 158 9.54 -30.75 -0.68
N ASP A 159 10.19 -31.57 -1.56
CA ASP A 159 11.36 -32.36 -1.24
C ASP A 159 12.53 -31.53 -0.76
N ALA A 160 13.22 -32.09 0.28
CA ALA A 160 14.25 -31.47 1.09
C ALA A 160 13.76 -30.23 1.79
N LYS A 161 14.59 -29.65 2.67
CA LYS A 161 14.30 -28.43 3.37
C LYS A 161 15.15 -27.44 2.67
N LEU A 162 14.57 -26.32 2.19
CA LEU A 162 15.17 -25.49 1.18
C LEU A 162 15.04 -24.10 1.63
N ILE A 163 16.16 -23.36 1.50
CA ILE A 163 16.30 -22.02 1.95
C ILE A 163 16.55 -21.35 0.65
N ILE A 164 15.79 -20.24 0.45
CA ILE A 164 15.52 -19.65 -0.83
C ILE A 164 15.96 -18.23 -0.73
N GLY A 165 16.49 -17.68 -1.85
CA GLY A 165 16.75 -16.27 -2.02
C GLY A 165 17.88 -15.82 -1.13
N PRO A 166 18.19 -14.53 -1.04
CA PRO A 166 17.53 -13.42 -1.71
C PRO A 166 17.77 -13.46 -3.19
N LEU A 167 16.76 -13.05 -3.97
CA LEU A 167 16.81 -13.02 -5.40
C LEU A 167 17.56 -11.81 -5.88
N SER A 168 17.95 -11.85 -7.17
CA SER A 168 18.54 -10.74 -7.88
C SER A 168 17.43 -10.07 -8.65
N SER A 169 16.17 -10.48 -8.33
CA SER A 169 14.95 -10.07 -8.93
C SER A 169 14.02 -9.91 -7.77
N ALA A 170 14.54 -9.38 -6.63
CA ALA A 170 13.79 -9.24 -5.40
C ALA A 170 12.88 -8.04 -5.56
N TRP A 171 13.29 -7.16 -6.49
CA TRP A 171 12.54 -6.05 -7.00
C TRP A 171 12.62 -6.29 -8.48
N SER A 172 11.58 -5.86 -9.23
CA SER A 172 11.57 -5.83 -10.67
C SER A 172 12.70 -4.99 -11.25
N PRO A 173 13.12 -5.20 -12.50
CA PRO A 173 14.15 -4.38 -13.11
C PRO A 173 13.62 -2.99 -13.35
N PHE A 174 12.29 -2.86 -13.55
CA PHE A 174 11.58 -1.60 -13.56
C PHE A 174 11.56 -0.92 -12.23
N ASP A 175 11.48 0.44 -12.31
CA ASP A 175 11.32 1.44 -11.26
C ASP A 175 10.39 1.05 -10.12
N ASN A 176 10.56 1.76 -8.97
CA ASN A 176 9.77 1.60 -7.77
C ASN A 176 8.31 1.80 -8.01
N LYS A 177 7.94 2.85 -8.77
CA LYS A 177 6.59 3.10 -9.16
C LYS A 177 6.53 2.60 -10.56
N VAL A 178 5.48 1.84 -10.88
CA VAL A 178 5.44 1.09 -12.11
C VAL A 178 4.06 1.22 -12.64
N VAL A 179 3.95 1.33 -13.98
CA VAL A 179 2.67 1.28 -14.64
C VAL A 179 2.70 -0.03 -15.36
N VAL A 180 1.52 -0.67 -15.51
CA VAL A 180 1.42 -1.90 -16.21
C VAL A 180 0.18 -1.70 -17.02
N TYR A 181 0.20 -2.16 -18.28
CA TYR A 181 -0.88 -2.00 -19.20
C TYR A 181 -0.78 -3.25 -19.99
N GLY A 182 -1.57 -4.26 -19.59
CA GLY A 182 -1.69 -5.50 -20.30
C GLY A 182 -0.42 -6.26 -20.03
N HIS A 183 0.11 -6.91 -21.08
CA HIS A 183 1.44 -7.48 -21.13
C HIS A 183 2.56 -6.47 -20.94
N GLU A 184 2.39 -5.26 -21.51
CA GLU A 184 3.40 -4.23 -21.56
C GLU A 184 3.52 -3.38 -20.32
N VAL A 185 4.72 -3.37 -19.72
CA VAL A 185 5.01 -2.69 -18.47
C VAL A 185 5.79 -1.45 -18.80
N TYR A 186 5.36 -0.30 -18.21
CA TYR A 186 5.94 0.99 -18.47
C TYR A 186 6.36 1.51 -17.14
N ASN A 187 7.66 1.80 -16.96
CA ASN A 187 8.14 2.27 -15.69
C ASN A 187 8.15 3.78 -15.68
N TYR A 188 7.41 4.35 -14.72
CA TYR A 188 7.14 5.76 -14.68
C TYR A 188 7.01 6.05 -13.22
N ASP A 189 7.66 7.13 -12.73
CA ASP A 189 7.58 7.53 -11.35
C ASP A 189 6.81 8.81 -11.20
N PHE A 190 6.15 8.87 -10.03
CA PHE A 190 5.35 9.96 -9.56
C PHE A 190 5.41 9.75 -8.06
N PRO A 191 5.18 10.73 -7.21
CA PRO A 191 5.36 10.56 -5.77
C PRO A 191 4.24 9.74 -5.18
N GLU A 192 3.01 10.29 -5.13
CA GLU A 192 1.80 9.59 -4.78
C GLU A 192 0.73 10.29 -5.53
N TYR A 193 -0.41 9.58 -5.77
CA TYR A 193 -1.70 10.10 -6.18
C TYR A 193 -2.07 11.47 -5.66
N GLY A 194 -2.68 12.28 -6.55
CA GLY A 194 -3.32 13.51 -6.20
C GLY A 194 -3.73 14.04 -7.54
N THR A 195 -3.17 15.22 -7.90
CA THR A 195 -3.48 15.93 -9.09
C THR A 195 -2.20 15.90 -9.88
N GLY A 196 -2.27 15.24 -11.06
CA GLY A 196 -1.13 14.76 -11.80
C GLY A 196 -0.52 15.80 -12.67
N LYS A 197 0.09 15.31 -13.77
CA LYS A 197 0.82 16.10 -14.73
C LYS A 197 0.27 15.77 -16.09
N ALA A 198 -0.23 16.82 -16.79
CA ALA A 198 -0.90 16.70 -18.06
C ALA A 198 0.06 16.54 -19.21
N GLY A 199 -0.40 15.83 -20.27
CA GLY A 199 0.37 15.50 -21.46
C GLY A 199 1.53 14.60 -21.19
N SER A 200 1.40 13.70 -20.19
CA SER A 200 2.41 12.74 -19.83
C SER A 200 1.64 11.68 -19.10
N PHE A 201 2.32 10.62 -18.60
CA PHE A 201 1.65 9.58 -17.85
C PHE A 201 1.11 10.17 -16.56
N GLY A 202 -0.14 9.78 -16.20
CA GLY A 202 -0.81 10.31 -15.05
C GLY A 202 -1.37 11.65 -15.38
N ASP A 203 -1.78 11.84 -16.66
CA ASP A 203 -2.51 13.00 -17.08
C ASP A 203 -3.98 12.76 -16.81
N LEU A 204 -4.45 11.50 -16.98
CA LEU A 204 -5.65 11.06 -16.35
C LEU A 204 -5.16 10.36 -15.11
N GLN A 205 -5.80 10.63 -13.95
CA GLN A 205 -5.46 9.91 -12.75
C GLN A 205 -6.79 9.79 -12.13
N SER A 206 -7.44 8.65 -12.35
CA SER A 206 -8.66 8.29 -11.70
C SER A 206 -8.23 7.25 -10.74
N ARG A 207 -8.74 7.29 -9.49
CA ARG A 207 -8.38 6.34 -8.46
C ARG A 207 -8.74 4.93 -8.89
N THR A 208 -9.90 4.77 -9.57
CA THR A 208 -10.27 3.54 -10.21
C THR A 208 -11.12 3.92 -11.40
N SER A 209 -11.54 2.91 -12.20
CA SER A 209 -12.25 3.00 -13.45
C SER A 209 -13.55 3.77 -13.41
N THR A 210 -14.31 3.68 -12.30
CA THR A 210 -15.52 4.42 -12.13
C THR A 210 -15.37 5.05 -10.77
N SER A 211 -15.35 6.39 -10.73
CA SER A 211 -14.93 7.09 -9.55
C SER A 211 -15.56 8.46 -9.58
N ASN A 212 -15.37 9.22 -8.48
CA ASN A 212 -15.87 10.55 -8.33
C ASN A 212 -14.67 11.42 -8.50
N ASP A 213 -13.74 11.40 -7.51
CA ASP A 213 -12.47 12.09 -7.56
C ASP A 213 -11.58 11.55 -8.64
N LEU A 214 -10.86 12.46 -9.32
CA LEU A 214 -9.92 12.11 -10.35
C LEU A 214 -9.08 13.34 -10.55
N TYR A 215 -8.24 13.29 -11.60
CA TYR A 215 -7.48 14.38 -12.13
C TYR A 215 -7.88 14.26 -13.58
N ALA A 216 -8.54 15.31 -14.09
CA ALA A 216 -9.16 15.28 -15.39
C ALA A 216 -8.55 16.40 -16.17
N ASN A 217 -7.37 16.12 -16.75
CA ASN A 217 -6.79 17.00 -17.73
C ASN A 217 -5.74 16.17 -18.39
N THR A 218 -6.08 15.61 -19.59
CA THR A 218 -5.17 14.90 -20.46
C THR A 218 -4.57 15.86 -21.45
N ASN A 219 -4.61 17.17 -21.11
CA ASN A 219 -4.23 18.32 -21.89
C ASN A 219 -5.49 18.75 -22.59
N LEU A 220 -6.67 18.51 -21.94
CA LEU A 220 -7.97 18.87 -22.42
C LEU A 220 -8.15 20.36 -22.40
N LYS A 221 -8.25 20.95 -23.61
CA LYS A 221 -8.37 22.36 -23.84
C LYS A 221 -9.56 22.56 -24.74
N LEU A 222 -10.62 23.19 -24.19
CA LEU A 222 -11.82 23.57 -24.90
C LEU A 222 -11.46 24.76 -25.76
N GLN A 223 -12.08 24.86 -26.96
CA GLN A 223 -11.85 25.95 -27.88
C GLN A 223 -13.18 26.46 -28.32
N ARG A 224 -13.18 27.63 -29.02
CA ARG A 224 -14.34 28.33 -29.48
C ARG A 224 -15.06 27.52 -30.54
N PRO A 225 -16.38 27.29 -30.47
CA PRO A 225 -17.09 26.59 -31.53
C PRO A 225 -17.56 27.60 -32.54
N GLN A 226 -16.83 27.73 -33.67
CA GLN A 226 -17.07 28.77 -34.66
C GLN A 226 -18.36 28.55 -35.39
N ALA A 227 -19.00 29.69 -35.77
CA ALA A 227 -20.08 29.84 -36.72
C ALA A 227 -21.31 30.26 -35.97
N GLY A 228 -21.14 30.60 -34.67
CA GLY A 228 -22.19 31.13 -33.84
C GLY A 228 -23.13 30.05 -33.38
N ILE A 229 -22.67 28.78 -33.41
CA ILE A 229 -23.42 27.64 -32.95
C ILE A 229 -22.47 26.96 -32.00
N VAL A 230 -23.01 26.23 -31.00
CA VAL A 230 -22.22 25.62 -29.97
C VAL A 230 -22.15 24.13 -30.12
N HIS A 231 -20.90 23.65 -30.05
CA HIS A 231 -20.55 22.29 -29.73
C HIS A 231 -19.41 22.51 -28.77
N THR A 232 -18.67 21.44 -28.42
CA THR A 232 -17.59 21.55 -27.47
C THR A 232 -16.41 20.89 -28.16
N PRO A 233 -15.44 21.65 -28.69
CA PRO A 233 -14.16 21.14 -29.13
C PRO A 233 -13.39 20.49 -28.01
N PHE A 234 -12.81 19.29 -28.23
CA PHE A 234 -11.88 18.71 -27.30
C PHE A 234 -10.54 18.71 -28.01
N THR A 235 -9.55 19.50 -27.51
CA THR A 235 -8.18 19.45 -27.98
C THR A 235 -7.46 18.71 -26.88
N GLN A 236 -6.84 17.54 -27.19
CA GLN A 236 -6.38 16.64 -26.16
C GLN A 236 -5.12 16.01 -26.67
N ALA A 237 -4.14 15.83 -25.76
CA ALA A 237 -2.93 15.10 -26.03
C ALA A 237 -3.18 13.65 -25.67
N PRO A 238 -2.65 12.67 -26.41
CA PRO A 238 -2.56 11.26 -26.03
C PRO A 238 -2.24 10.97 -24.58
N SER A 239 -2.93 9.96 -24.00
CA SER A 239 -2.96 9.71 -22.59
C SER A 239 -1.87 8.70 -22.34
N GLY A 240 -1.66 8.31 -21.06
CA GLY A 240 -0.88 7.13 -20.72
C GLY A 240 -1.74 5.92 -20.92
N PHE A 241 -1.91 5.52 -22.20
CA PHE A 241 -2.50 4.29 -22.62
C PHE A 241 -2.24 4.22 -24.09
N GLU A 242 -2.62 5.31 -24.81
CA GLU A 242 -2.38 5.53 -26.22
C GLU A 242 -0.89 5.59 -26.45
N ARG A 243 -0.21 6.33 -25.56
CA ARG A 243 1.17 6.13 -25.23
C ARG A 243 1.22 4.98 -24.28
N TRP A 244 1.96 3.91 -24.65
CA TRP A 244 2.00 2.60 -24.02
C TRP A 244 1.47 1.50 -24.93
N LYS A 245 1.37 1.70 -26.27
CA LYS A 245 1.15 0.58 -27.17
C LYS A 245 1.23 1.00 -28.60
N ARG A 246 1.45 2.30 -28.89
CA ARG A 246 1.55 2.76 -30.25
C ARG A 246 2.14 4.13 -30.26
N ASP A 247 2.33 4.73 -29.07
CA ASP A 247 3.13 5.91 -28.88
C ASP A 247 3.90 5.60 -27.62
N LYS A 248 4.33 4.32 -27.52
CA LYS A 248 4.94 3.70 -26.39
C LYS A 248 6.21 4.34 -25.94
N GLY A 249 6.44 4.32 -24.61
CA GLY A 249 7.69 4.63 -23.97
C GLY A 249 8.54 3.40 -24.07
N ALA A 250 8.84 2.79 -22.90
CA ALA A 250 9.76 1.69 -22.80
C ALA A 250 8.92 0.46 -22.54
N PRO A 251 8.83 -0.54 -23.43
CA PRO A 251 7.98 -1.69 -23.19
C PRO A 251 8.85 -2.69 -22.47
N LEU A 252 8.76 -2.74 -21.12
CA LEU A 252 9.58 -3.49 -20.19
C LEU A 252 9.46 -4.96 -20.36
N ASN A 253 8.37 -5.48 -20.96
CA ASN A 253 8.31 -6.89 -21.26
C ASN A 253 9.16 -7.22 -22.47
N ASP A 254 9.84 -6.21 -23.04
CA ASP A 254 10.82 -6.36 -24.06
C ASP A 254 12.06 -5.58 -23.77
N VAL A 255 12.16 -4.80 -22.65
CA VAL A 255 13.35 -4.02 -22.41
C VAL A 255 13.71 -4.03 -20.96
N ALA A 256 13.07 -4.89 -20.12
CA ALA A 256 13.44 -5.03 -18.72
C ALA A 256 14.55 -6.03 -18.73
N PRO A 257 15.81 -5.69 -18.38
CA PRO A 257 16.89 -6.63 -18.17
C PRO A 257 16.55 -7.97 -17.60
N PHE A 258 17.29 -9.01 -18.04
CA PHE A 258 17.28 -10.36 -17.55
C PHE A 258 16.75 -11.22 -18.66
N GLY A 259 15.41 -11.37 -18.78
CA GLY A 259 14.85 -11.91 -19.99
C GLY A 259 13.37 -11.83 -19.89
N CYS A 260 12.88 -10.78 -19.20
CA CYS A 260 11.54 -10.74 -18.66
C CYS A 260 10.50 -10.43 -19.70
N SER A 261 9.32 -11.06 -19.58
CA SER A 261 8.14 -10.54 -20.24
C SER A 261 7.13 -10.52 -19.15
N ILE A 262 6.03 -9.75 -19.31
CA ILE A 262 5.26 -9.40 -18.13
C ILE A 262 3.81 -9.54 -18.48
N ALA A 263 2.96 -9.70 -17.44
CA ALA A 263 1.52 -9.66 -17.54
C ALA A 263 1.13 -8.45 -16.75
N LEU A 264 -0.16 -8.35 -16.33
CA LEU A 264 -0.61 -7.38 -15.34
C LEU A 264 -0.10 -7.80 -13.98
N GLU A 265 0.62 -6.88 -13.29
CA GLU A 265 1.46 -7.25 -12.17
C GLU A 265 1.49 -6.06 -11.24
N PRO A 266 1.66 -6.23 -9.92
CA PRO A 266 1.74 -5.13 -8.98
C PRO A 266 3.09 -4.48 -9.10
N LEU A 267 4.12 -5.33 -9.34
CA LEU A 267 5.49 -5.00 -9.59
C LEU A 267 6.09 -6.36 -9.53
N ARG A 268 6.01 -7.07 -10.66
CA ARG A 268 6.60 -8.38 -10.77
C ARG A 268 6.99 -8.36 -12.21
N ALA A 269 8.08 -9.08 -12.50
CA ALA A 269 8.62 -9.20 -13.81
C ALA A 269 8.78 -10.64 -14.08
N GLU A 270 7.74 -11.24 -14.69
CA GLU A 270 7.63 -12.65 -14.98
C GLU A 270 8.70 -13.04 -15.96
N ASN A 271 9.16 -14.30 -15.92
CA ASN A 271 9.77 -14.94 -17.06
C ASN A 271 11.16 -14.44 -17.28
N CYS A 272 11.75 -13.71 -16.28
CA CYS A 272 13.08 -13.18 -16.37
C CYS A 272 14.02 -14.34 -16.44
N ALA A 273 15.16 -14.14 -17.11
CA ALA A 273 16.06 -15.21 -17.42
C ALA A 273 17.28 -15.15 -16.57
N VAL A 274 17.26 -14.26 -15.56
CA VAL A 274 18.16 -14.24 -14.45
C VAL A 274 17.32 -13.52 -13.44
N GLY A 275 17.84 -13.38 -12.22
CA GLY A 275 17.10 -12.92 -11.09
C GLY A 275 17.45 -13.90 -10.02
N SER A 276 18.54 -14.67 -10.26
CA SER A 276 19.04 -15.85 -9.59
C SER A 276 18.61 -16.03 -8.16
N ILE A 277 18.08 -17.23 -7.89
CA ILE A 277 17.56 -17.61 -6.61
C ILE A 277 18.61 -18.55 -6.07
N PRO A 278 19.34 -18.23 -5.01
CA PRO A 278 20.35 -19.13 -4.49
C PRO A 278 19.64 -20.07 -3.55
N ILE A 279 19.60 -21.36 -3.95
CA ILE A 279 18.84 -22.37 -3.30
C ILE A 279 19.84 -23.12 -2.50
N SER A 280 19.45 -23.54 -1.31
CA SER A 280 20.35 -24.27 -0.48
C SER A 280 19.40 -25.20 0.15
N ILE A 281 19.77 -26.50 0.20
CA ILE A 281 18.89 -27.50 0.71
C ILE A 281 19.65 -28.22 1.76
N ASP A 282 18.90 -28.60 2.80
CA ASP A 282 19.32 -29.45 3.86
C ASP A 282 18.55 -30.68 3.57
N ILE A 283 19.28 -31.66 3.02
CA ILE A 283 18.74 -32.89 2.54
C ILE A 283 19.02 -33.88 3.65
N PRO A 284 18.05 -34.57 4.26
CA PRO A 284 18.31 -35.71 5.12
C PRO A 284 19.03 -36.80 4.37
N ASP A 285 19.99 -37.49 5.03
CA ASP A 285 20.79 -38.53 4.43
C ASP A 285 20.01 -39.72 3.93
N ALA A 286 18.83 -39.99 4.53
CA ALA A 286 17.90 -41.02 4.14
C ALA A 286 17.34 -40.87 2.74
N ALA A 287 17.11 -39.61 2.28
CA ALA A 287 16.51 -39.31 1.00
C ALA A 287 17.39 -39.67 -0.17
N PHE A 288 18.72 -39.76 0.06
CA PHE A 288 19.72 -40.18 -0.89
C PHE A 288 19.54 -41.61 -1.34
N THR A 289 20.37 -41.98 -2.34
CA THR A 289 20.58 -43.35 -2.74
C THR A 289 21.91 -43.64 -2.10
N ARG A 290 22.04 -44.83 -1.47
CA ARG A 290 23.24 -45.27 -0.78
C ARG A 290 24.35 -45.49 -1.76
N ILE A 291 25.63 -45.37 -1.32
CA ILE A 291 26.76 -45.39 -2.22
C ILE A 291 27.12 -46.82 -2.58
N SER A 292 26.55 -47.79 -1.83
CA SER A 292 26.77 -49.19 -2.06
C SER A 292 25.60 -49.77 -2.79
N GLU A 293 24.54 -48.95 -2.97
CA GLU A 293 23.34 -49.29 -3.71
C GLU A 293 23.36 -48.48 -4.96
N THR A 294 24.55 -47.94 -5.28
CA THR A 294 24.87 -47.32 -6.52
C THR A 294 26.21 -47.91 -6.81
N PRO A 295 26.75 -47.82 -8.03
CA PRO A 295 28.12 -48.19 -8.26
C PRO A 295 28.94 -47.09 -7.66
N THR A 296 30.01 -47.45 -6.92
CA THR A 296 31.00 -46.49 -6.51
C THR A 296 31.92 -46.53 -7.70
N VAL A 297 31.63 -45.65 -8.69
CA VAL A 297 31.96 -45.88 -10.07
C VAL A 297 33.45 -45.90 -10.25
N SER A 298 33.92 -46.90 -11.02
CA SER A 298 35.30 -47.22 -11.16
C SER A 298 35.38 -47.76 -12.54
N ASP A 299 36.61 -47.69 -13.11
CA ASP A 299 36.90 -48.00 -14.49
C ASP A 299 36.03 -47.23 -15.46
N LEU A 300 35.96 -45.89 -15.26
CA LEU A 300 35.11 -45.04 -16.07
C LEU A 300 35.68 -44.94 -17.46
N GLU A 301 34.79 -45.17 -18.44
CA GLU A 301 35.10 -45.00 -19.83
C GLU A 301 33.77 -44.73 -20.42
N CYS A 302 33.77 -43.86 -21.46
CA CYS A 302 32.58 -43.57 -22.19
C CYS A 302 32.97 -43.86 -23.60
N LYS A 303 32.01 -44.40 -24.36
CA LYS A 303 32.19 -44.77 -25.72
C LYS A 303 30.81 -44.77 -26.27
N ILE A 304 30.66 -45.18 -27.54
CA ILE A 304 29.38 -45.41 -28.15
C ILE A 304 29.56 -46.65 -28.96
N THR A 305 28.43 -47.18 -29.46
CA THR A 305 28.40 -48.23 -30.44
C THR A 305 27.80 -47.56 -31.64
N GLU A 306 26.67 -46.85 -31.41
CA GLU A 306 26.04 -45.94 -32.33
C GLU A 306 25.48 -44.88 -31.46
N CYS A 307 25.28 -43.67 -32.02
CA CYS A 307 24.85 -42.55 -31.22
C CYS A 307 24.30 -41.48 -32.12
N THR A 308 23.46 -40.61 -31.51
CA THR A 308 22.86 -39.44 -32.09
C THR A 308 22.70 -38.54 -30.90
N TYR A 309 22.92 -37.21 -31.06
CA TYR A 309 23.03 -36.32 -29.92
C TYR A 309 21.94 -35.30 -30.05
N ALA A 310 21.52 -34.75 -28.88
CA ALA A 310 20.38 -33.90 -28.72
C ALA A 310 20.73 -33.04 -27.53
N SER A 311 20.54 -31.72 -27.67
CA SER A 311 21.00 -30.74 -26.70
C SER A 311 19.82 -30.21 -25.95
N ASP A 312 18.62 -30.73 -26.25
CA ASP A 312 17.40 -30.44 -25.55
C ASP A 312 17.22 -31.49 -24.50
N PHE A 313 17.22 -32.76 -24.95
CA PHE A 313 16.95 -33.94 -24.16
C PHE A 313 17.03 -35.04 -25.17
N GLY A 314 17.93 -36.03 -24.95
CA GLY A 314 18.06 -37.16 -25.85
C GLY A 314 19.49 -37.37 -26.22
N GLY A 315 20.42 -36.59 -25.63
CA GLY A 315 21.83 -36.75 -25.82
C GLY A 315 22.22 -38.01 -25.13
N ILE A 316 22.99 -38.88 -25.82
CA ILE A 316 23.29 -40.18 -25.28
C ILE A 316 24.75 -40.40 -25.43
N ALA A 317 25.24 -41.34 -24.59
CA ALA A 317 26.60 -41.80 -24.64
C ALA A 317 26.57 -43.05 -23.82
N THR A 318 26.98 -44.21 -24.42
CA THR A 318 27.15 -45.47 -23.69
C THR A 318 28.32 -45.33 -22.75
N VAL A 319 28.36 -46.13 -21.65
CA VAL A 319 29.50 -46.07 -20.76
C VAL A 319 29.91 -47.43 -20.37
N ALA A 320 31.18 -47.73 -20.74
CA ALA A 320 31.92 -48.87 -20.32
C ALA A 320 32.43 -48.68 -18.92
N TYR A 321 31.58 -48.94 -17.89
CA TYR A 321 31.99 -48.82 -16.51
C TYR A 321 32.09 -50.22 -16.02
N LYS A 322 33.11 -50.49 -15.19
CA LYS A 322 33.37 -51.79 -14.63
C LYS A 322 33.63 -51.49 -13.18
N SER A 323 32.62 -50.83 -12.57
CA SER A 323 32.61 -50.27 -11.25
C SER A 323 32.79 -51.30 -10.16
N SER A 324 33.37 -50.86 -9.01
CA SER A 324 33.61 -51.71 -7.86
C SER A 324 32.35 -52.28 -7.24
N LYS A 325 31.26 -51.48 -7.23
CA LYS A 325 29.96 -51.94 -6.83
C LYS A 325 29.06 -51.75 -8.02
N ALA A 326 27.75 -51.97 -7.83
CA ALA A 326 26.77 -51.78 -8.87
C ALA A 326 25.49 -51.43 -8.19
N GLY A 327 24.57 -50.77 -8.92
CA GLY A 327 23.32 -50.35 -8.36
C GLY A 327 22.68 -49.36 -9.29
N ASN A 328 21.88 -48.45 -8.71
CA ASN A 328 21.17 -47.36 -9.37
C ASN A 328 22.16 -46.25 -9.41
N CYS A 329 21.97 -45.21 -10.23
CA CYS A 329 23.02 -44.23 -10.28
C CYS A 329 22.41 -42.94 -10.71
N PRO A 330 22.13 -42.00 -9.82
CA PRO A 330 21.72 -40.67 -10.24
C PRO A 330 22.88 -40.02 -10.91
N ILE A 331 22.63 -39.18 -11.92
CA ILE A 331 23.73 -38.65 -12.67
C ILE A 331 23.43 -37.20 -12.79
N HIS A 332 24.50 -36.40 -12.92
CA HIS A 332 24.37 -35.07 -13.36
C HIS A 332 25.77 -34.55 -13.53
N SER A 333 25.99 -33.60 -14.48
CA SER A 333 27.19 -32.80 -14.58
C SER A 333 27.14 -31.87 -13.41
N PRO A 334 27.99 -31.89 -12.40
CA PRO A 334 27.89 -31.07 -11.19
C PRO A 334 27.20 -29.72 -11.19
N SER A 335 26.12 -29.61 -10.37
CA SER A 335 25.45 -28.40 -9.97
C SER A 335 24.91 -27.50 -11.08
N GLY A 336 23.85 -28.00 -11.74
CA GLY A 336 23.03 -27.37 -12.75
C GLY A 336 23.79 -26.82 -13.91
N VAL A 337 24.78 -27.59 -14.40
CA VAL A 337 25.61 -27.20 -15.51
C VAL A 337 25.36 -28.21 -16.61
N ALA A 338 24.19 -28.87 -16.54
CA ALA A 338 23.73 -29.82 -17.52
C ALA A 338 22.27 -29.91 -17.29
N VAL A 339 21.58 -30.48 -18.27
CA VAL A 339 20.20 -30.83 -18.15
C VAL A 339 20.23 -32.31 -18.32
N ILE A 340 19.61 -33.12 -17.46
CA ILE A 340 19.74 -34.56 -17.60
C ILE A 340 18.32 -34.90 -17.92
N LYS A 341 18.06 -35.81 -18.89
CA LYS A 341 16.70 -36.21 -19.19
C LYS A 341 16.13 -36.94 -18.02
N GLU A 342 16.97 -37.82 -17.47
CA GLU A 342 16.70 -38.68 -16.36
C GLU A 342 16.90 -37.93 -15.09
N ASN A 343 16.47 -38.59 -14.00
CA ASN A 343 16.76 -38.23 -12.65
C ASN A 343 17.84 -39.19 -12.28
N ASP A 344 17.54 -40.50 -12.45
CA ASP A 344 18.43 -41.55 -12.09
C ASP A 344 18.35 -42.53 -13.22
N VAL A 345 19.52 -43.12 -13.55
CA VAL A 345 19.72 -44.15 -14.55
C VAL A 345 20.50 -45.22 -13.86
N THR A 346 20.19 -46.52 -14.01
CA THR A 346 21.05 -47.51 -13.38
C THR A 346 22.27 -47.70 -14.25
N LEU A 347 23.43 -47.92 -13.60
CA LEU A 347 24.71 -48.15 -14.21
C LEU A 347 25.27 -49.25 -13.37
N ALA A 348 25.75 -50.33 -14.02
CA ALA A 348 26.44 -51.38 -13.31
C ALA A 348 27.88 -51.41 -13.69
N GLU A 349 28.47 -52.61 -13.57
CA GLU A 349 29.84 -52.93 -13.84
C GLU A 349 29.80 -53.98 -14.91
N SER A 350 30.72 -53.84 -15.90
CA SER A 350 30.94 -54.74 -17.01
C SER A 350 29.89 -54.55 -18.06
N GLY A 351 30.32 -54.15 -19.29
CA GLY A 351 29.46 -53.97 -20.43
C GLY A 351 29.51 -52.52 -20.77
N SER A 352 28.44 -51.99 -21.39
CA SER A 352 28.32 -50.59 -21.74
C SER A 352 26.86 -50.32 -21.70
N PHE A 353 26.47 -49.16 -21.13
CA PHE A 353 25.07 -48.84 -20.89
C PHE A 353 24.95 -47.37 -21.04
N THR A 354 24.06 -46.93 -21.96
CA THR A 354 23.80 -45.54 -22.21
C THR A 354 22.94 -44.94 -21.15
N PHE A 355 23.17 -43.63 -20.91
CA PHE A 355 22.26 -42.83 -20.15
C PHE A 355 21.87 -41.69 -21.02
N HIS A 356 20.89 -40.88 -20.57
CA HIS A 356 20.45 -39.73 -21.30
C HIS A 356 20.79 -38.52 -20.52
N PHE A 357 21.04 -37.43 -21.27
CA PHE A 357 21.33 -36.14 -20.74
C PHE A 357 21.13 -35.21 -21.89
N SER A 358 21.42 -33.93 -21.66
CA SER A 358 21.41 -32.89 -22.63
C SER A 358 22.35 -31.87 -22.11
N THR A 359 23.07 -31.15 -23.00
CA THR A 359 24.03 -30.22 -22.51
C THR A 359 24.15 -29.22 -23.60
N ALA A 360 24.97 -28.18 -23.34
CA ALA A 360 25.20 -27.07 -24.21
C ALA A 360 26.21 -27.41 -25.26
N ASN A 361 26.28 -28.70 -25.66
CA ASN A 361 27.19 -29.24 -26.61
C ASN A 361 26.43 -29.98 -27.66
N ILE A 362 27.13 -30.29 -28.76
CA ILE A 362 26.59 -30.87 -29.97
C ILE A 362 26.99 -32.31 -30.05
N HIS A 363 27.92 -32.72 -29.16
CA HIS A 363 28.35 -34.09 -29.02
C HIS A 363 28.63 -34.16 -27.54
N PRO A 364 28.47 -35.30 -26.90
CA PRO A 364 28.40 -35.45 -25.45
C PRO A 364 29.68 -35.36 -24.64
N ALA A 365 30.62 -34.41 -24.81
CA ALA A 365 31.73 -34.37 -23.87
C ALA A 365 31.49 -33.28 -22.87
N PHE A 366 30.52 -33.60 -22.00
CA PHE A 366 30.10 -32.89 -20.84
C PHE A 366 30.55 -33.82 -19.77
N LYS A 367 31.12 -33.32 -18.65
CA LYS A 367 31.40 -34.23 -17.56
C LYS A 367 30.08 -34.66 -16.98
N LEU A 368 30.02 -35.90 -16.45
CA LEU A 368 28.86 -36.43 -15.82
C LEU A 368 29.32 -37.08 -14.56
N GLN A 369 28.75 -36.70 -13.40
CA GLN A 369 29.14 -37.23 -12.13
C GLN A 369 28.07 -38.20 -11.81
N VAL A 370 28.40 -39.45 -12.17
CA VAL A 370 27.57 -40.59 -12.17
C VAL A 370 27.68 -41.22 -10.82
N CYS A 371 26.89 -40.75 -9.83
CA CYS A 371 26.78 -41.33 -8.50
C CYS A 371 28.12 -41.68 -7.87
N THR A 372 29.07 -40.74 -8.02
CA THR A 372 30.47 -40.70 -7.67
C THR A 372 31.21 -40.81 -8.97
N SER A 373 32.12 -39.86 -9.23
CA SER A 373 33.13 -39.90 -10.25
C SER A 373 32.61 -39.30 -11.52
N ALA A 374 33.23 -38.17 -11.93
CA ALA A 374 32.91 -37.44 -13.12
C ALA A 374 33.62 -38.07 -14.29
N VAL A 375 33.09 -37.90 -15.53
CA VAL A 375 33.78 -38.36 -16.72
C VAL A 375 33.13 -37.62 -17.84
N THR A 376 33.93 -37.18 -18.85
CA THR A 376 33.42 -36.54 -20.04
C THR A 376 33.04 -37.68 -20.91
N CYS A 377 31.74 -37.68 -21.27
CA CYS A 377 31.14 -38.84 -21.86
C CYS A 377 31.06 -38.78 -23.35
N LYS A 378 32.22 -38.65 -24.01
CA LYS A 378 32.34 -38.61 -25.43
C LYS A 378 31.81 -39.82 -26.17
N GLY A 379 31.36 -39.55 -27.40
CA GLY A 379 30.81 -40.52 -28.31
C GLY A 379 30.59 -39.70 -29.53
N ASP A 380 30.78 -40.28 -30.74
CA ASP A 380 30.76 -39.53 -31.99
C ASP A 380 29.49 -38.78 -32.16
N CYS A 381 28.38 -39.53 -31.96
CA CYS A 381 27.02 -39.09 -32.13
C CYS A 381 26.78 -38.30 -33.39
N LYS A 382 25.75 -37.44 -33.41
CA LYS A 382 25.35 -36.74 -34.61
C LYS A 382 24.87 -35.38 -34.18
N PRO A 383 25.22 -34.28 -34.85
CA PRO A 383 24.80 -32.93 -34.48
C PRO A 383 23.30 -32.70 -34.43
N PRO A 384 22.70 -32.10 -33.41
CA PRO A 384 21.32 -31.67 -33.48
C PRO A 384 21.25 -30.23 -33.93
N LYS A 385 20.02 -29.75 -34.14
CA LYS A 385 19.69 -28.47 -34.71
C LYS A 385 18.91 -27.73 -33.64
N ASP A 386 18.76 -28.34 -32.43
CA ASP A 386 17.68 -28.06 -31.54
C ASP A 386 18.03 -26.93 -30.61
N HIS A 387 17.78 -25.68 -31.06
CA HIS A 387 18.31 -24.52 -30.41
C HIS A 387 17.53 -23.36 -30.95
N ILE A 388 16.60 -23.60 -31.91
CA ILE A 388 15.59 -22.64 -32.33
C ILE A 388 14.57 -22.48 -31.21
N VAL A 389 14.45 -23.55 -30.37
CA VAL A 389 13.53 -23.72 -29.28
C VAL A 389 13.93 -22.85 -28.11
N ASP A 390 12.97 -22.64 -27.16
CA ASP A 390 12.80 -21.59 -26.18
C ASP A 390 13.96 -21.36 -25.21
N TYR A 391 13.65 -21.19 -23.90
CA TYR A 391 14.61 -21.00 -22.84
C TYR A 391 15.35 -22.30 -22.69
N PRO A 392 16.64 -22.32 -22.37
CA PRO A 392 17.51 -23.48 -22.44
C PRO A 392 17.00 -24.78 -21.91
N ALA A 393 17.53 -25.89 -22.44
CA ALA A 393 17.41 -27.20 -21.84
C ALA A 393 18.79 -27.72 -22.04
N GLN A 394 19.74 -26.80 -21.79
CA GLN A 394 21.14 -26.91 -22.05
C GLN A 394 21.78 -25.99 -21.05
N HIS A 395 21.16 -25.92 -19.84
CA HIS A 395 21.65 -25.29 -18.64
C HIS A 395 21.96 -23.85 -18.87
N THR A 396 23.05 -23.36 -18.25
CA THR A 396 23.42 -21.97 -18.22
C THR A 396 24.44 -21.72 -19.29
N GLU A 397 24.70 -22.72 -20.18
CA GLU A 397 25.69 -22.73 -21.24
C GLU A 397 27.08 -22.89 -20.69
N SER A 398 27.86 -23.90 -21.17
CA SER A 398 29.22 -24.05 -20.71
C SER A 398 29.99 -25.00 -21.59
N PHE A 399 29.40 -25.48 -22.72
CA PHE A 399 30.10 -26.39 -23.60
C PHE A 399 29.98 -25.81 -24.98
N THR A 400 30.05 -26.66 -26.04
CA THR A 400 30.11 -26.23 -27.42
C THR A 400 28.73 -25.72 -27.91
N ASP B 1 -31.33 -9.59 -28.73
CA ASP B 1 -32.33 -9.08 -27.75
C ASP B 1 -32.92 -7.78 -28.23
N LEU B 2 -33.97 -7.32 -27.52
CA LEU B 2 -34.53 -6.00 -27.68
C LEU B 2 -34.36 -5.31 -26.36
N ASP B 3 -34.46 -6.10 -25.26
CA ASP B 3 -34.53 -5.59 -23.92
C ASP B 3 -33.32 -6.17 -23.25
N THR B 4 -32.50 -5.32 -22.62
CA THR B 4 -31.23 -5.72 -22.07
C THR B 4 -30.96 -4.90 -20.85
N HIS B 5 -31.56 -3.69 -20.76
CA HIS B 5 -31.37 -2.84 -19.62
C HIS B 5 -32.30 -1.70 -19.88
N PHE B 6 -33.43 -1.73 -19.14
CA PHE B 6 -34.37 -0.65 -19.01
C PHE B 6 -33.83 0.46 -18.15
N THR B 7 -32.61 0.25 -17.58
CA THR B 7 -31.74 1.25 -17.02
C THR B 7 -31.57 2.40 -17.98
N GLN B 8 -31.09 2.14 -19.22
CA GLN B 8 -30.97 3.20 -20.19
C GLN B 8 -32.31 3.52 -20.81
N TYR B 9 -33.02 2.48 -21.35
CA TYR B 9 -34.12 2.67 -22.28
C TYR B 9 -35.27 3.48 -21.77
N LYS B 10 -35.90 3.01 -20.65
CA LYS B 10 -37.02 3.66 -19.99
C LYS B 10 -36.65 5.03 -19.49
N LEU B 11 -35.41 5.14 -18.98
CA LEU B 11 -34.98 6.26 -18.18
C LEU B 11 -34.16 7.14 -19.08
N ALA B 12 -34.52 7.20 -20.37
CA ALA B 12 -33.88 8.06 -21.32
C ALA B 12 -34.91 8.33 -22.36
N ARG B 13 -34.82 9.50 -23.02
CA ARG B 13 -35.75 9.89 -24.05
C ARG B 13 -34.88 10.63 -25.02
N PRO B 14 -35.07 10.52 -26.33
CA PRO B 14 -34.26 11.22 -27.30
C PRO B 14 -34.28 12.72 -27.15
N TYR B 15 -33.37 13.39 -27.88
CA TYR B 15 -33.27 14.81 -27.86
C TYR B 15 -32.52 15.11 -29.11
N ILE B 16 -32.61 16.37 -29.57
CA ILE B 16 -31.92 16.83 -30.74
C ILE B 16 -31.03 17.95 -30.33
N ALA B 17 -29.76 17.88 -30.80
CA ALA B 17 -28.68 18.72 -30.38
C ALA B 17 -27.94 19.09 -31.61
N ASP B 18 -27.05 20.12 -31.52
CA ASP B 18 -26.33 20.65 -32.65
C ASP B 18 -25.29 19.64 -33.03
N CYS B 19 -25.05 19.47 -34.35
CA CYS B 19 -23.99 18.64 -34.82
C CYS B 19 -22.75 19.52 -34.84
N PRO B 20 -21.55 19.02 -34.52
CA PRO B 20 -20.38 19.86 -34.43
C PRO B 20 -19.93 20.33 -35.81
N ASN B 21 -20.07 19.51 -36.88
CA ASN B 21 -19.78 19.99 -38.21
C ASN B 21 -20.70 19.24 -39.14
N CYS B 22 -21.39 19.97 -40.06
CA CYS B 22 -22.41 19.41 -40.89
C CYS B 22 -22.33 20.08 -42.24
N GLY B 23 -21.84 21.34 -42.28
CA GLY B 23 -21.64 22.10 -43.50
C GLY B 23 -22.89 22.42 -44.27
N HIS B 24 -24.03 22.56 -43.58
CA HIS B 24 -25.27 23.04 -44.16
C HIS B 24 -25.51 24.41 -43.57
N SER B 25 -24.40 25.02 -43.10
CA SER B 25 -24.28 26.19 -42.26
C SER B 25 -24.30 25.67 -40.85
N ARG B 26 -23.77 24.42 -40.67
CA ARG B 26 -23.77 23.68 -39.45
C ARG B 26 -25.16 23.37 -38.94
N CYS B 27 -25.83 22.42 -39.62
CA CYS B 27 -27.12 21.89 -39.24
C CYS B 27 -27.24 21.43 -37.81
N ASP B 28 -28.49 21.45 -37.32
CA ASP B 28 -28.91 20.78 -36.13
C ASP B 28 -29.50 19.49 -36.64
N SER B 29 -29.04 18.35 -36.10
CA SER B 29 -29.49 17.06 -36.53
C SER B 29 -29.49 16.21 -35.27
N PRO B 30 -30.45 15.30 -35.08
CA PRO B 30 -30.52 14.47 -33.90
C PRO B 30 -29.51 13.35 -33.87
N ILE B 31 -28.55 13.35 -34.80
CA ILE B 31 -27.54 12.36 -34.94
C ILE B 31 -26.25 13.05 -34.59
N ALA B 32 -26.31 14.07 -33.69
CA ALA B 32 -25.15 14.81 -33.24
C ALA B 32 -24.21 13.89 -32.51
N ILE B 33 -23.03 13.63 -33.12
CA ILE B 33 -22.18 12.55 -32.71
C ILE B 33 -21.25 13.05 -31.64
N GLU B 34 -21.34 12.38 -30.46
CA GLU B 34 -20.41 12.52 -29.38
C GLU B 34 -19.93 11.11 -29.20
N GLU B 35 -18.82 10.90 -28.45
CA GLU B 35 -18.28 9.62 -28.02
C GLU B 35 -18.20 8.58 -29.11
N VAL B 36 -17.37 8.83 -30.16
CA VAL B 36 -16.99 7.77 -31.06
C VAL B 36 -15.96 6.98 -30.33
N ARG B 37 -16.09 5.65 -30.36
CA ARG B 37 -15.26 4.77 -29.61
C ARG B 37 -14.86 3.60 -30.45
N GLY B 38 -13.76 3.73 -31.22
CA GLY B 38 -13.19 2.63 -31.96
C GLY B 38 -12.11 2.08 -31.09
N ASP B 39 -12.55 1.65 -29.90
CA ASP B 39 -11.72 1.33 -28.76
C ASP B 39 -11.81 -0.16 -28.55
N ALA B 40 -12.54 -0.84 -29.45
CA ALA B 40 -12.57 -2.26 -29.59
C ALA B 40 -11.85 -2.47 -30.87
N HIS B 41 -10.95 -3.47 -30.87
CA HIS B 41 -9.95 -3.65 -31.87
C HIS B 41 -10.25 -4.90 -32.62
N ALA B 42 -11.35 -4.87 -33.40
CA ALA B 42 -11.96 -6.10 -33.82
C ALA B 42 -12.88 -5.85 -34.97
N GLY B 43 -12.81 -4.64 -35.58
CA GLY B 43 -13.66 -4.26 -36.67
C GLY B 43 -14.83 -3.45 -36.22
N VAL B 44 -15.08 -3.36 -34.90
CA VAL B 44 -16.32 -2.83 -34.42
C VAL B 44 -16.05 -1.50 -33.78
N ILE B 45 -17.01 -0.56 -33.95
CA ILE B 45 -16.99 0.75 -33.37
C ILE B 45 -18.33 0.99 -32.70
N ARG B 46 -18.30 1.54 -31.47
CA ARG B 46 -19.45 2.07 -30.77
C ARG B 46 -19.53 3.52 -31.08
N ILE B 47 -20.72 4.02 -31.49
CA ILE B 47 -20.89 5.41 -31.87
C ILE B 47 -22.00 5.85 -30.96
N GLN B 48 -22.03 7.15 -30.59
CA GLN B 48 -23.16 7.73 -29.89
C GLN B 48 -23.78 8.82 -30.71
N THR B 49 -25.08 8.62 -31.10
CA THR B 49 -25.98 9.69 -31.47
C THR B 49 -26.51 10.39 -30.25
N SER B 50 -26.89 11.68 -30.40
CA SER B 50 -27.59 12.43 -29.38
C SER B 50 -29.03 12.03 -29.19
N ALA B 51 -29.62 11.31 -30.16
CA ALA B 51 -30.95 10.76 -30.00
C ALA B 51 -30.81 9.37 -29.45
N MET B 52 -31.89 8.89 -28.81
CA MET B 52 -31.93 7.63 -28.12
C MET B 52 -32.73 6.74 -29.04
N PHE B 53 -32.05 6.07 -30.01
CA PHE B 53 -32.69 5.03 -30.80
C PHE B 53 -32.59 3.75 -30.03
N GLY B 54 -33.27 2.69 -30.50
CA GLY B 54 -33.27 1.44 -29.80
C GLY B 54 -34.71 1.16 -29.71
N LEU B 55 -35.13 0.85 -28.46
CA LEU B 55 -36.48 0.98 -27.99
C LEU B 55 -36.77 2.47 -28.00
N LYS B 56 -38.03 2.85 -28.30
CA LYS B 56 -38.46 4.23 -28.40
C LYS B 56 -38.27 4.99 -27.11
N THR B 57 -38.64 4.32 -26.01
CA THR B 57 -38.41 4.62 -24.62
C THR B 57 -39.31 3.63 -23.91
N ASP B 58 -39.63 2.52 -24.60
CA ASP B 58 -40.66 1.59 -24.25
C ASP B 58 -40.00 0.23 -24.16
N GLY B 59 -40.63 -0.81 -24.76
CA GLY B 59 -40.28 -2.19 -24.52
C GLY B 59 -40.07 -2.91 -25.82
N VAL B 60 -40.32 -2.26 -26.98
CA VAL B 60 -40.43 -2.95 -28.25
C VAL B 60 -39.44 -2.40 -29.23
N ASP B 61 -38.62 -3.32 -29.79
CA ASP B 61 -37.86 -3.20 -31.01
C ASP B 61 -36.66 -2.31 -30.89
N LEU B 62 -35.45 -2.87 -31.21
CA LEU B 62 -34.25 -2.10 -31.50
C LEU B 62 -34.37 -1.49 -32.86
N ALA B 63 -35.36 -1.96 -33.63
CA ALA B 63 -35.53 -1.64 -35.00
C ALA B 63 -36.30 -0.37 -35.17
N TYR B 64 -36.57 0.41 -34.08
CA TYR B 64 -36.99 1.76 -34.30
C TYR B 64 -35.84 2.72 -34.05
N MET B 65 -36.20 4.00 -34.27
CA MET B 65 -35.35 5.13 -34.38
C MET B 65 -36.28 6.18 -33.85
N SER B 66 -36.04 6.69 -32.63
CA SER B 66 -36.83 7.73 -32.05
C SER B 66 -35.88 8.85 -31.81
N PHE B 67 -35.97 9.92 -32.63
CA PHE B 67 -35.27 11.16 -32.36
C PHE B 67 -36.29 12.18 -32.01
N MET B 68 -35.85 13.41 -31.65
CA MET B 68 -36.75 14.53 -31.44
C MET B 68 -36.80 15.40 -32.66
N ASN B 69 -38.02 15.61 -33.18
CA ASN B 69 -38.33 16.67 -34.10
C ASN B 69 -39.43 17.33 -33.35
N GLY B 70 -39.23 18.61 -33.00
CA GLY B 70 -40.06 19.30 -32.05
C GLY B 70 -39.57 18.94 -30.67
N LYS B 71 -40.51 18.86 -29.71
CA LYS B 71 -40.28 18.26 -28.42
C LYS B 71 -40.77 16.83 -28.46
N THR B 72 -41.26 16.39 -29.63
CA THR B 72 -42.02 15.18 -29.79
C THR B 72 -41.03 14.23 -30.40
N GLN B 73 -41.26 12.90 -30.25
CA GLN B 73 -40.44 11.90 -30.90
C GLN B 73 -40.73 11.85 -32.39
N LYS B 74 -39.99 11.00 -33.12
CA LYS B 74 -40.28 10.66 -34.48
C LYS B 74 -39.75 9.27 -34.61
N SER B 75 -40.67 8.34 -34.29
CA SER B 75 -40.48 6.93 -34.05
C SER B 75 -40.63 6.18 -35.34
N ILE B 76 -39.50 5.93 -36.05
CA ILE B 76 -39.52 5.41 -37.41
C ILE B 76 -38.47 4.33 -37.39
N LYS B 77 -38.09 3.76 -38.56
CA LYS B 77 -37.23 2.59 -38.64
C LYS B 77 -35.78 2.90 -38.39
N ILE B 78 -35.01 1.87 -37.89
CA ILE B 78 -33.64 1.98 -37.44
C ILE B 78 -32.73 2.17 -38.63
N ASP B 79 -33.24 1.80 -39.84
CA ASP B 79 -32.43 1.53 -40.99
C ASP B 79 -32.44 2.79 -41.83
N ASN B 80 -33.06 3.86 -41.26
CA ASN B 80 -33.23 5.15 -41.88
C ASN B 80 -32.11 5.99 -41.34
N LEU B 81 -31.43 5.49 -40.27
CA LEU B 81 -30.14 5.95 -39.81
C LEU B 81 -29.15 5.34 -40.76
N HIS B 82 -28.00 5.99 -40.96
CA HIS B 82 -26.93 5.38 -41.69
C HIS B 82 -25.72 5.88 -40.96
N VAL B 83 -25.12 4.96 -40.19
CA VAL B 83 -23.78 5.08 -39.67
C VAL B 83 -22.86 4.64 -40.77
N ARG B 84 -21.68 5.28 -40.83
CA ARG B 84 -20.65 5.02 -41.78
C ARG B 84 -19.46 5.61 -41.07
N THR B 85 -18.25 5.30 -41.57
CA THR B 85 -17.03 5.72 -40.93
C THR B 85 -16.12 6.00 -42.08
N SER B 86 -15.83 4.97 -42.91
CA SER B 86 -15.25 5.16 -44.21
C SER B 86 -16.28 4.61 -45.17
N ALA B 87 -16.18 3.32 -45.54
CA ALA B 87 -17.23 2.58 -46.22
C ALA B 87 -18.42 2.45 -45.29
N PRO B 88 -19.66 2.42 -45.78
CA PRO B 88 -20.87 2.16 -45.00
C PRO B 88 -20.74 1.08 -43.97
N CYS B 89 -21.22 1.36 -42.73
CA CYS B 89 -21.18 0.42 -41.65
C CYS B 89 -22.34 -0.50 -41.78
N SER B 90 -22.31 -1.58 -40.99
CA SER B 90 -23.42 -2.48 -40.84
C SER B 90 -23.70 -2.44 -39.38
N LEU B 91 -24.94 -2.08 -38.98
CA LEU B 91 -25.41 -2.15 -37.61
C LEU B 91 -25.25 -3.52 -37.02
N VAL B 92 -24.98 -3.56 -35.70
CA VAL B 92 -24.91 -4.79 -34.96
C VAL B 92 -26.09 -4.73 -34.03
N SER B 93 -26.21 -3.63 -33.24
CA SER B 93 -27.34 -3.44 -32.36
C SER B 93 -27.26 -2.03 -31.84
N HIS B 94 -28.43 -1.47 -31.45
CA HIS B 94 -28.52 -0.17 -30.85
C HIS B 94 -29.07 -0.41 -29.48
N HIS B 95 -28.64 0.43 -28.52
CA HIS B 95 -29.13 0.42 -27.18
C HIS B 95 -28.84 1.77 -26.63
N GLY B 96 -29.89 2.52 -26.26
CA GLY B 96 -29.72 3.80 -25.62
C GLY B 96 -29.38 4.84 -26.62
N TYR B 97 -28.29 5.58 -26.36
CA TYR B 97 -27.76 6.58 -27.26
C TYR B 97 -26.71 6.01 -28.14
N TYR B 98 -26.45 4.70 -27.99
CA TYR B 98 -25.23 4.07 -28.40
C TYR B 98 -25.62 3.01 -29.38
N ILE B 99 -24.81 2.87 -30.45
CA ILE B 99 -25.02 1.89 -31.48
C ILE B 99 -23.70 1.22 -31.57
N LEU B 100 -23.74 -0.11 -31.79
CA LEU B 100 -22.58 -0.89 -32.08
C LEU B 100 -22.76 -1.22 -33.52
N ALA B 101 -21.65 -1.06 -34.27
CA ALA B 101 -21.67 -1.16 -35.69
C ALA B 101 -20.33 -1.65 -36.13
N GLN B 102 -20.36 -2.56 -37.14
CA GLN B 102 -19.21 -3.08 -37.83
C GLN B 102 -18.91 -2.05 -38.86
N CYS B 103 -17.74 -1.40 -38.70
CA CYS B 103 -17.33 -0.28 -39.48
C CYS B 103 -15.86 -0.45 -39.77
N PRO B 104 -15.34 0.08 -40.88
CA PRO B 104 -13.92 0.37 -41.05
C PRO B 104 -13.40 1.29 -39.95
N PRO B 105 -12.13 1.28 -39.53
CA PRO B 105 -11.59 2.30 -38.62
C PRO B 105 -11.66 3.66 -39.27
N GLY B 106 -11.54 4.75 -38.49
CA GLY B 106 -11.56 6.05 -39.10
C GLY B 106 -11.21 7.08 -38.10
N ASP B 107 -10.42 8.07 -38.57
CA ASP B 107 -10.06 9.29 -37.88
C ASP B 107 -11.29 10.10 -37.57
N THR B 108 -12.35 9.99 -38.42
CA THR B 108 -13.59 10.69 -38.21
C THR B 108 -14.62 9.60 -38.16
N VAL B 109 -15.91 10.00 -37.98
CA VAL B 109 -17.08 9.19 -38.16
C VAL B 109 -18.08 10.07 -38.83
N THR B 110 -18.88 9.53 -39.79
CA THR B 110 -19.69 10.35 -40.65
C THR B 110 -20.99 9.59 -40.80
N VAL B 111 -22.05 10.20 -40.24
CA VAL B 111 -23.38 9.68 -40.03
C VAL B 111 -24.24 10.62 -40.82
N GLY B 112 -25.42 10.18 -41.31
CA GLY B 112 -26.26 11.11 -42.02
C GLY B 112 -27.44 10.43 -42.61
N PHE B 113 -28.58 11.13 -42.54
CA PHE B 113 -29.82 10.74 -43.15
C PHE B 113 -30.51 12.05 -43.40
N HIS B 114 -31.38 12.11 -44.43
CA HIS B 114 -32.23 13.25 -44.68
C HIS B 114 -33.17 13.52 -43.53
N ASP B 115 -33.18 14.79 -43.07
CA ASP B 115 -34.06 15.27 -42.06
C ASP B 115 -34.02 16.76 -42.26
N GLY B 116 -35.04 17.49 -41.76
CA GLY B 116 -35.16 18.93 -41.90
C GLY B 116 -35.26 19.40 -43.34
N PRO B 117 -35.13 20.70 -43.60
CA PRO B 117 -35.10 21.27 -44.93
C PRO B 117 -33.76 21.07 -45.61
N ASN B 118 -32.86 20.23 -45.07
CA ASN B 118 -31.51 20.07 -45.54
C ASN B 118 -31.31 18.58 -45.63
N ARG B 119 -30.03 18.14 -45.70
CA ARG B 119 -29.67 16.75 -45.83
C ARG B 119 -29.23 16.21 -44.48
N HIS B 120 -29.16 17.09 -43.44
CA HIS B 120 -28.92 16.82 -42.03
C HIS B 120 -27.99 15.67 -41.72
N THR B 121 -26.68 15.88 -41.95
CA THR B 121 -25.69 14.84 -41.78
C THR B 121 -24.97 15.18 -40.50
N CYS B 122 -24.06 14.30 -40.03
CA CYS B 122 -23.25 14.69 -38.90
C CYS B 122 -21.94 13.97 -38.91
N THR B 123 -20.87 14.69 -38.46
CA THR B 123 -19.52 14.20 -38.56
C THR B 123 -18.89 14.61 -37.24
N VAL B 124 -17.83 13.90 -36.80
CA VAL B 124 -17.08 14.24 -35.60
C VAL B 124 -15.77 13.50 -35.72
N ALA B 125 -14.72 14.03 -35.03
CA ALA B 125 -13.41 13.46 -34.85
C ALA B 125 -13.31 12.53 -33.66
N HIS B 126 -12.60 11.38 -33.85
CA HIS B 126 -12.10 10.55 -32.78
C HIS B 126 -11.15 9.58 -33.41
N LYS B 127 -9.92 9.48 -32.85
CA LYS B 127 -8.88 8.58 -33.31
C LYS B 127 -9.25 7.14 -33.05
N VAL B 128 -9.36 6.34 -34.14
CA VAL B 128 -9.72 4.95 -34.09
C VAL B 128 -8.59 4.20 -34.71
N GLU B 129 -8.30 3.03 -34.11
CA GLU B 129 -7.46 2.00 -34.66
C GLU B 129 -8.02 0.75 -34.07
N PHE B 130 -7.73 -0.39 -34.73
CA PHE B 130 -8.04 -1.71 -34.23
C PHE B 130 -6.73 -2.36 -33.89
N ARG B 131 -5.73 -1.53 -33.50
CA ARG B 131 -4.50 -1.90 -32.80
C ARG B 131 -4.61 -3.09 -31.87
N PRO B 132 -3.75 -4.09 -31.99
CA PRO B 132 -3.39 -4.97 -30.90
C PRO B 132 -2.91 -4.20 -29.70
N VAL B 133 -3.25 -4.63 -28.46
CA VAL B 133 -2.79 -3.97 -27.27
C VAL B 133 -1.49 -4.61 -26.92
N GLY B 134 -0.39 -3.99 -27.38
CA GLY B 134 0.91 -4.54 -27.20
C GLY B 134 1.84 -3.81 -28.10
N ARG B 135 2.73 -4.59 -28.73
CA ARG B 135 3.80 -4.13 -29.55
C ARG B 135 3.37 -4.10 -31.01
N GLU B 136 2.06 -4.10 -31.30
CA GLU B 136 1.54 -3.91 -32.64
C GLU B 136 0.47 -2.87 -32.64
N LYS B 137 0.17 -2.35 -33.85
CA LYS B 137 -0.85 -1.38 -34.11
C LYS B 137 -1.34 -1.69 -35.50
N TYR B 138 -2.67 -1.62 -35.70
CA TYR B 138 -3.34 -2.05 -36.91
C TYR B 138 -4.41 -1.06 -37.29
N ARG B 139 -4.75 -1.04 -38.60
CA ARG B 139 -5.88 -0.34 -39.15
C ARG B 139 -7.07 -1.26 -39.35
N HIS B 140 -7.36 -1.60 -40.63
CA HIS B 140 -8.58 -2.15 -41.22
C HIS B 140 -9.26 -3.28 -40.46
N PRO B 141 -10.54 -3.60 -40.64
CA PRO B 141 -11.22 -4.67 -39.91
C PRO B 141 -10.57 -6.01 -40.15
N PRO B 142 -10.48 -6.93 -39.20
CA PRO B 142 -9.95 -8.28 -39.37
C PRO B 142 -10.47 -9.00 -40.59
N GLU B 143 -9.58 -9.70 -41.32
CA GLU B 143 -9.96 -10.49 -42.47
C GLU B 143 -8.79 -11.36 -42.81
N HIS B 144 -7.71 -11.28 -42.01
CA HIS B 144 -6.48 -11.98 -42.26
C HIS B 144 -5.78 -12.01 -40.94
N GLY B 145 -4.69 -12.81 -40.89
CA GLY B 145 -3.84 -12.98 -39.74
C GLY B 145 -4.43 -13.72 -38.58
N VAL B 146 -3.51 -14.12 -37.68
CA VAL B 146 -3.69 -14.90 -36.48
C VAL B 146 -4.33 -14.00 -35.44
N GLU B 147 -5.05 -14.61 -34.47
CA GLU B 147 -5.66 -13.90 -33.37
C GLU B 147 -4.73 -13.93 -32.19
N LEU B 148 -4.71 -12.79 -31.48
CA LEU B 148 -3.75 -12.49 -30.46
C LEU B 148 -4.43 -11.40 -29.65
N PRO B 149 -4.03 -11.09 -28.41
CA PRO B 149 -4.98 -10.55 -27.45
C PRO B 149 -5.10 -9.05 -27.57
N CYS B 150 -6.34 -8.57 -27.77
CA CYS B 150 -6.62 -7.16 -27.84
C CYS B 150 -8.08 -6.98 -27.53
N ASN B 151 -8.54 -5.72 -27.51
CA ASN B 151 -9.92 -5.39 -27.25
C ASN B 151 -10.85 -5.79 -28.37
N ARG B 152 -12.15 -5.83 -28.06
CA ARG B 152 -13.18 -6.43 -28.87
C ARG B 152 -14.39 -5.87 -28.15
N TYR B 153 -15.56 -5.74 -28.82
CA TYR B 153 -16.76 -5.24 -28.20
C TYR B 153 -17.63 -6.37 -27.82
N THR B 154 -18.50 -6.05 -26.83
CA THR B 154 -19.50 -6.93 -26.31
C THR B 154 -20.66 -6.76 -27.26
N HIS B 155 -21.43 -7.85 -27.47
CA HIS B 155 -22.67 -7.78 -28.22
C HIS B 155 -23.80 -7.61 -27.24
N LYS B 156 -23.44 -7.32 -25.97
CA LYS B 156 -24.29 -7.41 -24.82
C LYS B 156 -24.39 -5.97 -24.45
N ARG B 157 -25.63 -5.55 -24.14
CA ARG B 157 -25.96 -4.16 -24.03
C ARG B 157 -26.48 -3.87 -22.65
N ALA B 158 -26.19 -4.76 -21.68
CA ALA B 158 -26.69 -4.65 -20.34
C ALA B 158 -25.60 -4.15 -19.43
N ASP B 159 -24.38 -3.89 -20.00
CA ASP B 159 -23.15 -3.81 -19.25
C ASP B 159 -23.20 -2.68 -18.25
N GLN B 160 -22.81 -2.97 -17.00
CA GLN B 160 -22.79 -1.99 -15.94
C GLN B 160 -21.33 -1.76 -15.65
N GLY B 161 -20.45 -2.18 -16.60
CA GLY B 161 -19.02 -2.21 -16.48
C GLY B 161 -18.49 -0.81 -16.48
N HIS B 162 -19.22 0.11 -17.15
CA HIS B 162 -18.97 1.50 -17.00
C HIS B 162 -20.32 2.18 -17.07
N TYR B 163 -20.34 3.46 -16.68
CA TYR B 163 -21.52 4.27 -16.72
C TYR B 163 -21.06 5.65 -17.00
N VAL B 164 -21.87 6.31 -17.85
CA VAL B 164 -21.66 7.64 -18.33
C VAL B 164 -22.61 8.50 -17.54
N GLU B 165 -22.17 9.77 -17.30
CA GLU B 165 -22.98 10.77 -16.62
C GLU B 165 -24.22 11.01 -17.44
N MET B 166 -25.38 10.97 -16.76
CA MET B 166 -26.64 11.30 -17.34
C MET B 166 -27.43 11.99 -16.27
N HIS B 167 -26.91 12.00 -15.01
CA HIS B 167 -27.47 12.66 -13.85
C HIS B 167 -27.63 14.13 -14.13
N GLN B 168 -28.78 14.70 -13.70
CA GLN B 168 -29.35 15.96 -14.14
C GLN B 168 -28.89 16.47 -15.50
N PRO B 169 -29.54 16.13 -16.61
CA PRO B 169 -29.39 16.82 -17.88
C PRO B 169 -29.63 18.30 -17.84
N GLY B 170 -29.58 18.95 -19.01
CA GLY B 170 -30.20 20.23 -19.14
C GLY B 170 -30.58 20.39 -20.56
N LEU B 171 -30.67 21.68 -20.94
CA LEU B 171 -31.06 22.13 -22.23
C LEU B 171 -30.37 21.52 -23.41
N VAL B 172 -31.19 21.57 -24.46
CA VAL B 172 -30.83 21.64 -25.84
C VAL B 172 -31.95 22.55 -26.24
N ALA B 173 -31.76 23.28 -27.35
CA ALA B 173 -32.83 24.10 -27.85
C ALA B 173 -33.81 23.17 -28.49
N ASP B 174 -35.08 23.54 -28.33
CA ASP B 174 -36.24 22.92 -28.90
C ASP B 174 -37.18 24.01 -28.55
N HIS B 175 -37.31 25.02 -29.43
CA HIS B 175 -38.08 26.20 -29.16
C HIS B 175 -39.54 25.97 -29.48
N SER B 176 -39.84 24.73 -29.94
CA SER B 176 -41.13 24.10 -29.92
C SER B 176 -41.66 23.93 -28.51
N LEU B 177 -40.74 23.78 -27.51
CA LEU B 177 -41.02 23.80 -26.10
C LEU B 177 -41.59 25.13 -25.74
N LEU B 178 -40.88 26.19 -26.15
CA LEU B 178 -41.15 27.54 -25.76
C LEU B 178 -42.39 28.07 -26.44
N SER B 179 -43.53 27.99 -25.73
CA SER B 179 -44.78 28.60 -26.11
C SER B 179 -44.76 30.05 -25.71
N ILE B 180 -45.92 30.73 -25.75
CA ILE B 180 -46.07 32.12 -25.41
C ILE B 180 -47.15 32.16 -24.34
N HIS B 181 -46.87 32.90 -23.24
CA HIS B 181 -47.74 33.21 -22.12
C HIS B 181 -48.48 34.48 -22.42
N SER B 182 -49.07 34.58 -23.64
CA SER B 182 -49.92 35.66 -24.10
C SER B 182 -49.25 37.01 -24.06
N ALA B 183 -47.95 37.02 -24.43
CA ALA B 183 -47.17 38.18 -24.83
C ALA B 183 -45.73 37.82 -24.63
N LYS B 184 -45.43 37.01 -23.59
CA LYS B 184 -44.08 36.75 -23.18
C LYS B 184 -43.85 35.28 -23.40
N VAL B 185 -42.59 34.89 -23.66
CA VAL B 185 -42.23 33.53 -24.00
C VAL B 185 -42.11 32.62 -22.79
N LYS B 186 -42.74 31.42 -22.90
CA LYS B 186 -43.10 30.53 -21.83
C LYS B 186 -42.41 29.20 -21.96
N ILE B 187 -41.52 28.85 -21.00
CA ILE B 187 -40.89 27.54 -20.90
C ILE B 187 -41.90 26.42 -20.74
N THR B 188 -41.67 25.26 -21.40
CA THR B 188 -42.53 24.10 -21.25
C THR B 188 -41.62 22.90 -21.28
N VAL B 189 -42.16 21.75 -20.80
CA VAL B 189 -41.49 20.48 -20.64
C VAL B 189 -41.57 19.70 -21.93
N PRO B 190 -40.65 18.77 -22.23
CA PRO B 190 -40.71 17.92 -23.41
C PRO B 190 -41.76 16.85 -23.24
N SER B 191 -41.91 16.30 -22.02
CA SER B 191 -42.71 15.14 -21.75
C SER B 191 -42.57 14.91 -20.26
N GLY B 192 -42.38 16.01 -19.49
CA GLY B 192 -41.94 15.99 -18.11
C GLY B 192 -40.49 16.35 -18.09
N ALA B 193 -40.10 17.16 -17.08
CA ALA B 193 -38.75 17.65 -16.86
C ALA B 193 -38.90 18.89 -16.05
N GLN B 194 -37.86 19.22 -15.24
CA GLN B 194 -37.88 20.40 -14.43
C GLN B 194 -37.08 21.32 -15.30
N VAL B 195 -37.77 22.28 -15.95
CA VAL B 195 -37.16 22.99 -17.04
C VAL B 195 -36.79 24.36 -16.60
N LYS B 196 -35.49 24.67 -16.71
CA LYS B 196 -34.94 25.88 -16.17
C LYS B 196 -34.99 26.88 -17.28
N TYR B 197 -34.68 28.16 -16.97
CA TYR B 197 -35.12 29.15 -17.87
C TYR B 197 -34.35 30.39 -17.58
N TYR B 198 -34.35 31.26 -18.60
CA TYR B 198 -33.96 32.62 -18.52
C TYR B 198 -34.25 33.07 -19.93
N CYS B 199 -34.26 34.39 -20.15
CA CYS B 199 -34.31 35.05 -21.42
C CYS B 199 -33.24 36.09 -21.32
N LYS B 200 -32.99 36.85 -22.40
CA LYS B 200 -32.09 37.98 -22.39
C LYS B 200 -32.52 38.99 -21.34
N CYS B 201 -33.85 39.21 -21.24
CA CYS B 201 -34.51 39.98 -20.20
C CYS B 201 -34.39 39.27 -18.86
N PRO B 202 -34.25 39.96 -17.73
CA PRO B 202 -34.30 39.40 -16.37
C PRO B 202 -35.31 38.32 -16.08
N ASP B 203 -34.86 37.22 -15.44
CA ASP B 203 -35.70 36.16 -14.94
C ASP B 203 -34.82 35.40 -13.97
N VAL B 204 -35.44 34.65 -13.04
CA VAL B 204 -34.79 33.79 -12.08
C VAL B 204 -34.36 32.55 -12.83
N ARG B 205 -33.21 31.95 -12.44
CA ARG B 205 -32.54 30.99 -13.27
C ARG B 205 -31.65 30.18 -12.37
N GLU B 206 -31.86 30.29 -11.04
CA GLU B 206 -31.24 29.47 -10.03
C GLU B 206 -32.37 28.90 -9.23
N GLY B 207 -32.17 27.69 -8.65
CA GLY B 207 -33.22 26.89 -8.06
C GLY B 207 -34.02 26.24 -9.15
N ILE B 208 -35.05 25.44 -8.78
CA ILE B 208 -36.05 24.99 -9.71
C ILE B 208 -36.85 26.18 -10.22
N THR B 209 -37.00 26.25 -11.56
CA THR B 209 -37.38 27.44 -12.28
C THR B 209 -38.17 26.92 -13.46
N SER B 210 -38.83 25.75 -13.26
CA SER B 210 -39.91 25.22 -14.06
C SER B 210 -41.18 25.96 -13.75
N SER B 211 -41.26 26.59 -12.56
CA SER B 211 -42.41 27.34 -12.11
C SER B 211 -42.15 28.82 -12.35
N ASP B 212 -40.97 29.16 -12.91
CA ASP B 212 -40.62 30.50 -13.28
C ASP B 212 -40.46 30.53 -14.77
N HIS B 213 -40.99 31.59 -15.41
CA HIS B 213 -40.71 31.89 -16.78
C HIS B 213 -40.52 33.37 -16.84
N THR B 214 -39.91 33.87 -17.94
CA THR B 214 -39.65 35.27 -18.15
C THR B 214 -40.94 35.97 -18.55
N THR B 215 -41.21 37.12 -17.90
CA THR B 215 -42.42 37.89 -18.06
C THR B 215 -42.09 39.23 -18.66
N THR B 216 -40.93 39.36 -19.34
CA THR B 216 -40.39 40.64 -19.73
C THR B 216 -39.82 40.55 -21.12
N CYS B 217 -39.65 39.32 -21.66
CA CYS B 217 -39.10 39.08 -22.97
C CYS B 217 -40.18 38.43 -23.77
N THR B 218 -40.22 38.77 -25.07
CA THR B 218 -41.22 38.31 -26.01
C THR B 218 -40.58 37.37 -26.97
N ASP B 219 -39.35 37.69 -27.45
CA ASP B 219 -38.65 36.92 -28.46
C ASP B 219 -38.28 35.57 -27.90
N VAL B 220 -38.70 34.52 -28.65
CA VAL B 220 -38.50 33.13 -28.33
C VAL B 220 -37.06 32.70 -28.49
N LYS B 221 -36.30 33.34 -29.42
CA LYS B 221 -35.00 32.88 -29.85
C LYS B 221 -33.90 33.43 -28.99
N GLN B 222 -34.24 33.99 -27.81
CA GLN B 222 -33.26 34.49 -26.89
C GLN B 222 -33.62 33.98 -25.53
N CYS B 223 -34.07 32.70 -25.45
CA CYS B 223 -34.49 32.12 -24.21
C CYS B 223 -34.04 30.68 -24.16
N ARG B 224 -34.08 30.07 -22.96
CA ARG B 224 -33.46 28.79 -22.70
C ARG B 224 -34.47 27.69 -22.67
N ALA B 225 -34.76 27.09 -23.85
CA ALA B 225 -35.57 25.88 -23.92
C ALA B 225 -34.80 24.77 -23.26
N TYR B 226 -35.38 24.08 -22.26
CA TYR B 226 -34.62 23.19 -21.41
C TYR B 226 -35.24 21.84 -21.39
N LEU B 227 -34.40 20.81 -21.11
CA LEU B 227 -34.88 19.49 -20.80
C LEU B 227 -33.99 19.03 -19.67
N ILE B 228 -34.27 19.30 -18.36
CA ILE B 228 -33.67 18.50 -17.29
C ILE B 228 -34.52 17.28 -17.14
N ASP B 229 -34.13 16.14 -17.77
CA ASP B 229 -34.97 14.98 -17.74
C ASP B 229 -34.57 14.21 -16.52
N ASN B 230 -35.48 14.20 -15.53
CA ASN B 230 -35.21 13.75 -14.18
C ASN B 230 -36.12 12.60 -13.90
N LYS B 231 -36.61 11.96 -14.98
CA LYS B 231 -37.36 10.74 -14.90
C LYS B 231 -37.01 9.97 -16.14
N LYS B 232 -36.36 10.64 -17.13
CA LYS B 232 -35.85 9.98 -18.30
C LYS B 232 -34.54 10.63 -18.64
N TRP B 233 -33.57 10.56 -17.70
CA TRP B 233 -32.22 11.08 -17.78
C TRP B 233 -31.53 10.77 -19.08
N VAL B 234 -31.24 11.83 -19.86
CA VAL B 234 -30.68 11.71 -21.17
C VAL B 234 -29.19 11.78 -21.07
N TYR B 235 -28.49 11.36 -22.15
CA TYR B 235 -27.07 11.53 -22.28
C TYR B 235 -26.66 12.96 -22.15
N ASN B 236 -25.56 13.15 -21.40
CA ASN B 236 -25.00 14.42 -21.08
C ASN B 236 -23.95 14.69 -22.12
N SER B 237 -24.34 15.38 -23.22
CA SER B 237 -23.46 15.69 -24.32
C SER B 237 -22.84 17.04 -24.06
N GLY B 238 -21.84 17.42 -24.88
CA GLY B 238 -21.27 18.75 -24.90
C GLY B 238 -22.16 19.68 -25.68
N ARG B 239 -23.07 19.08 -26.48
CA ARG B 239 -24.03 19.80 -27.26
C ARG B 239 -25.35 19.72 -26.53
N LEU B 240 -25.34 19.31 -25.23
CA LEU B 240 -26.48 19.40 -24.35
C LEU B 240 -25.94 19.99 -23.08
N PRO B 241 -25.93 21.31 -22.87
CA PRO B 241 -25.71 21.95 -21.57
C PRO B 241 -26.63 21.50 -20.45
N ARG B 242 -26.21 21.77 -19.19
CA ARG B 242 -26.81 21.34 -17.95
C ARG B 242 -27.45 22.52 -17.28
N GLY B 243 -28.34 22.24 -16.32
CA GLY B 243 -28.79 23.11 -15.27
C GLY B 243 -27.68 23.58 -14.37
N GLU B 244 -28.06 24.23 -13.26
CA GLU B 244 -27.14 25.01 -12.46
C GLU B 244 -27.79 25.35 -11.15
N GLY B 245 -29.07 24.96 -10.98
CA GLY B 245 -29.89 25.33 -9.85
C GLY B 245 -30.52 24.10 -9.30
N ASP B 246 -30.38 22.95 -10.00
CA ASP B 246 -31.14 21.74 -9.75
C ASP B 246 -30.10 20.69 -9.55
N THR B 247 -30.46 19.59 -8.84
CA THR B 247 -29.67 18.39 -8.82
C THR B 247 -30.61 17.23 -8.83
N PHE B 248 -30.29 16.23 -9.69
CA PHE B 248 -30.98 14.96 -9.77
C PHE B 248 -29.88 13.97 -9.95
N LYS B 249 -30.16 12.70 -9.58
CA LYS B 249 -29.23 11.61 -9.70
C LYS B 249 -29.85 10.65 -10.66
N GLY B 250 -29.05 10.16 -11.62
CA GLY B 250 -29.58 9.36 -12.68
C GLY B 250 -28.47 9.13 -13.65
N LYS B 251 -27.29 8.76 -13.11
CA LYS B 251 -26.14 8.18 -13.78
C LYS B 251 -26.54 6.86 -14.37
N LEU B 252 -26.29 6.64 -15.67
CA LEU B 252 -26.90 5.54 -16.40
C LEU B 252 -25.84 4.99 -17.28
N HIS B 253 -25.79 3.65 -17.35
CA HIS B 253 -24.71 2.84 -17.85
C HIS B 253 -24.42 3.08 -19.30
N VAL B 254 -23.36 2.40 -19.78
CA VAL B 254 -23.09 2.30 -21.19
C VAL B 254 -23.28 0.84 -21.56
N PRO B 255 -24.00 0.52 -22.63
CA PRO B 255 -24.21 -0.85 -23.06
C PRO B 255 -22.97 -1.54 -23.56
N PHE B 256 -22.05 -0.86 -24.29
CA PHE B 256 -21.03 -1.55 -25.04
C PHE B 256 -19.73 -1.15 -24.40
N VAL B 257 -18.97 -2.15 -23.93
CA VAL B 257 -17.69 -2.00 -23.26
C VAL B 257 -16.70 -2.74 -24.13
N PRO B 258 -15.53 -2.20 -24.51
CA PRO B 258 -14.48 -2.97 -25.12
C PRO B 258 -13.84 -3.80 -24.05
N VAL B 259 -13.76 -5.11 -24.27
CA VAL B 259 -13.28 -6.05 -23.30
C VAL B 259 -12.13 -6.69 -24.00
N LYS B 260 -11.24 -7.38 -23.25
CA LYS B 260 -10.06 -7.95 -23.84
C LYS B 260 -10.26 -9.42 -23.72
N ALA B 261 -10.07 -10.13 -24.85
CA ALA B 261 -10.03 -11.56 -24.90
C ALA B 261 -9.17 -11.82 -26.09
N LYS B 262 -9.47 -12.93 -26.82
CA LYS B 262 -8.97 -13.12 -28.16
C LYS B 262 -9.92 -12.42 -29.07
N CYS B 263 -9.62 -11.13 -29.34
CA CYS B 263 -10.22 -10.29 -30.34
C CYS B 263 -10.01 -10.95 -31.67
N ILE B 264 -11.01 -10.95 -32.57
CA ILE B 264 -10.67 -11.10 -33.98
C ILE B 264 -9.64 -10.06 -34.37
N ALA B 265 -8.53 -10.54 -34.94
CA ALA B 265 -7.30 -9.79 -34.96
C ALA B 265 -6.57 -10.11 -36.21
N THR B 266 -5.31 -9.66 -36.19
CA THR B 266 -4.42 -9.62 -37.30
C THR B 266 -3.11 -10.05 -36.70
N LEU B 267 -2.22 -10.55 -37.56
CA LEU B 267 -0.88 -10.85 -37.21
C LEU B 267 -0.22 -10.53 -38.51
N ALA B 268 0.82 -9.66 -38.46
CA ALA B 268 1.50 -9.17 -39.64
C ALA B 268 2.19 -10.33 -40.30
N PRO B 269 1.98 -10.62 -41.60
CA PRO B 269 2.40 -11.82 -42.30
C PRO B 269 3.68 -12.47 -41.87
N GLU B 270 3.56 -13.79 -41.63
CA GLU B 270 4.46 -14.68 -40.93
C GLU B 270 5.92 -14.31 -41.01
N PRO B 271 6.65 -14.18 -39.91
CA PRO B 271 8.07 -13.90 -39.96
C PRO B 271 8.74 -15.24 -40.03
N LEU B 272 9.98 -15.25 -40.56
CA LEU B 272 10.80 -16.41 -40.60
C LEU B 272 11.68 -16.29 -39.41
N VAL B 273 11.55 -17.26 -38.48
CA VAL B 273 12.29 -17.29 -37.26
C VAL B 273 13.06 -18.56 -37.39
N GLU B 274 14.38 -18.42 -37.59
CA GLU B 274 15.26 -19.54 -37.77
C GLU B 274 16.50 -19.16 -37.05
N HIS B 275 17.08 -20.15 -36.37
CA HIS B 275 18.25 -19.96 -35.56
C HIS B 275 19.32 -20.70 -36.31
N LYS B 276 20.38 -19.96 -36.67
CA LYS B 276 21.65 -20.49 -37.09
C LYS B 276 22.55 -20.34 -35.89
N HIS B 277 23.89 -20.42 -36.10
CA HIS B 277 24.87 -20.45 -35.04
C HIS B 277 24.89 -19.19 -34.22
N ARG B 278 24.24 -19.26 -33.02
CA ARG B 278 24.09 -18.21 -32.04
C ARG B 278 23.51 -16.93 -32.62
N THR B 279 22.62 -17.08 -33.63
CA THR B 279 22.11 -15.99 -34.42
C THR B 279 20.75 -16.38 -34.89
N LEU B 280 19.77 -15.48 -34.73
CA LEU B 280 18.47 -15.63 -35.30
C LEU B 280 18.62 -14.81 -36.54
N ILE B 281 18.80 -15.46 -37.71
CA ILE B 281 18.55 -14.81 -38.98
C ILE B 281 17.06 -14.69 -39.03
N LEU B 282 16.56 -13.52 -39.46
CA LEU B 282 15.15 -13.28 -39.43
C LEU B 282 14.80 -12.55 -40.67
N HIS B 283 14.33 -13.27 -41.71
CA HIS B 283 13.54 -12.68 -42.77
C HIS B 283 12.19 -12.27 -42.24
N LEU B 284 11.78 -11.02 -42.50
CA LEU B 284 10.63 -10.41 -41.87
C LEU B 284 9.96 -9.73 -43.01
N HIS B 285 8.62 -9.63 -42.95
CA HIS B 285 7.82 -9.27 -44.08
C HIS B 285 6.44 -9.01 -43.51
N PRO B 286 6.20 -7.86 -42.89
CA PRO B 286 4.95 -7.57 -42.20
C PRO B 286 3.99 -6.91 -43.16
N ASP B 287 2.81 -6.49 -42.61
CA ASP B 287 1.88 -5.60 -43.24
C ASP B 287 1.84 -4.47 -42.25
N HIS B 288 0.97 -4.59 -41.20
CA HIS B 288 0.74 -3.57 -40.21
C HIS B 288 1.98 -3.40 -39.35
N PRO B 289 2.30 -2.20 -38.83
CA PRO B 289 3.48 -1.96 -38.03
C PRO B 289 3.64 -2.87 -36.84
N THR B 290 4.75 -3.63 -36.81
CA THR B 290 5.04 -4.58 -35.79
C THR B 290 6.28 -4.09 -35.15
N LEU B 291 6.28 -3.86 -33.82
CA LEU B 291 7.47 -3.58 -33.06
C LEU B 291 8.08 -4.90 -32.80
N LEU B 292 9.20 -5.21 -33.49
CA LEU B 292 9.94 -6.37 -33.12
C LEU B 292 10.90 -5.85 -32.09
N THR B 293 11.18 -6.68 -31.08
CA THR B 293 11.97 -6.28 -29.96
C THR B 293 12.35 -7.57 -29.28
N THR B 294 13.38 -7.57 -28.41
CA THR B 294 13.94 -8.82 -27.91
C THR B 294 14.22 -8.64 -26.46
N ARG B 295 14.63 -9.76 -25.82
CA ARG B 295 15.03 -9.82 -24.45
C ARG B 295 16.02 -10.93 -24.49
N SER B 296 17.32 -10.58 -24.55
CA SER B 296 18.39 -11.54 -24.51
C SER B 296 18.39 -12.21 -23.17
N LEU B 297 18.08 -13.53 -23.18
CA LEU B 297 17.74 -14.32 -22.05
C LEU B 297 19.01 -14.81 -21.46
N GLY B 298 19.09 -14.75 -20.13
CA GLY B 298 20.09 -15.38 -19.33
C GLY B 298 20.43 -14.34 -18.33
N SER B 299 21.70 -14.36 -17.89
CA SER B 299 22.35 -13.31 -17.14
C SER B 299 22.34 -12.03 -17.93
N ASP B 300 22.47 -12.20 -19.27
CA ASP B 300 22.11 -11.35 -20.39
C ASP B 300 20.90 -10.45 -20.18
N ALA B 301 20.80 -9.40 -20.99
CA ALA B 301 19.71 -8.45 -20.96
C ALA B 301 19.42 -8.17 -22.39
N ASN B 302 20.37 -7.49 -23.09
CA ASN B 302 20.34 -7.04 -24.48
C ASN B 302 18.99 -6.99 -25.18
N PRO B 303 18.18 -5.96 -25.01
CA PRO B 303 16.98 -5.80 -25.79
C PRO B 303 17.38 -5.20 -27.11
N THR B 304 16.43 -5.12 -28.05
CA THR B 304 16.61 -4.48 -29.33
C THR B 304 15.26 -3.90 -29.53
N ARG B 305 15.15 -2.75 -30.21
CA ARG B 305 13.85 -2.28 -30.60
C ARG B 305 14.02 -1.77 -31.98
N GLN B 306 13.05 -2.16 -32.83
CA GLN B 306 12.92 -1.63 -34.15
C GLN B 306 11.54 -1.98 -34.57
N TRP B 307 10.73 -0.95 -34.91
CA TRP B 307 9.50 -1.12 -35.65
C TRP B 307 9.80 -1.66 -37.02
N ILE B 308 9.09 -2.73 -37.40
CA ILE B 308 9.26 -3.44 -38.64
C ILE B 308 7.89 -3.26 -39.23
N GLU B 309 7.86 -2.54 -40.37
CA GLU B 309 6.70 -2.30 -41.16
C GLU B 309 7.18 -2.31 -42.58
N ARG B 310 8.38 -2.90 -42.80
CA ARG B 310 9.03 -3.00 -44.06
C ARG B 310 9.68 -4.36 -44.05
N PRO B 311 9.73 -5.12 -45.14
CA PRO B 311 10.43 -6.39 -45.18
C PRO B 311 11.93 -6.21 -45.04
N THR B 312 12.54 -6.87 -44.03
CA THR B 312 13.94 -6.68 -43.70
C THR B 312 14.41 -7.97 -43.14
N THR B 313 15.56 -8.49 -43.64
CA THR B 313 16.25 -9.51 -42.92
C THR B 313 17.06 -8.80 -41.87
N VAL B 314 16.78 -9.09 -40.58
CA VAL B 314 17.44 -8.50 -39.44
C VAL B 314 18.12 -9.66 -38.80
N ASN B 315 18.85 -9.42 -37.70
CA ASN B 315 19.53 -10.47 -37.00
C ASN B 315 19.47 -10.07 -35.55
N PHE B 316 19.51 -11.06 -34.63
CA PHE B 316 19.56 -10.82 -33.22
C PHE B 316 20.41 -11.95 -32.73
N THR B 317 21.61 -11.60 -32.22
CA THR B 317 22.62 -12.51 -31.74
C THR B 317 22.23 -13.17 -30.46
N VAL B 318 21.61 -14.37 -30.60
CA VAL B 318 21.18 -15.23 -29.54
C VAL B 318 22.36 -15.68 -28.73
N THR B 319 22.28 -15.54 -27.39
CA THR B 319 23.35 -15.92 -26.49
C THR B 319 23.13 -17.35 -26.11
N GLY B 320 24.07 -17.93 -25.32
CA GLY B 320 24.03 -19.30 -24.88
C GLY B 320 22.80 -19.59 -24.06
N GLU B 321 22.35 -18.58 -23.31
CA GLU B 321 21.26 -18.69 -22.38
C GLU B 321 19.99 -18.21 -23.03
N GLY B 322 20.10 -17.79 -24.32
CA GLY B 322 18.99 -17.50 -25.19
C GLY B 322 18.83 -16.05 -25.45
N LEU B 323 17.87 -15.75 -26.35
CA LEU B 323 17.35 -14.50 -26.74
C LEU B 323 15.90 -14.77 -26.89
N GLU B 324 15.09 -13.71 -26.86
CA GLU B 324 13.66 -13.79 -27.01
C GLU B 324 13.41 -12.86 -28.13
N TYR B 325 12.25 -13.00 -28.77
CA TYR B 325 12.01 -12.40 -30.04
C TYR B 325 10.56 -12.14 -29.91
N THR B 326 10.12 -10.89 -30.15
CA THR B 326 8.81 -10.48 -29.77
C THR B 326 8.24 -9.79 -30.95
N TRP B 327 7.67 -10.58 -31.89
CA TRP B 327 7.13 -10.09 -33.14
C TRP B 327 5.81 -9.43 -32.88
N GLY B 328 5.83 -8.19 -32.38
CA GLY B 328 4.65 -7.47 -32.02
C GLY B 328 3.94 -8.04 -30.84
N ASN B 329 2.61 -7.89 -30.85
CA ASN B 329 1.74 -8.32 -29.78
C ASN B 329 1.37 -9.77 -30.01
N HIS B 330 2.03 -10.43 -31.00
CA HIS B 330 2.17 -11.85 -31.01
C HIS B 330 3.03 -12.23 -29.82
N PRO B 331 2.73 -13.25 -29.02
CA PRO B 331 3.43 -13.54 -27.77
C PRO B 331 4.92 -13.70 -27.95
N PRO B 332 5.81 -13.31 -27.04
CA PRO B 332 7.25 -13.45 -27.19
C PRO B 332 7.67 -14.88 -27.44
N LYS B 333 8.45 -15.12 -28.51
CA LYS B 333 9.02 -16.41 -28.84
C LYS B 333 10.36 -16.42 -28.18
N ARG B 334 11.06 -17.57 -28.21
CA ARG B 334 12.34 -17.71 -27.54
C ARG B 334 13.16 -18.70 -28.30
N VAL B 335 14.49 -18.58 -28.13
CA VAL B 335 15.49 -19.25 -28.90
C VAL B 335 16.63 -19.43 -27.94
N TRP B 336 17.23 -20.63 -27.74
CA TRP B 336 18.44 -20.74 -26.94
C TRP B 336 19.57 -20.68 -27.92
N ALA B 337 20.83 -20.68 -27.45
CA ALA B 337 21.88 -20.97 -28.38
C ALA B 337 22.90 -21.82 -27.72
N GLN B 338 23.74 -22.36 -28.60
CA GLN B 338 25.01 -22.96 -28.34
C GLN B 338 25.61 -23.12 -29.71
N GLU B 339 24.79 -22.81 -30.75
CA GLU B 339 25.01 -22.89 -32.16
C GLU B 339 23.62 -23.19 -32.67
N SER B 340 23.51 -23.40 -34.00
CA SER B 340 22.45 -24.14 -34.64
C SER B 340 22.84 -24.17 -36.10
N GLY B 341 24.17 -24.16 -36.35
CA GLY B 341 24.73 -24.21 -37.68
C GLY B 341 25.12 -25.64 -37.96
N GLU B 342 25.18 -26.45 -36.88
CA GLU B 342 25.30 -27.88 -36.84
C GLU B 342 26.72 -28.31 -37.03
N GLY B 343 27.26 -28.94 -35.97
CA GLY B 343 28.45 -29.73 -36.03
C GLY B 343 29.53 -29.02 -35.30
N ASN B 344 29.61 -29.30 -33.97
CA ASN B 344 30.75 -28.96 -33.17
C ASN B 344 31.17 -30.33 -32.67
N PRO B 345 32.24 -30.93 -33.17
CA PRO B 345 33.01 -31.98 -32.50
C PRO B 345 33.23 -31.76 -31.03
N HIS B 346 33.00 -32.80 -30.23
CA HIS B 346 32.97 -32.75 -28.80
C HIS B 346 32.57 -34.16 -28.42
N GLY B 347 32.95 -35.15 -29.25
CA GLY B 347 32.74 -36.54 -29.00
C GLY B 347 33.93 -37.35 -29.40
N TRP B 348 33.70 -38.66 -29.64
CA TRP B 348 34.70 -39.65 -29.95
C TRP B 348 34.24 -40.35 -31.20
N PRO B 349 34.71 -39.99 -32.40
CA PRO B 349 34.59 -40.76 -33.64
C PRO B 349 34.60 -42.27 -33.53
N HIS B 350 33.62 -42.90 -34.18
CA HIS B 350 33.34 -44.31 -34.06
C HIS B 350 32.19 -44.62 -34.98
N GLU B 351 31.68 -43.61 -35.71
CA GLU B 351 30.59 -43.76 -36.63
C GLU B 351 31.05 -43.12 -37.94
N TYR C 1 15.96 74.77 -24.10
CA TYR C 1 15.03 75.85 -24.49
C TYR C 1 14.07 75.42 -25.57
N GLU C 2 14.54 74.64 -26.57
CA GLU C 2 13.70 74.24 -27.68
C GLU C 2 13.99 72.80 -27.97
N HIS C 3 13.25 71.89 -27.29
CA HIS C 3 13.57 70.49 -27.17
C HIS C 3 13.24 69.68 -28.40
N THR C 4 14.20 69.65 -29.34
CA THR C 4 14.30 68.70 -30.41
C THR C 4 14.38 67.29 -29.86
N ALA C 5 13.82 66.31 -30.59
CA ALA C 5 13.92 64.94 -30.19
C ALA C 5 13.61 64.15 -31.41
N VAL C 6 14.62 63.38 -31.86
CA VAL C 6 14.48 62.35 -32.85
C VAL C 6 14.57 61.07 -32.06
N MET C 7 13.62 60.93 -31.12
CA MET C 7 13.61 59.90 -30.13
C MET C 7 12.71 58.81 -30.66
N PRO C 8 12.91 57.52 -30.35
CA PRO C 8 12.19 56.38 -30.90
C PRO C 8 10.69 56.54 -30.94
N ASN C 9 10.04 56.09 -32.04
CA ASN C 9 8.60 56.16 -32.20
C ASN C 9 7.88 55.45 -31.12
N LYS C 10 6.70 55.96 -30.74
CA LYS C 10 5.92 55.29 -29.74
C LYS C 10 4.53 55.70 -30.02
N VAL C 11 3.60 54.81 -29.67
CA VAL C 11 2.32 54.75 -30.31
C VAL C 11 1.45 53.94 -29.38
N GLY C 12 2.08 53.28 -28.38
CA GLY C 12 1.47 52.22 -27.63
C GLY C 12 1.36 52.67 -26.22
N ILE C 13 2.25 53.60 -25.81
CA ILE C 13 2.31 54.08 -24.47
C ILE C 13 3.29 55.24 -24.52
N PRO C 14 2.82 56.47 -24.71
CA PRO C 14 3.62 57.67 -24.93
C PRO C 14 4.84 57.86 -24.09
N TYR C 15 5.89 58.49 -24.67
CA TYR C 15 7.15 58.66 -24.01
C TYR C 15 7.26 60.12 -23.83
N LYS C 16 8.21 60.52 -22.99
CA LYS C 16 8.25 61.81 -22.39
C LYS C 16 9.68 62.21 -22.35
N ALA C 17 9.91 63.52 -22.23
CA ALA C 17 11.22 64.09 -22.23
C ALA C 17 11.04 65.44 -21.61
N LEU C 18 12.14 66.19 -21.39
CA LEU C 18 12.11 67.41 -20.62
C LEU C 18 12.90 68.48 -21.31
N VAL C 19 12.28 69.68 -21.48
CA VAL C 19 12.94 70.87 -21.97
C VAL C 19 13.56 71.47 -20.75
N GLU C 20 14.91 71.46 -20.64
CA GLU C 20 15.54 72.08 -19.50
C GLU C 20 15.53 73.55 -19.74
N ARG C 21 15.24 74.33 -18.67
CA ARG C 21 15.24 75.76 -18.78
C ARG C 21 15.71 76.22 -17.44
N PRO C 22 16.64 77.16 -17.33
CA PRO C 22 17.07 77.65 -16.03
C PRO C 22 16.57 79.07 -15.85
N GLY C 23 16.20 79.78 -16.94
CA GLY C 23 15.60 81.09 -16.86
C GLY C 23 14.19 80.96 -16.41
N TYR C 24 13.50 79.92 -16.90
CA TYR C 24 12.15 79.60 -16.56
C TYR C 24 12.24 78.23 -15.99
N ALA C 25 11.10 77.71 -15.49
CA ALA C 25 10.97 76.36 -15.00
C ALA C 25 11.11 75.43 -16.18
N PRO C 26 11.78 74.28 -16.09
CA PRO C 26 11.79 73.22 -17.09
C PRO C 26 10.40 72.75 -17.33
N VAL C 27 10.12 72.34 -18.57
CA VAL C 27 8.81 72.02 -19.02
C VAL C 27 8.90 70.74 -19.78
N HIS C 28 7.87 69.92 -19.57
CA HIS C 28 7.70 68.58 -20.05
C HIS C 28 7.40 68.57 -21.53
N LEU C 29 7.73 67.43 -22.15
CA LEU C 29 7.31 67.02 -23.45
C LEU C 29 6.72 65.67 -23.19
N GLN C 30 5.64 65.34 -23.89
CA GLN C 30 5.24 63.98 -24.10
C GLN C 30 5.32 63.93 -25.57
N ILE C 31 6.30 63.19 -26.12
CA ILE C 31 6.55 63.19 -27.51
C ILE C 31 5.98 61.87 -27.89
N GLN C 32 4.81 61.92 -28.56
CA GLN C 32 4.07 60.75 -28.92
C GLN C 32 4.14 60.73 -30.41
N LEU C 33 4.90 59.78 -30.98
CA LEU C 33 5.04 59.65 -32.40
C LEU C 33 4.09 58.60 -32.88
N VAL C 34 2.80 58.76 -32.46
CA VAL C 34 1.71 57.84 -32.61
C VAL C 34 1.41 57.58 -34.05
N ASN C 35 1.40 58.65 -34.87
CA ASN C 35 1.25 58.54 -36.28
C ASN C 35 2.60 58.83 -36.83
N THR C 36 3.11 57.82 -37.56
CA THR C 36 4.34 57.85 -38.28
C THR C 36 3.90 57.61 -39.71
N ARG C 37 2.57 57.79 -39.97
CA ARG C 37 1.89 57.62 -41.23
C ARG C 37 2.49 58.43 -42.34
N ILE C 38 1.99 58.17 -43.56
CA ILE C 38 2.60 58.54 -44.81
C ILE C 38 1.39 59.06 -45.55
N ILE C 39 1.59 59.89 -46.59
CA ILE C 39 0.53 60.30 -47.49
C ILE C 39 1.23 60.31 -48.83
N PRO C 40 1.54 59.15 -49.42
CA PRO C 40 2.12 59.09 -50.75
C PRO C 40 1.21 59.62 -51.83
N SER C 41 1.83 60.15 -52.91
CA SER C 41 1.16 60.43 -54.15
C SER C 41 1.50 59.20 -54.92
N THR C 42 0.48 58.49 -55.44
CA THR C 42 0.68 57.13 -55.87
C THR C 42 -0.15 56.92 -57.10
N ASN C 43 -0.02 55.73 -57.71
CA ASN C 43 -0.70 55.34 -58.92
C ASN C 43 -0.87 53.86 -58.78
N LEU C 44 -2.12 53.37 -58.97
CA LEU C 44 -2.43 51.96 -59.05
C LEU C 44 -1.90 51.44 -60.36
N GLU C 45 -0.87 50.56 -60.29
CA GLU C 45 -0.16 50.10 -61.44
C GLU C 45 -0.84 48.85 -61.92
N TYR C 46 -1.12 47.92 -60.99
CA TYR C 46 -1.90 46.76 -61.32
C TYR C 46 -2.31 46.10 -60.05
N ILE C 47 -3.57 45.60 -59.98
CA ILE C 47 -3.94 44.62 -58.99
C ILE C 47 -3.33 43.33 -59.48
N THR C 48 -2.84 42.49 -58.55
CA THR C 48 -2.56 41.10 -58.82
C THR C 48 -3.31 40.39 -57.74
N CYS C 49 -3.37 39.06 -57.85
CA CYS C 49 -4.27 38.22 -57.11
C CYS C 49 -4.31 37.01 -57.97
N LYS C 50 -4.86 35.89 -57.43
CA LYS C 50 -5.03 34.71 -58.21
C LYS C 50 -6.09 34.95 -59.24
N TYR C 51 -5.82 34.45 -60.44
CA TYR C 51 -6.66 34.51 -61.59
C TYR C 51 -7.97 33.80 -61.38
N LYS C 52 -8.85 33.94 -62.39
CA LYS C 52 -9.88 32.99 -62.65
C LYS C 52 -9.94 32.94 -64.13
N THR C 53 -9.62 31.76 -64.69
CA THR C 53 -9.77 31.46 -66.08
C THR C 53 -11.23 31.26 -66.41
N LYS C 54 -12.00 32.37 -66.48
CA LYS C 54 -13.39 32.42 -66.82
C LYS C 54 -13.37 32.40 -68.32
N VAL C 55 -13.20 31.19 -68.90
CA VAL C 55 -12.81 31.05 -70.28
C VAL C 55 -13.85 31.61 -71.23
N PRO C 56 -13.48 32.33 -72.30
CA PRO C 56 -14.35 32.56 -73.43
C PRO C 56 -14.64 31.25 -74.08
N SER C 57 -15.81 31.14 -74.74
CA SER C 57 -16.31 29.89 -75.26
C SER C 57 -15.53 29.61 -76.50
N PRO C 58 -14.82 28.49 -76.66
CA PRO C 58 -13.83 28.34 -77.72
C PRO C 58 -14.33 28.59 -79.12
N VAL C 59 -13.60 29.42 -79.87
CA VAL C 59 -13.86 29.72 -81.26
C VAL C 59 -13.24 28.61 -82.08
N VAL C 60 -13.82 27.38 -81.97
CA VAL C 60 -13.35 26.17 -82.63
C VAL C 60 -13.54 26.25 -84.11
N LYS C 61 -12.41 26.13 -84.83
CA LYS C 61 -12.38 25.98 -86.25
C LYS C 61 -11.65 24.68 -86.40
N CYS C 62 -12.28 23.70 -87.08
CA CYS C 62 -11.85 22.32 -87.05
C CYS C 62 -11.06 22.00 -88.28
N CYS C 63 -11.23 22.77 -89.37
CA CYS C 63 -10.51 22.55 -90.60
C CYS C 63 -10.68 23.78 -91.43
N GLY C 64 -10.00 23.82 -92.61
CA GLY C 64 -10.10 24.91 -93.56
C GLY C 64 -9.34 26.09 -93.03
N ALA C 65 -8.18 25.80 -92.38
CA ALA C 65 -7.41 26.66 -91.52
C ALA C 65 -8.09 26.75 -90.19
N THR C 66 -7.30 26.85 -89.09
CA THR C 66 -7.84 27.08 -87.76
C THR C 66 -7.85 28.56 -87.55
N GLN C 67 -9.00 29.09 -87.09
CA GLN C 67 -9.24 30.47 -86.81
C GLN C 67 -9.70 30.50 -85.39
N CYS C 68 -9.03 31.33 -84.56
CA CYS C 68 -9.40 31.56 -83.20
C CYS C 68 -9.48 33.06 -83.13
N THR C 69 -10.71 33.61 -82.99
CA THR C 69 -10.91 35.04 -82.86
C THR C 69 -10.87 35.39 -81.41
N SER C 70 -10.22 36.54 -81.10
CA SER C 70 -9.99 37.01 -79.76
C SER C 70 -11.17 37.79 -79.29
N LYS C 71 -11.38 37.79 -77.95
CA LYS C 71 -12.46 38.47 -77.28
C LYS C 71 -11.76 39.17 -76.14
N PRO C 72 -12.32 40.24 -75.55
CA PRO C 72 -11.67 41.10 -74.56
C PRO C 72 -10.92 40.39 -73.45
N HIS C 73 -9.71 40.93 -73.09
CA HIS C 73 -8.77 40.50 -72.09
C HIS C 73 -7.47 40.21 -72.79
N PRO C 74 -6.54 41.17 -72.95
CA PRO C 74 -5.23 40.94 -73.55
C PRO C 74 -4.44 39.86 -72.86
N ASP C 75 -3.75 39.03 -73.67
CA ASP C 75 -3.05 37.81 -73.34
C ASP C 75 -4.13 36.77 -73.36
N TYR C 76 -4.30 36.15 -74.56
CA TYR C 76 -5.40 35.30 -74.89
C TYR C 76 -4.77 33.99 -75.31
N GLN C 77 -4.95 32.94 -74.48
CA GLN C 77 -4.44 31.62 -74.75
C GLN C 77 -5.46 30.86 -75.55
N CYS C 78 -5.03 30.29 -76.71
CA CYS C 78 -5.90 29.50 -77.52
C CYS C 78 -4.98 28.47 -78.13
N GLN C 79 -5.38 27.18 -78.09
CA GLN C 79 -4.58 26.08 -78.62
C GLN C 79 -5.50 25.05 -79.20
N VAL C 80 -5.32 24.73 -80.50
CA VAL C 80 -5.96 23.62 -81.17
C VAL C 80 -5.47 22.29 -80.62
N PHE C 81 -6.34 21.26 -80.64
CA PHE C 81 -5.98 19.89 -80.30
C PHE C 81 -6.78 19.05 -81.25
N THR C 82 -6.15 17.95 -81.74
CA THR C 82 -6.81 17.03 -82.63
C THR C 82 -6.86 15.70 -81.91
N GLY C 83 -7.36 14.66 -82.60
CA GLY C 83 -7.48 13.30 -82.12
C GLY C 83 -8.65 13.16 -81.18
N VAL C 84 -9.46 14.23 -81.06
CA VAL C 84 -10.62 14.29 -80.22
C VAL C 84 -11.72 14.87 -81.07
N TYR C 85 -12.86 14.15 -81.16
CA TYR C 85 -13.96 14.53 -82.01
C TYR C 85 -15.04 14.91 -81.04
N PRO C 86 -15.76 16.02 -81.16
CA PRO C 86 -16.43 16.61 -80.03
C PRO C 86 -17.74 15.90 -79.81
N PHE C 87 -18.02 15.51 -78.57
CA PHE C 87 -19.23 14.85 -78.16
C PHE C 87 -19.69 15.68 -77.02
N MET C 88 -20.99 15.57 -76.69
CA MET C 88 -21.62 16.27 -75.59
C MET C 88 -22.90 15.55 -75.31
N TRP C 89 -23.29 14.60 -76.19
CA TRP C 89 -24.36 13.69 -75.93
C TRP C 89 -24.17 12.55 -76.91
N GLY C 90 -23.12 12.65 -77.77
CA GLY C 90 -22.81 11.74 -78.82
C GLY C 90 -22.63 12.57 -80.06
N GLY C 91 -22.61 13.91 -79.90
CA GLY C 91 -22.87 14.89 -80.93
C GLY C 91 -21.71 15.13 -81.85
N ALA C 92 -21.78 16.27 -82.57
CA ALA C 92 -20.71 16.74 -83.39
C ALA C 92 -21.00 18.19 -83.63
N TYR C 93 -19.96 18.93 -84.04
CA TYR C 93 -20.10 20.28 -84.50
C TYR C 93 -18.96 20.54 -85.42
N CYS C 94 -17.90 19.71 -85.34
CA CYS C 94 -16.78 19.79 -86.24
C CYS C 94 -17.19 19.41 -87.62
N PHE C 95 -16.49 20.02 -88.58
CA PHE C 95 -16.95 20.13 -89.92
C PHE C 95 -15.94 19.57 -90.86
N CYS C 96 -15.22 18.54 -90.40
CA CYS C 96 -14.41 17.73 -91.26
C CYS C 96 -14.44 16.37 -90.65
N ASP C 97 -14.24 15.36 -91.53
CA ASP C 97 -14.21 13.96 -91.18
C ASP C 97 -12.79 13.52 -91.41
N THR C 98 -11.93 14.46 -91.88
CA THR C 98 -10.51 14.28 -92.04
C THR C 98 -9.79 15.05 -90.96
N GLU C 99 -10.52 15.82 -90.11
CA GLU C 99 -9.94 16.44 -88.95
C GLU C 99 -10.96 16.30 -87.85
N ASN C 100 -10.54 15.72 -86.71
CA ASN C 100 -11.33 15.66 -85.51
C ASN C 100 -10.66 16.58 -84.55
N THR C 101 -11.24 17.78 -84.34
CA THR C 101 -10.63 18.85 -83.58
C THR C 101 -11.42 19.19 -82.35
N GLN C 102 -10.70 19.56 -81.26
CA GLN C 102 -11.34 20.20 -80.14
C GLN C 102 -10.30 21.25 -79.88
N MET C 103 -10.71 22.52 -79.97
CA MET C 103 -9.87 23.67 -79.85
C MET C 103 -10.26 24.32 -78.56
N SER C 104 -9.35 24.28 -77.56
CA SER C 104 -9.54 24.80 -76.24
C SER C 104 -9.07 26.23 -76.25
N GLU C 105 -9.81 27.13 -75.56
CA GLU C 105 -9.56 28.55 -75.56
C GLU C 105 -9.76 29.01 -74.14
N ALA C 106 -8.87 29.90 -73.64
CA ALA C 106 -8.94 30.39 -72.27
C ALA C 106 -8.35 31.77 -72.16
N TYR C 107 -9.03 32.71 -71.45
CA TYR C 107 -8.42 33.96 -71.07
C TYR C 107 -8.54 34.04 -69.59
N VAL C 108 -7.72 34.92 -69.00
CA VAL C 108 -7.69 35.22 -67.60
C VAL C 108 -8.63 36.38 -67.41
N GLU C 109 -9.32 36.39 -66.26
CA GLU C 109 -10.22 37.40 -65.85
C GLU C 109 -10.03 37.38 -64.36
N ARG C 110 -10.21 38.52 -63.67
CA ARG C 110 -10.12 38.56 -62.23
C ARG C 110 -11.07 37.60 -61.56
N SER C 111 -10.53 36.92 -60.53
CA SER C 111 -11.26 36.11 -59.59
C SER C 111 -12.25 36.99 -58.87
N GLU C 112 -13.34 36.39 -58.38
CA GLU C 112 -14.26 37.07 -57.52
C GLU C 112 -13.61 37.30 -56.18
N GLU C 113 -12.60 36.44 -55.81
CA GLU C 113 -11.78 36.65 -54.65
C GLU C 113 -10.80 37.80 -54.84
N CYS C 114 -10.48 38.20 -56.11
CA CYS C 114 -9.69 39.39 -56.37
C CYS C 114 -10.33 40.64 -55.85
N SER C 115 -11.68 40.70 -55.88
CA SER C 115 -12.45 41.83 -55.41
C SER C 115 -12.29 42.05 -53.92
N ILE C 116 -12.12 40.93 -53.17
CA ILE C 116 -12.23 40.93 -51.74
C ILE C 116 -11.15 40.01 -51.23
N ASP C 117 -10.07 40.64 -50.71
CA ASP C 117 -8.86 40.04 -50.20
C ASP C 117 -7.96 39.88 -51.38
N HIS C 118 -6.99 40.80 -51.58
CA HIS C 118 -6.23 40.78 -52.80
C HIS C 118 -4.98 41.58 -52.63
N ALA C 119 -4.00 41.27 -53.50
CA ALA C 119 -2.77 41.98 -53.65
C ALA C 119 -2.99 43.21 -54.52
N LYS C 120 -2.11 44.23 -54.37
CA LYS C 120 -2.32 45.53 -54.97
C LYS C 120 -0.97 46.18 -55.09
N ALA C 121 -0.52 46.40 -56.35
CA ALA C 121 0.73 47.05 -56.64
C ALA C 121 0.53 48.54 -56.64
N TYR C 122 1.63 49.31 -56.58
CA TYR C 122 1.60 50.75 -56.53
C TYR C 122 2.93 51.25 -57.04
N LYS C 123 2.88 52.39 -57.76
CA LYS C 123 4.02 53.24 -57.99
C LYS C 123 3.89 54.30 -56.92
N VAL C 124 4.85 54.35 -55.97
CA VAL C 124 4.79 55.09 -54.74
C VAL C 124 5.80 56.20 -54.84
N HIS C 125 5.33 57.45 -54.72
CA HIS C 125 6.16 58.63 -54.63
C HIS C 125 5.90 59.19 -53.27
N THR C 126 6.79 60.12 -52.82
CA THR C 126 6.82 60.64 -51.47
C THR C 126 5.54 61.37 -51.16
N GLY C 127 5.05 62.21 -52.09
CA GLY C 127 3.82 62.95 -51.98
C GLY C 127 3.75 63.92 -50.83
N THR C 128 2.51 64.17 -50.34
CA THR C 128 2.14 65.30 -49.53
C THR C 128 2.01 64.85 -48.09
N VAL C 129 3.12 64.27 -47.59
CA VAL C 129 3.29 63.54 -46.36
C VAL C 129 3.06 64.37 -45.12
N GLN C 130 2.55 63.70 -44.04
CA GLN C 130 2.13 64.33 -42.83
C GLN C 130 2.15 63.29 -41.75
N ALA C 131 2.18 63.77 -40.48
CA ALA C 131 2.20 62.96 -39.30
C ALA C 131 1.82 63.90 -38.21
N MET C 132 1.18 63.37 -37.14
CA MET C 132 0.79 64.18 -36.01
C MET C 132 1.47 63.59 -34.83
N VAL C 133 1.79 64.48 -33.87
CA VAL C 133 2.68 64.20 -32.78
C VAL C 133 2.14 65.02 -31.65
N ASN C 134 2.06 64.40 -30.46
CA ASN C 134 1.79 65.06 -29.21
C ASN C 134 3.07 65.65 -28.69
N ILE C 135 2.98 66.88 -28.15
CA ILE C 135 3.92 67.44 -27.24
C ILE C 135 3.05 67.91 -26.10
N THR C 136 3.17 67.36 -24.87
CA THR C 136 2.55 68.00 -23.72
C THR C 136 3.41 69.20 -23.40
N TYR C 137 2.84 70.37 -23.03
CA TYR C 137 3.69 71.53 -22.93
C TYR C 137 3.10 72.50 -21.96
N GLY C 138 4.02 73.19 -21.24
CA GLY C 138 3.83 74.38 -20.45
C GLY C 138 3.49 73.94 -19.07
N SER C 139 2.18 73.95 -18.77
CA SER C 139 1.59 73.25 -17.67
C SER C 139 0.18 72.95 -18.09
N VAL C 140 -0.18 73.33 -19.35
CA VAL C 140 -1.39 72.96 -20.06
C VAL C 140 -1.38 71.46 -20.26
N SER C 141 -0.17 70.95 -20.57
CA SER C 141 0.19 69.56 -20.64
C SER C 141 -0.63 68.75 -21.60
N TRP C 142 -0.65 69.24 -22.87
CA TRP C 142 -1.23 68.58 -24.00
C TRP C 142 -1.27 69.62 -25.09
N ARG C 143 -0.74 69.25 -26.27
CA ARG C 143 -1.08 69.86 -27.52
C ARG C 143 -0.58 68.89 -28.55
N SER C 144 -1.42 68.50 -29.53
CA SER C 144 -1.00 67.55 -30.54
C SER C 144 -1.22 68.08 -31.92
N ALA C 145 -0.18 68.74 -32.50
CA ALA C 145 -0.27 69.41 -33.77
C ALA C 145 -0.02 68.39 -34.83
N ASP C 146 -0.50 68.70 -36.05
CA ASP C 146 -0.34 67.87 -37.20
C ASP C 146 0.16 68.80 -38.26
N VAL C 147 1.37 68.50 -38.79
CA VAL C 147 2.01 69.33 -39.77
C VAL C 147 2.65 68.37 -40.70
N TYR C 148 3.01 68.89 -41.90
CA TYR C 148 3.67 68.17 -42.95
C TYR C 148 5.02 67.68 -42.52
N VAL C 149 5.35 66.45 -42.97
CA VAL C 149 6.58 65.79 -42.66
C VAL C 149 7.47 66.13 -43.80
N ASN C 150 8.28 67.16 -43.56
CA ASN C 150 9.21 67.79 -44.47
C ASN C 150 9.52 69.10 -43.81
N GLY C 151 9.22 69.23 -42.49
CA GLY C 151 9.15 70.48 -41.77
C GLY C 151 8.04 71.33 -42.33
N GLU C 152 8.44 72.45 -42.98
CA GLU C 152 7.67 73.21 -43.94
C GLU C 152 6.79 74.22 -43.26
N THR C 153 5.70 73.77 -42.61
CA THR C 153 4.75 74.63 -41.97
C THR C 153 4.76 74.25 -40.52
N PRO C 154 5.36 75.01 -39.60
CA PRO C 154 5.12 74.94 -38.17
C PRO C 154 3.66 75.19 -37.82
N ALA C 155 3.16 74.62 -36.69
CA ALA C 155 1.86 75.00 -36.21
C ALA C 155 1.91 75.05 -34.73
N LYS C 156 1.39 76.16 -34.14
CA LYS C 156 1.37 76.38 -32.73
C LYS C 156 -0.01 76.05 -32.27
N ILE C 157 -0.09 74.93 -31.51
CA ILE C 157 -1.27 74.44 -30.88
C ILE C 157 -0.83 74.48 -29.44
N GLY C 158 -1.66 75.00 -28.52
CA GLY C 158 -1.24 75.31 -27.17
C GLY C 158 -0.01 76.17 -27.08
N ASP C 159 0.75 75.98 -25.98
CA ASP C 159 1.99 76.66 -25.68
C ASP C 159 3.09 76.46 -26.69
N ALA C 160 3.30 75.22 -27.20
CA ALA C 160 4.44 74.95 -28.07
C ALA C 160 4.01 75.04 -29.50
N LYS C 161 4.98 75.35 -30.38
CA LYS C 161 4.88 75.37 -31.81
C LYS C 161 5.64 74.15 -32.19
N LEU C 162 5.07 73.25 -33.03
CA LEU C 162 5.58 71.92 -33.15
C LEU C 162 5.65 71.65 -34.61
N ILE C 163 6.85 71.15 -34.98
CA ILE C 163 7.27 70.85 -36.31
C ILE C 163 7.58 69.39 -36.23
N ILE C 164 7.07 68.64 -37.22
CA ILE C 164 7.09 67.20 -37.25
C ILE C 164 7.78 66.99 -38.55
N GLY C 165 8.63 65.93 -38.61
CA GLY C 165 9.39 65.61 -39.79
C GLY C 165 10.57 66.55 -39.80
N PRO C 166 11.41 66.66 -40.82
CA PRO C 166 11.38 65.99 -42.10
C PRO C 166 11.34 64.48 -42.11
N LEU C 167 10.98 63.95 -43.30
CA LEU C 167 10.88 62.57 -43.75
C LEU C 167 11.40 61.53 -42.79
N SER C 168 10.46 60.84 -42.11
CA SER C 168 10.66 59.82 -41.12
C SER C 168 9.28 59.47 -40.68
N SER C 169 8.34 59.58 -41.64
CA SER C 169 6.92 59.48 -41.48
C SER C 169 6.43 60.06 -42.78
N ALA C 170 7.05 59.55 -43.86
CA ALA C 170 6.93 60.06 -45.20
C ALA C 170 7.49 59.04 -46.13
N TRP C 171 8.08 57.97 -45.56
CA TRP C 171 8.59 56.86 -46.29
C TRP C 171 8.35 55.70 -45.38
N SER C 172 7.99 54.55 -45.96
CA SER C 172 8.02 53.27 -45.32
C SER C 172 9.09 52.57 -46.10
N PRO C 173 9.45 51.31 -45.89
CA PRO C 173 10.51 50.66 -46.63
C PRO C 173 10.13 50.30 -48.04
N PHE C 174 9.08 50.95 -48.62
CA PHE C 174 8.74 50.89 -50.02
C PHE C 174 9.84 51.33 -50.94
N ASP C 175 9.87 50.67 -52.12
CA ASP C 175 10.61 51.07 -53.29
C ASP C 175 9.63 51.89 -54.08
N ASN C 176 10.04 52.41 -55.27
CA ASN C 176 9.14 53.10 -56.16
C ASN C 176 8.03 52.16 -56.57
N LYS C 177 8.38 50.94 -57.01
CA LYS C 177 7.39 49.95 -57.31
C LYS C 177 7.32 48.98 -56.17
N VAL C 178 6.10 48.68 -55.70
CA VAL C 178 5.86 47.79 -54.59
C VAL C 178 4.64 47.02 -54.96
N VAL C 179 4.62 45.71 -54.61
CA VAL C 179 3.43 44.91 -54.67
C VAL C 179 3.09 44.65 -53.25
N VAL C 180 1.81 44.44 -52.91
CA VAL C 180 1.41 44.34 -51.53
C VAL C 180 0.52 43.16 -51.58
N TYR C 181 0.62 42.28 -50.57
CA TYR C 181 -0.11 41.05 -50.53
C TYR C 181 -0.34 40.86 -49.06
N GLY C 182 -1.53 41.28 -48.62
CA GLY C 182 -1.95 41.09 -47.26
C GLY C 182 -1.41 42.25 -46.50
N HIS C 183 -1.18 42.04 -45.20
CA HIS C 183 -0.44 42.95 -44.34
C HIS C 183 0.95 43.24 -44.86
N GLU C 184 1.58 42.22 -45.46
CA GLU C 184 2.94 42.22 -45.88
C GLU C 184 3.09 42.91 -47.22
N VAL C 185 3.90 43.99 -47.25
CA VAL C 185 4.13 44.83 -48.40
C VAL C 185 5.47 44.38 -48.86
N TYR C 186 5.57 44.15 -50.19
CA TYR C 186 6.64 43.45 -50.82
C TYR C 186 7.23 44.40 -51.79
N ASN C 187 8.54 44.65 -51.57
CA ASN C 187 9.33 45.59 -52.32
C ASN C 187 9.74 44.90 -53.58
N TYR C 188 8.82 44.92 -54.58
CA TYR C 188 8.84 44.08 -55.73
C TYR C 188 8.72 45.07 -56.84
N ASP C 189 9.81 45.20 -57.63
CA ASP C 189 9.87 46.08 -58.76
C ASP C 189 9.38 45.39 -60.00
N PHE C 190 8.91 46.23 -60.94
CA PHE C 190 8.44 45.80 -62.23
C PHE C 190 8.60 47.01 -63.13
N PRO C 191 8.77 46.88 -64.44
CA PRO C 191 9.00 48.03 -65.31
C PRO C 191 7.65 48.49 -65.80
N GLU C 192 6.88 49.15 -64.89
CA GLU C 192 5.57 49.71 -65.12
C GLU C 192 4.56 48.63 -65.47
N TYR C 193 3.30 49.02 -65.71
CA TYR C 193 2.31 48.18 -66.36
C TYR C 193 2.72 47.80 -67.76
N GLY C 194 2.36 46.56 -68.17
CA GLY C 194 2.46 46.11 -69.54
C GLY C 194 3.52 45.06 -69.62
N THR C 195 3.76 44.36 -68.50
CA THR C 195 4.90 43.49 -68.33
C THR C 195 4.37 42.25 -67.69
N GLY C 196 5.17 41.16 -67.77
CA GLY C 196 4.71 39.82 -67.48
C GLY C 196 5.58 39.36 -66.37
N LYS C 197 4.96 38.79 -65.30
CA LYS C 197 5.67 38.40 -64.12
C LYS C 197 5.00 37.15 -63.61
N ALA C 198 4.91 36.11 -64.48
CA ALA C 198 4.27 34.85 -64.18
C ALA C 198 4.94 34.11 -63.06
N GLY C 199 4.12 33.47 -62.20
CA GLY C 199 4.58 32.75 -61.03
C GLY C 199 5.15 33.65 -59.97
N SER C 200 4.72 34.93 -59.93
CA SER C 200 5.16 35.88 -58.94
C SER C 200 4.05 36.88 -58.84
N PHE C 201 4.41 38.13 -58.49
CA PHE C 201 3.51 39.24 -58.40
C PHE C 201 3.48 39.90 -59.74
N GLY C 202 2.25 40.11 -60.25
CA GLY C 202 2.03 40.71 -61.54
C GLY C 202 1.90 39.63 -62.55
N ASP C 203 1.56 38.39 -62.11
CA ASP C 203 1.16 37.34 -63.00
C ASP C 203 -0.17 37.73 -63.63
N LEU C 204 -1.12 38.17 -62.79
CA LEU C 204 -2.31 38.89 -63.17
C LEU C 204 -1.97 40.34 -63.01
N GLN C 205 -2.33 41.19 -63.99
CA GLN C 205 -2.11 42.61 -63.87
C GLN C 205 -3.31 43.23 -64.50
N SER C 206 -4.30 43.60 -63.65
CA SER C 206 -5.47 44.32 -64.05
C SER C 206 -5.35 45.74 -63.57
N ARG C 207 -5.73 46.72 -64.43
CA ARG C 207 -5.77 48.11 -64.05
C ARG C 207 -7.19 48.51 -63.71
N THR C 208 -8.13 47.54 -63.70
CA THR C 208 -9.48 47.81 -63.25
C THR C 208 -9.99 46.57 -62.57
N SER C 209 -10.78 46.78 -61.48
CA SER C 209 -11.37 45.71 -60.72
C SER C 209 -12.59 45.24 -61.46
N THR C 210 -12.87 43.92 -61.37
CA THR C 210 -13.93 43.21 -62.06
C THR C 210 -13.64 43.32 -63.53
N SER C 211 -12.42 42.88 -63.90
CA SER C 211 -11.74 43.18 -65.14
C SER C 211 -12.47 42.78 -66.38
N ASN C 212 -12.22 43.57 -67.44
CA ASN C 212 -12.69 43.36 -68.78
C ASN C 212 -11.47 43.43 -69.65
N ASP C 213 -10.33 43.88 -69.05
CA ASP C 213 -9.05 43.89 -69.70
C ASP C 213 -8.01 43.80 -68.62
N LEU C 214 -6.87 43.15 -68.96
CA LEU C 214 -5.76 43.00 -68.06
C LEU C 214 -4.59 42.61 -68.91
N TYR C 215 -3.45 42.27 -68.29
CA TYR C 215 -2.30 41.69 -68.93
C TYR C 215 -2.09 40.51 -68.04
N ALA C 216 -2.20 39.28 -68.59
CA ALA C 216 -2.13 38.08 -67.81
C ALA C 216 -1.08 37.17 -68.36
N ASN C 217 0.20 37.40 -67.97
CA ASN C 217 1.23 36.39 -68.11
C ASN C 217 1.14 35.61 -66.82
N THR C 218 0.28 34.57 -66.80
CA THR C 218 0.07 33.70 -65.67
C THR C 218 0.67 32.34 -65.90
N ASN C 219 1.29 32.12 -67.10
CA ASN C 219 1.84 30.86 -67.54
C ASN C 219 0.69 29.90 -67.80
N LEU C 220 -0.35 30.40 -68.52
CA LEU C 220 -1.53 29.66 -68.88
C LEU C 220 -1.23 28.73 -70.02
N LYS C 221 -1.36 27.41 -69.77
CA LYS C 221 -1.07 26.35 -70.70
C LYS C 221 -2.25 25.42 -70.77
N LEU C 222 -2.91 25.40 -71.96
CA LEU C 222 -3.97 24.48 -72.31
C LEU C 222 -3.39 23.12 -72.60
N GLN C 223 -4.13 22.05 -72.26
CA GLN C 223 -3.77 20.68 -72.54
C GLN C 223 -4.91 20.02 -73.27
N ARG C 224 -4.64 18.82 -73.84
CA ARG C 224 -5.56 18.07 -74.67
C ARG C 224 -6.75 17.58 -73.85
N PRO C 225 -8.01 17.75 -74.26
CA PRO C 225 -9.15 17.20 -73.55
C PRO C 225 -9.47 15.84 -74.12
N GLN C 226 -8.66 14.81 -73.76
CA GLN C 226 -8.65 13.50 -74.34
C GLN C 226 -9.95 12.74 -74.23
N ALA C 227 -10.30 12.02 -75.32
CA ALA C 227 -11.32 11.01 -75.46
C ALA C 227 -12.57 11.61 -76.04
N GLY C 228 -12.42 12.69 -76.84
CA GLY C 228 -13.51 13.31 -77.58
C GLY C 228 -14.35 14.17 -76.69
N ILE C 229 -13.77 14.63 -75.56
CA ILE C 229 -14.41 15.49 -74.60
C ILE C 229 -14.20 16.91 -75.02
N VAL C 230 -15.21 17.77 -74.79
CA VAL C 230 -15.15 19.18 -75.06
C VAL C 230 -15.02 19.79 -73.70
N HIS C 231 -13.79 20.26 -73.37
CA HIS C 231 -13.56 21.06 -72.20
C HIS C 231 -12.24 21.73 -72.40
N THR C 232 -11.90 22.69 -71.49
CA THR C 232 -10.68 23.44 -71.57
C THR C 232 -10.02 23.20 -70.23
N PRO C 233 -8.91 22.47 -70.12
CA PRO C 233 -8.15 22.38 -68.89
C PRO C 233 -7.16 23.52 -68.89
N PHE C 234 -7.04 24.24 -67.76
CA PHE C 234 -6.10 25.32 -67.55
C PHE C 234 -5.04 24.96 -66.53
N THR C 235 -3.76 24.88 -67.00
CA THR C 235 -2.60 24.64 -66.16
C THR C 235 -1.89 25.97 -66.00
N GLN C 236 -1.72 26.46 -64.75
CA GLN C 236 -1.33 27.83 -64.48
C GLN C 236 -0.43 27.83 -63.28
N ALA C 237 0.60 28.73 -63.28
CA ALA C 237 1.50 28.96 -62.18
C ALA C 237 0.79 29.67 -61.04
N PRO C 238 0.87 29.25 -59.77
CA PRO C 238 0.49 29.98 -58.57
C PRO C 238 0.81 31.46 -58.53
N SER C 239 0.04 32.24 -57.74
CA SER C 239 -0.11 33.66 -57.93
C SER C 239 0.36 34.36 -56.69
N GLY C 240 0.25 35.71 -56.73
CA GLY C 240 0.37 36.59 -55.59
C GLY C 240 -0.87 36.64 -54.73
N PHE C 241 -1.70 35.57 -54.77
CA PHE C 241 -2.69 35.32 -53.75
C PHE C 241 -2.94 33.85 -53.82
N GLU C 242 -1.85 33.08 -53.61
CA GLU C 242 -1.90 31.66 -53.45
C GLU C 242 -0.69 31.31 -52.62
N ARG C 243 0.36 32.17 -52.70
CA ARG C 243 1.41 32.23 -51.73
C ARG C 243 2.10 33.56 -51.88
N TRP C 244 3.39 33.62 -51.47
CA TRP C 244 4.24 34.77 -51.26
C TRP C 244 4.08 35.33 -49.88
N LYS C 245 3.69 34.49 -48.89
CA LYS C 245 3.66 34.83 -47.49
C LYS C 245 4.57 33.89 -46.76
N ARG C 246 5.26 33.03 -47.52
CA ARG C 246 6.27 32.11 -47.06
C ARG C 246 7.11 31.76 -48.25
N ASP C 247 6.73 32.32 -49.42
CA ASP C 247 7.56 32.46 -50.60
C ASP C 247 7.84 33.94 -50.68
N LYS C 248 7.79 34.61 -49.50
CA LYS C 248 7.87 36.02 -49.29
C LYS C 248 9.15 36.63 -49.79
N GLY C 249 9.07 37.90 -50.25
CA GLY C 249 10.20 38.74 -50.61
C GLY C 249 10.65 39.38 -49.34
N ALA C 250 10.24 40.64 -49.15
CA ALA C 250 10.56 41.42 -47.98
C ALA C 250 9.21 41.61 -47.37
N PRO C 251 8.81 40.91 -46.31
CA PRO C 251 7.45 40.95 -45.84
C PRO C 251 7.38 42.07 -44.85
N LEU C 252 6.88 43.27 -45.25
CA LEU C 252 6.93 44.46 -44.45
C LEU C 252 6.16 44.44 -43.15
N ASN C 253 5.11 43.60 -43.00
CA ASN C 253 4.49 43.42 -41.69
C ASN C 253 5.32 42.49 -40.82
N ASP C 254 6.50 42.04 -41.29
CA ASP C 254 7.42 41.26 -40.50
C ASP C 254 8.83 41.78 -40.60
N VAL C 255 9.08 42.85 -41.40
CA VAL C 255 10.40 43.46 -41.51
C VAL C 255 10.17 44.91 -41.76
N ALA C 256 11.17 45.77 -41.47
CA ALA C 256 11.10 47.17 -41.77
C ALA C 256 12.33 47.80 -41.18
N PRO C 257 13.24 48.36 -41.97
CA PRO C 257 14.24 49.29 -41.47
C PRO C 257 13.65 50.66 -41.19
N PHE C 258 12.31 50.80 -41.22
CA PHE C 258 11.64 52.00 -40.81
C PHE C 258 11.07 51.75 -39.43
N GLY C 259 11.05 50.48 -39.01
CA GLY C 259 10.87 50.10 -37.64
C GLY C 259 9.43 50.05 -37.27
N CYS C 260 8.61 49.75 -38.29
CA CYS C 260 7.19 49.93 -38.30
C CYS C 260 6.67 48.62 -38.78
N SER C 261 5.33 48.48 -38.82
CA SER C 261 4.76 47.35 -39.50
C SER C 261 3.77 48.01 -40.41
N ILE C 262 3.33 47.26 -41.42
CA ILE C 262 2.72 47.85 -42.59
C ILE C 262 1.55 46.93 -42.83
N ALA C 263 0.49 47.40 -43.54
CA ALA C 263 -0.67 46.58 -43.88
C ALA C 263 -0.90 46.65 -45.36
N LEU C 264 -2.05 46.12 -45.84
CA LEU C 264 -2.55 46.29 -47.20
C LEU C 264 -2.91 47.74 -47.40
N GLU C 265 -2.05 48.47 -48.13
CA GLU C 265 -2.00 49.92 -48.02
C GLU C 265 -1.38 50.44 -49.29
N PRO C 266 -1.62 51.70 -49.67
CA PRO C 266 -0.90 52.38 -50.74
C PRO C 266 0.42 52.87 -50.19
N LEU C 267 0.67 52.53 -48.91
CA LEU C 267 1.86 52.64 -48.11
C LEU C 267 1.66 53.68 -47.07
N ARG C 268 1.48 53.20 -45.82
CA ARG C 268 1.31 53.96 -44.61
C ARG C 268 2.24 53.22 -43.67
N ALA C 269 2.53 53.77 -42.47
CA ALA C 269 3.40 53.09 -41.53
C ALA C 269 2.84 52.98 -40.15
N GLU C 270 2.16 51.84 -39.91
CA GLU C 270 1.49 51.47 -38.68
C GLU C 270 2.52 51.27 -37.59
N ASN C 271 2.13 51.52 -36.32
CA ASN C 271 2.65 50.86 -35.14
C ASN C 271 4.15 50.82 -35.07
N CYS C 272 4.79 52.01 -35.02
CA CYS C 272 6.21 52.11 -35.07
C CYS C 272 6.71 52.26 -33.67
N ALA C 273 7.78 51.49 -33.32
CA ALA C 273 8.34 51.50 -32.00
C ALA C 273 9.70 52.11 -32.04
N VAL C 274 10.23 52.31 -33.27
CA VAL C 274 11.43 53.05 -33.57
C VAL C 274 11.13 53.43 -34.99
N GLY C 275 11.87 54.40 -35.56
CA GLY C 275 11.68 54.90 -36.90
C GLY C 275 11.68 56.39 -36.78
N SER C 276 12.08 56.88 -35.58
CA SER C 276 12.10 58.20 -35.02
C SER C 276 11.76 59.34 -35.94
N ILE C 277 10.66 60.05 -35.62
CA ILE C 277 10.25 61.23 -36.35
C ILE C 277 11.08 62.32 -35.69
N PRO C 278 11.79 63.19 -36.39
CA PRO C 278 12.59 64.22 -35.76
C PRO C 278 11.67 65.35 -35.47
N ILE C 279 11.48 65.60 -34.16
CA ILE C 279 10.51 66.52 -33.67
C ILE C 279 11.29 67.72 -33.32
N SER C 280 10.70 68.89 -33.58
CA SER C 280 11.36 70.13 -33.35
C SER C 280 10.25 70.98 -32.91
N ILE C 281 10.49 71.76 -31.83
CA ILE C 281 9.47 72.59 -31.28
C ILE C 281 10.11 73.93 -31.22
N ASP C 282 9.30 74.97 -31.45
CA ASP C 282 9.65 76.34 -31.25
C ASP C 282 8.79 76.72 -30.09
N ILE C 283 9.42 76.80 -28.91
CA ILE C 283 8.74 77.10 -27.68
C ILE C 283 9.37 78.39 -27.22
N PRO C 284 8.68 79.52 -27.37
CA PRO C 284 9.03 80.79 -26.75
C PRO C 284 9.23 80.72 -25.28
N ASP C 285 9.75 81.83 -24.72
CA ASP C 285 9.95 82.02 -23.31
C ASP C 285 8.64 82.00 -22.56
N ALA C 286 7.56 82.43 -23.28
CA ALA C 286 6.16 82.42 -22.90
C ALA C 286 5.61 81.05 -22.66
N ALA C 287 6.09 80.05 -23.45
CA ALA C 287 5.60 78.69 -23.43
C ALA C 287 5.95 77.99 -22.15
N PHE C 288 7.00 78.48 -21.45
CA PHE C 288 7.39 78.02 -20.14
C PHE C 288 6.66 78.84 -19.12
N THR C 289 6.65 78.34 -17.87
CA THR C 289 6.29 79.13 -16.73
C THR C 289 7.61 79.46 -16.10
N ARG C 290 7.77 80.75 -15.71
CA ARG C 290 8.98 81.38 -15.24
C ARG C 290 9.47 80.86 -13.93
N ILE C 291 10.79 80.99 -13.67
CA ILE C 291 11.52 80.39 -12.57
C ILE C 291 11.03 80.79 -11.21
N SER C 292 10.60 82.06 -11.05
CA SER C 292 10.22 82.61 -9.77
C SER C 292 8.72 82.72 -9.69
N GLU C 293 8.03 82.34 -10.79
CA GLU C 293 6.59 82.31 -10.88
C GLU C 293 6.19 80.87 -10.81
N THR C 294 7.20 80.03 -10.52
CA THR C 294 7.13 78.64 -10.21
C THR C 294 8.05 78.60 -9.01
N PRO C 295 8.08 77.54 -8.25
CA PRO C 295 9.05 77.35 -7.19
C PRO C 295 10.43 77.20 -7.80
N THR C 296 11.50 77.46 -7.04
CA THR C 296 12.83 77.06 -7.43
C THR C 296 13.22 76.21 -6.29
N VAL C 297 13.28 74.88 -6.55
CA VAL C 297 13.13 73.90 -5.51
C VAL C 297 14.47 73.62 -4.93
N SER C 298 14.56 73.84 -3.61
CA SER C 298 15.79 73.88 -2.89
C SER C 298 15.43 73.30 -1.56
N ASP C 299 16.12 72.21 -1.16
CA ASP C 299 15.86 71.39 0.00
C ASP C 299 14.93 70.25 -0.31
N LEU C 300 14.95 69.76 -1.58
CA LEU C 300 14.13 68.63 -1.97
C LEU C 300 14.91 67.37 -1.75
N GLU C 301 14.20 66.24 -1.60
CA GLU C 301 14.79 64.94 -1.47
C GLU C 301 13.74 64.04 -1.99
N CYS C 302 14.13 62.94 -2.68
CA CYS C 302 13.18 62.03 -3.25
C CYS C 302 13.50 60.65 -2.77
N LYS C 303 12.42 59.89 -2.54
CA LYS C 303 12.45 58.52 -2.11
C LYS C 303 11.20 57.98 -2.72
N ILE C 304 11.16 56.66 -3.03
CA ILE C 304 9.95 56.02 -3.46
C ILE C 304 8.83 56.08 -2.46
N THR C 305 7.61 55.98 -3.02
CA THR C 305 6.40 55.70 -2.30
C THR C 305 6.15 54.29 -2.74
N GLU C 306 6.44 54.01 -4.04
CA GLU C 306 6.56 52.70 -4.63
C GLU C 306 6.64 52.85 -6.12
N CYS C 307 7.86 52.67 -6.69
CA CYS C 307 8.08 52.71 -8.12
C CYS C 307 7.63 51.37 -8.66
N THR C 308 7.47 51.25 -10.01
CA THR C 308 7.12 50.03 -10.66
C THR C 308 8.12 49.85 -11.76
N TYR C 309 8.65 48.62 -11.88
CA TYR C 309 9.75 48.31 -12.75
C TYR C 309 9.15 47.71 -13.97
N ALA C 310 9.19 48.47 -15.06
CA ALA C 310 8.37 48.22 -16.20
C ALA C 310 8.27 49.56 -16.81
N SER C 311 8.25 49.56 -18.16
CA SER C 311 8.25 50.73 -18.98
C SER C 311 6.80 50.86 -19.29
N ASP C 312 6.04 51.19 -18.23
CA ASP C 312 4.66 51.50 -18.27
C ASP C 312 4.46 52.23 -16.97
N PHE C 313 3.47 53.15 -16.97
CA PHE C 313 3.24 54.07 -15.88
C PHE C 313 2.69 53.37 -14.68
N GLY C 314 3.01 53.91 -13.48
CA GLY C 314 2.56 53.35 -12.23
C GLY C 314 3.60 53.56 -11.17
N GLY C 315 4.87 53.83 -11.57
CA GLY C 315 5.93 54.08 -10.63
C GLY C 315 5.70 55.40 -9.97
N ILE C 316 5.82 55.47 -8.63
CA ILE C 316 5.63 56.71 -7.93
C ILE C 316 6.77 56.85 -6.97
N ALA C 317 7.01 58.11 -6.55
CA ALA C 317 8.07 58.45 -5.65
C ALA C 317 7.69 59.79 -5.17
N THR C 318 7.53 59.94 -3.83
CA THR C 318 7.37 61.22 -3.19
C THR C 318 8.64 61.99 -3.30
N VAL C 319 8.51 63.32 -3.25
CA VAL C 319 9.65 64.16 -3.24
C VAL C 319 9.24 65.12 -2.19
N ALA C 320 10.02 65.20 -1.09
CA ALA C 320 9.83 66.14 -0.01
C ALA C 320 10.31 67.48 -0.48
N TYR C 321 9.44 68.20 -1.24
CA TYR C 321 9.72 69.49 -1.81
C TYR C 321 9.79 70.54 -0.75
N LYS C 322 10.34 71.69 -1.16
CA LYS C 322 10.66 72.84 -0.35
C LYS C 322 11.47 73.62 -1.32
N SER C 323 11.28 74.96 -1.37
CA SER C 323 11.75 75.77 -2.46
C SER C 323 12.22 77.07 -1.89
N SER C 324 11.88 78.18 -2.58
CA SER C 324 12.21 79.51 -2.15
C SER C 324 11.30 80.46 -2.90
N LYS C 325 10.49 79.93 -3.84
CA LYS C 325 9.38 80.61 -4.45
C LYS C 325 8.30 79.59 -4.45
N ALA C 326 7.07 80.01 -4.85
CA ALA C 326 5.97 79.09 -4.95
C ALA C 326 5.23 79.42 -6.21
N GLY C 327 4.50 78.42 -6.76
CA GLY C 327 3.74 78.57 -7.95
C GLY C 327 3.38 77.19 -8.42
N ASN C 328 3.22 77.06 -9.76
CA ASN C 328 2.96 75.83 -10.48
C ASN C 328 4.33 75.28 -10.74
N CYS C 329 4.49 73.99 -11.09
CA CYS C 329 5.82 73.49 -11.22
C CYS C 329 5.75 72.35 -12.19
N PRO C 330 6.11 72.54 -13.46
CA PRO C 330 6.23 71.46 -14.41
C PRO C 330 7.38 70.55 -14.05
N ILE C 331 7.26 69.25 -14.35
CA ILE C 331 8.26 68.26 -14.07
C ILE C 331 8.41 67.45 -15.29
N HIS C 332 9.61 66.86 -15.48
CA HIS C 332 9.84 65.80 -16.40
C HIS C 332 11.24 65.36 -16.19
N SER C 333 11.52 64.09 -16.49
CA SER C 333 12.85 63.57 -16.53
C SER C 333 13.47 63.98 -17.86
N PRO C 334 14.78 64.29 -17.92
CA PRO C 334 15.53 64.71 -19.10
C PRO C 334 15.14 64.20 -20.46
N SER C 335 15.00 62.87 -20.66
CA SER C 335 14.54 62.34 -21.92
C SER C 335 13.63 61.21 -21.59
N GLY C 336 13.68 60.13 -22.41
CA GLY C 336 12.89 58.94 -22.25
C GLY C 336 13.50 58.01 -21.25
N VAL C 337 14.59 58.45 -20.55
CA VAL C 337 15.33 57.74 -19.53
C VAL C 337 14.40 57.32 -18.42
N ALA C 338 13.49 58.23 -18.07
CA ALA C 338 12.38 57.94 -17.22
C ALA C 338 11.36 58.71 -17.96
N VAL C 339 10.19 58.09 -18.08
CA VAL C 339 9.13 58.70 -18.79
C VAL C 339 8.16 58.91 -17.70
N ILE C 340 7.65 60.15 -17.59
CA ILE C 340 7.03 60.58 -16.38
C ILE C 340 5.63 60.76 -16.85
N LYS C 341 4.57 60.35 -16.10
CA LYS C 341 3.24 60.52 -16.60
C LYS C 341 2.86 61.92 -16.27
N GLU C 342 3.17 62.32 -15.01
CA GLU C 342 2.98 63.66 -14.54
C GLU C 342 3.84 64.61 -15.29
N ASN C 343 3.18 65.46 -16.07
CA ASN C 343 3.76 66.57 -16.75
C ASN C 343 3.97 67.68 -15.77
N ASP C 344 3.15 67.70 -14.70
CA ASP C 344 3.14 68.76 -13.72
C ASP C 344 3.04 68.09 -12.39
N VAL C 345 3.70 68.67 -11.38
CA VAL C 345 3.70 68.22 -10.02
C VAL C 345 3.27 69.44 -9.28
N THR C 346 2.35 69.25 -8.31
CA THR C 346 1.94 70.34 -7.45
C THR C 346 3.05 70.43 -6.44
N LEU C 347 3.36 71.65 -5.97
CA LEU C 347 4.46 71.85 -5.08
C LEU C 347 3.99 72.80 -4.04
N ALA C 348 4.19 72.41 -2.76
CA ALA C 348 4.11 73.29 -1.63
C ALA C 348 5.43 73.16 -0.94
N GLU C 349 5.86 74.26 -0.29
CA GLU C 349 7.12 74.32 0.38
C GLU C 349 7.05 73.60 1.70
N SER C 350 7.88 72.54 1.84
CA SER C 350 8.11 71.71 3.02
C SER C 350 7.22 70.50 2.99
N GLY C 351 6.36 70.37 1.95
CA GLY C 351 5.51 69.23 1.74
C GLY C 351 6.25 68.07 1.15
N SER C 352 5.49 67.11 0.61
CA SER C 352 6.02 65.97 -0.10
C SER C 352 4.94 65.61 -1.08
N PHE C 353 5.33 65.28 -2.33
CA PHE C 353 4.38 65.11 -3.40
C PHE C 353 4.92 64.05 -4.29
N THR C 354 4.11 62.99 -4.47
CA THR C 354 4.40 61.92 -5.37
C THR C 354 4.09 62.41 -6.75
N PHE C 355 4.87 61.94 -7.74
CA PHE C 355 4.57 62.13 -9.13
C PHE C 355 4.52 60.75 -9.71
N HIS C 356 4.13 60.63 -11.00
CA HIS C 356 3.98 59.33 -11.64
C HIS C 356 5.03 59.23 -12.69
N PHE C 357 5.48 57.99 -12.97
CA PHE C 357 6.51 57.74 -13.93
C PHE C 357 6.53 56.29 -14.32
N SER C 358 7.53 55.95 -15.14
CA SER C 358 7.80 54.67 -15.69
C SER C 358 9.29 54.65 -15.89
N THR C 359 9.89 53.46 -15.73
CA THR C 359 11.31 53.27 -15.71
C THR C 359 11.59 52.10 -16.61
N ALA C 360 12.85 51.90 -17.02
CA ALA C 360 13.22 50.73 -17.79
C ALA C 360 14.12 49.90 -16.92
N ASN C 361 14.19 50.21 -15.62
CA ASN C 361 15.07 49.52 -14.71
C ASN C 361 14.48 49.58 -13.35
N ILE C 362 15.00 48.70 -12.48
CA ILE C 362 14.47 48.39 -11.18
C ILE C 362 14.86 49.46 -10.18
N HIS C 363 15.87 50.28 -10.53
CA HIS C 363 16.31 51.36 -9.71
C HIS C 363 15.82 52.60 -10.42
N PRO C 364 15.04 53.48 -9.82
CA PRO C 364 14.52 54.65 -10.50
C PRO C 364 15.49 55.78 -10.28
N ALA C 365 16.71 55.75 -10.87
CA ALA C 365 17.63 56.83 -10.68
C ALA C 365 17.64 57.71 -11.90
N PHE C 366 16.53 58.46 -12.06
CA PHE C 366 16.31 59.46 -13.06
C PHE C 366 16.26 60.78 -12.38
N LYS C 367 16.90 61.80 -12.99
CA LYS C 367 16.68 63.16 -12.56
C LYS C 367 15.28 63.55 -12.96
N LEU C 368 14.66 64.46 -12.18
CA LEU C 368 13.35 64.98 -12.43
C LEU C 368 13.52 66.45 -12.29
N GLN C 369 13.13 67.24 -13.32
CA GLN C 369 13.48 68.64 -13.36
C GLN C 369 12.23 69.37 -12.97
N VAL C 370 12.21 69.59 -11.65
CA VAL C 370 11.19 70.15 -10.85
C VAL C 370 11.40 71.63 -10.78
N CYS C 371 10.86 72.36 -11.78
CA CYS C 371 10.83 73.81 -11.87
C CYS C 371 12.11 74.50 -11.48
N THR C 372 13.22 74.01 -12.06
CA THR C 372 14.58 74.44 -11.90
C THR C 372 15.06 73.76 -10.67
N SER C 373 15.12 72.39 -10.74
CA SER C 373 15.73 71.60 -9.71
C SER C 373 15.68 70.16 -10.13
N ALA C 374 16.87 69.54 -10.24
CA ALA C 374 16.99 68.13 -10.51
C ALA C 374 16.84 67.40 -9.21
N VAL C 375 16.43 66.12 -9.26
CA VAL C 375 16.47 65.29 -8.08
C VAL C 375 16.37 63.89 -8.62
N THR C 376 17.18 62.98 -8.02
CA THR C 376 17.18 61.58 -8.35
C THR C 376 16.09 61.00 -7.51
N CYS C 377 15.09 60.38 -8.15
CA CYS C 377 14.00 59.77 -7.42
C CYS C 377 14.22 58.31 -7.27
N LYS C 378 15.39 58.00 -6.66
CA LYS C 378 15.90 56.71 -6.29
C LYS C 378 14.98 56.02 -5.32
N GLY C 379 14.99 54.67 -5.37
CA GLY C 379 14.27 53.88 -4.43
C GLY C 379 14.13 52.50 -4.99
N ASP C 380 12.93 51.94 -4.81
CA ASP C 380 12.61 50.56 -5.07
C ASP C 380 11.49 50.52 -6.07
N CYS C 381 11.63 49.69 -7.14
CA CYS C 381 10.68 49.62 -8.21
C CYS C 381 10.22 48.19 -8.25
N LYS C 382 8.94 47.93 -7.90
CA LYS C 382 8.45 46.58 -7.79
C LYS C 382 7.78 46.32 -9.12
N PRO C 383 8.25 45.44 -9.99
CA PRO C 383 7.62 45.15 -11.28
C PRO C 383 6.19 44.67 -11.14
N PRO C 384 5.33 44.83 -12.16
CA PRO C 384 4.01 44.21 -12.20
C PRO C 384 4.10 42.75 -12.59
N LYS C 385 5.18 42.05 -12.16
CA LYS C 385 5.58 40.70 -12.43
C LYS C 385 6.04 40.39 -13.84
N ASP C 386 5.61 41.17 -14.85
CA ASP C 386 5.53 40.65 -16.20
C ASP C 386 4.76 41.71 -16.92
N HIS C 387 5.36 42.19 -18.03
CA HIS C 387 4.91 43.38 -18.70
C HIS C 387 4.40 42.78 -19.97
N ILE C 388 3.13 43.09 -20.35
CA ILE C 388 2.59 42.67 -21.62
C ILE C 388 2.19 43.85 -22.43
N VAL C 389 2.50 45.09 -21.92
CA VAL C 389 2.19 46.35 -22.57
C VAL C 389 3.01 46.33 -23.83
N ASP C 390 2.47 46.79 -24.98
CA ASP C 390 2.93 46.37 -26.29
C ASP C 390 4.30 46.90 -26.64
N TYR C 391 4.68 48.04 -26.01
CA TYR C 391 5.89 48.77 -26.29
C TYR C 391 6.31 49.42 -25.00
N PRO C 392 7.52 49.99 -24.93
CA PRO C 392 8.01 50.48 -23.66
C PRO C 392 7.56 51.91 -23.59
N ALA C 393 7.20 52.40 -22.39
CA ALA C 393 6.86 53.78 -22.13
C ALA C 393 8.02 54.67 -22.40
N GLN C 394 9.25 54.16 -22.10
CA GLN C 394 10.49 54.88 -22.19
C GLN C 394 10.73 55.33 -23.60
N HIS C 395 10.49 54.40 -24.54
CA HIS C 395 10.37 54.50 -25.98
C HIS C 395 11.22 53.48 -26.66
N THR C 396 12.11 52.81 -25.90
CA THR C 396 13.00 51.81 -26.45
C THR C 396 13.69 51.20 -25.25
N GLU C 397 13.09 51.38 -24.05
CA GLU C 397 13.62 50.97 -22.77
C GLU C 397 14.79 51.83 -22.41
N SER C 398 14.69 53.16 -22.61
CA SER C 398 15.74 54.06 -22.20
C SER C 398 15.75 54.12 -20.70
N PHE C 399 16.87 53.64 -20.13
CA PHE C 399 17.13 53.45 -18.73
C PHE C 399 17.26 54.76 -18.02
N THR C 400 16.80 54.80 -16.74
CA THR C 400 16.71 55.98 -15.92
C THR C 400 18.08 56.62 -15.65
N ASP D 1 -37.14 29.79 -53.55
CA ASP D 1 -36.83 29.54 -54.98
C ASP D 1 -37.68 30.47 -55.81
N LEU D 2 -37.07 31.54 -56.35
CA LEU D 2 -37.75 32.44 -57.25
C LEU D 2 -36.68 33.11 -58.06
N ASP D 3 -37.06 33.58 -59.27
CA ASP D 3 -36.15 34.08 -60.28
C ASP D 3 -36.59 35.48 -60.53
N THR D 4 -35.63 36.45 -60.50
CA THR D 4 -35.96 37.86 -60.63
C THR D 4 -35.12 38.50 -61.69
N HIS D 5 -33.81 38.16 -61.79
CA HIS D 5 -32.94 38.75 -62.79
C HIS D 5 -32.99 37.84 -63.98
N PHE D 6 -33.95 38.15 -64.88
CA PHE D 6 -34.18 37.52 -66.15
C PHE D 6 -33.15 37.86 -67.19
N THR D 7 -32.19 38.73 -66.83
CA THR D 7 -30.94 38.94 -67.54
C THR D 7 -30.26 37.63 -67.84
N GLN D 8 -29.98 36.78 -66.83
CA GLN D 8 -29.40 35.49 -67.13
C GLN D 8 -30.47 34.55 -67.64
N TYR D 9 -31.57 34.37 -66.86
CA TYR D 9 -32.50 33.28 -67.09
C TYR D 9 -33.22 33.19 -68.41
N LYS D 10 -34.02 34.25 -68.73
CA LYS D 10 -34.83 34.35 -69.93
C LYS D 10 -34.02 34.35 -71.19
N LEU D 11 -32.84 35.00 -71.12
CA LEU D 11 -32.00 35.28 -72.25
C LEU D 11 -30.98 34.19 -72.19
N ALA D 12 -31.46 32.93 -72.09
CA ALA D 12 -30.63 31.79 -72.00
C ALA D 12 -31.46 30.58 -72.26
N ARG D 13 -30.73 29.48 -72.51
CA ARG D 13 -31.24 28.17 -72.74
C ARG D 13 -30.13 27.35 -72.21
N PRO D 14 -30.35 26.13 -71.74
CA PRO D 14 -29.29 25.26 -71.27
C PRO D 14 -28.48 24.82 -72.45
N TYR D 15 -27.15 24.72 -72.29
CA TYR D 15 -26.27 24.41 -73.38
C TYR D 15 -25.58 23.15 -73.00
N ILE D 16 -25.72 22.15 -73.90
CA ILE D 16 -25.17 20.82 -73.78
C ILE D 16 -23.67 20.90 -73.79
N ALA D 17 -23.05 19.96 -73.07
CA ALA D 17 -21.66 20.02 -72.72
C ALA D 17 -21.27 18.62 -72.39
N ASP D 18 -19.96 18.42 -72.12
CA ASP D 18 -19.38 17.11 -71.94
C ASP D 18 -18.53 17.29 -70.73
N CYS D 19 -18.75 16.44 -69.70
CA CYS D 19 -18.04 16.48 -68.45
C CYS D 19 -16.55 16.25 -68.64
N PRO D 20 -15.62 16.93 -67.95
CA PRO D 20 -14.20 16.80 -68.21
C PRO D 20 -13.68 15.45 -67.76
N ASN D 21 -14.16 14.94 -66.61
CA ASN D 21 -13.77 13.66 -66.12
C ASN D 21 -14.93 13.09 -65.37
N CYS D 22 -15.17 11.78 -65.55
CA CYS D 22 -16.30 11.07 -65.04
C CYS D 22 -15.89 9.64 -65.19
N GLY D 23 -14.76 9.28 -64.52
CA GLY D 23 -14.14 7.99 -64.60
C GLY D 23 -13.22 7.95 -65.79
N HIS D 24 -12.64 6.76 -66.05
CA HIS D 24 -11.79 6.48 -67.19
C HIS D 24 -12.55 6.67 -68.48
N SER D 25 -13.82 6.23 -68.47
CA SER D 25 -14.70 6.26 -69.62
C SER D 25 -15.72 7.26 -69.16
N ARG D 26 -15.67 8.47 -69.74
CA ARG D 26 -16.47 9.60 -69.35
C ARG D 26 -17.95 9.39 -69.60
N CYS D 27 -18.77 10.00 -68.73
CA CYS D 27 -20.18 10.19 -68.93
C CYS D 27 -20.30 11.54 -69.57
N ASP D 28 -21.19 11.68 -70.57
CA ASP D 28 -21.53 12.97 -71.14
C ASP D 28 -22.60 13.55 -70.25
N SER D 29 -22.33 14.75 -69.70
CA SER D 29 -23.23 15.42 -68.80
C SER D 29 -23.31 16.84 -69.30
N PRO D 30 -24.48 17.41 -69.60
CA PRO D 30 -24.66 18.80 -69.97
C PRO D 30 -24.53 19.76 -68.80
N ILE D 31 -24.05 19.28 -67.64
CA ILE D 31 -23.90 20.05 -66.42
C ILE D 31 -22.42 20.17 -66.18
N ALA D 32 -21.61 20.11 -67.27
CA ALA D 32 -20.17 20.13 -67.21
C ALA D 32 -19.61 21.35 -66.51
N ILE D 33 -18.64 21.11 -65.60
CA ILE D 33 -18.23 22.10 -64.66
C ILE D 33 -17.11 22.94 -65.22
N GLU D 34 -17.37 24.26 -65.31
CA GLU D 34 -16.40 25.30 -65.56
C GLU D 34 -16.59 26.20 -64.37
N GLU D 35 -15.66 27.17 -64.18
CA GLU D 35 -15.74 28.29 -63.26
C GLU D 35 -16.21 27.91 -61.89
N VAL D 36 -15.39 27.09 -61.20
CA VAL D 36 -15.59 26.82 -59.81
C VAL D 36 -15.14 28.03 -59.05
N ARG D 37 -15.96 28.41 -58.07
CA ARG D 37 -15.76 29.55 -57.25
C ARG D 37 -16.05 28.89 -55.95
N GLY D 38 -15.00 28.26 -55.40
CA GLY D 38 -15.02 27.54 -54.16
C GLY D 38 -13.91 28.10 -53.34
N ASP D 39 -13.32 29.23 -53.82
CA ASP D 39 -12.10 29.82 -53.32
C ASP D 39 -12.46 30.73 -52.18
N ALA D 40 -13.72 30.61 -51.70
CA ALA D 40 -14.22 31.13 -50.46
C ALA D 40 -13.45 30.47 -49.36
N HIS D 41 -13.16 31.24 -48.30
CA HIS D 41 -12.32 30.83 -47.21
C HIS D 41 -13.19 30.26 -46.11
N ALA D 42 -14.32 29.61 -46.50
CA ALA D 42 -15.41 29.26 -45.62
C ALA D 42 -15.59 27.79 -45.77
N GLY D 43 -15.79 27.33 -47.02
CA GLY D 43 -16.12 25.96 -47.30
C GLY D 43 -17.28 25.83 -48.22
N VAL D 44 -17.75 26.94 -48.84
CA VAL D 44 -19.03 26.97 -49.53
C VAL D 44 -18.61 27.04 -50.97
N ILE D 45 -19.38 26.37 -51.88
CA ILE D 45 -18.98 26.45 -53.27
C ILE D 45 -20.14 26.82 -54.15
N ARG D 46 -19.85 27.80 -55.04
CA ARG D 46 -20.54 28.15 -56.24
C ARG D 46 -19.89 27.44 -57.39
N ILE D 47 -20.71 26.81 -58.24
CA ILE D 47 -20.28 25.98 -59.32
C ILE D 47 -20.98 26.55 -60.52
N GLN D 48 -20.40 26.38 -61.73
CA GLN D 48 -21.11 26.67 -62.94
C GLN D 48 -21.24 25.34 -63.59
N THR D 49 -22.51 24.88 -63.73
CA THR D 49 -22.92 23.89 -64.68
C THR D 49 -23.04 24.56 -66.02
N SER D 50 -22.86 23.81 -67.13
CA SER D 50 -23.16 24.33 -68.45
C SER D 50 -24.64 24.43 -68.68
N ALA D 51 -25.44 23.63 -67.95
CA ALA D 51 -26.87 23.70 -67.96
C ALA D 51 -27.34 24.97 -67.32
N MET D 52 -28.50 25.46 -67.81
CA MET D 52 -29.15 26.66 -67.38
C MET D 52 -30.31 26.12 -66.61
N PHE D 53 -30.12 25.88 -65.29
CA PHE D 53 -31.25 25.59 -64.43
C PHE D 53 -31.79 26.95 -64.07
N GLY D 54 -32.95 26.99 -63.40
CA GLY D 54 -33.60 28.25 -63.16
C GLY D 54 -34.99 28.00 -63.58
N LEU D 55 -35.49 28.93 -64.44
CA LEU D 55 -36.67 28.84 -65.25
C LEU D 55 -36.67 27.61 -66.11
N LYS D 56 -37.84 27.33 -66.72
CA LYS D 56 -37.99 26.35 -67.75
C LYS D 56 -37.84 27.20 -68.97
N THR D 57 -38.77 28.16 -69.13
CA THR D 57 -38.67 29.29 -69.99
C THR D 57 -39.72 30.25 -69.45
N ASP D 58 -40.24 29.94 -68.23
CA ASP D 58 -41.37 30.55 -67.58
C ASP D 58 -40.94 31.83 -66.90
N GLY D 59 -41.47 32.13 -65.69
CA GLY D 59 -41.33 33.43 -65.07
C GLY D 59 -40.86 33.28 -63.66
N VAL D 60 -40.81 32.04 -63.12
CA VAL D 60 -40.70 31.82 -61.70
C VAL D 60 -39.79 30.64 -61.48
N ASP D 61 -39.15 30.65 -60.29
CA ASP D 61 -38.57 29.51 -59.63
C ASP D 61 -37.24 29.12 -60.20
N LEU D 62 -36.26 28.91 -59.30
CA LEU D 62 -35.02 28.25 -59.61
C LEU D 62 -35.14 26.80 -59.23
N ALA D 63 -36.38 26.40 -58.85
CA ALA D 63 -36.71 25.10 -58.36
C ALA D 63 -36.72 24.10 -59.47
N TYR D 64 -36.65 24.55 -60.75
CA TYR D 64 -36.49 23.61 -61.83
C TYR D 64 -35.05 23.59 -62.26
N MET D 65 -34.83 22.72 -63.26
CA MET D 65 -33.59 22.18 -63.68
C MET D 65 -33.86 21.98 -65.12
N SER D 66 -33.24 22.79 -65.99
CA SER D 66 -33.39 22.62 -67.40
C SER D 66 -31.99 22.35 -67.81
N PHE D 67 -31.72 21.08 -68.14
CA PHE D 67 -30.50 20.66 -68.72
C PHE D 67 -30.85 20.25 -70.11
N MET D 68 -29.83 19.85 -70.90
CA MET D 68 -30.02 19.46 -72.26
C MET D 68 -30.12 17.98 -72.44
N ASN D 69 -31.21 17.54 -73.08
CA ASN D 69 -31.34 16.22 -73.60
C ASN D 69 -31.67 16.54 -75.03
N GLY D 70 -30.81 16.13 -75.99
CA GLY D 70 -30.88 16.60 -77.36
C GLY D 70 -30.40 18.02 -77.46
N LYS D 71 -30.94 18.80 -78.42
CA LYS D 71 -30.77 20.24 -78.45
C LYS D 71 -31.88 20.91 -77.66
N THR D 72 -32.78 20.11 -77.07
CA THR D 72 -34.00 20.55 -76.46
C THR D 72 -33.74 20.50 -74.98
N GLN D 73 -34.52 21.26 -74.18
CA GLN D 73 -34.39 21.24 -72.74
C GLN D 73 -34.93 19.95 -72.15
N LYS D 74 -34.80 19.81 -70.82
CA LYS D 74 -35.45 18.78 -70.07
C LYS D 74 -35.64 19.40 -68.72
N SER D 75 -36.81 20.07 -68.60
CA SER D 75 -37.20 20.98 -67.56
C SER D 75 -37.90 20.25 -66.43
N ILE D 76 -37.13 19.85 -65.38
CA ILE D 76 -37.64 18.98 -64.32
C ILE D 76 -37.12 19.60 -63.05
N LYS D 77 -37.24 18.93 -61.87
CA LYS D 77 -36.88 19.51 -60.58
C LYS D 77 -35.40 19.55 -60.32
N ILE D 78 -34.98 20.52 -59.46
CA ILE D 78 -33.59 20.84 -59.19
C ILE D 78 -33.11 20.04 -58.01
N ASP D 79 -33.99 19.18 -57.46
CA ASP D 79 -33.87 18.68 -56.11
C ASP D 79 -33.17 17.34 -56.19
N ASN D 80 -32.81 16.94 -57.43
CA ASN D 80 -32.22 15.67 -57.78
C ASN D 80 -30.74 15.93 -57.86
N LEU D 81 -30.36 17.24 -57.98
CA LEU D 81 -29.03 17.73 -57.86
C LEU D 81 -28.52 17.49 -56.47
N HIS D 82 -27.24 17.10 -56.39
CA HIS D 82 -26.52 16.95 -55.17
C HIS D 82 -25.14 17.39 -55.49
N VAL D 83 -24.80 18.59 -54.98
CA VAL D 83 -23.44 19.03 -54.82
C VAL D 83 -23.00 18.38 -53.54
N ARG D 84 -21.71 18.03 -53.47
CA ARG D 84 -21.13 17.41 -52.32
C ARG D 84 -19.66 17.67 -52.47
N THR D 85 -18.91 17.44 -51.37
CA THR D 85 -17.52 17.80 -51.27
C THR D 85 -16.85 16.74 -50.45
N SER D 86 -16.87 16.89 -49.10
CA SER D 86 -16.45 15.87 -48.16
C SER D 86 -17.66 15.24 -47.52
N ALA D 87 -18.85 15.84 -47.72
CA ALA D 87 -20.10 15.22 -47.37
C ALA D 87 -21.11 15.98 -48.19
N PRO D 88 -22.34 15.48 -48.41
CA PRO D 88 -23.43 16.21 -49.05
C PRO D 88 -23.58 17.65 -48.66
N CYS D 89 -23.77 18.52 -49.69
CA CYS D 89 -24.02 19.92 -49.53
C CYS D 89 -25.50 20.05 -49.45
N SER D 90 -25.98 21.28 -49.23
CA SER D 90 -27.38 21.60 -49.38
C SER D 90 -27.35 22.68 -50.40
N LEU D 91 -28.05 22.49 -51.55
CA LEU D 91 -28.25 23.53 -52.53
C LEU D 91 -28.87 24.75 -51.89
N VAL D 92 -28.48 25.92 -52.39
CA VAL D 92 -28.95 27.18 -51.88
C VAL D 92 -29.78 27.77 -52.95
N SER D 93 -29.21 27.88 -54.17
CA SER D 93 -29.94 28.46 -55.25
C SER D 93 -29.16 28.26 -56.49
N HIS D 94 -29.87 28.25 -57.64
CA HIS D 94 -29.25 28.25 -58.93
C HIS D 94 -29.77 29.51 -59.53
N HIS D 95 -28.91 30.12 -60.37
CA HIS D 95 -29.26 31.29 -61.07
C HIS D 95 -28.37 31.35 -62.25
N GLY D 96 -28.99 31.33 -63.45
CA GLY D 96 -28.30 31.49 -64.70
C GLY D 96 -27.82 30.15 -65.14
N TYR D 97 -26.49 29.94 -65.02
CA TYR D 97 -25.83 28.71 -65.42
C TYR D 97 -25.18 28.16 -64.18
N TYR D 98 -25.44 28.81 -63.03
CA TYR D 98 -24.58 28.75 -61.90
C TYR D 98 -25.42 28.18 -60.82
N ILE D 99 -24.87 27.27 -59.98
CA ILE D 99 -25.62 26.77 -58.86
C ILE D 99 -24.70 27.03 -57.73
N LEU D 100 -25.30 27.45 -56.61
CA LEU D 100 -24.69 27.70 -55.35
C LEU D 100 -25.17 26.69 -54.37
N ALA D 101 -24.23 26.17 -53.55
CA ALA D 101 -24.54 25.20 -52.55
C ALA D 101 -23.61 25.46 -51.40
N GLN D 102 -24.25 25.38 -50.20
CA GLN D 102 -23.70 25.51 -48.89
C GLN D 102 -23.19 24.15 -48.60
N CYS D 103 -21.84 24.05 -48.53
CA CYS D 103 -21.14 22.81 -48.50
C CYS D 103 -20.26 22.77 -47.28
N PRO D 104 -19.87 21.56 -46.85
CA PRO D 104 -18.68 21.34 -46.03
C PRO D 104 -17.46 21.84 -46.77
N PRO D 105 -16.38 22.30 -46.18
CA PRO D 105 -15.14 22.64 -46.89
C PRO D 105 -14.64 21.59 -47.84
N GLY D 106 -14.12 22.03 -49.01
CA GLY D 106 -13.51 21.13 -49.94
C GLY D 106 -12.86 21.96 -50.99
N ASP D 107 -11.64 21.51 -51.37
CA ASP D 107 -10.79 22.00 -52.42
C ASP D 107 -11.35 21.90 -53.81
N THR D 108 -12.22 20.90 -54.10
CA THR D 108 -12.64 20.57 -55.44
C THR D 108 -14.14 20.70 -55.46
N VAL D 109 -14.81 20.43 -56.60
CA VAL D 109 -16.26 20.43 -56.58
C VAL D 109 -16.83 19.31 -57.40
N THR D 110 -17.95 18.70 -56.92
CA THR D 110 -18.50 17.49 -57.44
C THR D 110 -19.98 17.74 -57.36
N VAL D 111 -20.61 17.85 -58.55
CA VAL D 111 -22.00 18.23 -58.73
C VAL D 111 -22.59 17.03 -59.41
N GLY D 112 -23.91 16.75 -59.26
CA GLY D 112 -24.44 15.67 -60.03
C GLY D 112 -25.84 15.33 -59.64
N PHE D 113 -26.65 15.03 -60.68
CA PHE D 113 -27.92 14.39 -60.55
C PHE D 113 -27.73 13.22 -61.47
N HIS D 114 -28.03 12.00 -60.98
CA HIS D 114 -28.01 10.80 -61.79
C HIS D 114 -29.15 10.78 -62.78
N ASP D 115 -28.86 10.28 -63.99
CA ASP D 115 -29.83 10.09 -65.04
C ASP D 115 -29.25 8.96 -65.84
N GLY D 116 -30.12 8.08 -66.41
CA GLY D 116 -29.73 6.92 -67.18
C GLY D 116 -28.97 5.88 -66.39
N PRO D 117 -28.46 4.84 -67.04
CA PRO D 117 -27.61 3.83 -66.42
C PRO D 117 -26.19 4.33 -66.24
N ASN D 118 -25.90 5.60 -66.58
CA ASN D 118 -24.59 6.19 -66.52
C ASN D 118 -24.63 7.06 -65.30
N ARG D 119 -23.45 7.42 -64.76
CA ARG D 119 -23.35 8.19 -63.53
C ARG D 119 -23.99 9.55 -63.68
N HIS D 120 -23.62 10.27 -64.77
CA HIS D 120 -24.28 11.47 -65.25
C HIS D 120 -24.02 12.65 -64.34
N THR D 121 -22.92 12.60 -63.55
CA THR D 121 -22.60 13.60 -62.58
C THR D 121 -21.46 14.35 -63.20
N CYS D 122 -20.98 15.46 -62.58
CA CYS D 122 -19.80 16.07 -63.09
C CYS D 122 -19.02 16.76 -62.00
N THR D 123 -17.69 16.66 -62.14
CA THR D 123 -16.75 17.06 -61.13
C THR D 123 -15.62 17.72 -61.86
N VAL D 124 -14.85 18.56 -61.13
CA VAL D 124 -13.69 19.19 -61.69
C VAL D 124 -12.87 19.65 -60.51
N ALA D 125 -11.55 19.77 -60.82
CA ALA D 125 -10.45 20.28 -60.06
C ALA D 125 -10.38 21.76 -60.23
N HIS D 126 -10.10 22.49 -59.13
CA HIS D 126 -9.96 23.91 -59.19
C HIS D 126 -9.30 24.34 -57.92
N LYS D 127 -8.22 25.16 -58.06
CA LYS D 127 -7.40 25.68 -56.99
C LYS D 127 -8.20 26.65 -56.17
N VAL D 128 -8.30 26.35 -54.85
CA VAL D 128 -9.18 26.99 -53.93
C VAL D 128 -8.33 27.60 -52.84
N GLU D 129 -8.73 28.82 -52.39
CA GLU D 129 -8.16 29.49 -51.25
C GLU D 129 -9.00 29.13 -50.06
N PHE D 130 -8.32 28.90 -48.93
CA PHE D 130 -8.93 28.79 -47.63
C PHE D 130 -8.02 29.58 -46.75
N ARG D 131 -7.54 30.74 -47.26
CA ARG D 131 -6.96 31.75 -46.44
C ARG D 131 -7.21 33.07 -47.12
N PRO D 132 -7.52 34.14 -46.39
CA PRO D 132 -7.30 35.53 -46.79
C PRO D 132 -5.86 35.83 -47.17
N VAL D 133 -5.63 37.00 -47.79
CA VAL D 133 -4.32 37.50 -48.14
C VAL D 133 -3.41 37.63 -46.94
N GLY D 134 -2.09 37.41 -47.16
CA GLY D 134 -1.10 37.36 -46.12
C GLY D 134 -0.90 35.92 -45.75
N ARG D 135 -0.31 35.70 -44.55
CA ARG D 135 0.03 34.45 -43.91
C ARG D 135 -0.89 33.26 -44.05
N GLU D 136 -0.33 32.09 -43.68
CA GLU D 136 -0.92 30.79 -43.46
C GLU D 136 -1.75 30.25 -44.58
N LYS D 137 -2.35 29.07 -44.35
CA LYS D 137 -3.11 28.39 -45.35
C LYS D 137 -3.92 27.43 -44.55
N TYR D 138 -5.03 26.96 -45.15
CA TYR D 138 -5.83 25.89 -44.61
C TYR D 138 -6.28 25.11 -45.80
N ARG D 139 -6.76 23.88 -45.57
CA ARG D 139 -7.35 23.03 -46.57
C ARG D 139 -8.75 22.74 -46.13
N HIS D 140 -9.22 23.48 -45.11
CA HIS D 140 -10.44 23.24 -44.40
C HIS D 140 -10.36 24.31 -43.34
N PRO D 141 -11.12 25.40 -43.41
CA PRO D 141 -11.08 26.47 -42.43
C PRO D 141 -11.45 25.97 -41.06
N PRO D 142 -10.65 26.12 -39.99
CA PRO D 142 -10.94 25.70 -38.63
C PRO D 142 -12.32 26.05 -38.13
N GLU D 143 -12.91 25.21 -37.25
CA GLU D 143 -14.11 25.54 -36.54
C GLU D 143 -13.71 25.60 -35.08
N HIS D 144 -12.38 25.58 -34.83
CA HIS D 144 -11.78 25.52 -33.53
C HIS D 144 -10.91 26.74 -33.51
N GLY D 145 -10.88 27.45 -32.37
CA GLY D 145 -10.19 28.72 -32.26
C GLY D 145 -11.11 29.81 -32.69
N VAL D 146 -10.56 31.05 -32.79
CA VAL D 146 -11.32 32.24 -33.07
C VAL D 146 -11.71 32.28 -34.53
N GLU D 147 -12.85 32.97 -34.82
CA GLU D 147 -13.33 33.22 -36.15
C GLU D 147 -12.87 34.59 -36.54
N LEU D 148 -12.48 34.76 -37.81
CA LEU D 148 -11.98 36.01 -38.34
C LEU D 148 -12.16 35.85 -39.83
N PRO D 149 -12.15 36.90 -40.66
CA PRO D 149 -12.75 36.93 -41.99
C PRO D 149 -12.60 35.71 -42.85
N CYS D 150 -13.74 35.21 -43.37
CA CYS D 150 -13.79 34.11 -44.27
C CYS D 150 -14.70 34.53 -45.36
N ASN D 151 -14.23 34.43 -46.63
CA ASN D 151 -15.07 34.56 -47.79
C ASN D 151 -15.95 33.35 -47.83
N ARG D 152 -17.12 33.45 -48.48
CA ARG D 152 -18.18 32.48 -48.36
C ARG D 152 -19.05 32.94 -49.47
N TYR D 153 -19.86 32.06 -50.06
CA TYR D 153 -20.80 32.50 -51.05
C TYR D 153 -22.12 32.60 -50.37
N THR D 154 -23.02 33.42 -50.96
CA THR D 154 -24.30 33.86 -50.46
C THR D 154 -25.24 32.77 -49.98
N HIS D 155 -26.39 33.18 -49.39
CA HIS D 155 -27.46 32.28 -49.03
C HIS D 155 -28.67 32.59 -49.88
N LYS D 156 -28.40 33.16 -51.07
CA LYS D 156 -29.36 33.84 -51.89
C LYS D 156 -28.73 33.87 -53.26
N ARG D 157 -29.43 34.45 -54.26
CA ARG D 157 -28.97 34.50 -55.63
C ARG D 157 -29.13 35.87 -56.21
N ALA D 158 -29.99 36.73 -55.62
CA ALA D 158 -30.24 38.05 -56.15
C ALA D 158 -29.12 38.91 -55.64
N ASP D 159 -28.23 39.36 -56.55
CA ASP D 159 -26.89 39.74 -56.22
C ASP D 159 -26.24 39.90 -57.56
N GLN D 160 -25.57 41.05 -57.77
CA GLN D 160 -24.96 41.39 -59.04
C GLN D 160 -23.69 42.14 -58.73
N GLY D 161 -22.97 41.74 -57.66
CA GLY D 161 -21.89 42.49 -57.06
C GLY D 161 -20.56 42.32 -57.75
N HIS D 162 -20.51 41.42 -58.75
CA HIS D 162 -19.37 41.27 -59.62
C HIS D 162 -20.03 40.95 -60.93
N TYR D 163 -19.26 41.00 -62.03
CA TYR D 163 -19.78 40.66 -63.32
C TYR D 163 -18.67 40.04 -64.10
N VAL D 164 -19.03 38.96 -64.81
CA VAL D 164 -18.16 38.25 -65.68
C VAL D 164 -18.54 38.67 -67.07
N GLU D 165 -17.56 38.71 -68.00
CA GLU D 165 -17.83 38.92 -69.40
C GLU D 165 -18.68 37.78 -69.91
N MET D 166 -19.77 38.11 -70.64
CA MET D 166 -20.62 37.13 -71.24
C MET D 166 -20.76 37.50 -72.67
N HIS D 167 -21.28 36.55 -73.46
CA HIS D 167 -21.45 36.69 -74.88
C HIS D 167 -22.87 36.27 -75.12
N GLN D 168 -23.10 35.04 -75.61
CA GLN D 168 -24.37 34.61 -76.14
C GLN D 168 -24.23 33.12 -76.08
N PRO D 169 -25.26 32.26 -76.14
CA PRO D 169 -25.09 30.84 -76.39
C PRO D 169 -24.37 30.59 -77.68
N GLY D 170 -23.08 30.23 -77.60
CA GLY D 170 -22.32 29.70 -78.69
C GLY D 170 -22.81 28.37 -79.18
N LEU D 171 -22.07 27.81 -80.17
CA LEU D 171 -22.25 26.49 -80.72
C LEU D 171 -22.29 25.42 -79.66
N VAL D 172 -22.95 24.29 -79.97
CA VAL D 172 -22.88 23.14 -79.12
C VAL D 172 -22.87 21.96 -80.04
N ALA D 173 -22.35 20.82 -79.55
CA ALA D 173 -22.36 19.56 -80.23
C ALA D 173 -23.73 18.99 -80.09
N ASP D 174 -24.20 18.28 -81.14
CA ASP D 174 -25.35 17.40 -81.17
C ASP D 174 -25.85 17.52 -82.57
N HIS D 175 -26.20 16.34 -83.13
CA HIS D 175 -26.68 16.21 -84.49
C HIS D 175 -28.17 16.47 -84.52
N SER D 176 -28.79 16.73 -83.33
CA SER D 176 -30.12 17.25 -83.20
C SER D 176 -30.25 18.63 -83.80
N LEU D 177 -29.14 19.42 -83.78
CA LEU D 177 -29.05 20.69 -84.46
C LEU D 177 -29.23 20.57 -85.94
N LEU D 178 -28.45 19.68 -86.60
CA LEU D 178 -28.42 19.68 -88.04
C LEU D 178 -29.08 18.46 -88.59
N SER D 179 -30.30 18.65 -89.14
CA SER D 179 -30.91 17.70 -90.01
C SER D 179 -30.34 17.93 -91.41
N ILE D 180 -30.96 17.31 -92.43
CA ILE D 180 -30.62 17.51 -93.82
C ILE D 180 -31.92 17.93 -94.43
N HIS D 181 -31.91 19.02 -95.23
CA HIS D 181 -33.04 19.52 -96.00
C HIS D 181 -33.04 18.90 -97.36
N SER D 182 -32.87 17.55 -97.42
CA SER D 182 -33.01 16.70 -98.58
C SER D 182 -31.93 16.86 -99.62
N ALA D 183 -31.01 17.84 -99.47
CA ALA D 183 -29.76 17.84 -100.18
C ALA D 183 -28.86 18.85 -99.55
N LYS D 184 -29.38 19.70 -98.64
CA LYS D 184 -28.61 20.76 -98.04
C LYS D 184 -28.56 20.41 -96.59
N VAL D 185 -27.49 20.84 -95.87
CA VAL D 185 -27.38 20.60 -94.45
C VAL D 185 -28.23 21.64 -93.76
N LYS D 186 -29.09 21.23 -92.80
CA LYS D 186 -30.18 22.09 -92.38
C LYS D 186 -30.08 22.41 -90.93
N ILE D 187 -29.84 23.70 -90.59
CA ILE D 187 -29.91 24.18 -89.23
C ILE D 187 -31.33 24.08 -88.71
N THR D 188 -31.48 23.62 -87.45
CA THR D 188 -32.72 23.56 -86.74
C THR D 188 -32.38 24.20 -85.43
N VAL D 189 -33.22 25.18 -85.01
CA VAL D 189 -32.99 25.99 -83.84
C VAL D 189 -34.09 25.67 -82.84
N PRO D 190 -33.81 25.58 -81.54
CA PRO D 190 -34.83 25.34 -80.54
C PRO D 190 -34.97 26.61 -79.73
N SER D 191 -34.44 27.76 -80.23
CA SER D 191 -34.33 28.96 -79.44
C SER D 191 -34.25 30.17 -80.34
N GLY D 192 -34.15 29.96 -81.67
CA GLY D 192 -33.80 31.00 -82.64
C GLY D 192 -32.32 31.25 -82.62
N ALA D 193 -31.67 31.22 -83.80
CA ALA D 193 -30.26 31.48 -83.85
C ALA D 193 -29.84 32.01 -85.18
N GLN D 194 -28.84 32.93 -85.10
CA GLN D 194 -28.16 33.56 -86.19
C GLN D 194 -26.93 32.71 -86.22
N VAL D 195 -26.79 31.81 -87.22
CA VAL D 195 -25.81 30.74 -87.17
C VAL D 195 -24.64 30.94 -88.06
N LYS D 196 -23.43 30.92 -87.44
CA LYS D 196 -22.18 31.21 -88.07
C LYS D 196 -21.72 29.84 -88.48
N TYR D 197 -21.26 29.70 -89.76
CA TYR D 197 -21.34 28.40 -90.38
C TYR D 197 -20.25 28.33 -91.41
N TYR D 198 -19.92 27.07 -91.78
CA TYR D 198 -19.07 26.69 -92.88
C TYR D 198 -19.09 25.17 -92.86
N CYS D 199 -18.57 24.53 -93.92
CA CYS D 199 -18.46 23.10 -94.07
C CYS D 199 -17.05 22.81 -94.50
N LYS D 200 -16.68 21.52 -94.65
CA LYS D 200 -15.41 21.04 -95.14
C LYS D 200 -15.11 21.61 -96.51
N CYS D 201 -16.13 21.59 -97.40
CA CYS D 201 -16.11 22.15 -98.73
C CYS D 201 -15.99 23.67 -98.64
N PRO D 202 -15.16 24.34 -99.45
CA PRO D 202 -15.10 25.79 -99.63
C PRO D 202 -16.42 26.53 -99.74
N ASP D 203 -16.54 27.67 -99.05
CA ASP D 203 -17.63 28.60 -99.17
C ASP D 203 -17.06 29.83 -98.48
N VAL D 204 -17.57 30.18 -97.27
CA VAL D 204 -17.03 31.25 -96.46
C VAL D 204 -16.24 30.52 -95.41
N ARG D 205 -14.90 30.57 -95.54
CA ARG D 205 -14.00 29.65 -94.88
C ARG D 205 -13.43 30.28 -93.64
N GLU D 206 -14.09 31.34 -93.15
CA GLU D 206 -13.80 31.97 -91.89
C GLU D 206 -14.98 31.65 -91.02
N GLY D 207 -16.19 31.80 -91.61
CA GLY D 207 -17.45 31.76 -90.92
C GLY D 207 -17.61 32.99 -90.07
N ILE D 208 -16.99 34.11 -90.52
CA ILE D 208 -17.28 35.43 -90.02
C ILE D 208 -18.43 35.92 -90.84
N THR D 209 -19.62 35.85 -90.22
CA THR D 209 -20.88 35.79 -90.91
C THR D 209 -21.88 36.22 -89.88
N SER D 210 -23.11 36.55 -90.33
CA SER D 210 -24.27 36.60 -89.49
C SER D 210 -24.88 35.22 -89.49
N SER D 211 -26.00 35.03 -90.22
CA SER D 211 -26.67 33.76 -90.31
C SER D 211 -26.44 33.30 -91.71
N ASP D 212 -26.00 32.03 -91.83
CA ASP D 212 -25.78 31.38 -93.09
C ASP D 212 -25.78 29.91 -92.77
N HIS D 213 -25.88 29.08 -93.83
CA HIS D 213 -25.50 27.71 -93.71
C HIS D 213 -24.89 27.36 -95.03
N THR D 214 -23.69 26.76 -94.98
CA THR D 214 -22.91 26.35 -96.12
C THR D 214 -23.48 25.03 -96.56
N THR D 215 -23.77 24.92 -97.87
CA THR D 215 -24.46 23.78 -98.43
C THR D 215 -23.59 23.04 -99.39
N THR D 216 -22.30 23.45 -99.52
CA THR D 216 -21.41 22.97 -100.57
C THR D 216 -20.98 21.56 -100.27
N CYS D 217 -20.97 21.22 -98.96
CA CYS D 217 -20.71 19.92 -98.40
C CYS D 217 -21.94 19.77 -97.56
N THR D 218 -22.47 18.54 -97.45
CA THR D 218 -23.70 18.30 -96.73
C THR D 218 -23.53 17.00 -96.02
N ASP D 219 -23.87 17.03 -94.71
CA ASP D 219 -23.72 16.00 -93.70
C ASP D 219 -23.30 16.81 -92.51
N VAL D 220 -23.91 16.50 -91.35
CA VAL D 220 -23.68 17.12 -90.06
C VAL D 220 -22.24 17.05 -89.62
N LYS D 221 -21.52 15.93 -89.92
CA LYS D 221 -20.20 15.69 -89.42
C LYS D 221 -19.14 16.44 -90.20
N GLN D 222 -19.47 16.97 -91.40
CA GLN D 222 -18.56 17.76 -92.17
C GLN D 222 -19.08 19.16 -92.30
N CYS D 223 -19.99 19.57 -91.39
CA CYS D 223 -20.64 20.87 -91.40
C CYS D 223 -20.75 21.32 -89.97
N ARG D 224 -21.07 22.62 -89.78
CA ARG D 224 -20.93 23.31 -88.52
C ARG D 224 -22.23 23.38 -87.82
N ALA D 225 -22.48 22.32 -87.00
CA ALA D 225 -23.66 22.17 -86.17
C ALA D 225 -23.51 23.07 -84.99
N TYR D 226 -23.87 24.36 -85.18
CA TYR D 226 -23.64 25.36 -84.21
C TYR D 226 -24.99 25.97 -84.00
N LEU D 227 -25.20 26.53 -82.79
CA LEU D 227 -26.42 27.23 -82.50
C LEU D 227 -25.95 28.44 -81.77
N ILE D 228 -25.61 29.53 -82.50
CA ILE D 228 -25.39 30.84 -81.95
C ILE D 228 -26.67 31.59 -81.71
N ASP D 229 -27.21 31.60 -80.47
CA ASP D 229 -28.44 32.30 -80.18
C ASP D 229 -28.06 33.72 -79.93
N ASN D 230 -28.68 34.67 -80.65
CA ASN D 230 -28.27 36.06 -80.66
C ASN D 230 -29.36 36.89 -80.02
N LYS D 231 -30.41 36.22 -79.50
CA LYS D 231 -31.47 36.83 -78.72
C LYS D 231 -31.31 36.37 -77.30
N LYS D 232 -30.15 35.76 -76.98
CA LYS D 232 -29.84 35.28 -75.67
C LYS D 232 -28.42 35.67 -75.38
N TRP D 233 -28.12 35.89 -74.08
CA TRP D 233 -26.83 36.31 -73.61
C TRP D 233 -26.51 35.42 -72.44
N VAL D 234 -25.48 34.55 -72.58
CA VAL D 234 -25.13 33.61 -71.53
C VAL D 234 -23.64 33.64 -71.37
N TYR D 235 -23.23 33.18 -70.17
CA TYR D 235 -21.87 32.95 -69.78
C TYR D 235 -21.17 31.97 -70.67
N ASN D 236 -19.87 32.25 -70.86
CA ASN D 236 -19.00 31.49 -71.68
C ASN D 236 -18.39 30.42 -70.80
N SER D 237 -18.70 29.15 -71.12
CA SER D 237 -18.16 27.98 -70.47
C SER D 237 -17.05 27.55 -71.39
N GLY D 238 -16.21 26.59 -70.95
CA GLY D 238 -15.22 25.97 -71.81
C GLY D 238 -15.79 24.79 -72.52
N ARG D 239 -16.92 24.27 -71.98
CA ARG D 239 -17.61 23.14 -72.51
C ARG D 239 -18.78 23.65 -73.33
N LEU D 240 -18.84 24.98 -73.51
CA LEU D 240 -19.67 25.69 -74.45
C LEU D 240 -18.65 26.29 -75.36
N PRO D 241 -18.51 25.92 -76.63
CA PRO D 241 -17.75 26.69 -77.59
C PRO D 241 -18.67 27.68 -78.26
N ARG D 242 -18.16 28.57 -79.15
CA ARG D 242 -18.95 29.56 -79.83
C ARG D 242 -18.52 29.61 -81.27
N GLY D 243 -19.42 30.12 -82.14
CA GLY D 243 -19.21 30.48 -83.53
C GLY D 243 -18.01 31.31 -83.86
N GLU D 244 -17.71 31.43 -85.17
CA GLU D 244 -16.44 31.95 -85.61
C GLU D 244 -16.60 33.38 -86.04
N GLY D 245 -17.86 33.88 -86.04
CA GLY D 245 -18.22 35.19 -86.50
C GLY D 245 -18.57 35.98 -85.29
N ASP D 246 -19.76 36.63 -85.34
CA ASP D 246 -20.17 37.67 -84.44
C ASP D 246 -20.27 37.17 -83.03
N THR D 247 -19.82 38.02 -82.08
CA THR D 247 -20.05 37.86 -80.67
C THR D 247 -20.96 38.99 -80.29
N PHE D 248 -21.70 38.81 -79.19
CA PHE D 248 -22.58 39.82 -78.64
C PHE D 248 -22.12 39.94 -77.23
N LYS D 249 -20.88 40.46 -77.03
CA LYS D 249 -20.29 40.71 -75.73
C LYS D 249 -21.12 41.72 -74.97
N GLY D 250 -21.24 41.47 -73.66
CA GLY D 250 -22.08 42.24 -72.80
C GLY D 250 -21.73 41.72 -71.45
N LYS D 251 -21.17 42.61 -70.59
CA LYS D 251 -20.93 42.35 -69.21
C LYS D 251 -22.22 42.09 -68.49
N LEU D 252 -22.29 40.93 -67.80
CA LEU D 252 -23.49 40.43 -67.21
C LEU D 252 -23.04 39.83 -65.93
N HIS D 253 -23.82 40.05 -64.85
CA HIS D 253 -23.40 39.81 -63.50
C HIS D 253 -23.09 38.37 -63.19
N VAL D 254 -22.61 38.12 -61.96
CA VAL D 254 -22.53 36.81 -61.40
C VAL D 254 -23.53 36.86 -60.27
N PRO D 255 -24.43 35.89 -60.16
CA PRO D 255 -25.40 35.82 -59.08
C PRO D 255 -24.84 35.56 -57.73
N PHE D 256 -23.52 35.28 -57.64
CA PHE D 256 -22.94 34.71 -56.45
C PHE D 256 -21.61 35.41 -56.41
N VAL D 257 -21.34 36.06 -55.26
CA VAL D 257 -20.14 36.84 -55.03
C VAL D 257 -19.64 36.31 -53.70
N PRO D 258 -18.33 36.19 -53.44
CA PRO D 258 -17.84 35.84 -52.14
C PRO D 258 -17.95 37.01 -51.18
N VAL D 259 -18.65 36.78 -50.06
CA VAL D 259 -18.96 37.71 -49.01
C VAL D 259 -18.44 37.11 -47.73
N LYS D 260 -18.33 37.93 -46.65
CA LYS D 260 -17.94 37.42 -45.34
C LYS D 260 -19.21 37.05 -44.62
N ALA D 261 -19.18 35.99 -43.78
CA ALA D 261 -20.32 35.65 -42.96
C ALA D 261 -19.87 34.96 -41.69
N LYS D 262 -20.82 34.21 -41.06
CA LYS D 262 -20.62 33.33 -39.93
C LYS D 262 -20.11 31.97 -40.32
N CYS D 263 -19.31 31.90 -41.40
CA CYS D 263 -18.53 30.75 -41.81
C CYS D 263 -17.54 30.35 -40.74
N ILE D 264 -17.37 29.02 -40.52
CA ILE D 264 -16.16 28.43 -39.97
C ILE D 264 -14.98 28.91 -40.79
N ALA D 265 -13.92 29.42 -40.11
CA ALA D 265 -13.04 30.36 -40.75
C ALA D 265 -11.63 30.12 -40.34
N THR D 266 -10.76 31.09 -40.71
CA THR D 266 -9.37 30.84 -40.94
C THR D 266 -8.50 31.29 -39.79
N LEU D 267 -8.73 30.69 -38.60
CA LEU D 267 -7.77 30.83 -37.54
C LEU D 267 -7.96 29.65 -36.64
N ALA D 268 -6.83 28.95 -36.38
CA ALA D 268 -6.75 27.74 -35.59
C ALA D 268 -6.54 28.15 -34.15
N PRO D 269 -6.77 27.29 -33.15
CA PRO D 269 -6.71 27.60 -31.72
C PRO D 269 -5.61 28.52 -31.27
N GLU D 270 -5.96 29.50 -30.43
CA GLU D 270 -5.19 30.65 -30.04
C GLU D 270 -3.88 30.31 -29.37
N PRO D 271 -2.81 31.10 -29.59
CA PRO D 271 -1.50 30.85 -29.02
C PRO D 271 -1.53 30.95 -27.51
N LEU D 272 -0.70 30.15 -26.80
CA LEU D 272 -0.53 30.31 -25.39
C LEU D 272 0.77 31.05 -25.30
N VAL D 273 0.66 32.36 -24.99
CA VAL D 273 1.75 33.29 -24.95
C VAL D 273 2.22 33.32 -23.54
N GLU D 274 3.55 33.18 -23.36
CA GLU D 274 4.19 33.23 -22.08
C GLU D 274 5.25 34.26 -22.33
N HIS D 275 5.77 34.88 -21.26
CA HIS D 275 6.73 35.92 -21.41
C HIS D 275 7.69 35.71 -20.28
N LYS D 276 8.99 35.72 -20.61
CA LYS D 276 10.10 35.82 -19.71
C LYS D 276 10.80 37.09 -20.12
N HIS D 277 11.99 37.37 -19.54
CA HIS D 277 12.72 38.60 -19.77
C HIS D 277 13.17 38.64 -21.21
N ARG D 278 12.54 39.53 -22.03
CA ARG D 278 12.87 39.76 -23.41
C ARG D 278 12.68 38.56 -24.32
N THR D 279 11.86 37.56 -23.93
CA THR D 279 11.75 36.32 -24.68
C THR D 279 10.37 35.79 -24.42
N LEU D 280 9.63 35.42 -25.49
CA LEU D 280 8.34 34.77 -25.40
C LEU D 280 8.58 33.32 -25.53
N ILE D 281 8.52 32.53 -24.42
CA ILE D 281 8.29 31.11 -24.56
C ILE D 281 6.85 30.96 -24.98
N LEU D 282 6.54 30.07 -25.95
CA LEU D 282 5.19 29.85 -26.37
C LEU D 282 5.01 28.41 -26.61
N HIS D 283 4.42 27.67 -25.65
CA HIS D 283 3.83 26.40 -25.95
C HIS D 283 2.63 26.63 -26.83
N LEU D 284 2.57 25.94 -27.99
CA LEU D 284 1.59 26.20 -29.00
C LEU D 284 1.18 24.85 -29.45
N HIS D 285 -0.09 24.69 -29.85
CA HIS D 285 -0.64 23.38 -30.12
C HIS D 285 -2.05 23.57 -30.63
N PRO D 286 -2.26 23.92 -31.90
CA PRO D 286 -3.59 24.13 -32.43
C PRO D 286 -4.08 22.83 -33.00
N ASP D 287 -5.27 22.87 -33.67
CA ASP D 287 -5.85 21.74 -34.35
C ASP D 287 -5.59 21.82 -35.83
N HIS D 288 -4.97 22.92 -36.33
CA HIS D 288 -4.78 23.11 -37.75
C HIS D 288 -3.50 23.91 -37.92
N PRO D 289 -2.70 23.69 -38.98
CA PRO D 289 -1.46 24.41 -39.23
C PRO D 289 -1.62 25.90 -39.35
N THR D 290 -0.87 26.64 -38.51
CA THR D 290 -0.90 28.08 -38.46
C THR D 290 0.47 28.50 -38.87
N LEU D 291 0.61 29.38 -39.90
CA LEU D 291 1.89 29.94 -40.26
C LEU D 291 2.13 31.05 -39.31
N LEU D 292 3.05 30.80 -38.36
CA LEU D 292 3.49 31.78 -37.43
C LEU D 292 4.64 32.49 -38.04
N THR D 293 4.72 33.77 -37.66
CA THR D 293 5.75 34.69 -38.01
C THR D 293 5.56 35.73 -36.97
N THR D 294 6.60 36.53 -36.74
CA THR D 294 6.62 37.49 -35.69
C THR D 294 7.34 38.63 -36.33
N ARG D 295 7.42 39.73 -35.59
CA ARG D 295 8.17 40.85 -36.00
C ARG D 295 8.54 41.37 -34.68
N SER D 296 9.76 41.08 -34.21
CA SER D 296 10.27 41.72 -33.02
C SER D 296 10.43 43.17 -33.41
N LEU D 297 9.61 44.04 -32.80
CA LEU D 297 9.23 45.33 -33.32
C LEU D 297 10.35 46.31 -33.15
N GLY D 298 10.11 47.53 -33.69
CA GLY D 298 11.02 48.62 -33.61
C GLY D 298 11.79 48.47 -34.86
N SER D 299 12.96 49.11 -34.99
CA SER D 299 13.83 48.96 -36.14
C SER D 299 14.42 47.60 -36.31
N ASP D 300 14.39 46.74 -35.25
CA ASP D 300 14.46 45.30 -35.39
C ASP D 300 13.32 44.81 -36.24
N ALA D 301 13.62 43.86 -37.16
CA ALA D 301 12.69 43.28 -38.08
C ALA D 301 12.31 41.98 -37.45
N ASN D 302 13.21 40.97 -37.57
CA ASN D 302 13.02 39.63 -37.09
C ASN D 302 11.79 38.97 -37.65
N PRO D 303 11.73 38.54 -38.92
CA PRO D 303 10.58 37.77 -39.35
C PRO D 303 10.90 36.37 -38.87
N THR D 304 9.91 35.46 -38.91
CA THR D 304 10.10 34.08 -38.55
C THR D 304 9.17 33.31 -39.42
N ARG D 305 9.49 32.06 -39.79
CA ARG D 305 8.45 31.27 -40.39
C ARG D 305 8.60 29.97 -39.74
N GLN D 306 7.44 29.44 -39.29
CA GLN D 306 7.32 28.11 -38.83
C GLN D 306 5.85 27.83 -38.83
N TRP D 307 5.44 26.79 -39.57
CA TRP D 307 4.14 26.17 -39.42
C TRP D 307 4.01 25.58 -38.03
N ILE D 308 2.91 25.90 -37.33
CA ILE D 308 2.68 25.48 -35.98
C ILE D 308 1.42 24.65 -36.05
N GLU D 309 1.60 23.35 -35.74
CA GLU D 309 0.53 22.41 -35.54
C GLU D 309 0.96 21.52 -34.41
N ARG D 310 2.30 21.34 -34.30
CA ARG D 310 3.00 20.60 -33.27
C ARG D 310 2.88 21.17 -31.86
N PRO D 311 2.96 20.36 -30.80
CA PRO D 311 2.97 20.82 -29.42
C PRO D 311 4.40 21.10 -29.02
N THR D 312 4.86 22.37 -29.14
CA THR D 312 6.26 22.71 -29.06
C THR D 312 6.35 24.10 -28.51
N THR D 313 7.23 24.29 -27.49
CA THR D 313 7.60 25.59 -27.00
C THR D 313 8.62 26.19 -27.95
N VAL D 314 8.26 27.34 -28.56
CA VAL D 314 9.09 28.03 -29.52
C VAL D 314 9.44 29.34 -28.87
N ASN D 315 10.24 30.21 -29.53
CA ASN D 315 10.62 31.47 -28.92
C ASN D 315 10.75 32.52 -29.97
N PHE D 316 10.50 33.79 -29.53
CA PHE D 316 10.64 34.98 -30.33
C PHE D 316 11.07 36.00 -29.33
N THR D 317 12.31 36.48 -29.51
CA THR D 317 13.02 37.40 -28.64
C THR D 317 12.51 38.81 -28.68
N VAL D 318 11.59 39.14 -27.74
CA VAL D 318 11.03 40.46 -27.54
C VAL D 318 12.11 41.47 -27.28
N THR D 319 12.16 42.55 -28.09
CA THR D 319 13.15 43.60 -27.97
C THR D 319 12.55 44.70 -27.17
N GLY D 320 13.39 45.68 -26.76
CA GLY D 320 13.03 46.81 -25.96
C GLY D 320 12.62 47.90 -26.86
N GLU D 321 11.40 47.76 -27.41
CA GLU D 321 10.82 48.46 -28.52
C GLU D 321 9.78 47.50 -29.02
N GLY D 322 9.35 46.57 -28.14
CA GLY D 322 8.33 45.58 -28.33
C GLY D 322 8.63 44.57 -29.37
N LEU D 323 7.66 43.64 -29.48
CA LEU D 323 7.59 42.56 -30.41
C LEU D 323 6.16 42.48 -30.81
N GLU D 324 5.90 41.85 -31.96
CA GLU D 324 4.58 41.52 -32.41
C GLU D 324 4.70 40.07 -32.70
N TYR D 325 3.53 39.42 -32.76
CA TYR D 325 3.44 38.01 -32.80
C TYR D 325 2.22 37.87 -33.63
N THR D 326 2.35 37.05 -34.71
CA THR D 326 1.46 37.08 -35.83
C THR D 326 1.06 35.66 -36.08
N TRP D 327 0.05 35.23 -35.32
CA TRP D 327 -0.52 33.90 -35.27
C TRP D 327 -1.36 33.68 -36.50
N GLY D 328 -0.74 33.37 -37.66
CA GLY D 328 -1.45 33.24 -38.91
C GLY D 328 -1.57 34.58 -39.55
N ASN D 329 -2.62 34.73 -40.38
CA ASN D 329 -2.94 35.97 -41.08
C ASN D 329 -3.94 36.73 -40.25
N HIS D 330 -4.11 36.32 -38.97
CA HIS D 330 -4.67 37.16 -37.93
C HIS D 330 -3.81 38.39 -37.79
N PRO D 331 -4.34 39.54 -37.40
CA PRO D 331 -3.60 40.78 -37.36
C PRO D 331 -2.64 40.66 -36.19
N PRO D 332 -1.40 41.10 -36.26
CA PRO D 332 -0.41 40.89 -35.22
C PRO D 332 -0.84 41.42 -33.87
N LYS D 333 -0.62 40.61 -32.80
CA LYS D 333 -0.79 41.05 -31.44
C LYS D 333 0.56 41.57 -31.05
N ARG D 334 0.72 42.16 -29.84
CA ARG D 334 2.04 42.66 -29.48
C ARG D 334 2.21 42.58 -28.01
N VAL D 335 3.50 42.46 -27.62
CA VAL D 335 3.90 42.23 -26.28
C VAL D 335 5.28 42.84 -26.14
N TRP D 336 5.51 43.70 -25.13
CA TRP D 336 6.83 44.18 -24.77
C TRP D 336 7.07 43.76 -23.34
N ALA D 337 8.34 43.41 -23.03
CA ALA D 337 8.78 43.39 -21.65
C ALA D 337 10.25 43.66 -21.64
N GLN D 338 10.77 43.82 -20.41
CA GLN D 338 12.18 43.76 -20.09
C GLN D 338 12.33 42.84 -18.92
N GLU D 339 11.23 42.66 -18.15
CA GLU D 339 11.19 41.75 -17.06
C GLU D 339 9.86 41.12 -17.23
N SER D 340 9.88 39.80 -17.44
CA SER D 340 8.78 38.94 -17.15
C SER D 340 9.46 37.71 -16.65
N GLY D 341 8.70 36.75 -16.11
CA GLY D 341 9.28 35.58 -15.48
C GLY D 341 8.91 35.58 -14.03
N GLU D 342 7.77 36.21 -13.71
CA GLU D 342 7.04 36.06 -12.47
C GLU D 342 7.59 36.96 -11.39
N GLY D 343 8.23 38.07 -11.80
CA GLY D 343 8.42 39.23 -10.98
C GLY D 343 9.57 39.13 -10.05
N ASN D 344 10.03 40.32 -9.61
CA ASN D 344 11.04 40.46 -8.60
C ASN D 344 10.71 41.73 -7.83
N PRO D 345 9.67 41.80 -6.97
CA PRO D 345 9.50 42.81 -5.92
C PRO D 345 10.76 43.38 -5.31
N HIS D 346 11.05 44.67 -5.54
CA HIS D 346 12.32 45.26 -5.20
C HIS D 346 12.44 45.60 -3.76
N GLY D 347 13.57 45.11 -3.18
CA GLY D 347 14.19 45.57 -1.96
C GLY D 347 15.62 45.76 -2.31
N TRP D 348 15.97 45.32 -3.54
CA TRP D 348 17.23 45.40 -4.19
C TRP D 348 16.74 45.36 -5.62
N PRO D 349 17.40 45.92 -6.62
CA PRO D 349 17.17 45.62 -8.03
C PRO D 349 17.06 44.15 -8.34
N HIS D 350 15.89 43.73 -8.89
CA HIS D 350 15.49 42.36 -9.08
C HIS D 350 15.61 41.51 -7.84
N GLU D 351 14.93 41.90 -6.73
CA GLU D 351 14.96 41.10 -5.51
C GLU D 351 13.89 40.01 -5.64
N TYR E 1 37.48 1.14 -106.71
CA TYR E 1 37.01 -0.17 -107.22
C TYR E 1 36.24 -0.85 -106.15
N GLU E 2 36.90 -1.11 -105.00
CA GLU E 2 36.30 -1.82 -103.89
C GLU E 2 36.07 -0.77 -102.84
N HIS E 3 34.79 -0.36 -102.68
CA HIS E 3 34.43 0.82 -101.94
C HIS E 3 34.44 0.61 -100.46
N THR E 4 35.63 0.79 -99.83
CA THR E 4 35.76 0.95 -98.40
C THR E 4 34.96 2.13 -97.93
N ALA E 5 34.36 2.06 -96.73
CA ALA E 5 33.63 3.19 -96.24
C ALA E 5 33.42 3.02 -94.79
N VAL E 6 33.96 3.98 -93.99
CA VAL E 6 33.52 4.22 -92.65
C VAL E 6 32.38 5.17 -92.84
N MET E 7 31.19 4.75 -92.38
CA MET E 7 29.99 5.34 -92.87
C MET E 7 28.91 4.83 -91.98
N PRO E 8 28.53 5.55 -90.92
CA PRO E 8 27.58 5.10 -89.92
C PRO E 8 26.21 4.72 -90.42
N ASN E 9 25.40 4.16 -89.50
CA ASN E 9 24.03 3.80 -89.75
C ASN E 9 23.21 4.83 -89.04
N LYS E 10 22.45 5.63 -89.80
CA LYS E 10 21.51 6.61 -89.35
C LYS E 10 20.19 6.21 -89.95
N VAL E 11 19.13 7.03 -89.77
CA VAL E 11 17.75 6.61 -89.77
C VAL E 11 17.28 5.97 -91.06
N GLY E 12 17.74 6.48 -92.23
CA GLY E 12 17.03 6.27 -93.47
C GLY E 12 17.23 7.48 -94.33
N ILE E 13 17.65 8.61 -93.70
CA ILE E 13 17.87 9.91 -94.29
C ILE E 13 19.00 9.75 -95.30
N PRO E 14 19.04 10.36 -96.48
CA PRO E 14 20.04 10.02 -97.48
C PRO E 14 21.38 10.65 -97.26
N TYR E 15 22.45 9.81 -97.20
CA TYR E 15 23.77 10.25 -96.85
C TYR E 15 24.75 9.37 -97.53
N LYS E 16 25.89 9.96 -97.92
CA LYS E 16 26.72 9.43 -98.94
C LYS E 16 28.08 9.01 -98.49
N ALA E 17 28.70 8.19 -99.36
CA ALA E 17 30.05 7.73 -99.30
C ALA E 17 30.50 7.74 -100.75
N LEU E 18 31.82 7.57 -101.02
CA LEU E 18 32.43 7.84 -102.32
C LEU E 18 33.35 6.71 -102.65
N VAL E 19 33.25 6.10 -103.86
CA VAL E 19 34.20 5.07 -104.28
C VAL E 19 35.40 5.73 -104.86
N GLU E 20 36.54 5.61 -104.17
CA GLU E 20 37.80 6.06 -104.68
C GLU E 20 38.24 4.96 -105.61
N ARG E 21 38.21 5.24 -106.93
CA ARG E 21 38.57 4.32 -107.98
C ARG E 21 39.91 4.80 -108.50
N PRO E 22 40.91 3.96 -108.74
CA PRO E 22 42.20 4.45 -109.19
C PRO E 22 42.48 4.16 -110.65
N GLY E 23 42.12 2.97 -111.18
CA GLY E 23 42.29 2.65 -112.58
C GLY E 23 41.43 3.49 -113.46
N TYR E 24 40.17 3.71 -113.03
CA TYR E 24 39.22 4.51 -113.76
C TYR E 24 38.92 5.62 -112.79
N ALA E 25 38.14 6.62 -113.24
CA ALA E 25 37.79 7.77 -112.44
C ALA E 25 36.88 7.42 -111.27
N PRO E 26 37.03 7.99 -110.07
CA PRO E 26 36.13 7.84 -108.94
C PRO E 26 34.68 8.03 -109.25
N VAL E 27 33.83 7.23 -108.57
CA VAL E 27 32.41 7.22 -108.75
C VAL E 27 31.86 7.20 -107.37
N HIS E 28 30.77 7.95 -107.08
CA HIS E 28 30.25 7.99 -105.74
C HIS E 28 29.53 6.71 -105.47
N LEU E 29 29.44 6.35 -104.19
CA LEU E 29 28.65 5.23 -103.78
C LEU E 29 28.16 5.58 -102.44
N GLN E 30 27.05 6.35 -102.44
CA GLN E 30 26.18 6.59 -101.33
C GLN E 30 25.78 5.34 -100.61
N ILE E 31 26.40 5.09 -99.43
CA ILE E 31 26.03 3.95 -98.64
C ILE E 31 25.29 4.60 -97.53
N GLN E 32 23.97 4.44 -97.58
CA GLN E 32 23.04 4.99 -96.64
C GLN E 32 22.52 3.75 -95.99
N LEU E 33 22.89 3.46 -94.74
CA LEU E 33 22.47 2.27 -94.05
C LEU E 33 21.32 2.57 -93.16
N VAL E 34 20.12 2.11 -93.55
CA VAL E 34 18.85 2.44 -92.94
C VAL E 34 18.75 1.91 -91.53
N ASN E 35 19.11 0.62 -91.33
CA ASN E 35 19.07 -0.01 -90.03
C ASN E 35 19.95 -1.21 -90.11
N THR E 36 20.14 -1.86 -88.94
CA THR E 36 20.82 -3.12 -88.81
C THR E 36 20.15 -3.72 -87.62
N ARG E 37 20.10 -5.06 -87.60
CA ARG E 37 19.53 -5.84 -86.54
C ARG E 37 20.35 -7.08 -86.55
N ILE E 38 20.12 -7.96 -85.55
CA ILE E 38 21.11 -8.90 -85.14
C ILE E 38 20.49 -10.25 -85.31
N ILE E 39 19.31 -10.43 -84.65
CA ILE E 39 18.48 -11.61 -84.57
C ILE E 39 19.30 -12.88 -84.39
N PRO E 40 20.00 -13.05 -83.27
CA PRO E 40 20.64 -14.31 -82.93
C PRO E 40 19.65 -15.44 -82.82
N SER E 41 20.12 -16.69 -83.02
CA SER E 41 19.32 -17.89 -82.80
C SER E 41 18.93 -17.93 -81.36
N THR E 42 17.66 -18.28 -81.05
CA THR E 42 17.15 -18.02 -79.73
C THR E 42 16.26 -19.14 -79.30
N ASN E 43 15.79 -19.06 -78.03
CA ASN E 43 14.93 -20.01 -77.39
C ASN E 43 14.12 -19.21 -76.40
N LEU E 44 12.77 -19.36 -76.46
CA LEU E 44 11.84 -18.79 -75.51
C LEU E 44 11.95 -19.52 -74.21
N GLU E 45 12.44 -18.81 -73.16
CA GLU E 45 12.74 -19.44 -71.90
C GLU E 45 11.53 -19.37 -71.02
N TYR E 46 10.92 -18.17 -70.88
CA TYR E 46 9.68 -18.03 -70.16
C TYR E 46 9.11 -16.66 -70.43
N ILE E 47 7.78 -16.56 -70.62
CA ILE E 47 7.08 -15.30 -70.55
C ILE E 47 7.00 -14.89 -69.09
N THR E 48 7.09 -13.57 -68.84
CA THR E 48 6.85 -12.95 -67.56
C THR E 48 5.81 -11.89 -67.86
N CYS E 49 5.28 -11.30 -66.78
CA CYS E 49 4.07 -10.54 -66.76
C CYS E 49 3.75 -10.54 -65.30
N LYS E 50 2.99 -9.52 -64.83
CA LYS E 50 2.57 -9.44 -63.46
C LYS E 50 1.63 -10.56 -63.17
N TYR E 51 1.78 -11.20 -61.98
CA TYR E 51 1.00 -12.35 -61.63
C TYR E 51 -0.48 -12.08 -61.56
N LYS E 52 -1.26 -13.16 -61.40
CA LYS E 52 -2.56 -13.16 -60.83
C LYS E 52 -2.69 -14.41 -60.06
N THR E 53 -2.92 -14.37 -58.73
CA THR E 53 -3.18 -15.57 -57.95
C THR E 53 -4.59 -16.06 -58.25
N LYS E 54 -4.75 -16.66 -59.45
CA LYS E 54 -5.96 -17.18 -60.01
C LYS E 54 -6.20 -18.57 -59.49
N VAL E 55 -6.79 -18.72 -58.28
CA VAL E 55 -6.93 -20.00 -57.60
C VAL E 55 -7.55 -21.08 -58.48
N PRO E 56 -6.88 -22.20 -58.74
CA PRO E 56 -7.50 -23.40 -59.27
C PRO E 56 -7.95 -24.28 -58.13
N SER E 57 -9.26 -24.19 -57.81
CA SER E 57 -10.04 -24.73 -56.71
C SER E 57 -9.33 -25.64 -55.72
N PRO E 58 -9.28 -25.37 -54.40
CA PRO E 58 -8.50 -26.13 -53.45
C PRO E 58 -8.72 -27.61 -53.41
N VAL E 59 -7.63 -28.38 -53.25
CA VAL E 59 -7.74 -29.75 -52.85
C VAL E 59 -7.77 -29.62 -51.36
N VAL E 60 -8.87 -30.12 -50.76
CA VAL E 60 -9.12 -30.05 -49.36
C VAL E 60 -9.38 -31.45 -48.95
N LYS E 61 -9.23 -31.73 -47.64
CA LYS E 61 -9.63 -32.97 -47.07
C LYS E 61 -9.62 -32.68 -45.60
N CYS E 62 -10.79 -32.23 -45.07
CA CYS E 62 -10.93 -31.70 -43.74
C CYS E 62 -10.87 -32.82 -42.73
N CYS E 63 -10.99 -34.08 -43.19
CA CYS E 63 -10.85 -35.27 -42.39
C CYS E 63 -9.39 -35.56 -42.32
N GLY E 64 -8.86 -35.64 -41.07
CA GLY E 64 -7.48 -35.96 -40.79
C GLY E 64 -6.59 -34.94 -41.44
N ALA E 65 -5.61 -35.43 -42.21
CA ALA E 65 -4.59 -34.61 -42.81
C ALA E 65 -5.14 -34.13 -44.12
N THR E 66 -5.16 -32.79 -44.29
CA THR E 66 -5.48 -32.13 -45.53
C THR E 66 -4.47 -32.47 -46.59
N GLN E 67 -4.92 -32.62 -47.85
CA GLN E 67 -4.06 -32.93 -48.96
C GLN E 67 -4.03 -31.78 -49.91
N CYS E 68 -2.91 -31.68 -50.66
CA CYS E 68 -2.69 -30.70 -51.68
C CYS E 68 -2.25 -31.56 -52.84
N THR E 69 -3.04 -31.58 -53.93
CA THR E 69 -2.65 -32.29 -55.12
C THR E 69 -2.92 -31.36 -56.26
N SER E 70 -1.91 -31.13 -57.12
CA SER E 70 -2.00 -30.21 -58.22
C SER E 70 -2.74 -30.88 -59.33
N LYS E 71 -3.55 -30.09 -60.07
CA LYS E 71 -4.35 -30.60 -61.16
C LYS E 71 -3.96 -29.74 -62.32
N PRO E 72 -3.42 -30.35 -63.39
CA PRO E 72 -2.89 -29.62 -64.53
C PRO E 72 -2.05 -28.41 -64.26
N HIS E 73 -1.18 -28.50 -63.23
CA HIS E 73 -0.25 -27.49 -62.84
C HIS E 73 0.86 -28.23 -62.17
N PRO E 74 2.10 -27.74 -62.16
CA PRO E 74 3.21 -28.41 -61.51
C PRO E 74 3.11 -28.26 -60.01
N ASP E 75 2.70 -27.07 -59.51
CA ASP E 75 2.70 -26.75 -58.11
C ASP E 75 1.35 -26.16 -57.80
N TYR E 76 0.97 -26.24 -56.49
CA TYR E 76 -0.23 -25.69 -55.91
C TYR E 76 0.31 -25.20 -54.60
N GLN E 77 0.08 -23.91 -54.23
CA GLN E 77 0.45 -23.39 -52.93
C GLN E 77 -0.76 -23.67 -52.08
N CYS E 78 -0.56 -24.35 -50.94
CA CYS E 78 -1.61 -24.86 -50.09
C CYS E 78 -1.08 -24.73 -48.70
N GLN E 79 -1.93 -24.21 -47.77
CA GLN E 79 -1.53 -23.98 -46.41
C GLN E 79 -2.75 -24.31 -45.60
N VAL E 80 -2.55 -25.26 -44.64
CA VAL E 80 -3.53 -25.68 -43.68
C VAL E 80 -3.80 -24.53 -42.75
N PHE E 81 -5.04 -24.44 -42.25
CA PHE E 81 -5.49 -23.51 -41.26
C PHE E 81 -6.47 -24.27 -40.42
N THR E 82 -6.44 -24.02 -39.10
CA THR E 82 -7.43 -24.51 -38.19
C THR E 82 -8.06 -23.26 -37.65
N GLY E 83 -9.01 -23.39 -36.68
CA GLY E 83 -9.63 -22.27 -36.01
C GLY E 83 -10.60 -21.55 -36.90
N VAL E 84 -10.96 -22.18 -38.04
CA VAL E 84 -11.91 -21.69 -39.00
C VAL E 84 -12.59 -22.89 -39.55
N TYR E 85 -13.86 -22.74 -39.95
CA TYR E 85 -14.65 -23.86 -40.39
C TYR E 85 -15.69 -23.29 -41.32
N PRO E 86 -16.12 -23.93 -42.43
CA PRO E 86 -16.78 -23.18 -43.49
C PRO E 86 -18.22 -22.91 -43.20
N PHE E 87 -18.68 -21.67 -43.50
CA PHE E 87 -20.06 -21.26 -43.42
C PHE E 87 -20.13 -20.24 -44.49
N MET E 88 -21.18 -20.29 -45.33
CA MET E 88 -21.31 -19.39 -46.46
C MET E 88 -22.77 -19.21 -46.70
N TRP E 89 -23.60 -20.12 -46.12
CA TRP E 89 -25.02 -19.94 -45.99
C TRP E 89 -25.43 -20.95 -44.94
N GLY E 90 -24.47 -21.35 -44.07
CA GLY E 90 -24.64 -22.41 -43.11
C GLY E 90 -24.15 -23.66 -43.76
N GLY E 91 -24.28 -24.82 -43.08
CA GLY E 91 -23.56 -26.03 -43.39
C GLY E 91 -22.07 -25.84 -43.43
N ALA E 92 -21.35 -26.81 -44.03
CA ALA E 92 -19.94 -26.69 -44.23
C ALA E 92 -19.60 -27.54 -45.40
N TYR E 93 -18.56 -27.14 -46.16
CA TYR E 93 -18.05 -27.95 -47.24
C TYR E 93 -17.18 -29.03 -46.68
N CYS E 94 -16.55 -28.74 -45.50
CA CYS E 94 -15.75 -29.69 -44.77
C CYS E 94 -16.59 -30.86 -44.37
N PHE E 95 -15.96 -32.05 -44.46
CA PHE E 95 -16.66 -33.29 -44.44
C PHE E 95 -16.19 -34.09 -43.27
N CYS E 96 -15.62 -33.40 -42.27
CA CYS E 96 -15.39 -33.97 -40.98
C CYS E 96 -15.68 -32.84 -40.07
N ASP E 97 -16.44 -33.15 -38.99
CA ASP E 97 -16.82 -32.21 -37.97
C ASP E 97 -16.14 -32.71 -36.71
N THR E 98 -15.34 -33.80 -36.85
CA THR E 98 -14.49 -34.36 -35.84
C THR E 98 -13.07 -33.89 -36.08
N GLU E 99 -12.79 -33.31 -37.28
CA GLU E 99 -11.56 -32.63 -37.57
C GLU E 99 -12.00 -31.38 -38.27
N ASN E 100 -11.79 -30.22 -37.62
CA ASN E 100 -12.06 -28.92 -38.18
C ASN E 100 -10.79 -28.31 -38.70
N THR E 101 -10.28 -28.86 -39.83
CA THR E 101 -9.07 -28.44 -40.48
C THR E 101 -9.54 -27.91 -41.79
N GLN E 102 -8.87 -26.86 -42.30
CA GLN E 102 -9.32 -26.12 -43.45
C GLN E 102 -8.14 -25.90 -44.33
N MET E 103 -8.23 -26.36 -45.59
CA MET E 103 -7.13 -26.27 -46.52
C MET E 103 -7.50 -25.25 -47.53
N SER E 104 -6.80 -24.09 -47.41
CA SER E 104 -6.87 -23.02 -48.36
C SER E 104 -5.75 -23.30 -49.30
N GLU E 105 -6.02 -23.11 -50.60
CA GLU E 105 -5.08 -23.37 -51.65
C GLU E 105 -5.27 -22.26 -52.60
N ALA E 106 -4.14 -21.76 -53.13
CA ALA E 106 -4.20 -20.73 -54.11
C ALA E 106 -2.96 -20.95 -54.91
N TYR E 107 -3.06 -20.96 -56.24
CA TYR E 107 -1.88 -21.03 -57.05
C TYR E 107 -1.97 -19.82 -57.94
N VAL E 108 -0.81 -19.45 -58.51
CA VAL E 108 -0.66 -18.39 -59.44
C VAL E 108 -0.85 -19.05 -60.76
N GLU E 109 -1.47 -18.32 -61.70
CA GLU E 109 -1.70 -18.77 -63.03
C GLU E 109 -1.54 -17.48 -63.73
N ARG E 110 -1.06 -17.59 -64.98
CA ARG E 110 -0.77 -16.49 -65.85
C ARG E 110 -1.96 -15.60 -65.98
N SER E 111 -1.70 -14.29 -65.89
CA SER E 111 -2.62 -13.22 -66.16
C SER E 111 -2.98 -13.29 -67.62
N GLU E 112 -4.10 -12.63 -67.98
CA GLU E 112 -4.50 -12.44 -69.35
C GLU E 112 -3.55 -11.47 -70.03
N GLU E 113 -2.89 -10.59 -69.23
CA GLU E 113 -1.90 -9.63 -69.69
C GLU E 113 -0.63 -10.31 -70.13
N CYS E 114 -0.38 -11.57 -69.71
CA CYS E 114 0.76 -12.36 -70.13
C CYS E 114 0.80 -12.59 -71.62
N SER E 115 -0.39 -12.73 -72.25
CA SER E 115 -0.56 -12.90 -73.66
C SER E 115 -0.11 -11.72 -74.49
N ILE E 116 -0.27 -10.48 -73.96
CA ILE E 116 -0.25 -9.28 -74.78
C ILE E 116 0.41 -8.17 -74.01
N ASP E 117 1.43 -7.51 -74.65
CA ASP E 117 2.18 -6.41 -74.11
C ASP E 117 2.89 -6.86 -72.86
N HIS E 118 3.82 -7.83 -73.04
CA HIS E 118 4.33 -8.63 -71.97
C HIS E 118 5.80 -8.78 -72.18
N ALA E 119 6.50 -9.05 -71.05
CA ALA E 119 7.86 -9.50 -71.00
C ALA E 119 7.97 -10.89 -71.57
N LYS E 120 9.10 -11.18 -72.25
CA LYS E 120 9.22 -12.41 -73.00
C LYS E 120 10.69 -12.63 -73.06
N ALA E 121 11.14 -13.72 -72.38
CA ALA E 121 12.54 -14.00 -72.18
C ALA E 121 13.14 -14.70 -73.36
N TYR E 122 14.48 -14.69 -73.40
CA TYR E 122 15.24 -15.30 -74.46
C TYR E 122 16.61 -15.62 -73.93
N LYS E 123 17.16 -16.77 -74.38
CA LYS E 123 18.57 -17.09 -74.43
C LYS E 123 19.04 -16.79 -75.83
N VAL E 124 19.99 -15.83 -75.99
CA VAL E 124 20.32 -15.27 -77.27
C VAL E 124 21.72 -15.76 -77.59
N HIS E 125 21.83 -16.46 -78.74
CA HIS E 125 23.04 -17.06 -79.25
C HIS E 125 23.81 -16.07 -80.09
N THR E 126 24.04 -16.39 -81.40
CA THR E 126 24.96 -15.66 -82.24
C THR E 126 24.19 -15.08 -83.40
N GLY E 127 24.39 -13.76 -83.65
CA GLY E 127 23.77 -12.97 -84.70
C GLY E 127 24.05 -13.52 -86.07
N THR E 128 23.09 -13.33 -87.01
CA THR E 128 23.05 -14.11 -88.23
C THR E 128 22.22 -13.36 -89.26
N VAL E 129 21.66 -12.17 -88.91
CA VAL E 129 20.65 -11.54 -89.73
C VAL E 129 21.11 -10.17 -90.14
N GLN E 130 20.75 -9.83 -91.40
CA GLN E 130 21.08 -8.74 -92.28
C GLN E 130 20.94 -7.33 -91.72
N ALA E 131 21.26 -6.35 -92.59
CA ALA E 131 21.21 -4.94 -92.34
C ALA E 131 20.60 -4.38 -93.58
N MET E 132 19.63 -3.46 -93.41
CA MET E 132 18.99 -2.78 -94.50
C MET E 132 19.84 -1.61 -94.90
N VAL E 133 20.12 -1.51 -96.20
CA VAL E 133 21.11 -0.59 -96.70
C VAL E 133 20.59 -0.14 -98.02
N ASN E 134 20.51 1.20 -98.18
CA ASN E 134 20.35 1.88 -99.43
C ASN E 134 21.73 2.02 -100.05
N ILE E 135 21.84 1.77 -101.37
CA ILE E 135 22.94 2.19 -102.18
C ILE E 135 22.44 2.94 -103.37
N THR E 136 22.83 4.22 -103.43
CA THR E 136 22.78 5.06 -104.60
C THR E 136 24.24 5.11 -105.00
N TYR E 137 24.52 5.36 -106.29
CA TYR E 137 25.80 5.10 -106.89
C TYR E 137 25.79 6.01 -108.08
N GLY E 138 26.96 6.26 -108.70
CA GLY E 138 27.05 6.94 -109.97
C GLY E 138 27.04 6.00 -111.14
N SER E 139 26.04 5.08 -111.17
CA SER E 139 25.69 4.34 -112.37
C SER E 139 24.40 3.62 -112.08
N VAL E 140 23.89 3.64 -110.83
CA VAL E 140 22.57 3.16 -110.50
C VAL E 140 22.15 4.09 -109.40
N SER E 141 20.88 4.56 -109.41
CA SER E 141 20.40 5.44 -108.37
C SER E 141 19.37 4.72 -107.55
N TRP E 142 19.73 4.49 -106.27
CA TRP E 142 18.95 3.91 -105.21
C TRP E 142 18.68 2.44 -105.41
N ARG E 143 18.78 1.71 -104.28
CA ARG E 143 18.16 0.43 -104.06
C ARG E 143 18.24 0.29 -102.59
N SER E 144 17.14 -0.05 -101.88
CA SER E 144 17.16 -0.17 -100.45
C SER E 144 16.67 -1.52 -100.05
N ALA E 145 17.62 -2.47 -99.90
CA ALA E 145 17.32 -3.87 -99.72
C ALA E 145 18.22 -4.35 -98.62
N ASP E 146 17.88 -5.54 -98.05
CA ASP E 146 18.60 -6.15 -96.97
C ASP E 146 19.70 -6.99 -97.55
N VAL E 147 20.89 -6.89 -96.92
CA VAL E 147 22.11 -7.50 -97.38
C VAL E 147 22.79 -7.85 -96.09
N TYR E 148 23.41 -9.06 -96.00
CA TYR E 148 24.04 -9.51 -94.78
C TYR E 148 25.11 -8.61 -94.24
N VAL E 149 25.09 -8.54 -92.90
CA VAL E 149 25.91 -7.72 -92.07
C VAL E 149 26.69 -8.67 -91.21
N ASN E 150 26.87 -9.92 -91.68
CA ASN E 150 27.62 -10.90 -90.94
C ASN E 150 27.92 -11.99 -91.92
N GLY E 151 28.81 -12.93 -91.53
CA GLY E 151 29.40 -13.88 -92.43
C GLY E 151 28.41 -14.98 -92.66
N GLU E 152 27.86 -15.03 -93.89
CA GLU E 152 27.10 -16.14 -94.43
C GLU E 152 26.69 -15.73 -95.82
N THR E 153 27.56 -14.90 -96.46
CA THR E 153 27.49 -14.39 -97.81
C THR E 153 26.50 -13.24 -97.90
N PRO E 154 26.95 -11.99 -97.80
CA PRO E 154 26.21 -10.81 -98.23
C PRO E 154 25.80 -10.83 -99.69
N ALA E 155 24.50 -10.56 -99.94
CA ALA E 155 23.89 -10.36 -101.23
C ALA E 155 24.41 -9.16 -101.98
N LYS E 156 24.32 -9.22 -103.33
CA LYS E 156 24.72 -8.15 -104.22
C LYS E 156 23.44 -7.55 -104.69
N ILE E 157 23.20 -6.28 -104.30
CA ILE E 157 22.04 -5.55 -104.74
C ILE E 157 22.59 -4.20 -105.13
N GLY E 158 22.20 -3.72 -106.34
CA GLY E 158 22.79 -2.57 -106.99
C GLY E 158 24.16 -2.87 -107.52
N ASP E 159 24.85 -1.82 -108.02
CA ASP E 159 26.24 -1.86 -108.44
C ASP E 159 27.08 -1.77 -107.19
N ALA E 160 27.12 -2.90 -106.47
CA ALA E 160 27.67 -2.98 -105.16
C ALA E 160 27.23 -4.29 -104.60
N LYS E 161 28.21 -5.17 -104.30
CA LYS E 161 28.00 -6.34 -103.49
C LYS E 161 28.67 -5.81 -102.29
N LEU E 162 27.99 -5.80 -101.15
CA LEU E 162 28.38 -4.96 -100.06
C LEU E 162 28.35 -5.79 -98.85
N ILE E 163 29.43 -5.68 -98.06
CA ILE E 163 29.63 -6.49 -96.90
C ILE E 163 29.64 -5.38 -95.91
N ILE E 164 28.84 -5.59 -94.86
CA ILE E 164 28.41 -4.57 -93.96
C ILE E 164 28.86 -5.13 -92.66
N GLY E 165 29.31 -4.27 -91.72
CA GLY E 165 29.64 -4.70 -90.38
C GLY E 165 30.94 -5.47 -90.43
N PRO E 166 31.11 -6.67 -89.89
CA PRO E 166 30.12 -7.47 -89.19
C PRO E 166 29.49 -6.83 -87.99
N LEU E 167 28.13 -6.82 -87.96
CA LEU E 167 27.24 -6.32 -86.94
C LEU E 167 27.65 -4.97 -86.44
N SER E 168 27.85 -3.99 -87.34
CA SER E 168 28.19 -2.65 -86.91
C SER E 168 26.95 -1.87 -87.10
N SER E 169 26.56 -1.19 -86.00
CA SER E 169 25.27 -0.65 -85.68
C SER E 169 24.41 -1.82 -85.31
N ALA E 170 23.80 -1.79 -84.12
CA ALA E 170 23.14 -2.94 -83.53
C ALA E 170 24.06 -4.12 -83.45
N TRP E 171 25.19 -3.97 -82.72
CA TRP E 171 26.16 -5.04 -82.54
C TRP E 171 25.53 -6.19 -81.81
N SER E 172 24.79 -5.83 -80.75
CA SER E 172 23.79 -6.61 -80.07
C SER E 172 23.68 -5.84 -78.79
N PRO E 173 22.78 -4.86 -78.64
CA PRO E 173 22.63 -4.10 -77.40
C PRO E 173 21.85 -4.92 -76.40
N PHE E 174 21.58 -6.19 -76.74
CA PHE E 174 21.04 -7.23 -75.92
C PHE E 174 22.09 -7.96 -75.14
N ASP E 175 21.69 -8.46 -73.95
CA ASP E 175 22.45 -9.35 -73.10
C ASP E 175 22.12 -10.77 -73.50
N ASN E 176 22.74 -11.78 -72.83
CA ASN E 176 22.46 -13.19 -73.04
C ASN E 176 21.02 -13.50 -72.71
N LYS E 177 20.55 -12.98 -71.56
CA LYS E 177 19.19 -13.14 -71.14
C LYS E 177 18.55 -11.83 -71.50
N VAL E 178 17.38 -11.86 -72.16
CA VAL E 178 16.78 -10.61 -72.59
C VAL E 178 15.33 -10.81 -72.32
N VAL E 179 14.67 -9.76 -71.80
CA VAL E 179 13.24 -9.65 -71.80
C VAL E 179 12.94 -8.52 -72.73
N VAL E 180 11.78 -8.57 -73.42
CA VAL E 180 11.47 -7.51 -74.34
C VAL E 180 10.05 -7.26 -73.97
N TYR E 181 9.70 -5.95 -73.88
CA TYR E 181 8.44 -5.52 -73.36
C TYR E 181 8.04 -4.24 -74.02
N GLY E 182 7.19 -4.28 -75.08
CA GLY E 182 6.48 -3.11 -75.57
C GLY E 182 7.35 -1.93 -75.87
N HIS E 183 7.24 -0.86 -75.04
CA HIS E 183 8.18 0.22 -74.98
C HIS E 183 9.52 -0.23 -74.46
N GLU E 184 9.72 -0.29 -73.11
CA GLU E 184 11.01 -0.52 -72.53
C GLU E 184 11.37 -1.98 -72.54
N VAL E 185 12.47 -2.26 -73.26
CA VAL E 185 13.00 -3.55 -73.61
C VAL E 185 14.16 -3.74 -72.71
N TYR E 186 14.28 -4.91 -72.04
CA TYR E 186 15.23 -5.01 -70.99
C TYR E 186 16.20 -6.10 -71.30
N ASN E 187 17.46 -5.66 -71.41
CA ASN E 187 18.60 -6.49 -71.56
C ASN E 187 19.05 -6.63 -70.13
N TYR E 188 18.60 -7.73 -69.49
CA TYR E 188 18.63 -7.83 -68.07
C TYR E 188 18.82 -9.29 -67.80
N ASP E 189 19.74 -9.60 -66.85
CA ASP E 189 19.96 -10.95 -66.38
C ASP E 189 18.83 -11.38 -65.50
N PHE E 190 18.44 -12.66 -65.62
CA PHE E 190 17.47 -13.29 -64.78
C PHE E 190 17.72 -14.77 -64.95
N PRO E 191 17.29 -15.66 -64.07
CA PRO E 191 17.65 -17.07 -64.17
C PRO E 191 16.62 -17.73 -65.04
N GLU E 192 16.96 -18.87 -65.69
CA GLU E 192 16.06 -19.69 -66.47
C GLU E 192 14.91 -20.18 -65.63
N TYR E 193 13.70 -20.31 -66.24
CA TYR E 193 12.55 -21.07 -65.80
C TYR E 193 12.83 -22.16 -64.80
N GLY E 194 12.27 -22.03 -63.58
CA GLY E 194 12.23 -23.09 -62.59
C GLY E 194 12.79 -22.65 -61.28
N THR E 195 13.20 -21.37 -61.12
CA THR E 195 13.98 -21.00 -59.96
C THR E 195 13.94 -19.50 -59.72
N GLY E 196 12.89 -18.82 -60.25
CA GLY E 196 12.78 -17.38 -60.28
C GLY E 196 12.57 -16.80 -58.90
N LYS E 197 12.43 -15.45 -58.81
CA LYS E 197 12.30 -14.79 -57.53
C LYS E 197 11.35 -13.64 -57.65
N ALA E 198 10.57 -13.43 -56.57
CA ALA E 198 9.47 -12.50 -56.47
C ALA E 198 9.82 -11.05 -56.66
N GLY E 199 10.92 -10.58 -56.01
CA GLY E 199 11.29 -9.20 -56.00
C GLY E 199 12.13 -8.88 -57.19
N SER E 200 12.86 -9.89 -57.70
CA SER E 200 13.66 -9.81 -58.90
C SER E 200 12.74 -10.05 -60.06
N PHE E 201 13.28 -9.90 -61.30
CA PHE E 201 12.52 -10.10 -62.48
C PHE E 201 12.43 -11.59 -62.72
N GLY E 202 11.25 -12.06 -63.21
CA GLY E 202 11.01 -13.45 -63.46
C GLY E 202 10.40 -14.09 -62.24
N ASP E 203 9.54 -13.34 -61.53
CA ASP E 203 8.71 -13.85 -60.46
C ASP E 203 7.74 -14.91 -60.94
N LEU E 204 7.05 -14.61 -62.06
CA LEU E 204 6.30 -15.54 -62.83
C LEU E 204 7.20 -16.01 -63.92
N GLN E 205 7.21 -17.34 -64.18
CA GLN E 205 8.00 -17.87 -65.25
C GLN E 205 7.09 -18.94 -65.75
N SER E 206 6.33 -18.62 -66.81
CA SER E 206 5.49 -19.55 -67.50
C SER E 206 6.20 -19.82 -68.78
N ARG E 207 6.27 -21.09 -69.23
CA ARG E 207 6.93 -21.44 -70.47
C ARG E 207 6.26 -20.74 -71.64
N THR E 208 4.91 -20.68 -71.62
CA THR E 208 4.13 -19.84 -72.51
C THR E 208 2.99 -19.38 -71.63
N SER E 209 2.42 -18.20 -71.97
CA SER E 209 1.34 -17.56 -71.26
C SER E 209 0.09 -18.40 -71.20
N THR E 210 -0.27 -19.04 -72.33
CA THR E 210 -1.40 -19.93 -72.47
C THR E 210 -1.23 -21.18 -71.64
N SER E 211 0.00 -21.76 -71.63
CA SER E 211 0.32 -23.04 -71.05
C SER E 211 0.03 -23.05 -69.57
N ASN E 212 -0.51 -24.17 -69.07
CA ASN E 212 -0.95 -24.34 -67.70
C ASN E 212 0.17 -24.87 -66.86
N ASP E 213 1.36 -24.23 -66.95
CA ASP E 213 2.47 -24.58 -66.11
C ASP E 213 3.29 -23.34 -65.96
N LEU E 214 3.93 -23.20 -64.80
CA LEU E 214 4.79 -22.08 -64.56
C LEU E 214 5.62 -22.44 -63.36
N TYR E 215 6.41 -21.47 -62.89
CA TYR E 215 7.15 -21.48 -61.67
C TYR E 215 6.76 -20.17 -61.07
N ALA E 216 6.11 -20.20 -59.88
CA ALA E 216 5.58 -19.00 -59.29
C ALA E 216 6.17 -18.85 -57.93
N ASN E 217 7.41 -18.28 -57.89
CA ASN E 217 7.97 -17.69 -56.71
C ASN E 217 7.59 -16.24 -56.85
N THR E 218 6.40 -15.91 -56.30
CA THR E 218 5.86 -14.57 -56.25
C THR E 218 5.75 -14.19 -54.79
N ASN E 219 6.25 -15.07 -53.89
CA ASN E 219 6.21 -14.96 -52.45
C ASN E 219 4.77 -14.97 -51.99
N LEU E 220 3.97 -15.93 -52.54
CA LEU E 220 2.58 -16.11 -52.21
C LEU E 220 2.48 -16.75 -50.85
N LYS E 221 1.89 -16.01 -49.90
CA LYS E 221 1.73 -16.42 -48.53
C LYS E 221 0.28 -16.21 -48.21
N LEU E 222 -0.46 -17.32 -47.96
CA LEU E 222 -1.82 -17.28 -47.52
C LEU E 222 -1.78 -16.89 -46.06
N GLN E 223 -2.77 -16.10 -45.59
CA GLN E 223 -2.86 -15.74 -44.19
C GLN E 223 -4.05 -16.43 -43.61
N ARG E 224 -4.03 -16.63 -42.27
CA ARG E 224 -5.02 -17.41 -41.59
C ARG E 224 -6.28 -16.57 -41.47
N PRO E 225 -7.42 -16.93 -42.04
CA PRO E 225 -8.68 -16.23 -41.84
C PRO E 225 -9.10 -16.37 -40.39
N GLN E 226 -10.01 -15.51 -39.90
CA GLN E 226 -10.32 -15.45 -38.49
C GLN E 226 -11.82 -15.41 -38.43
N ALA E 227 -12.35 -15.62 -37.19
CA ALA E 227 -13.72 -15.42 -36.81
C ALA E 227 -14.48 -16.69 -37.06
N GLY E 228 -13.75 -17.81 -37.22
CA GLY E 228 -14.30 -19.14 -37.32
C GLY E 228 -14.88 -19.45 -38.67
N ILE E 229 -14.45 -18.72 -39.74
CA ILE E 229 -14.92 -19.02 -41.08
C ILE E 229 -13.76 -18.81 -42.04
N VAL E 230 -13.72 -19.62 -43.12
CA VAL E 230 -12.70 -19.66 -44.15
C VAL E 230 -12.70 -18.45 -45.07
N HIS E 231 -11.49 -18.04 -45.50
CA HIS E 231 -11.25 -17.13 -46.60
C HIS E 231 -9.81 -17.36 -46.97
N THR E 232 -9.36 -16.85 -48.14
CA THR E 232 -8.04 -17.10 -48.64
C THR E 232 -7.44 -15.77 -49.05
N PRO E 233 -6.77 -15.02 -48.16
CA PRO E 233 -5.92 -13.88 -48.49
C PRO E 233 -4.78 -14.25 -49.41
N PHE E 234 -4.37 -13.35 -50.34
CA PHE E 234 -3.12 -13.52 -51.07
C PHE E 234 -2.21 -12.41 -50.60
N THR E 235 -1.09 -12.74 -49.90
CA THR E 235 -0.05 -11.79 -49.55
C THR E 235 1.11 -12.07 -50.45
N GLN E 236 1.55 -11.08 -51.26
CA GLN E 236 2.50 -11.28 -52.32
C GLN E 236 3.44 -10.12 -52.31
N ALA E 237 4.76 -10.40 -52.47
CA ALA E 237 5.80 -9.41 -52.63
C ALA E 237 5.60 -8.66 -53.94
N PRO E 238 5.95 -7.36 -54.04
CA PRO E 238 6.05 -6.59 -55.28
C PRO E 238 6.53 -7.32 -56.51
N SER E 239 5.85 -7.08 -57.66
CA SER E 239 5.91 -7.90 -58.83
C SER E 239 7.22 -7.65 -59.55
N GLY E 240 7.74 -8.72 -60.21
CA GLY E 240 8.77 -8.66 -61.20
C GLY E 240 8.16 -8.47 -62.54
N PHE E 241 7.31 -7.42 -62.71
CA PHE E 241 6.92 -6.92 -64.00
C PHE E 241 6.31 -5.56 -63.79
N GLU E 242 5.99 -5.18 -62.54
CA GLU E 242 5.57 -3.82 -62.24
C GLU E 242 6.81 -2.97 -62.21
N ARG E 243 7.97 -3.58 -61.88
CA ARG E 243 9.25 -3.14 -62.35
C ARG E 243 9.38 -3.33 -63.83
N TRP E 244 9.79 -2.24 -64.49
CA TRP E 244 9.71 -1.96 -65.91
C TRP E 244 9.03 -0.64 -66.04
N LYS E 245 8.63 -0.04 -64.89
CA LYS E 245 8.12 1.30 -64.83
C LYS E 245 8.67 1.95 -63.59
N ARG E 246 9.29 1.16 -62.69
CA ARG E 246 9.93 1.66 -61.49
C ARG E 246 11.37 1.23 -61.49
N ASP E 247 11.68 0.01 -60.95
CA ASP E 247 13.00 -0.58 -61.08
C ASP E 247 13.33 -0.88 -62.51
N LYS E 248 14.62 -0.70 -62.86
CA LYS E 248 15.10 -0.75 -64.21
C LYS E 248 16.14 -1.82 -64.25
N GLY E 249 16.15 -2.57 -65.37
CA GLY E 249 17.19 -3.50 -65.73
C GLY E 249 18.05 -2.93 -66.80
N ALA E 250 17.65 -1.77 -67.39
CA ALA E 250 18.19 -1.08 -68.54
C ALA E 250 17.08 -0.98 -69.55
N PRO E 251 16.34 0.13 -69.67
CA PRO E 251 15.20 0.24 -70.56
C PRO E 251 15.76 0.68 -71.87
N LEU E 252 16.09 -0.31 -72.70
CA LEU E 252 16.92 -0.25 -73.86
C LEU E 252 16.43 0.62 -74.98
N ASN E 253 15.10 0.85 -75.14
CA ASN E 253 14.67 1.85 -76.10
C ASN E 253 14.82 3.25 -75.57
N ASP E 254 15.41 3.41 -74.37
CA ASP E 254 15.71 4.68 -73.77
C ASP E 254 17.13 4.71 -73.30
N VAL E 255 17.92 3.62 -73.44
CA VAL E 255 19.28 3.63 -72.94
C VAL E 255 20.17 2.85 -73.87
N ALA E 256 19.70 2.47 -75.09
CA ALA E 256 20.50 1.67 -75.98
C ALA E 256 21.76 2.34 -76.40
N PRO E 257 22.83 1.58 -76.58
CA PRO E 257 23.97 2.03 -77.34
C PRO E 257 23.68 1.69 -78.76
N PHE E 258 24.51 2.26 -79.65
CA PHE E 258 24.60 1.95 -81.06
C PHE E 258 23.58 2.73 -81.83
N GLY E 259 22.79 3.58 -81.15
CA GLY E 259 21.98 4.60 -81.78
C GLY E 259 20.64 4.02 -82.11
N CYS E 260 20.43 2.75 -81.72
CA CYS E 260 19.33 1.93 -82.15
C CYS E 260 18.27 2.12 -81.13
N SER E 261 16.99 1.96 -81.49
CA SER E 261 15.95 2.00 -80.50
C SER E 261 15.16 0.75 -80.75
N ILE E 262 14.34 0.36 -79.75
CA ILE E 262 13.95 -1.00 -79.57
C ILE E 262 12.47 -0.95 -79.30
N ALA E 263 11.79 -2.09 -79.56
CA ALA E 263 10.40 -2.28 -79.32
C ALA E 263 10.27 -3.75 -79.06
N LEU E 264 9.02 -4.26 -78.87
CA LEU E 264 8.76 -5.68 -78.84
C LEU E 264 9.14 -6.32 -80.15
N GLU E 265 10.23 -7.12 -80.12
CA GLU E 265 11.02 -7.46 -81.27
C GLU E 265 11.68 -8.77 -80.94
N PRO E 266 12.06 -9.58 -81.94
CA PRO E 266 12.75 -10.83 -81.70
C PRO E 266 14.23 -10.54 -81.76
N LEU E 267 14.73 -9.63 -80.89
CA LEU E 267 16.12 -9.36 -80.67
C LEU E 267 16.71 -8.61 -81.83
N ARG E 268 15.94 -7.60 -82.30
CA ARG E 268 16.33 -6.68 -83.33
C ARG E 268 16.56 -5.41 -82.59
N ALA E 269 17.50 -4.58 -83.08
CA ALA E 269 17.60 -3.25 -82.57
C ALA E 269 17.60 -2.38 -83.79
N GLU E 270 16.38 -1.99 -84.20
CA GLU E 270 16.09 -1.22 -85.38
C GLU E 270 16.60 0.17 -85.30
N ASN E 271 16.92 0.76 -86.49
CA ASN E 271 16.98 2.19 -86.72
C ASN E 271 18.06 2.77 -85.89
N CYS E 272 19.31 2.48 -86.30
CA CYS E 272 20.46 2.83 -85.55
C CYS E 272 20.88 4.20 -85.96
N ALA E 273 21.78 4.79 -85.16
CA ALA E 273 22.15 6.17 -85.29
C ALA E 273 23.60 6.30 -84.95
N VAL E 274 24.33 5.19 -85.13
CA VAL E 274 25.75 5.17 -85.21
C VAL E 274 25.95 3.82 -85.78
N GLY E 275 27.17 3.58 -86.27
CA GLY E 275 27.57 2.28 -86.66
C GLY E 275 29.01 2.41 -86.87
N SER E 276 29.40 3.51 -87.57
CA SER E 276 30.70 3.77 -88.13
C SER E 276 31.09 2.57 -88.94
N ILE E 277 30.07 2.07 -89.68
CA ILE E 277 30.06 0.78 -90.32
C ILE E 277 31.17 0.72 -91.32
N PRO E 278 32.03 -0.28 -91.29
CA PRO E 278 33.05 -0.44 -92.29
C PRO E 278 32.43 -1.28 -93.36
N ILE E 279 31.93 -0.65 -94.45
CA ILE E 279 31.23 -1.36 -95.48
C ILE E 279 32.31 -1.49 -96.51
N SER E 280 32.35 -2.63 -97.20
CA SER E 280 33.40 -2.87 -98.14
C SER E 280 32.63 -3.58 -99.18
N ILE E 281 32.87 -3.10 -100.41
CA ILE E 281 31.99 -3.36 -101.51
C ILE E 281 32.82 -3.88 -102.63
N ASP E 282 32.24 -4.80 -103.43
CA ASP E 282 32.78 -5.22 -104.69
C ASP E 282 31.82 -4.67 -105.71
N ILE E 283 32.24 -3.56 -106.36
CA ILE E 283 31.50 -2.92 -107.42
C ILE E 283 32.26 -3.40 -108.62
N PRO E 284 31.67 -4.00 -109.67
CA PRO E 284 32.36 -4.28 -110.93
C PRO E 284 33.04 -3.09 -111.55
N ASP E 285 34.19 -3.31 -112.23
CA ASP E 285 35.00 -2.29 -112.87
C ASP E 285 34.26 -1.55 -113.95
N ALA E 286 33.29 -2.23 -114.61
CA ALA E 286 32.42 -1.68 -115.63
C ALA E 286 31.55 -0.55 -115.19
N ALA E 287 31.05 -0.61 -113.92
CA ALA E 287 30.13 0.35 -113.36
C ALA E 287 30.77 1.70 -113.13
N PHE E 288 32.12 1.73 -113.02
CA PHE E 288 32.89 2.94 -112.92
C PHE E 288 32.87 3.70 -114.20
N THR E 289 33.13 5.03 -114.08
CA THR E 289 33.25 5.91 -115.19
C THR E 289 34.73 6.11 -115.37
N ARG E 290 35.17 6.05 -116.64
CA ARG E 290 36.54 6.16 -117.10
C ARG E 290 37.11 7.52 -116.86
N ILE E 291 38.45 7.59 -116.77
CA ILE E 291 39.20 8.80 -116.50
C ILE E 291 39.56 9.40 -117.85
N SER E 292 38.66 9.21 -118.83
CA SER E 292 38.81 9.67 -120.17
C SER E 292 37.42 10.02 -120.63
N GLU E 293 36.40 9.33 -120.06
CA GLU E 293 35.00 9.59 -120.30
C GLU E 293 34.60 10.73 -119.43
N THR E 294 35.29 10.83 -118.27
CA THR E 294 35.19 11.92 -117.35
C THR E 294 36.59 12.46 -117.37
N PRO E 295 36.78 13.75 -117.45
CA PRO E 295 38.07 14.38 -117.42
C PRO E 295 38.82 14.16 -116.14
N THR E 296 40.11 14.56 -116.16
CA THR E 296 40.86 14.83 -114.98
C THR E 296 40.52 16.28 -114.77
N VAL E 297 39.87 16.61 -113.64
CA VAL E 297 39.07 17.80 -113.52
C VAL E 297 39.90 18.87 -112.89
N SER E 298 41.20 18.55 -112.65
CA SER E 298 42.15 19.34 -111.95
C SER E 298 42.41 20.63 -112.67
N ASP E 299 42.72 21.69 -111.87
CA ASP E 299 42.76 23.09 -112.21
C ASP E 299 41.39 23.66 -111.93
N LEU E 300 40.66 22.98 -111.03
CA LEU E 300 39.36 23.39 -110.57
C LEU E 300 39.57 24.23 -109.35
N GLU E 301 38.49 24.84 -108.83
CA GLU E 301 38.50 25.49 -107.55
C GLU E 301 37.08 25.38 -107.17
N CYS E 302 36.82 25.22 -105.86
CA CYS E 302 35.47 25.13 -105.39
C CYS E 302 35.37 26.18 -104.35
N LYS E 303 34.20 26.82 -104.31
CA LYS E 303 33.89 27.84 -103.36
C LYS E 303 32.43 27.67 -103.18
N ILE E 304 31.96 27.72 -101.92
CA ILE E 304 30.55 27.73 -101.62
C ILE E 304 29.89 28.95 -102.15
N THR E 305 28.65 28.78 -102.66
CA THR E 305 27.84 29.86 -103.13
C THR E 305 26.63 30.00 -102.22
N GLU E 306 26.53 29.10 -101.21
CA GLU E 306 25.61 29.16 -100.10
C GLU E 306 25.59 27.77 -99.57
N CYS E 307 26.54 27.47 -98.66
CA CYS E 307 26.69 26.19 -98.01
C CYS E 307 25.66 26.13 -96.92
N THR E 308 25.22 24.92 -96.53
CA THR E 308 24.26 24.73 -95.47
C THR E 308 24.83 23.68 -94.57
N TYR E 309 25.07 24.05 -93.30
CA TYR E 309 25.69 23.21 -92.31
C TYR E 309 24.57 22.80 -91.44
N ALA E 310 24.36 21.48 -91.43
CA ALA E 310 23.11 20.83 -91.14
C ALA E 310 23.19 19.62 -91.99
N SER E 311 22.16 18.76 -91.87
CA SER E 311 22.05 17.55 -92.64
C SER E 311 21.17 17.94 -93.80
N ASP E 312 20.69 19.20 -93.80
CA ASP E 312 19.96 19.87 -94.84
C ASP E 312 20.85 20.03 -96.04
N PHE E 313 20.35 19.56 -97.20
CA PHE E 313 21.08 19.39 -98.42
C PHE E 313 21.01 20.60 -99.30
N GLY E 314 20.75 21.78 -98.69
CA GLY E 314 20.62 23.04 -99.38
C GLY E 314 21.95 23.68 -99.65
N GLY E 315 23.06 23.07 -99.15
CA GLY E 315 24.38 23.60 -99.34
C GLY E 315 24.77 23.45 -100.77
N ILE E 316 25.31 24.54 -101.36
CA ILE E 316 25.70 24.56 -102.73
C ILE E 316 27.07 25.17 -102.75
N ALA E 317 27.78 24.91 -103.85
CA ALA E 317 29.10 25.43 -104.04
C ALA E 317 29.32 25.27 -105.48
N THR E 318 29.57 26.40 -106.20
CA THR E 318 30.03 26.35 -107.56
C THR E 318 31.43 25.81 -107.55
N VAL E 319 31.84 25.19 -108.66
CA VAL E 319 33.18 24.69 -108.77
C VAL E 319 33.53 25.10 -110.16
N ALA E 320 34.57 25.95 -110.35
CA ALA E 320 35.06 26.28 -111.66
C ALA E 320 35.85 25.14 -112.20
N TYR E 321 35.15 24.12 -112.77
CA TYR E 321 35.74 22.92 -113.31
C TYR E 321 36.55 23.21 -114.52
N LYS E 322 37.67 22.47 -114.65
CA LYS E 322 38.56 22.60 -115.78
C LYS E 322 38.83 21.21 -116.21
N SER E 323 38.33 20.88 -117.42
CA SER E 323 38.32 19.53 -117.92
C SER E 323 39.45 19.38 -118.89
N SER E 324 40.08 18.18 -118.88
CA SER E 324 41.09 17.81 -119.84
C SER E 324 40.46 16.94 -120.90
N LYS E 325 39.16 16.60 -120.72
CA LYS E 325 38.32 16.03 -121.73
C LYS E 325 37.06 16.82 -121.57
N ALA E 326 36.07 16.27 -120.82
CA ALA E 326 34.85 16.88 -120.36
C ALA E 326 33.83 15.79 -120.41
N GLY E 327 32.87 15.80 -119.45
CA GLY E 327 31.82 14.82 -119.43
C GLY E 327 31.12 14.86 -118.11
N ASN E 328 30.56 13.69 -117.73
CA ASN E 328 29.81 13.48 -116.51
C ASN E 328 30.77 13.13 -115.43
N CYS E 329 30.33 13.26 -114.17
CA CYS E 329 31.26 13.07 -113.09
C CYS E 329 30.50 12.71 -111.87
N PRO E 330 30.40 11.48 -111.40
CA PRO E 330 29.76 11.26 -110.12
C PRO E 330 30.60 11.88 -109.02
N ILE E 331 29.95 12.40 -107.98
CA ILE E 331 30.65 13.12 -106.95
C ILE E 331 30.15 12.68 -105.62
N HIS E 332 31.06 12.81 -104.66
CA HIS E 332 30.77 12.73 -103.28
C HIS E 332 32.05 13.13 -102.63
N SER E 333 31.97 13.68 -101.40
CA SER E 333 33.08 13.91 -100.50
C SER E 333 33.77 12.58 -100.25
N PRO E 334 35.07 12.42 -100.08
CA PRO E 334 35.70 11.13 -99.84
C PRO E 334 35.16 10.36 -98.66
N SER E 335 34.21 9.43 -98.94
CA SER E 335 33.57 8.47 -98.08
C SER E 335 33.02 9.13 -96.84
N GLY E 336 32.36 10.29 -97.05
CA GLY E 336 31.76 11.08 -96.01
C GLY E 336 32.80 11.92 -95.33
N VAL E 337 32.63 13.25 -95.49
CA VAL E 337 33.33 14.31 -94.82
C VAL E 337 32.38 15.48 -95.00
N ALA E 338 31.14 15.15 -95.44
CA ALA E 338 30.07 15.99 -95.88
C ALA E 338 29.30 15.00 -96.68
N VAL E 339 28.01 15.27 -96.90
CA VAL E 339 27.13 14.43 -97.66
C VAL E 339 26.74 15.24 -98.85
N ILE E 340 26.85 14.68 -100.09
CA ILE E 340 26.72 15.42 -101.32
C ILE E 340 25.49 14.81 -101.86
N LYS E 341 24.54 15.58 -102.45
CA LYS E 341 23.32 14.96 -102.94
C LYS E 341 23.19 15.00 -104.42
N GLU E 342 24.13 15.65 -105.13
CA GLU E 342 24.15 15.53 -106.57
C GLU E 342 24.86 14.26 -106.85
N ASN E 343 24.16 13.33 -107.54
CA ASN E 343 24.70 12.09 -108.02
C ASN E 343 25.86 12.37 -108.93
N ASP E 344 25.66 13.28 -109.91
CA ASP E 344 26.64 13.64 -110.90
C ASP E 344 26.56 15.13 -111.03
N VAL E 345 27.72 15.76 -111.28
CA VAL E 345 27.89 17.16 -111.53
C VAL E 345 28.62 17.18 -112.84
N THR E 346 28.17 18.05 -113.75
CA THR E 346 28.72 18.20 -115.08
C THR E 346 29.97 19.02 -114.98
N LEU E 347 30.94 18.74 -115.89
CA LEU E 347 32.26 19.31 -115.89
C LEU E 347 32.48 19.67 -117.32
N ALA E 348 32.90 20.94 -117.55
CA ALA E 348 33.37 21.37 -118.84
C ALA E 348 34.64 22.10 -118.63
N GLU E 349 35.38 22.29 -119.76
CA GLU E 349 36.68 22.91 -119.79
C GLU E 349 36.52 24.39 -119.58
N SER E 350 36.91 24.84 -118.36
CA SER E 350 36.98 26.21 -117.92
C SER E 350 35.62 26.74 -117.55
N GLY E 351 34.60 25.85 -117.43
CA GLY E 351 33.26 26.20 -116.99
C GLY E 351 33.19 26.30 -115.49
N SER E 352 31.95 26.34 -114.95
CA SER E 352 31.73 26.33 -113.53
C SER E 352 30.39 25.68 -113.36
N PHE E 353 30.27 24.75 -112.37
CA PHE E 353 29.07 23.99 -112.16
C PHE E 353 28.95 23.73 -110.69
N THR E 354 27.81 24.16 -110.11
CA THR E 354 27.45 23.90 -108.73
C THR E 354 26.96 22.50 -108.56
N PHE E 355 27.22 21.91 -107.37
CA PHE E 355 26.66 20.68 -106.92
C PHE E 355 25.98 20.98 -105.60
N HIS E 356 25.26 19.97 -105.05
CA HIS E 356 24.56 20.10 -103.79
C HIS E 356 25.19 19.22 -102.78
N PHE E 357 25.09 19.62 -101.50
CA PHE E 357 25.64 18.89 -100.39
C PHE E 357 24.98 19.40 -99.15
N SER E 358 25.47 18.90 -98.00
CA SER E 358 25.11 19.25 -96.67
C SER E 358 26.40 18.99 -96.00
N THR E 359 26.73 19.80 -94.99
CA THR E 359 28.05 19.78 -94.41
C THR E 359 27.98 18.88 -93.24
N ALA E 360 29.01 18.03 -93.11
CA ALA E 360 29.18 17.14 -92.01
C ALA E 360 30.38 17.62 -91.26
N ASN E 361 30.77 18.87 -91.53
CA ASN E 361 31.86 19.56 -90.92
C ASN E 361 31.25 20.87 -90.54
N ILE E 362 31.81 21.57 -89.54
CA ILE E 362 31.26 22.82 -89.03
C ILE E 362 31.26 23.87 -90.11
N HIS E 363 32.42 23.99 -90.79
CA HIS E 363 32.61 24.81 -91.96
C HIS E 363 32.89 23.84 -93.04
N PRO E 364 32.68 24.15 -94.30
CA PRO E 364 32.76 23.19 -95.36
C PRO E 364 34.15 23.08 -95.89
N ALA E 365 35.10 22.53 -95.09
CA ALA E 365 36.37 22.16 -95.64
C ALA E 365 36.25 20.68 -95.79
N PHE E 366 35.41 20.28 -96.76
CA PHE E 366 35.19 18.93 -97.15
C PHE E 366 35.77 18.86 -98.51
N LYS E 367 36.51 17.76 -98.77
CA LYS E 367 36.90 17.41 -100.10
C LYS E 367 35.68 16.96 -100.85
N LEU E 368 35.70 17.13 -102.17
CA LEU E 368 34.64 16.72 -103.04
C LEU E 368 35.41 16.01 -104.07
N GLN E 369 35.09 14.73 -104.33
CA GLN E 369 35.93 13.92 -105.16
C GLN E 369 35.23 13.84 -106.46
N VAL E 370 35.67 14.78 -107.31
CA VAL E 370 35.18 15.05 -108.63
C VAL E 370 36.02 14.19 -109.53
N CYS E 371 35.61 12.91 -109.69
CA CYS E 371 36.09 11.89 -110.61
C CYS E 371 37.49 12.10 -111.15
N THR E 372 38.48 12.00 -110.22
CA THR E 372 39.89 12.21 -110.42
C THR E 372 40.15 13.68 -110.34
N SER E 373 39.78 14.28 -109.19
CA SER E 373 40.18 15.60 -108.79
C SER E 373 39.41 15.88 -107.54
N ALA E 374 40.13 15.99 -106.40
CA ALA E 374 39.59 16.36 -105.13
C ALA E 374 39.54 17.87 -105.12
N VAL E 375 38.65 18.49 -104.31
CA VAL E 375 38.68 19.92 -104.21
C VAL E 375 37.96 20.25 -102.93
N THR E 376 38.50 21.24 -102.20
CA THR E 376 37.94 21.73 -100.97
C THR E 376 36.95 22.76 -101.38
N CYS E 377 35.68 22.54 -100.98
CA CYS E 377 34.61 23.45 -101.26
C CYS E 377 34.40 24.31 -100.06
N LYS E 378 35.50 25.02 -99.70
CA LYS E 378 35.65 25.93 -98.61
C LYS E 378 34.75 27.13 -98.69
N GLY E 379 34.40 27.67 -97.51
CA GLY E 379 33.69 28.90 -97.35
C GLY E 379 33.11 28.82 -95.99
N ASP E 380 31.79 29.07 -95.89
CA ASP E 380 31.09 29.03 -94.63
C ASP E 380 29.64 28.89 -94.95
N CYS E 381 28.86 28.35 -93.99
CA CYS E 381 27.58 27.78 -94.30
C CYS E 381 26.51 28.46 -93.52
N LYS E 382 25.29 27.88 -93.56
CA LYS E 382 24.15 28.40 -92.88
C LYS E 382 24.28 27.99 -91.44
N PRO E 383 23.74 28.76 -90.50
CA PRO E 383 23.69 28.47 -89.08
C PRO E 383 23.45 27.03 -88.69
N PRO E 384 23.99 26.46 -87.62
CA PRO E 384 23.54 25.17 -87.14
C PRO E 384 22.37 25.46 -86.24
N LYS E 385 21.16 25.22 -86.77
CA LYS E 385 19.92 25.66 -86.17
C LYS E 385 19.32 24.46 -85.51
N ASP E 386 19.98 23.30 -85.63
CA ASP E 386 19.29 22.04 -85.68
C ASP E 386 20.20 21.03 -85.05
N HIS E 387 19.57 20.15 -84.24
CA HIS E 387 20.22 19.36 -83.24
C HIS E 387 19.09 18.88 -82.35
N ILE E 388 17.83 18.88 -82.88
CA ILE E 388 16.67 18.31 -82.23
C ILE E 388 15.94 17.38 -83.17
N VAL E 389 16.53 17.03 -84.34
CA VAL E 389 15.82 16.32 -85.38
C VAL E 389 16.57 15.11 -85.85
N ASP E 390 15.79 14.01 -86.07
CA ASP E 390 16.13 12.61 -86.31
C ASP E 390 17.56 12.19 -86.05
N TYR E 391 18.17 11.44 -87.00
CA TYR E 391 19.50 10.90 -86.90
C TYR E 391 20.15 11.44 -88.15
N PRO E 392 21.36 12.01 -88.11
CA PRO E 392 21.90 12.90 -89.14
C PRO E 392 22.10 12.31 -90.53
N ALA E 393 22.34 13.19 -91.52
CA ALA E 393 22.76 12.84 -92.85
C ALA E 393 23.94 13.73 -93.11
N GLN E 394 24.95 13.58 -92.24
CA GLN E 394 26.13 14.37 -92.17
C GLN E 394 27.17 13.35 -91.90
N HIS E 395 27.20 12.31 -92.76
CA HIS E 395 28.14 11.25 -92.63
C HIS E 395 29.58 11.60 -92.75
N THR E 396 30.30 10.95 -91.83
CA THR E 396 31.64 11.11 -91.33
C THR E 396 31.46 11.11 -89.82
N GLU E 397 30.17 11.13 -89.33
CA GLU E 397 29.77 11.33 -87.96
C GLU E 397 30.69 10.84 -86.88
N SER E 398 30.89 11.76 -85.93
CA SER E 398 31.68 11.62 -84.75
C SER E 398 31.61 12.97 -84.07
N PHE E 399 30.84 13.92 -84.65
CA PHE E 399 30.61 15.21 -84.08
C PHE E 399 29.40 15.81 -84.74
N THR E 400 28.96 15.21 -85.88
CA THR E 400 27.83 15.67 -86.64
C THR E 400 26.82 14.54 -86.74
N ASP F 1 -26.81 -12.22 -73.68
CA ASP F 1 -26.60 -11.60 -74.99
C ASP F 1 -26.04 -12.64 -75.91
N LEU F 2 -24.75 -12.49 -76.30
CA LEU F 2 -23.98 -13.44 -77.06
C LEU F 2 -23.83 -14.77 -76.36
N ASP F 3 -23.95 -15.86 -77.15
CA ASP F 3 -24.00 -17.21 -76.69
C ASP F 3 -23.01 -17.94 -77.55
N THR F 4 -21.91 -17.23 -77.92
CA THR F 4 -20.86 -17.73 -78.78
C THR F 4 -19.77 -18.28 -77.89
N HIS F 5 -19.99 -18.20 -76.57
CA HIS F 5 -19.13 -18.71 -75.55
C HIS F 5 -20.07 -18.95 -74.43
N PHE F 6 -21.09 -19.80 -74.72
CA PHE F 6 -22.00 -20.37 -73.76
C PHE F 6 -21.29 -21.46 -72.97
N THR F 7 -20.01 -21.76 -73.32
CA THR F 7 -19.07 -22.52 -72.54
C THR F 7 -18.97 -22.02 -71.12
N GLN F 8 -18.63 -20.72 -70.92
CA GLN F 8 -18.73 -20.14 -69.62
C GLN F 8 -20.16 -19.74 -69.32
N TYR F 9 -20.72 -18.94 -70.26
CA TYR F 9 -21.87 -18.10 -70.01
C TYR F 9 -23.13 -18.79 -69.56
N LYS F 10 -23.67 -19.69 -70.43
CA LYS F 10 -24.86 -20.47 -70.19
C LYS F 10 -24.72 -21.39 -69.02
N LEU F 11 -23.50 -21.94 -68.92
CA LEU F 11 -23.17 -23.07 -68.09
C LEU F 11 -22.43 -22.44 -66.97
N ALA F 12 -23.15 -21.60 -66.22
CA ALA F 12 -22.66 -20.88 -65.09
C ALA F 12 -23.81 -20.82 -64.14
N ARG F 13 -23.52 -21.11 -62.86
CA ARG F 13 -24.49 -21.18 -61.80
C ARG F 13 -24.10 -20.15 -60.79
N PRO F 14 -25.00 -19.57 -60.00
CA PRO F 14 -24.64 -18.67 -58.90
C PRO F 14 -23.86 -19.42 -57.87
N TYR F 15 -22.75 -18.83 -57.37
CA TYR F 15 -21.82 -19.51 -56.52
C TYR F 15 -21.78 -18.74 -55.22
N ILE F 16 -21.78 -19.50 -54.09
CA ILE F 16 -21.83 -18.97 -52.74
C ILE F 16 -20.48 -19.14 -52.09
N ALA F 17 -20.03 -18.06 -51.40
CA ALA F 17 -18.71 -17.98 -50.85
C ALA F 17 -18.73 -17.04 -49.68
N ASP F 18 -17.87 -17.31 -48.67
CA ASP F 18 -17.84 -16.62 -47.40
C ASP F 18 -17.35 -15.21 -47.60
N CYS F 19 -17.91 -14.26 -46.82
CA CYS F 19 -17.45 -12.90 -46.83
C CYS F 19 -16.51 -12.72 -45.66
N PRO F 20 -15.37 -12.02 -45.79
CA PRO F 20 -14.39 -11.98 -44.71
C PRO F 20 -14.49 -10.67 -43.97
N ASN F 21 -15.21 -9.65 -44.51
CA ASN F 21 -15.40 -8.40 -43.83
C ASN F 21 -16.79 -7.96 -44.23
N CYS F 22 -17.72 -7.78 -43.25
CA CYS F 22 -19.10 -7.60 -43.61
C CYS F 22 -19.87 -6.92 -42.50
N GLY F 23 -20.41 -7.69 -41.53
CA GLY F 23 -21.33 -7.20 -40.53
C GLY F 23 -20.92 -7.52 -39.15
N HIS F 24 -19.80 -8.26 -38.99
CA HIS F 24 -19.17 -8.52 -37.72
C HIS F 24 -17.72 -8.77 -38.06
N SER F 25 -17.32 -8.31 -39.27
CA SER F 25 -16.10 -8.64 -39.98
C SER F 25 -16.23 -10.06 -40.43
N ARG F 26 -17.43 -10.44 -40.94
CA ARG F 26 -17.78 -11.79 -41.34
C ARG F 26 -19.27 -11.79 -41.50
N CYS F 27 -19.78 -12.42 -42.58
CA CYS F 27 -21.18 -12.73 -42.74
C CYS F 27 -21.27 -13.83 -43.75
N ASP F 28 -22.46 -14.47 -43.82
CA ASP F 28 -22.83 -15.37 -44.88
C ASP F 28 -23.53 -14.58 -45.94
N SER F 29 -23.06 -14.74 -47.19
CA SER F 29 -23.59 -14.07 -48.34
C SER F 29 -23.12 -14.89 -49.52
N PRO F 30 -23.67 -14.77 -50.71
CA PRO F 30 -23.18 -15.42 -51.91
C PRO F 30 -21.92 -14.77 -52.39
N ILE F 31 -21.91 -13.42 -52.50
CA ILE F 31 -20.84 -12.63 -53.02
C ILE F 31 -19.61 -12.73 -52.15
N ALA F 32 -18.44 -12.65 -52.82
CA ALA F 32 -17.13 -12.67 -52.23
C ALA F 32 -16.23 -12.66 -53.42
N ILE F 33 -15.36 -11.64 -53.46
CA ILE F 33 -14.65 -11.26 -54.65
C ILE F 33 -13.37 -12.03 -54.72
N GLU F 34 -13.16 -12.80 -55.82
CA GLU F 34 -11.87 -13.38 -56.08
C GLU F 34 -11.53 -12.80 -57.41
N GLU F 35 -10.23 -12.92 -57.79
CA GLU F 35 -9.64 -12.58 -59.07
C GLU F 35 -10.09 -11.21 -59.54
N VAL F 36 -9.73 -10.17 -58.74
CA VAL F 36 -9.78 -8.78 -59.12
C VAL F 36 -8.56 -8.55 -59.97
N ARG F 37 -8.72 -7.84 -61.09
CA ARG F 37 -7.68 -7.73 -62.07
C ARG F 37 -7.51 -6.32 -62.49
N GLY F 38 -6.67 -5.60 -61.71
CA GLY F 38 -6.18 -4.31 -62.05
C GLY F 38 -4.80 -4.58 -62.54
N ASP F 39 -4.70 -5.09 -63.78
CA ASP F 39 -3.47 -5.57 -64.36
C ASP F 39 -3.35 -4.88 -65.68
N ALA F 40 -4.45 -4.19 -66.08
CA ALA F 40 -4.53 -3.35 -67.24
C ALA F 40 -3.87 -2.06 -66.89
N HIS F 41 -3.49 -1.30 -67.94
CA HIS F 41 -2.72 -0.11 -67.86
C HIS F 41 -3.67 1.05 -68.05
N ALA F 42 -4.97 0.82 -67.72
CA ALA F 42 -6.06 1.63 -68.18
C ALA F 42 -6.81 2.24 -67.03
N GLY F 43 -7.96 1.63 -66.66
CA GLY F 43 -8.90 2.25 -65.77
C GLY F 43 -9.98 1.26 -65.47
N VAL F 44 -9.97 0.10 -66.15
CA VAL F 44 -11.07 -0.84 -66.15
C VAL F 44 -10.54 -2.03 -65.38
N ILE F 45 -11.41 -2.72 -64.61
CA ILE F 45 -11.02 -3.92 -63.90
C ILE F 45 -11.99 -5.01 -64.21
N ARG F 46 -11.42 -6.20 -64.45
CA ARG F 46 -12.15 -7.42 -64.62
C ARG F 46 -12.20 -8.03 -63.25
N ILE F 47 -13.41 -8.40 -62.81
CA ILE F 47 -13.67 -8.82 -61.47
C ILE F 47 -14.38 -10.15 -61.62
N GLN F 48 -14.25 -11.05 -60.61
CA GLN F 48 -15.14 -12.17 -60.48
C GLN F 48 -15.83 -11.94 -59.17
N THR F 49 -17.18 -11.75 -59.21
CA THR F 49 -18.02 -12.04 -58.07
C THR F 49 -18.22 -13.53 -58.03
N SER F 50 -18.43 -14.09 -56.82
CA SER F 50 -18.90 -15.45 -56.65
C SER F 50 -20.26 -15.65 -57.25
N ALA F 51 -21.18 -14.69 -57.01
CA ALA F 51 -22.49 -14.66 -57.65
C ALA F 51 -22.35 -14.55 -59.14
N MET F 52 -23.28 -15.21 -59.86
CA MET F 52 -23.25 -15.33 -61.30
C MET F 52 -24.33 -14.43 -61.75
N PHE F 53 -24.03 -13.13 -61.99
CA PHE F 53 -24.95 -12.27 -62.67
C PHE F 53 -24.70 -12.56 -64.13
N GLY F 54 -25.53 -12.02 -65.03
CA GLY F 54 -25.41 -12.43 -66.41
C GLY F 54 -26.82 -12.74 -66.77
N LEU F 55 -26.97 -13.95 -67.36
CA LEU F 55 -28.22 -14.61 -67.60
C LEU F 55 -28.78 -15.18 -66.31
N LYS F 56 -29.51 -16.32 -66.41
CA LYS F 56 -30.12 -16.98 -65.30
C LYS F 56 -29.61 -18.39 -65.42
N THR F 57 -29.98 -19.06 -66.53
CA THR F 57 -29.41 -20.31 -66.94
C THR F 57 -29.67 -20.40 -68.43
N ASP F 58 -30.23 -19.32 -69.03
CA ASP F 58 -30.73 -19.28 -70.37
C ASP F 58 -29.66 -18.82 -71.31
N GLY F 59 -29.67 -17.52 -71.72
CA GLY F 59 -28.84 -17.06 -72.80
C GLY F 59 -28.98 -15.58 -72.94
N VAL F 60 -29.97 -14.98 -72.23
CA VAL F 60 -30.49 -13.67 -72.55
C VAL F 60 -30.03 -12.77 -71.44
N ASP F 61 -29.41 -11.63 -71.83
CA ASP F 61 -29.15 -10.44 -71.03
C ASP F 61 -28.05 -10.67 -70.04
N LEU F 62 -27.08 -9.74 -69.98
CA LEU F 62 -26.10 -9.71 -68.93
C LEU F 62 -26.59 -8.87 -67.79
N ALA F 63 -27.81 -8.29 -67.95
CA ALA F 63 -28.40 -7.34 -67.05
C ALA F 63 -29.38 -7.99 -66.11
N TYR F 64 -29.33 -9.34 -65.94
CA TYR F 64 -30.02 -9.95 -64.84
C TYR F 64 -28.99 -10.20 -63.78
N MET F 65 -29.44 -10.80 -62.67
CA MET F 65 -28.70 -10.81 -61.45
C MET F 65 -29.13 -12.10 -60.83
N SER F 66 -28.27 -13.13 -60.81
CA SER F 66 -28.58 -14.39 -60.17
C SER F 66 -27.53 -14.59 -59.13
N PHE F 67 -27.88 -14.42 -57.84
CA PHE F 67 -26.98 -14.79 -56.76
C PHE F 67 -27.57 -15.97 -56.05
N MET F 68 -26.85 -16.51 -55.06
CA MET F 68 -27.34 -17.64 -54.30
C MET F 68 -27.96 -17.15 -53.03
N ASN F 69 -29.24 -17.53 -52.84
CA ASN F 69 -29.88 -17.55 -51.56
C ASN F 69 -30.33 -18.97 -51.63
N GLY F 70 -29.83 -19.80 -50.67
CA GLY F 70 -29.92 -21.23 -50.77
C GLY F 70 -28.86 -21.71 -51.72
N LYS F 71 -29.10 -22.90 -52.33
CA LYS F 71 -28.33 -23.40 -53.45
C LYS F 71 -29.00 -23.02 -54.74
N THR F 72 -30.09 -22.24 -54.62
CA THR F 72 -30.99 -21.91 -55.69
C THR F 72 -30.60 -20.52 -56.06
N GLN F 73 -30.94 -20.12 -57.30
CA GLN F 73 -30.68 -18.80 -57.80
C GLN F 73 -31.62 -17.82 -57.15
N LYS F 74 -31.44 -16.53 -57.47
CA LYS F 74 -32.44 -15.54 -57.20
C LYS F 74 -32.18 -14.59 -58.31
N SER F 75 -32.88 -14.91 -59.42
CA SER F 75 -32.71 -14.40 -60.75
C SER F 75 -33.59 -13.19 -60.93
N ILE F 76 -33.03 -11.98 -60.67
CA ILE F 76 -33.82 -10.77 -60.56
C ILE F 76 -33.07 -9.72 -61.34
N LYS F 77 -33.50 -8.44 -61.23
CA LYS F 77 -32.96 -7.31 -61.93
C LYS F 77 -31.66 -6.91 -61.28
N ILE F 78 -30.73 -6.29 -62.05
CA ILE F 78 -29.37 -6.02 -61.64
C ILE F 78 -29.27 -4.67 -60.97
N ASP F 79 -30.41 -4.20 -60.39
CA ASP F 79 -30.61 -2.81 -60.05
C ASP F 79 -30.37 -2.68 -58.56
N ASN F 80 -30.17 -3.83 -57.88
CA ASN F 80 -30.01 -3.92 -56.44
C ASN F 80 -28.55 -4.17 -56.23
N LEU F 81 -27.86 -4.72 -57.28
CA LEU F 81 -26.43 -4.84 -57.36
C LEU F 81 -25.79 -3.49 -57.31
N HIS F 82 -24.61 -3.45 -56.66
CA HIS F 82 -23.75 -2.30 -56.70
C HIS F 82 -22.42 -2.96 -56.72
N VAL F 83 -21.75 -2.95 -57.90
CA VAL F 83 -20.33 -3.14 -57.95
C VAL F 83 -19.74 -1.79 -57.64
N ARG F 84 -18.61 -1.81 -56.92
CA ARG F 84 -17.91 -0.63 -56.49
C ARG F 84 -16.54 -1.18 -56.20
N THR F 85 -15.58 -0.27 -56.02
CA THR F 85 -14.21 -0.59 -55.71
C THR F 85 -14.03 0.05 -54.37
N SER F 86 -13.60 1.32 -54.37
CA SER F 86 -13.71 2.22 -53.24
C SER F 86 -14.64 3.34 -53.66
N ALA F 87 -15.18 3.28 -54.90
CA ALA F 87 -16.24 4.14 -55.33
C ALA F 87 -17.00 3.38 -56.38
N PRO F 88 -18.31 3.58 -56.56
CA PRO F 88 -19.13 3.03 -57.64
C PRO F 88 -18.51 2.96 -59.00
N CYS F 89 -18.64 1.78 -59.64
CA CYS F 89 -18.15 1.50 -60.96
C CYS F 89 -19.27 1.80 -61.92
N SER F 90 -18.97 1.71 -63.22
CA SER F 90 -19.97 1.69 -64.26
C SER F 90 -19.67 0.37 -64.92
N LEU F 91 -20.68 -0.52 -64.97
CA LEU F 91 -20.63 -1.79 -65.64
C LEU F 91 -20.28 -1.66 -67.10
N VAL F 92 -19.55 -2.67 -67.64
CA VAL F 92 -19.23 -2.72 -69.05
C VAL F 92 -20.00 -3.89 -69.59
N SER F 93 -19.84 -5.08 -68.97
CA SER F 93 -20.56 -6.27 -69.39
C SER F 93 -20.31 -7.32 -68.36
N HIS F 94 -21.25 -8.29 -68.25
CA HIS F 94 -21.08 -9.45 -67.42
C HIS F 94 -21.14 -10.58 -68.39
N HIS F 95 -20.39 -11.66 -68.10
CA HIS F 95 -20.40 -12.85 -68.90
C HIS F 95 -19.92 -13.90 -67.96
N GLY F 96 -20.80 -14.88 -67.70
CA GLY F 96 -20.52 -15.98 -66.83
C GLY F 96 -20.71 -15.50 -65.42
N TYR F 97 -19.63 -15.60 -64.64
CA TYR F 97 -19.50 -15.23 -63.24
C TYR F 97 -18.61 -14.04 -63.10
N TYR F 98 -18.29 -13.41 -64.25
CA TYR F 98 -17.23 -12.46 -64.38
C TYR F 98 -17.93 -11.23 -64.83
N ILE F 99 -17.52 -10.08 -64.28
CA ILE F 99 -18.07 -8.82 -64.67
C ILE F 99 -16.87 -8.02 -65.01
N LEU F 100 -17.02 -7.22 -66.07
CA LEU F 100 -16.06 -6.23 -66.43
C LEU F 100 -16.74 -4.94 -66.12
N ALA F 101 -15.99 -4.04 -65.48
CA ALA F 101 -16.52 -2.79 -65.03
C ALA F 101 -15.42 -1.79 -65.07
N GLN F 102 -15.75 -0.57 -65.53
CA GLN F 102 -14.88 0.57 -65.51
C GLN F 102 -15.11 1.12 -64.14
N CYS F 103 -14.06 1.02 -63.30
CA CYS F 103 -14.12 1.38 -61.92
C CYS F 103 -13.04 2.39 -61.70
N PRO F 104 -13.22 3.38 -60.83
CA PRO F 104 -12.12 4.13 -60.22
C PRO F 104 -11.12 3.19 -59.56
N PRO F 105 -9.82 3.47 -59.42
CA PRO F 105 -8.90 2.63 -58.66
C PRO F 105 -9.37 2.42 -57.23
N GLY F 106 -9.00 1.28 -56.60
CA GLY F 106 -9.39 1.06 -55.24
C GLY F 106 -8.69 -0.13 -54.69
N ASP F 107 -8.24 0.01 -53.42
CA ASP F 107 -7.60 -0.99 -52.61
C ASP F 107 -8.44 -2.21 -52.34
N THR F 108 -9.78 -2.02 -52.31
CA THR F 108 -10.69 -3.03 -51.88
C THR F 108 -11.63 -3.21 -53.05
N VAL F 109 -12.61 -4.11 -52.90
CA VAL F 109 -13.72 -4.22 -53.82
C VAL F 109 -14.89 -4.42 -52.90
N THR F 110 -16.04 -3.78 -53.22
CA THR F 110 -17.13 -3.68 -52.28
C THR F 110 -18.36 -3.86 -53.11
N VAL F 111 -19.05 -5.00 -52.89
CA VAL F 111 -20.20 -5.42 -53.65
C VAL F 111 -21.27 -5.49 -52.60
N GLY F 112 -22.56 -5.33 -52.97
CA GLY F 112 -23.56 -5.50 -51.95
C GLY F 112 -24.90 -5.15 -52.46
N PHE F 113 -25.85 -5.98 -51.99
CA PHE F 113 -27.26 -5.88 -52.24
C PHE F 113 -27.88 -6.39 -50.97
N HIS F 114 -28.92 -5.68 -50.48
CA HIS F 114 -29.71 -6.12 -49.36
C HIS F 114 -30.86 -6.89 -49.93
N ASP F 115 -30.67 -8.23 -50.07
CA ASP F 115 -31.68 -9.14 -50.54
C ASP F 115 -31.68 -10.34 -49.63
N GLY F 116 -30.71 -10.42 -48.69
CA GLY F 116 -30.55 -11.55 -47.78
C GLY F 116 -31.36 -11.35 -46.54
N PRO F 117 -31.17 -12.23 -45.56
CA PRO F 117 -31.73 -12.08 -44.21
C PRO F 117 -31.00 -11.05 -43.37
N ASN F 118 -29.99 -10.35 -43.96
CA ASN F 118 -29.11 -9.49 -43.22
C ASN F 118 -28.77 -8.39 -44.20
N ARG F 119 -27.71 -7.61 -43.90
CA ARG F 119 -27.21 -6.54 -44.75
C ARG F 119 -26.79 -7.09 -46.09
N HIS F 120 -26.10 -8.26 -46.06
CA HIS F 120 -25.93 -9.16 -47.17
C HIS F 120 -25.03 -8.58 -48.22
N THR F 121 -24.02 -7.78 -47.78
CA THR F 121 -23.12 -7.10 -48.66
C THR F 121 -21.83 -7.87 -48.53
N CYS F 122 -20.80 -7.53 -49.34
CA CYS F 122 -19.51 -8.13 -49.12
C CYS F 122 -18.41 -7.23 -49.57
N THR F 123 -17.29 -7.28 -48.82
CA THR F 123 -16.16 -6.43 -49.07
C THR F 123 -15.01 -7.38 -48.87
N VAL F 124 -13.86 -7.08 -49.52
CA VAL F 124 -12.65 -7.86 -49.40
C VAL F 124 -11.61 -6.93 -49.94
N ALA F 125 -10.33 -7.14 -49.53
CA ALA F 125 -9.18 -6.47 -50.09
C ALA F 125 -8.72 -7.23 -51.31
N HIS F 126 -8.39 -6.49 -52.39
CA HIS F 126 -7.78 -7.08 -53.55
C HIS F 126 -7.25 -5.93 -54.36
N LYS F 127 -5.96 -6.09 -54.74
CA LYS F 127 -5.09 -5.18 -55.43
C LYS F 127 -5.45 -4.85 -56.85
N VAL F 128 -5.65 -3.54 -57.10
CA VAL F 128 -5.99 -2.98 -58.39
C VAL F 128 -4.84 -2.05 -58.66
N GLU F 129 -4.40 -2.00 -59.94
CA GLU F 129 -3.40 -1.08 -60.40
C GLU F 129 -3.73 -0.74 -61.82
N PHE F 130 -3.24 0.45 -62.24
CA PHE F 130 -3.17 0.89 -63.61
C PHE F 130 -1.82 1.52 -63.58
N ARG F 131 -1.02 1.40 -64.65
CA ARG F 131 0.16 2.23 -64.74
C ARG F 131 0.45 2.36 -66.21
N PRO F 132 1.20 3.38 -66.65
CA PRO F 132 1.83 3.47 -67.97
C PRO F 132 2.45 2.22 -68.51
N VAL F 133 2.37 2.01 -69.84
CA VAL F 133 3.07 0.95 -70.52
C VAL F 133 4.49 1.43 -70.65
N GLY F 134 5.42 0.85 -69.86
CA GLY F 134 6.79 1.28 -69.75
C GLY F 134 6.92 2.68 -69.21
N ARG F 135 8.18 3.17 -69.17
CA ARG F 135 8.64 4.46 -68.74
C ARG F 135 8.03 4.97 -67.46
N GLU F 136 7.21 6.04 -67.58
CA GLU F 136 6.42 6.72 -66.57
C GLU F 136 5.81 5.87 -65.49
N LYS F 137 5.49 6.52 -64.35
CA LYS F 137 4.85 5.88 -63.23
C LYS F 137 3.70 6.76 -62.82
N TYR F 138 2.49 6.20 -62.91
CA TYR F 138 1.26 6.80 -62.48
C TYR F 138 0.49 5.62 -61.96
N ARG F 139 -0.61 5.88 -61.20
CA ARG F 139 -1.61 4.88 -60.95
C ARG F 139 -2.60 5.10 -62.06
N HIS F 140 -3.75 5.79 -61.79
CA HIS F 140 -4.82 5.92 -62.73
C HIS F 140 -4.48 7.12 -63.60
N PRO F 141 -4.51 7.03 -64.93
CA PRO F 141 -4.16 8.12 -65.83
C PRO F 141 -4.91 9.42 -65.64
N PRO F 142 -4.33 10.61 -65.91
CA PRO F 142 -4.99 11.90 -65.87
C PRO F 142 -6.11 12.00 -66.89
N GLU F 143 -6.84 13.15 -66.86
CA GLU F 143 -7.90 13.48 -67.78
C GLU F 143 -7.39 14.35 -68.90
N HIS F 144 -6.06 14.57 -68.96
CA HIS F 144 -5.47 15.48 -69.92
C HIS F 144 -4.16 14.87 -70.32
N GLY F 145 -3.63 15.30 -71.50
CA GLY F 145 -2.43 14.74 -72.06
C GLY F 145 -2.83 13.80 -73.15
N VAL F 146 -1.81 13.10 -73.72
CA VAL F 146 -1.96 12.23 -74.87
C VAL F 146 -2.63 10.93 -74.45
N GLU F 147 -3.31 10.29 -75.44
CA GLU F 147 -3.84 8.94 -75.36
C GLU F 147 -2.80 8.09 -76.05
N LEU F 148 -2.53 6.86 -75.53
CA LEU F 148 -1.44 6.07 -76.03
C LEU F 148 -1.68 4.61 -75.68
N PRO F 149 -0.99 3.63 -76.30
CA PRO F 149 -1.46 2.24 -76.37
C PRO F 149 -1.33 1.50 -75.05
N CYS F 150 -2.40 1.56 -74.24
CA CYS F 150 -2.53 0.89 -72.99
C CYS F 150 -3.08 -0.50 -73.23
N ASN F 151 -3.01 -1.34 -72.18
CA ASN F 151 -3.83 -2.51 -72.09
C ASN F 151 -5.04 -2.01 -71.38
N ARG F 152 -6.19 -2.63 -71.63
CA ARG F 152 -7.47 -2.16 -71.23
C ARG F 152 -8.25 -3.39 -71.53
N TYR F 153 -9.38 -3.60 -70.86
CA TYR F 153 -10.21 -4.75 -71.11
C TYR F 153 -11.30 -4.29 -72.00
N THR F 154 -11.90 -5.27 -72.72
CA THR F 154 -12.85 -5.11 -73.79
C THR F 154 -14.01 -4.19 -73.49
N HIS F 155 -14.67 -3.68 -74.55
CA HIS F 155 -15.89 -2.93 -74.42
C HIS F 155 -17.07 -3.83 -74.72
N LYS F 156 -16.79 -5.16 -74.80
CA LYS F 156 -17.68 -6.14 -75.37
C LYS F 156 -17.50 -7.35 -74.51
N ARG F 157 -17.97 -8.53 -74.99
CA ARG F 157 -18.04 -9.73 -74.19
C ARG F 157 -18.02 -10.90 -75.12
N ALA F 158 -17.93 -12.12 -74.53
CA ALA F 158 -17.84 -13.40 -75.21
C ALA F 158 -16.64 -13.50 -76.11
N ASP F 159 -15.44 -13.38 -75.51
CA ASP F 159 -14.19 -13.15 -76.21
C ASP F 159 -13.36 -14.36 -75.91
N GLN F 160 -12.02 -14.18 -75.75
CA GLN F 160 -11.02 -15.18 -75.47
C GLN F 160 -9.75 -14.65 -76.04
N GLY F 161 -8.61 -15.12 -75.50
CA GLY F 161 -7.33 -14.51 -75.74
C GLY F 161 -6.38 -15.11 -74.76
N HIS F 162 -6.91 -15.44 -73.56
CA HIS F 162 -6.22 -16.20 -72.56
C HIS F 162 -7.29 -17.04 -71.93
N TYR F 163 -6.86 -18.04 -71.15
CA TYR F 163 -7.78 -18.87 -70.42
C TYR F 163 -7.09 -19.25 -69.16
N VAL F 164 -7.87 -19.23 -68.07
CA VAL F 164 -7.47 -19.70 -66.78
C VAL F 164 -8.17 -21.02 -66.66
N GLU F 165 -7.56 -22.01 -65.99
CA GLU F 165 -8.23 -23.25 -65.70
C GLU F 165 -9.41 -22.97 -64.81
N MET F 166 -10.60 -23.50 -65.17
CA MET F 166 -11.78 -23.41 -64.34
C MET F 166 -12.27 -24.80 -64.15
N HIS F 167 -11.35 -25.78 -64.32
CA HIS F 167 -11.57 -27.19 -64.16
C HIS F 167 -12.02 -27.50 -62.75
N GLN F 168 -13.00 -28.41 -62.65
CA GLN F 168 -13.96 -28.59 -61.59
C GLN F 168 -14.02 -27.60 -60.44
N PRO F 169 -15.06 -26.77 -60.40
CA PRO F 169 -15.66 -26.22 -59.18
C PRO F 169 -16.03 -27.37 -58.30
N GLY F 170 -16.04 -27.22 -56.97
CA GLY F 170 -16.66 -28.24 -56.17
C GLY F 170 -17.34 -27.65 -55.01
N LEU F 171 -17.01 -28.24 -53.86
CA LEU F 171 -17.58 -28.01 -52.58
C LEU F 171 -17.44 -26.59 -52.08
N VAL F 172 -18.59 -26.06 -51.59
CA VAL F 172 -18.73 -24.78 -50.95
C VAL F 172 -19.74 -25.07 -49.87
N ALA F 173 -19.75 -24.26 -48.78
CA ALA F 173 -20.71 -24.40 -47.72
C ALA F 173 -22.00 -23.84 -48.19
N ASP F 174 -23.11 -24.47 -47.74
CA ASP F 174 -24.45 -24.02 -47.90
C ASP F 174 -25.20 -25.28 -47.64
N HIS F 175 -26.08 -25.31 -46.61
CA HIS F 175 -26.76 -26.52 -46.23
C HIS F 175 -28.01 -26.77 -47.03
N SER F 176 -28.39 -25.86 -47.96
CA SER F 176 -29.34 -26.17 -49.01
C SER F 176 -28.84 -27.21 -49.98
N LEU F 177 -27.49 -27.27 -50.17
CA LEU F 177 -26.79 -28.29 -50.92
C LEU F 177 -27.02 -29.62 -50.28
N LEU F 178 -26.77 -29.66 -48.96
CA LEU F 178 -26.80 -30.85 -48.17
C LEU F 178 -28.08 -30.79 -47.41
N SER F 179 -29.21 -31.08 -48.10
CA SER F 179 -30.49 -31.25 -47.49
C SER F 179 -30.52 -32.65 -46.92
N ILE F 180 -31.70 -33.16 -46.52
CA ILE F 180 -31.81 -34.48 -45.95
C ILE F 180 -32.84 -35.16 -46.82
N HIS F 181 -32.52 -36.41 -47.26
CA HIS F 181 -33.40 -37.28 -48.00
C HIS F 181 -34.18 -38.15 -47.05
N SER F 182 -34.76 -37.53 -46.00
CA SER F 182 -35.67 -38.11 -45.03
C SER F 182 -35.01 -39.22 -44.23
N ALA F 183 -33.67 -39.14 -44.07
CA ALA F 183 -32.93 -39.87 -43.07
C ALA F 183 -31.49 -39.48 -43.21
N LYS F 184 -31.00 -39.49 -44.48
CA LYS F 184 -29.59 -39.35 -44.77
C LYS F 184 -29.40 -38.07 -45.51
N VAL F 185 -28.18 -37.51 -45.39
CA VAL F 185 -27.85 -36.22 -45.91
C VAL F 185 -27.60 -36.31 -47.39
N LYS F 186 -28.26 -35.40 -48.14
CA LYS F 186 -28.52 -35.50 -49.54
C LYS F 186 -27.91 -34.37 -50.32
N ILE F 187 -26.94 -34.69 -51.19
CA ILE F 187 -26.35 -33.78 -52.15
C ILE F 187 -27.36 -33.27 -53.15
N THR F 188 -27.22 -32.00 -53.61
CA THR F 188 -28.04 -31.45 -54.66
C THR F 188 -27.13 -30.73 -55.63
N VAL F 189 -27.70 -30.43 -56.82
CA VAL F 189 -27.05 -29.85 -57.96
C VAL F 189 -27.55 -28.42 -58.08
N PRO F 190 -26.87 -27.51 -58.78
CA PRO F 190 -27.34 -26.15 -59.00
C PRO F 190 -28.46 -26.13 -60.01
N SER F 191 -28.27 -26.85 -61.14
CA SER F 191 -29.13 -26.81 -62.29
C SER F 191 -28.82 -28.07 -63.07
N GLY F 192 -28.17 -29.05 -62.40
CA GLY F 192 -27.54 -30.20 -63.02
C GLY F 192 -26.06 -30.01 -62.95
N ALA F 193 -25.38 -30.91 -62.23
CA ALA F 193 -23.95 -30.93 -62.14
C ALA F 193 -23.63 -32.32 -61.70
N GLN F 194 -22.39 -32.78 -61.99
CA GLN F 194 -22.03 -34.16 -61.82
C GLN F 194 -21.32 -34.11 -60.51
N VAL F 195 -21.94 -34.62 -59.42
CA VAL F 195 -21.44 -34.40 -58.09
C VAL F 195 -20.80 -35.65 -57.56
N LYS F 196 -19.50 -35.53 -57.18
CA LYS F 196 -18.68 -36.66 -56.81
C LYS F 196 -18.68 -36.73 -55.30
N TYR F 197 -19.89 -36.93 -54.76
CA TYR F 197 -20.28 -36.75 -53.40
C TYR F 197 -19.61 -37.76 -52.50
N TYR F 198 -19.34 -37.39 -51.24
CA TYR F 198 -18.94 -38.34 -50.24
C TYR F 198 -18.78 -37.60 -48.93
N CYS F 199 -18.61 -38.43 -47.88
CA CYS F 199 -18.56 -38.08 -46.49
C CYS F 199 -17.32 -38.74 -45.96
N LYS F 200 -16.99 -38.49 -44.67
CA LYS F 200 -15.83 -39.01 -43.99
C LYS F 200 -15.74 -40.52 -43.99
N CYS F 201 -16.91 -41.21 -43.96
CA CYS F 201 -17.04 -42.64 -44.06
C CYS F 201 -16.43 -43.10 -45.38
N PRO F 202 -15.66 -44.20 -45.44
CA PRO F 202 -15.13 -44.81 -46.66
C PRO F 202 -16.04 -44.83 -47.85
N ASP F 203 -15.56 -44.31 -49.01
CA ASP F 203 -16.27 -44.37 -50.25
C ASP F 203 -15.26 -44.01 -51.30
N VAL F 204 -15.61 -44.28 -52.58
CA VAL F 204 -14.92 -43.81 -53.75
C VAL F 204 -15.00 -42.30 -53.80
N ARG F 205 -13.96 -41.65 -54.35
CA ARG F 205 -13.70 -40.26 -54.08
C ARG F 205 -12.79 -39.73 -55.14
N GLU F 206 -12.60 -40.55 -56.21
CA GLU F 206 -11.86 -40.18 -57.38
C GLU F 206 -12.67 -40.77 -58.52
N GLY F 207 -12.29 -40.42 -59.76
CA GLY F 207 -13.04 -40.74 -60.96
C GLY F 207 -13.85 -39.55 -61.35
N ILE F 208 -14.18 -39.47 -62.66
CA ILE F 208 -15.17 -38.56 -63.19
C ILE F 208 -16.52 -39.18 -62.91
N THR F 209 -17.21 -38.67 -61.87
CA THR F 209 -18.19 -39.46 -61.18
C THR F 209 -19.30 -38.61 -60.65
N SER F 210 -20.53 -39.15 -60.77
CA SER F 210 -21.63 -38.84 -59.90
C SER F 210 -22.12 -40.22 -59.57
N SER F 211 -21.14 -41.08 -59.20
CA SER F 211 -21.32 -42.46 -58.83
C SER F 211 -20.68 -42.56 -57.46
N ASP F 212 -19.97 -41.49 -57.03
CA ASP F 212 -19.47 -41.34 -55.69
C ASP F 212 -20.61 -40.71 -54.96
N HIS F 213 -21.17 -41.43 -53.96
CA HIS F 213 -22.12 -40.87 -53.04
C HIS F 213 -21.92 -41.61 -51.75
N THR F 214 -22.01 -40.88 -50.62
CA THR F 214 -21.90 -41.48 -49.31
C THR F 214 -23.04 -40.91 -48.53
N THR F 215 -23.75 -41.80 -47.83
CA THR F 215 -24.87 -41.48 -47.00
C THR F 215 -24.60 -42.09 -45.65
N THR F 216 -23.50 -42.88 -45.54
CA THR F 216 -23.13 -43.73 -44.44
C THR F 216 -22.89 -42.88 -43.21
N CYS F 217 -22.19 -41.74 -43.39
CA CYS F 217 -21.90 -40.79 -42.36
C CYS F 217 -22.87 -39.69 -42.65
N THR F 218 -23.62 -39.23 -41.60
CA THR F 218 -24.71 -38.31 -41.76
C THR F 218 -24.47 -37.13 -40.87
N ASP F 219 -24.67 -35.92 -41.45
CA ASP F 219 -24.48 -34.60 -40.90
C ASP F 219 -24.03 -33.82 -42.11
N VAL F 220 -24.42 -32.52 -42.19
CA VAL F 220 -24.04 -31.63 -43.25
C VAL F 220 -22.60 -31.18 -43.09
N LYS F 221 -22.03 -31.38 -41.88
CA LYS F 221 -20.71 -30.92 -41.53
C LYS F 221 -19.77 -32.11 -41.63
N GLN F 222 -20.30 -33.32 -41.91
CA GLN F 222 -19.51 -34.51 -42.05
C GLN F 222 -19.55 -34.96 -43.48
N CYS F 223 -20.06 -34.10 -44.39
CA CYS F 223 -20.25 -34.45 -45.76
C CYS F 223 -19.90 -33.26 -46.60
N ARG F 224 -19.74 -33.50 -47.92
CA ARG F 224 -19.19 -32.60 -48.90
C ARG F 224 -20.25 -31.96 -49.71
N ALA F 225 -20.74 -30.79 -49.24
CA ALA F 225 -21.69 -29.95 -49.94
C ALA F 225 -21.04 -29.51 -51.23
N TYR F 226 -21.47 -30.06 -52.40
CA TYR F 226 -20.79 -29.91 -53.66
C TYR F 226 -21.69 -29.38 -54.72
N LEU F 227 -21.02 -28.70 -55.67
CA LEU F 227 -21.54 -28.47 -56.98
C LEU F 227 -20.27 -28.73 -57.74
N ILE F 228 -20.01 -30.00 -58.13
CA ILE F 228 -18.92 -30.32 -59.02
C ILE F 228 -19.34 -30.07 -60.42
N ASP F 229 -18.95 -28.89 -60.94
CA ASP F 229 -19.44 -28.45 -62.22
C ASP F 229 -18.53 -28.96 -63.29
N ASN F 230 -19.09 -28.98 -64.51
CA ASN F 230 -18.56 -29.66 -65.66
C ASN F 230 -19.58 -29.41 -66.75
N LYS F 231 -20.64 -28.65 -66.43
CA LYS F 231 -21.64 -28.22 -67.36
C LYS F 231 -22.44 -27.14 -66.71
N LYS F 232 -21.89 -26.51 -65.64
CA LYS F 232 -22.51 -25.40 -64.96
C LYS F 232 -21.41 -24.58 -64.35
N TRP F 233 -20.16 -24.75 -64.86
CA TRP F 233 -18.93 -24.13 -64.44
C TRP F 233 -19.00 -22.75 -63.86
N VAL F 234 -18.20 -22.52 -62.82
CA VAL F 234 -17.99 -21.24 -62.24
C VAL F 234 -16.51 -21.14 -62.22
N TYR F 235 -16.00 -19.90 -62.15
CA TYR F 235 -14.61 -19.68 -61.93
C TYR F 235 -14.18 -20.18 -60.58
N ASN F 236 -13.03 -20.89 -60.60
CA ASN F 236 -12.37 -21.53 -59.49
C ASN F 236 -11.95 -20.47 -58.51
N SER F 237 -12.09 -20.74 -57.19
CA SER F 237 -11.73 -19.77 -56.18
C SER F 237 -11.21 -20.51 -54.99
N GLY F 238 -10.59 -19.76 -54.04
CA GLY F 238 -10.12 -20.25 -52.76
C GLY F 238 -11.22 -20.66 -51.81
N ARG F 239 -12.45 -20.14 -52.04
CA ARG F 239 -13.62 -20.41 -51.25
C ARG F 239 -14.52 -21.29 -52.08
N LEU F 240 -13.91 -21.95 -53.09
CA LEU F 240 -14.52 -22.96 -53.90
C LEU F 240 -13.52 -24.08 -54.03
N PRO F 241 -13.25 -24.93 -53.04
CA PRO F 241 -12.56 -26.19 -53.24
C PRO F 241 -13.15 -27.10 -54.28
N ARG F 242 -12.34 -28.08 -54.74
CA ARG F 242 -12.69 -29.10 -55.68
C ARG F 242 -12.62 -30.36 -54.87
N GLY F 243 -13.31 -31.43 -55.33
CA GLY F 243 -13.14 -32.78 -54.85
C GLY F 243 -11.71 -33.23 -54.84
N GLU F 244 -11.31 -34.00 -53.79
CA GLU F 244 -9.94 -34.27 -53.45
C GLU F 244 -9.24 -35.03 -54.55
N GLY F 245 -10.00 -35.93 -55.24
CA GLY F 245 -9.52 -36.78 -56.30
C GLY F 245 -9.49 -35.99 -57.58
N ASP F 246 -9.47 -36.71 -58.73
CA ASP F 246 -9.14 -36.15 -60.02
C ASP F 246 -10.05 -35.02 -60.45
N THR F 247 -9.45 -34.04 -61.16
CA THR F 247 -10.13 -32.99 -61.86
C THR F 247 -11.04 -33.48 -62.96
N PHE F 248 -12.15 -32.73 -63.17
CA PHE F 248 -13.05 -32.91 -64.29
C PHE F 248 -12.66 -31.70 -65.08
N LYS F 249 -12.05 -31.89 -66.27
CA LYS F 249 -11.56 -30.81 -67.09
C LYS F 249 -12.60 -29.81 -67.51
N GLY F 250 -12.19 -28.52 -67.53
CA GLY F 250 -13.11 -27.44 -67.68
C GLY F 250 -12.34 -26.17 -67.73
N LYS F 251 -11.15 -26.18 -68.36
CA LYS F 251 -10.39 -24.98 -68.68
C LYS F 251 -11.18 -24.09 -69.57
N LEU F 252 -11.33 -22.81 -69.15
CA LEU F 252 -12.30 -21.93 -69.75
C LEU F 252 -11.68 -20.59 -69.83
N HIS F 253 -11.91 -19.93 -70.98
CA HIS F 253 -11.32 -18.67 -71.38
C HIS F 253 -11.75 -17.57 -70.45
N VAL F 254 -11.20 -16.34 -70.67
CA VAL F 254 -11.75 -15.18 -70.04
C VAL F 254 -12.32 -14.41 -71.20
N PRO F 255 -13.55 -13.91 -71.16
CA PRO F 255 -14.17 -13.20 -72.25
C PRO F 255 -14.04 -11.71 -72.04
N PHE F 256 -12.91 -11.26 -71.46
CA PHE F 256 -12.75 -9.93 -70.95
C PHE F 256 -11.26 -9.71 -70.87
N VAL F 257 -10.55 -10.30 -71.87
CA VAL F 257 -9.12 -10.21 -72.10
C VAL F 257 -8.66 -8.79 -72.34
N PRO F 258 -7.41 -8.43 -72.02
CA PRO F 258 -6.85 -7.14 -72.31
C PRO F 258 -6.55 -6.98 -73.77
N VAL F 259 -7.08 -5.89 -74.32
CA VAL F 259 -7.01 -5.51 -75.70
C VAL F 259 -6.42 -4.12 -75.69
N LYS F 260 -5.95 -3.64 -76.85
CA LYS F 260 -5.45 -2.30 -76.98
C LYS F 260 -6.66 -1.43 -77.16
N ALA F 261 -6.62 -0.20 -76.61
CA ALA F 261 -7.66 0.77 -76.82
C ALA F 261 -7.00 2.09 -76.61
N LYS F 262 -7.71 3.20 -76.92
CA LYS F 262 -7.23 4.49 -76.51
C LYS F 262 -7.84 4.81 -75.19
N CYS F 263 -7.04 4.52 -74.14
CA CYS F 263 -7.14 4.99 -72.79
C CYS F 263 -7.00 6.47 -72.78
N ILE F 264 -7.78 7.21 -71.95
CA ILE F 264 -7.24 8.43 -71.36
C ILE F 264 -5.95 8.05 -70.66
N ALA F 265 -4.83 8.73 -70.96
CA ALA F 265 -3.56 8.11 -70.70
C ALA F 265 -2.59 9.14 -70.25
N THR F 266 -1.30 8.74 -70.20
CA THR F 266 -0.32 9.33 -69.35
C THR F 266 0.65 10.07 -70.21
N LEU F 267 0.91 11.33 -69.81
CA LEU F 267 1.80 12.24 -70.45
C LEU F 267 1.53 13.48 -69.66
N ALA F 268 2.58 13.96 -68.94
CA ALA F 268 2.47 15.11 -68.09
C ALA F 268 2.74 16.30 -68.97
N PRO F 269 2.15 17.48 -68.72
CA PRO F 269 2.23 18.66 -69.58
C PRO F 269 3.53 18.93 -70.28
N GLU F 270 3.39 19.28 -71.58
CA GLU F 270 4.35 19.31 -72.67
C GLU F 270 5.82 19.54 -72.33
N PRO F 271 6.76 18.86 -72.98
CA PRO F 271 8.18 19.10 -72.82
C PRO F 271 8.57 20.15 -73.82
N LEU F 272 9.83 20.62 -73.74
CA LEU F 272 10.40 21.49 -74.72
C LEU F 272 11.68 20.82 -75.07
N VAL F 273 11.88 20.51 -76.37
CA VAL F 273 13.06 19.85 -76.84
C VAL F 273 13.92 21.00 -77.29
N GLU F 274 14.85 21.43 -76.42
CA GLU F 274 15.71 22.56 -76.68
C GLU F 274 17.04 21.96 -76.98
N HIS F 275 17.94 22.78 -77.52
CA HIS F 275 19.23 22.34 -77.92
C HIS F 275 20.12 23.53 -77.88
N LYS F 276 21.39 23.31 -77.49
CA LYS F 276 22.46 24.21 -77.73
C LYS F 276 23.49 23.31 -78.35
N HIS F 277 24.76 23.77 -78.37
CA HIS F 277 25.88 23.08 -78.97
C HIS F 277 26.14 21.77 -78.30
N ARG F 278 25.78 20.67 -79.00
CA ARG F 278 26.00 19.30 -78.60
C ARG F 278 25.42 18.94 -77.26
N THR F 279 24.24 19.53 -76.95
CA THR F 279 23.60 19.43 -75.68
C THR F 279 22.13 19.59 -75.93
N LEU F 280 21.30 18.67 -75.38
CA LEU F 280 19.88 18.90 -75.30
C LEU F 280 19.70 19.41 -73.92
N ILE F 281 19.55 20.74 -73.79
CA ILE F 281 18.89 21.37 -72.68
C ILE F 281 17.44 21.03 -72.90
N LEU F 282 16.70 20.69 -71.84
CA LEU F 282 15.34 20.28 -72.00
C LEU F 282 14.67 20.95 -70.88
N HIS F 283 14.03 22.11 -71.18
CA HIS F 283 13.03 22.75 -70.36
C HIS F 283 11.81 21.87 -70.35
N LEU F 284 11.30 21.57 -69.15
CA LEU F 284 10.31 20.56 -68.96
C LEU F 284 9.37 21.17 -67.98
N HIS F 285 8.09 20.81 -68.09
CA HIS F 285 7.07 21.44 -67.30
C HIS F 285 6.03 20.39 -66.96
N PRO F 286 6.31 19.26 -66.30
CA PRO F 286 5.30 18.25 -66.04
C PRO F 286 4.60 18.56 -64.74
N ASP F 287 3.43 17.90 -64.53
CA ASP F 287 2.68 17.98 -63.30
C ASP F 287 2.60 16.59 -62.70
N HIS F 288 3.33 15.60 -63.25
CA HIS F 288 3.18 14.22 -62.83
C HIS F 288 4.52 13.55 -63.06
N PRO F 289 4.86 12.46 -62.37
CA PRO F 289 6.08 11.71 -62.59
C PRO F 289 6.19 11.16 -63.99
N THR F 290 7.14 11.71 -64.77
CA THR F 290 7.40 11.35 -66.12
C THR F 290 8.78 10.82 -66.04
N LEU F 291 9.01 9.58 -66.53
CA LEU F 291 10.35 9.06 -66.57
C LEU F 291 10.95 9.66 -67.80
N LEU F 292 11.85 10.64 -67.58
CA LEU F 292 12.66 11.14 -68.62
C LEU F 292 13.85 10.25 -68.57
N THR F 293 14.41 10.02 -69.77
CA THR F 293 15.61 9.29 -69.90
C THR F 293 16.05 9.61 -71.29
N THR F 294 17.35 9.42 -71.60
CA THR F 294 17.87 9.77 -72.89
C THR F 294 18.84 8.67 -73.22
N ARG F 295 19.32 8.70 -74.48
CA ARG F 295 20.21 7.73 -75.03
C ARG F 295 21.04 8.35 -76.09
N SER F 296 22.29 8.68 -75.76
CA SER F 296 23.29 9.24 -76.63
C SER F 296 23.62 8.22 -77.70
N LEU F 297 23.28 8.59 -78.96
CA LEU F 297 23.10 7.74 -80.11
C LEU F 297 24.36 7.13 -80.63
N GLY F 298 25.53 7.52 -80.08
CA GLY F 298 26.78 6.83 -80.28
C GLY F 298 26.73 5.42 -79.78
N SER F 299 27.91 4.76 -79.79
CA SER F 299 28.07 3.44 -79.25
C SER F 299 28.13 3.48 -77.75
N ASP F 300 28.23 4.70 -77.16
CA ASP F 300 27.83 4.96 -75.79
C ASP F 300 26.35 4.69 -75.61
N ALA F 301 26.00 4.13 -74.44
CA ALA F 301 24.65 3.75 -74.14
C ALA F 301 23.92 4.93 -73.59
N ASN F 302 24.63 5.69 -72.71
CA ASN F 302 24.13 6.80 -71.93
C ASN F 302 22.82 6.46 -71.28
N PRO F 303 22.70 5.71 -70.18
CA PRO F 303 21.38 5.49 -69.65
C PRO F 303 21.03 6.70 -68.87
N THR F 304 19.76 6.84 -68.50
CA THR F 304 19.32 7.92 -67.68
C THR F 304 18.20 7.33 -66.89
N ARG F 305 18.02 7.78 -65.64
CA ARG F 305 16.73 7.64 -65.04
C ARG F 305 16.64 8.96 -64.37
N GLN F 306 15.50 9.64 -64.53
CA GLN F 306 15.17 10.69 -63.63
C GLN F 306 13.71 10.92 -63.82
N TRP F 307 12.95 10.77 -62.72
CA TRP F 307 11.61 11.22 -62.60
C TRP F 307 11.55 12.71 -62.72
N ILE F 308 10.68 13.22 -63.60
CA ILE F 308 10.50 14.64 -63.77
C ILE F 308 9.05 14.80 -63.46
N GLU F 309 8.79 15.53 -62.35
CA GLU F 309 7.49 15.96 -61.92
C GLU F 309 7.67 17.37 -61.44
N ARG F 310 8.91 17.89 -61.60
CA ARG F 310 9.32 19.21 -61.24
C ARG F 310 9.72 19.94 -62.50
N PRO F 311 9.21 21.13 -62.81
CA PRO F 311 9.65 21.90 -63.97
C PRO F 311 11.12 22.25 -63.90
N THR F 312 11.93 21.71 -64.84
CA THR F 312 13.36 21.76 -64.74
C THR F 312 13.95 21.79 -66.12
N THR F 313 14.92 22.72 -66.33
CA THR F 313 15.83 22.62 -67.45
C THR F 313 16.89 21.65 -67.01
N VAL F 314 17.00 20.52 -67.73
CA VAL F 314 17.94 19.47 -67.42
C VAL F 314 18.86 19.46 -68.60
N ASN F 315 19.89 18.59 -68.63
CA ASN F 315 20.78 18.58 -69.76
C ASN F 315 21.23 17.16 -69.95
N PHE F 316 21.58 16.82 -71.22
CA PHE F 316 22.09 15.53 -71.61
C PHE F 316 23.01 15.87 -72.73
N THR F 317 24.32 15.62 -72.51
CA THR F 317 25.38 15.92 -73.43
C THR F 317 25.35 14.99 -74.62
N VAL F 318 24.67 15.46 -75.68
CA VAL F 318 24.48 14.82 -76.95
C VAL F 318 25.82 14.51 -77.56
N THR F 319 26.00 13.24 -77.98
CA THR F 319 27.23 12.73 -78.54
C THR F 319 27.19 13.03 -80.02
N GLY F 320 28.29 12.76 -80.75
CA GLY F 320 28.49 13.17 -82.11
C GLY F 320 27.86 12.32 -83.16
N GLU F 321 26.53 12.23 -83.11
CA GLU F 321 25.70 11.40 -83.94
C GLU F 321 24.33 11.43 -83.35
N GLY F 322 24.15 12.32 -82.35
CA GLY F 322 22.90 12.70 -81.78
C GLY F 322 22.68 11.99 -80.50
N LEU F 323 21.48 12.23 -79.93
CA LEU F 323 20.96 11.67 -78.73
C LEU F 323 19.52 11.41 -79.05
N GLU F 324 18.84 10.54 -78.29
CA GLU F 324 17.42 10.40 -78.41
C GLU F 324 16.96 10.60 -77.00
N TYR F 325 15.68 10.92 -76.83
CA TYR F 325 15.19 11.48 -75.62
C TYR F 325 13.81 10.95 -75.59
N THR F 326 13.44 10.35 -74.44
CA THR F 326 12.30 9.49 -74.35
C THR F 326 11.51 9.94 -73.17
N TRP F 327 10.66 10.96 -73.45
CA TRP F 327 9.85 11.73 -72.52
C TRP F 327 8.68 10.91 -72.09
N GLY F 328 8.87 9.99 -71.13
CA GLY F 328 7.84 9.07 -70.71
C GLY F 328 7.50 8.11 -71.80
N ASN F 329 6.29 7.50 -71.72
CA ASN F 329 5.84 6.53 -72.69
C ASN F 329 5.07 7.21 -73.78
N HIS F 330 4.98 8.56 -73.68
CA HIS F 330 4.77 9.43 -74.80
C HIS F 330 5.92 9.28 -75.80
N PRO F 331 5.67 9.34 -77.11
CA PRO F 331 6.61 9.00 -78.17
C PRO F 331 8.05 9.46 -78.04
N PRO F 332 9.07 8.68 -78.44
CA PRO F 332 10.46 9.09 -78.46
C PRO F 332 10.71 10.31 -79.30
N LYS F 333 11.62 11.19 -78.85
CA LYS F 333 12.19 12.23 -79.68
C LYS F 333 13.43 11.59 -80.24
N ARG F 334 14.09 12.30 -81.18
CA ARG F 334 15.37 11.89 -81.69
C ARG F 334 15.96 13.20 -82.03
N VAL F 335 17.30 13.29 -82.03
CA VAL F 335 18.01 14.53 -82.17
C VAL F 335 19.28 14.18 -82.84
N TRP F 336 19.67 14.92 -83.91
CA TRP F 336 20.96 14.68 -84.51
C TRP F 336 21.99 15.44 -83.73
N ALA F 337 23.27 15.17 -84.02
CA ALA F 337 24.35 16.01 -83.59
C ALA F 337 24.76 16.89 -84.70
N GLN F 338 25.47 17.95 -84.30
CA GLN F 338 26.38 18.71 -85.09
C GLN F 338 26.77 19.80 -84.14
N GLU F 339 25.75 20.37 -83.48
CA GLU F 339 25.78 21.45 -82.53
C GLU F 339 24.54 22.20 -82.86
N SER F 340 24.12 23.11 -81.98
CA SER F 340 23.31 24.20 -82.42
C SER F 340 23.73 25.39 -81.62
N GLY F 341 22.76 26.01 -80.92
CA GLY F 341 22.88 27.27 -80.23
C GLY F 341 21.69 28.07 -80.67
N GLU F 342 20.75 27.39 -81.40
CA GLU F 342 19.42 27.82 -81.70
C GLU F 342 19.44 28.88 -82.78
N GLY F 343 20.19 28.58 -83.86
CA GLY F 343 20.09 29.31 -85.11
C GLY F 343 21.15 30.36 -85.14
N ASN F 344 22.18 30.21 -84.26
CA ASN F 344 23.40 30.98 -84.23
C ASN F 344 24.17 30.80 -85.52
N PRO F 345 24.50 31.80 -86.32
CA PRO F 345 25.59 31.76 -87.28
C PRO F 345 26.89 31.27 -86.73
N HIS F 346 27.60 30.44 -87.52
CA HIS F 346 28.87 29.85 -87.15
C HIS F 346 29.87 30.44 -88.12
N GLY F 347 29.37 31.24 -89.09
CA GLY F 347 30.13 32.03 -90.02
C GLY F 347 29.28 31.92 -91.25
N TRP F 348 29.25 32.95 -92.11
CA TRP F 348 28.33 32.94 -93.22
C TRP F 348 28.65 33.94 -94.34
N PRO F 349 29.58 34.91 -94.34
CA PRO F 349 30.09 35.54 -95.56
C PRO F 349 30.74 34.58 -96.54
N HIS F 350 30.01 34.24 -97.61
CA HIS F 350 30.37 33.23 -98.59
C HIS F 350 31.66 33.47 -99.31
N GLU F 351 32.31 32.36 -99.72
CA GLU F 351 33.56 32.40 -100.43
C GLU F 351 33.29 32.73 -101.91
N TYR G 1 13.54 39.98 1.59
CA TYR G 1 12.29 39.42 1.04
C TYR G 1 11.56 38.76 2.19
N GLU G 2 11.75 37.42 2.31
CA GLU G 2 11.14 36.48 3.22
C GLU G 2 10.82 36.92 4.62
N HIS G 3 9.94 36.11 5.24
CA HIS G 3 9.34 36.25 6.53
C HIS G 3 10.35 35.85 7.55
N THR G 4 11.25 36.73 8.02
CA THR G 4 12.13 36.34 9.11
C THR G 4 11.38 35.93 10.35
N ALA G 5 11.91 34.91 11.03
CA ALA G 5 11.55 34.48 12.34
C ALA G 5 12.71 33.62 12.60
N VAL G 6 13.52 33.93 13.63
CA VAL G 6 14.60 33.07 14.09
C VAL G 6 14.32 32.65 15.50
N MET G 7 13.06 32.82 15.94
CA MET G 7 12.75 32.88 17.34
C MET G 7 12.00 31.60 17.61
N PRO G 8 12.33 30.84 18.68
CA PRO G 8 11.89 29.48 18.90
C PRO G 8 10.45 29.09 18.80
N ASN G 9 10.23 27.76 18.81
CA ASN G 9 8.94 27.13 18.79
C ASN G 9 8.57 26.83 20.20
N LYS G 10 7.36 27.26 20.59
CA LYS G 10 6.75 27.00 21.86
C LYS G 10 5.31 26.77 21.51
N VAL G 11 4.40 27.03 22.46
CA VAL G 11 3.06 26.49 22.48
C VAL G 11 2.56 26.76 23.85
N GLY G 12 1.26 27.16 23.93
CA GLY G 12 0.72 27.93 25.01
C GLY G 12 0.90 29.38 24.70
N ILE G 13 2.15 29.86 24.92
CA ILE G 13 2.55 31.24 24.90
C ILE G 13 2.30 31.92 23.56
N PRO G 14 1.89 33.19 23.51
CA PRO G 14 1.75 33.88 22.24
C PRO G 14 3.06 34.56 21.99
N TYR G 15 3.93 33.90 21.20
CA TYR G 15 5.30 34.30 21.03
C TYR G 15 5.39 34.83 19.65
N LYS G 16 6.48 35.57 19.34
CA LYS G 16 6.44 36.55 18.28
C LYS G 16 7.72 36.45 17.52
N ALA G 17 7.77 37.16 16.39
CA ALA G 17 8.96 37.28 15.61
C ALA G 17 8.76 38.48 14.75
N LEU G 18 9.80 38.91 14.00
CA LEU G 18 9.72 40.11 13.24
C LEU G 18 10.31 39.74 11.92
N VAL G 19 9.57 40.04 10.81
CA VAL G 19 9.92 39.77 9.45
C VAL G 19 10.79 40.86 8.96
N GLU G 20 12.07 40.57 8.68
CA GLU G 20 12.93 41.54 8.05
C GLU G 20 12.60 41.46 6.57
N ARG G 21 12.15 42.60 6.02
CA ARG G 21 11.81 42.79 4.64
C ARG G 21 12.38 44.15 4.34
N PRO G 22 13.10 44.41 3.25
CA PRO G 22 13.61 45.75 3.00
C PRO G 22 12.89 46.37 1.83
N GLY G 23 12.33 45.55 0.91
CA GLY G 23 11.55 46.03 -0.21
C GLY G 23 10.28 46.66 0.17
N TYR G 24 9.63 46.07 1.20
CA TYR G 24 8.46 46.61 1.82
C TYR G 24 8.84 46.79 3.25
N ALA G 25 7.94 47.40 4.06
CA ALA G 25 8.13 47.56 5.47
C ALA G 25 8.07 46.19 6.14
N PRO G 26 8.88 45.86 7.13
CA PRO G 26 8.80 44.63 7.93
C PRO G 26 7.45 44.34 8.51
N VAL G 27 7.19 43.09 8.94
CA VAL G 27 5.92 42.73 9.51
C VAL G 27 6.14 41.92 10.73
N HIS G 28 5.31 42.22 11.75
CA HIS G 28 5.34 41.57 13.02
C HIS G 28 4.72 40.25 12.83
N LEU G 29 5.11 39.31 13.69
CA LEU G 29 4.56 38.01 13.76
C LEU G 29 4.15 37.84 15.16
N GLN G 30 3.04 37.10 15.33
CA GLN G 30 2.79 36.33 16.49
C GLN G 30 2.79 34.97 15.88
N ILE G 31 3.71 34.12 16.34
CA ILE G 31 3.92 32.80 15.83
C ILE G 31 3.28 32.04 16.94
N GLN G 32 2.09 31.49 16.67
CA GLN G 32 1.35 30.76 17.64
C GLN G 32 1.36 29.39 17.09
N LEU G 33 2.12 28.48 17.71
CA LEU G 33 2.16 27.12 17.27
C LEU G 33 1.61 26.35 18.40
N VAL G 34 0.69 25.42 18.08
CA VAL G 34 -0.09 24.71 19.06
C VAL G 34 -0.68 23.53 18.33
N ASN G 35 -0.58 23.55 16.99
CA ASN G 35 -0.93 22.44 16.14
C ASN G 35 0.34 22.20 15.40
N THR G 36 0.74 20.91 15.33
CA THR G 36 1.89 20.48 14.59
C THR G 36 1.55 19.08 14.19
N ARG G 37 1.88 18.69 12.94
CA ARG G 37 1.50 17.38 12.43
C ARG G 37 2.55 16.95 11.46
N ILE G 38 2.60 15.64 11.19
CA ILE G 38 3.69 15.02 10.50
C ILE G 38 2.99 14.54 9.26
N ILE G 39 2.37 13.35 9.34
CA ILE G 39 1.51 12.73 8.35
C ILE G 39 2.31 12.42 7.11
N PRO G 40 3.10 11.34 7.09
CA PRO G 40 3.80 10.90 5.90
C PRO G 40 2.93 9.96 5.12
N SER G 41 3.48 9.43 3.99
CA SER G 41 2.91 8.31 3.28
C SER G 41 3.36 7.15 4.12
N THR G 42 2.37 6.37 4.62
CA THR G 42 2.59 5.47 5.71
C THR G 42 1.75 4.27 5.40
N ASN G 43 1.83 3.24 6.27
CA ASN G 43 1.02 2.07 6.09
C ASN G 43 0.81 1.57 7.49
N LEU G 44 -0.50 1.38 7.81
CA LEU G 44 -1.04 0.75 8.98
C LEU G 44 -0.80 -0.71 8.88
N GLU G 45 0.05 -1.25 9.77
CA GLU G 45 0.49 -2.63 9.68
C GLU G 45 -0.49 -3.45 10.45
N TYR G 46 -0.79 -3.02 11.69
CA TYR G 46 -1.75 -3.68 12.52
C TYR G 46 -2.10 -2.81 13.68
N ILE G 47 -3.39 -2.82 14.08
CA ILE G 47 -3.77 -2.34 15.38
C ILE G 47 -3.28 -3.42 16.33
N THR G 48 -2.80 -2.99 17.51
CA THR G 48 -2.42 -3.87 18.57
C THR G 48 -3.16 -3.41 19.79
N CYS G 49 -3.07 -4.19 20.87
CA CYS G 49 -3.91 -4.10 22.03
C CYS G 49 -3.64 -5.43 22.65
N LYS G 50 -3.99 -5.59 23.94
CA LYS G 50 -3.79 -6.83 24.63
C LYS G 50 -4.82 -7.79 24.16
N TYR G 51 -4.62 -9.08 24.48
CA TYR G 51 -5.46 -10.14 24.05
C TYR G 51 -6.87 -9.98 24.55
N LYS G 52 -7.75 -10.85 24.06
CA LYS G 52 -8.87 -11.24 24.83
C LYS G 52 -8.98 -12.67 24.42
N THR G 53 -8.79 -13.63 25.37
CA THR G 53 -9.02 -15.03 25.11
C THR G 53 -10.50 -15.30 25.06
N LYS G 54 -11.17 -14.91 23.95
CA LYS G 54 -12.57 -15.12 23.68
C LYS G 54 -12.61 -16.51 23.15
N VAL G 55 -12.62 -17.52 24.07
CA VAL G 55 -12.37 -18.92 23.81
C VAL G 55 -13.23 -19.38 22.64
N PRO G 56 -12.70 -19.56 21.44
CA PRO G 56 -13.40 -20.12 20.32
C PRO G 56 -13.94 -21.49 20.55
N SER G 57 -14.74 -21.95 19.58
CA SER G 57 -15.52 -23.15 19.68
C SER G 57 -14.86 -24.09 18.72
N PRO G 58 -14.28 -25.22 19.14
CA PRO G 58 -13.47 -26.01 18.23
C PRO G 58 -14.35 -26.96 17.49
N VAL G 59 -13.95 -27.43 16.29
CA VAL G 59 -14.65 -28.49 15.59
C VAL G 59 -13.99 -29.74 16.09
N VAL G 60 -14.53 -30.27 17.21
CA VAL G 60 -14.08 -31.48 17.82
C VAL G 60 -14.67 -32.60 17.01
N LYS G 61 -13.77 -33.35 16.35
CA LYS G 61 -14.01 -34.53 15.56
C LYS G 61 -14.17 -35.72 16.48
N CYS G 62 -13.76 -35.55 17.76
CA CYS G 62 -13.61 -36.53 18.79
C CYS G 62 -12.58 -37.58 18.44
N CYS G 63 -12.50 -38.65 19.29
CA CYS G 63 -11.48 -39.67 19.35
C CYS G 63 -11.02 -40.28 18.04
N GLY G 64 -9.87 -40.98 18.10
CA GLY G 64 -9.29 -41.63 16.94
C GLY G 64 -8.52 -40.61 16.16
N ALA G 65 -7.87 -39.67 16.90
CA ALA G 65 -7.29 -38.42 16.46
C ALA G 65 -8.38 -37.41 16.25
N THR G 66 -8.08 -36.14 16.60
CA THR G 66 -8.96 -35.02 16.36
C THR G 66 -8.18 -34.11 15.46
N GLN G 67 -8.89 -33.53 14.47
CA GLN G 67 -8.33 -32.63 13.49
C GLN G 67 -8.92 -31.30 13.81
N CYS G 68 -8.07 -30.25 13.87
CA CYS G 68 -8.51 -28.91 14.20
C CYS G 68 -8.78 -28.17 12.93
N THR G 69 -10.07 -27.88 12.69
CA THR G 69 -10.58 -27.11 11.58
C THR G 69 -10.07 -25.70 11.64
N SER G 70 -9.76 -25.11 10.46
CA SER G 70 -9.25 -23.77 10.35
C SER G 70 -10.40 -22.83 10.48
N LYS G 71 -10.33 -21.94 11.49
CA LYS G 71 -11.37 -20.99 11.80
C LYS G 71 -11.04 -19.71 11.07
N PRO G 72 -11.93 -18.72 10.97
CA PRO G 72 -11.68 -17.52 10.18
C PRO G 72 -10.73 -16.54 10.83
N HIS G 73 -10.04 -16.93 11.94
CA HIS G 73 -9.07 -16.11 12.60
C HIS G 73 -7.76 -16.85 12.45
N PRO G 74 -6.81 -16.42 11.60
CA PRO G 74 -5.52 -17.05 11.40
C PRO G 74 -4.68 -17.15 12.65
N ASP G 75 -3.88 -18.23 12.76
CA ASP G 75 -3.03 -18.56 13.88
C ASP G 75 -3.88 -18.95 15.05
N TYR G 76 -3.78 -20.22 15.49
CA TYR G 76 -4.60 -20.67 16.58
C TYR G 76 -3.86 -21.73 17.32
N GLN G 77 -4.00 -21.70 18.67
CA GLN G 77 -3.45 -22.71 19.53
C GLN G 77 -4.57 -23.71 19.59
N CYS G 78 -4.26 -24.97 19.25
CA CYS G 78 -5.24 -26.01 19.30
C CYS G 78 -4.44 -27.22 19.65
N GLN G 79 -4.91 -28.01 20.63
CA GLN G 79 -4.20 -29.15 21.12
C GLN G 79 -5.22 -30.18 21.45
N VAL G 80 -5.08 -31.38 20.84
CA VAL G 80 -5.85 -32.55 21.18
C VAL G 80 -5.43 -32.98 22.57
N PHE G 81 -6.36 -33.57 23.34
CA PHE G 81 -6.09 -34.16 24.63
C PHE G 81 -6.98 -35.35 24.66
N THR G 82 -6.49 -36.47 25.23
CA THR G 82 -7.27 -37.67 25.38
C THR G 82 -7.38 -37.87 26.88
N GLY G 83 -7.97 -39.00 27.31
CA GLY G 83 -8.11 -39.37 28.69
C GLY G 83 -9.23 -38.62 29.36
N VAL G 84 -10.04 -37.89 28.57
CA VAL G 84 -11.20 -37.18 29.04
C VAL G 84 -12.37 -38.12 28.96
N TYR G 85 -13.54 -37.67 29.46
CA TYR G 85 -14.74 -38.44 29.47
C TYR G 85 -15.82 -37.39 29.61
N PRO G 86 -16.25 -36.73 28.52
CA PRO G 86 -16.91 -35.45 28.58
C PRO G 86 -18.19 -35.46 29.34
N PHE G 87 -18.58 -34.28 29.85
CA PHE G 87 -19.83 -34.06 30.50
C PHE G 87 -20.09 -32.65 30.13
N MET G 88 -21.37 -32.32 29.87
CA MET G 88 -21.82 -31.00 29.54
C MET G 88 -23.31 -31.01 29.80
N TRP G 89 -23.85 -32.21 30.12
CA TRP G 89 -25.12 -32.49 30.72
C TRP G 89 -25.39 -33.90 30.30
N GLY G 90 -25.44 -34.81 31.30
CA GLY G 90 -25.58 -36.22 31.11
C GLY G 90 -24.23 -36.85 31.02
N GLY G 91 -23.67 -36.94 29.79
CA GLY G 91 -22.63 -37.88 29.47
C GLY G 91 -21.72 -37.31 28.45
N ALA G 92 -20.92 -38.20 27.82
CA ALA G 92 -19.99 -37.90 26.76
C ALA G 92 -20.63 -37.29 25.55
N TYR G 93 -19.89 -36.35 24.93
CA TYR G 93 -20.28 -35.73 23.69
C TYR G 93 -19.26 -36.11 22.66
N CYS G 94 -18.51 -37.21 22.93
CA CYS G 94 -17.53 -37.75 22.03
C CYS G 94 -17.78 -39.23 21.97
N PHE G 95 -17.29 -39.87 20.88
CA PHE G 95 -17.79 -41.16 20.45
C PHE G 95 -17.05 -42.35 20.98
N CYS G 96 -16.04 -42.17 21.86
CA CYS G 96 -15.43 -43.29 22.52
C CYS G 96 -16.12 -43.47 23.84
N ASP G 97 -16.02 -44.69 24.43
CA ASP G 97 -16.73 -45.06 25.64
C ASP G 97 -16.29 -44.23 26.82
N THR G 98 -14.95 -44.04 26.96
CA THR G 98 -14.36 -43.18 27.95
C THR G 98 -12.92 -42.94 27.53
N GLU G 99 -12.57 -43.34 26.27
CA GLU G 99 -11.26 -43.12 25.69
C GLU G 99 -11.30 -41.83 24.89
N ASN G 100 -12.43 -41.10 25.00
CA ASN G 100 -12.70 -39.77 24.50
C ASN G 100 -11.56 -38.80 24.50
N THR G 101 -11.59 -37.94 23.48
CA THR G 101 -10.65 -36.89 23.22
C THR G 101 -11.43 -35.60 23.33
N GLN G 102 -10.74 -34.55 23.79
CA GLN G 102 -11.29 -33.24 23.92
C GLN G 102 -10.20 -32.44 23.34
N MET G 103 -10.56 -31.71 22.28
CA MET G 103 -9.66 -30.92 21.53
C MET G 103 -10.07 -29.55 21.90
N SER G 104 -9.18 -28.94 22.68
CA SER G 104 -9.29 -27.63 23.23
C SER G 104 -8.64 -26.76 22.22
N GLU G 105 -9.25 -25.60 21.97
CA GLU G 105 -8.73 -24.67 21.01
C GLU G 105 -8.92 -23.37 21.68
N ALA G 106 -7.88 -22.52 21.56
CA ALA G 106 -8.03 -21.18 22.01
C ALA G 106 -7.11 -20.42 21.14
N TYR G 107 -7.64 -19.32 20.60
CA TYR G 107 -6.88 -18.33 19.90
C TYR G 107 -7.19 -17.05 20.57
N VAL G 108 -6.33 -16.07 20.29
CA VAL G 108 -6.40 -14.75 20.81
C VAL G 108 -7.30 -14.09 19.81
N GLU G 109 -8.13 -13.18 20.32
CA GLU G 109 -9.17 -12.53 19.59
C GLU G 109 -9.16 -11.18 20.18
N ARG G 110 -9.57 -10.22 19.33
CA ARG G 110 -9.68 -8.83 19.62
C ARG G 110 -10.54 -8.62 20.84
N SER G 111 -10.04 -7.74 21.72
CA SER G 111 -10.67 -7.31 22.93
C SER G 111 -11.63 -6.22 22.56
N GLU G 112 -12.64 -6.01 23.44
CA GLU G 112 -13.59 -4.93 23.29
C GLU G 112 -12.93 -3.60 23.55
N GLU G 113 -11.84 -3.57 24.36
CA GLU G 113 -11.03 -2.40 24.59
C GLU G 113 -10.19 -2.05 23.38
N CYS G 114 -9.94 -3.00 22.44
CA CYS G 114 -9.21 -2.74 21.22
C CYS G 114 -9.89 -1.68 20.38
N SER G 115 -11.24 -1.64 20.45
CA SER G 115 -12.10 -0.70 19.74
C SER G 115 -11.85 0.73 20.17
N ILE G 116 -11.51 0.96 21.45
CA ILE G 116 -11.52 2.28 22.02
C ILE G 116 -10.63 2.21 23.23
N ASP G 117 -9.54 3.02 23.22
CA ASP G 117 -8.50 3.06 24.23
C ASP G 117 -7.65 1.84 24.01
N HIS G 118 -6.78 1.94 22.99
CA HIS G 118 -6.12 0.80 22.42
C HIS G 118 -4.72 1.21 22.11
N ALA G 119 -4.06 0.39 21.28
CA ALA G 119 -2.76 0.66 20.77
C ALA G 119 -2.82 0.55 19.29
N LYS G 120 -1.81 1.09 18.59
CA LYS G 120 -1.88 1.18 17.17
C LYS G 120 -0.48 1.28 16.68
N ALA G 121 -0.02 0.24 15.94
CA ALA G 121 1.33 0.22 15.47
C ALA G 121 1.39 1.00 14.19
N TYR G 122 2.61 1.38 13.76
CA TYR G 122 2.82 1.98 12.47
C TYR G 122 4.24 1.78 12.11
N LYS G 123 4.45 1.51 10.80
CA LYS G 123 5.69 1.71 10.08
C LYS G 123 5.56 3.06 9.46
N VAL G 124 6.45 3.98 9.87
CA VAL G 124 6.34 5.38 9.62
C VAL G 124 7.45 5.60 8.64
N HIS G 125 7.06 6.08 7.44
CA HIS G 125 7.99 6.37 6.37
C HIS G 125 7.89 7.86 6.17
N THR G 126 8.03 8.32 4.91
CA THR G 126 8.08 9.71 4.57
C THR G 126 7.51 9.77 3.19
N GLY G 127 6.62 10.75 2.91
CA GLY G 127 6.06 10.87 1.60
C GLY G 127 5.19 12.08 1.49
N THR G 128 4.83 12.71 2.63
CA THR G 128 3.71 13.64 2.67
C THR G 128 3.96 14.55 3.86
N VAL G 129 5.15 14.45 4.52
CA VAL G 129 5.45 15.10 5.80
C VAL G 129 5.35 16.60 5.75
N GLN G 130 5.00 17.21 6.90
CA GLN G 130 4.56 18.58 6.95
C GLN G 130 5.21 19.23 8.13
N ALA G 131 5.64 20.49 7.97
CA ALA G 131 6.20 21.28 9.03
C ALA G 131 5.21 22.38 9.14
N MET G 132 4.40 22.31 10.20
CA MET G 132 3.32 23.21 10.47
C MET G 132 3.65 24.24 11.49
N VAL G 133 3.45 25.53 11.10
CA VAL G 133 3.74 26.65 11.94
C VAL G 133 2.65 27.59 11.55
N ASN G 134 1.76 27.92 12.51
CA ASN G 134 0.87 29.03 12.37
C ASN G 134 1.62 30.26 12.77
N ILE G 135 1.47 31.32 11.94
CA ILE G 135 1.80 32.65 12.32
C ILE G 135 0.59 33.46 12.04
N THR G 136 0.00 34.02 13.11
CA THR G 136 -0.96 35.07 13.05
C THR G 136 -0.13 36.33 13.08
N TYR G 137 0.15 36.94 11.89
CA TYR G 137 1.15 37.98 11.77
C TYR G 137 0.76 39.15 12.63
N GLY G 138 -0.55 39.52 12.53
CA GLY G 138 -1.21 40.39 13.45
C GLY G 138 -1.19 41.75 12.82
N SER G 139 0.02 42.16 12.37
CA SER G 139 0.24 43.26 11.47
C SER G 139 -0.41 43.04 10.14
N VAL G 140 -0.43 41.77 9.66
CA VAL G 140 -1.07 41.43 8.43
C VAL G 140 -2.17 40.44 8.72
N SER G 141 -1.90 39.11 8.66
CA SER G 141 -2.94 38.15 8.93
C SER G 141 -2.37 36.79 9.22
N TRP G 142 -3.32 35.87 9.53
CA TRP G 142 -3.18 34.46 9.79
C TRP G 142 -2.57 33.76 8.61
N ARG G 143 -1.80 32.69 8.90
CA ARG G 143 -1.48 31.68 7.94
C ARG G 143 -1.00 30.51 8.72
N SER G 144 -1.54 29.32 8.41
CA SER G 144 -1.19 28.09 9.05
C SER G 144 -0.75 27.20 7.94
N ALA G 145 0.57 27.24 7.65
CA ALA G 145 1.12 26.69 6.46
C ALA G 145 1.78 25.40 6.79
N ASP G 146 1.93 24.57 5.73
CA ASP G 146 2.44 23.24 5.79
C ASP G 146 3.42 23.10 4.65
N VAL G 147 4.18 21.99 4.72
CA VAL G 147 5.23 21.62 3.80
C VAL G 147 4.70 20.30 3.31
N TYR G 148 4.98 19.90 2.06
CA TYR G 148 4.56 18.62 1.54
C TYR G 148 5.66 18.15 0.66
N VAL G 149 5.91 16.81 0.70
CA VAL G 149 6.96 16.17 -0.04
C VAL G 149 6.41 15.77 -1.37
N ASN G 150 5.25 15.06 -1.38
CA ASN G 150 4.55 14.70 -2.59
C ASN G 150 4.05 15.94 -3.29
N GLY G 151 4.17 15.96 -4.62
CA GLY G 151 4.13 17.15 -5.44
C GLY G 151 2.92 17.08 -6.31
N GLU G 152 2.05 16.09 -6.06
CA GLU G 152 0.70 16.06 -6.55
C GLU G 152 -0.23 16.54 -5.47
N THR G 153 0.35 17.03 -4.34
CA THR G 153 -0.37 17.60 -3.23
C THR G 153 0.28 18.95 -3.02
N PRO G 154 -0.42 20.09 -3.10
CA PRO G 154 0.03 21.42 -2.68
C PRO G 154 0.81 21.52 -1.37
N ALA G 155 1.83 22.40 -1.34
CA ALA G 155 2.54 22.80 -0.14
C ALA G 155 2.37 24.29 0.02
N LYS G 156 1.39 24.89 -0.71
CA LYS G 156 1.14 26.31 -0.74
C LYS G 156 0.09 26.69 0.27
N ILE G 157 -0.11 25.84 1.30
CA ILE G 157 -0.96 26.06 2.45
C ILE G 157 -0.46 27.28 3.20
N GLY G 158 -1.37 28.05 3.84
CA GLY G 158 -1.07 29.37 4.37
C GLY G 158 -1.21 30.40 3.28
N ASP G 159 -0.55 31.58 3.45
CA ASP G 159 -0.49 32.61 2.43
C ASP G 159 0.18 32.11 1.18
N ALA G 160 1.27 31.34 1.35
CA ALA G 160 2.06 30.89 0.24
C ALA G 160 2.88 29.72 0.73
N LYS G 161 4.21 29.71 0.46
CA LYS G 161 5.07 28.61 0.83
C LYS G 161 5.93 29.00 1.98
N LEU G 162 5.94 28.16 3.04
CA LEU G 162 6.54 28.47 4.31
C LEU G 162 7.36 27.26 4.59
N ILE G 163 8.62 27.56 4.92
CA ILE G 163 9.71 26.64 5.07
C ILE G 163 10.19 26.81 6.48
N ILE G 164 10.42 25.68 7.18
CA ILE G 164 10.76 25.64 8.57
C ILE G 164 12.04 24.85 8.56
N GLY G 165 13.02 25.18 9.44
CA GLY G 165 14.21 24.35 9.55
C GLY G 165 15.07 24.86 10.67
N PRO G 166 15.26 24.23 11.85
CA PRO G 166 14.68 22.97 12.27
C PRO G 166 13.19 22.95 12.18
N LEU G 167 12.67 21.93 11.45
CA LEU G 167 11.29 21.66 11.14
C LEU G 167 10.48 21.61 12.39
N SER G 168 9.19 21.93 12.29
CA SER G 168 8.33 22.01 13.44
C SER G 168 7.58 20.73 13.64
N SER G 169 7.66 19.78 12.68
CA SER G 169 6.87 18.58 12.73
C SER G 169 7.02 17.74 11.50
N ALA G 170 8.04 17.97 10.64
CA ALA G 170 8.12 17.22 9.40
C ALA G 170 8.96 15.99 9.63
N TRP G 171 9.57 15.90 10.83
CA TRP G 171 10.24 14.71 11.34
C TRP G 171 9.18 13.95 12.08
N SER G 172 9.53 12.74 12.58
CA SER G 172 8.70 12.04 13.54
C SER G 172 9.47 12.00 14.83
N PRO G 173 8.90 12.32 16.00
CA PRO G 173 9.61 12.23 17.26
C PRO G 173 9.77 10.79 17.65
N PHE G 174 8.75 9.97 17.31
CA PHE G 174 8.79 8.53 17.38
C PHE G 174 9.56 7.96 16.23
N ASP G 175 10.14 6.77 16.47
CA ASP G 175 10.80 5.89 15.52
C ASP G 175 9.90 5.46 14.39
N ASN G 176 10.48 4.68 13.43
CA ASN G 176 9.82 4.03 12.32
C ASN G 176 8.78 3.09 12.87
N LYS G 177 9.12 2.34 13.92
CA LYS G 177 8.18 1.46 14.55
C LYS G 177 7.72 2.20 15.76
N VAL G 178 6.39 2.28 15.98
CA VAL G 178 5.91 2.96 17.15
C VAL G 178 4.77 2.14 17.69
N VAL G 179 4.70 2.01 19.03
CA VAL G 179 3.59 1.46 19.78
C VAL G 179 2.98 2.57 20.60
N VAL G 180 1.67 2.49 20.89
CA VAL G 180 0.92 3.59 21.45
C VAL G 180 0.06 3.06 22.57
N TYR G 181 -0.07 3.84 23.65
CA TYR G 181 -0.86 3.50 24.81
C TYR G 181 -1.36 4.83 25.22
N GLY G 182 -2.58 5.20 24.75
CA GLY G 182 -3.29 6.36 25.23
C GLY G 182 -2.52 7.62 24.97
N HIS G 183 -2.24 8.38 26.07
CA HIS G 183 -1.30 9.47 26.08
C HIS G 183 0.13 9.09 25.74
N GLU G 184 0.66 8.02 26.37
CA GLU G 184 2.05 7.65 26.23
C GLU G 184 2.31 6.85 25.00
N VAL G 185 3.15 7.43 24.11
CA VAL G 185 3.52 6.86 22.86
C VAL G 185 4.92 6.41 23.07
N TYR G 186 5.22 5.16 22.66
CA TYR G 186 6.48 4.55 22.93
C TYR G 186 7.01 4.21 21.59
N ASN G 187 8.18 4.80 21.30
CA ASN G 187 8.87 4.60 20.05
C ASN G 187 9.69 3.36 20.23
N TYR G 188 9.08 2.23 19.86
CA TYR G 188 9.51 0.92 20.23
C TYR G 188 9.11 0.03 19.10
N ASP G 189 10.00 -0.95 18.78
CA ASP G 189 9.81 -1.98 17.80
C ASP G 189 8.53 -2.75 17.93
N PHE G 190 8.21 -3.48 16.85
CA PHE G 190 7.16 -4.45 16.86
C PHE G 190 7.53 -5.33 15.68
N PRO G 191 7.06 -6.57 15.60
CA PRO G 191 7.55 -7.50 14.59
C PRO G 191 6.76 -7.40 13.31
N GLU G 192 7.27 -6.56 12.34
CA GLU G 192 6.84 -6.45 10.96
C GLU G 192 5.34 -6.45 10.76
N TYR G 193 4.80 -7.45 10.04
CA TYR G 193 3.41 -7.80 10.12
C TYR G 193 3.35 -9.25 9.77
N GLY G 194 2.33 -9.97 10.31
CA GLY G 194 1.97 -11.30 9.92
C GLY G 194 2.96 -12.33 10.39
N THR G 195 3.50 -12.18 11.61
CA THR G 195 4.62 -12.98 12.04
C THR G 195 4.78 -12.84 13.54
N GLY G 196 3.98 -11.96 14.19
CA GLY G 196 4.24 -11.50 15.54
C GLY G 196 4.01 -12.54 16.58
N LYS G 197 4.92 -12.61 17.58
CA LYS G 197 4.88 -13.58 18.64
C LYS G 197 5.18 -12.83 19.91
N ALA G 198 4.84 -13.46 21.06
CA ALA G 198 4.95 -12.93 22.39
C ALA G 198 6.36 -12.60 22.78
N GLY G 199 6.51 -11.54 23.60
CA GLY G 199 7.79 -11.00 24.02
C GLY G 199 7.99 -9.68 23.34
N SER G 200 6.89 -9.06 22.85
CA SER G 200 6.97 -7.77 22.22
C SER G 200 5.59 -7.18 22.27
N PHE G 201 5.51 -5.85 22.03
CA PHE G 201 4.29 -5.12 21.95
C PHE G 201 4.05 -5.10 20.48
N GLY G 202 3.08 -5.91 20.03
CA GLY G 202 2.80 -6.15 18.65
C GLY G 202 2.75 -7.63 18.43
N ASP G 203 2.77 -8.40 19.54
CA ASP G 203 2.51 -9.83 19.58
C ASP G 203 1.12 -10.16 19.11
N LEU G 204 0.13 -9.28 19.42
CA LEU G 204 -1.18 -9.31 18.85
C LEU G 204 -1.12 -8.39 17.68
N GLN G 205 -1.70 -8.84 16.54
CA GLN G 205 -1.68 -8.10 15.33
C GLN G 205 -3.04 -8.37 14.78
N SER G 206 -3.99 -7.45 15.03
CA SER G 206 -5.28 -7.49 14.40
C SER G 206 -5.19 -6.40 13.40
N ARG G 207 -5.68 -6.60 12.16
CA ARG G 207 -5.55 -5.61 11.13
C ARG G 207 -6.49 -4.46 11.30
N THR G 208 -7.56 -4.66 12.10
CA THR G 208 -8.46 -3.61 12.53
C THR G 208 -8.69 -3.85 13.99
N SER G 209 -9.22 -2.82 14.68
CA SER G 209 -9.47 -2.81 16.11
C SER G 209 -10.40 -3.91 16.55
N THR G 210 -11.51 -4.09 15.80
CA THR G 210 -12.42 -5.17 15.98
C THR G 210 -12.43 -5.77 14.61
N SER G 211 -11.95 -7.03 14.50
CA SER G 211 -11.60 -7.62 13.24
C SER G 211 -12.34 -8.93 13.09
N ASN G 212 -11.82 -9.79 12.20
CA ASN G 212 -12.38 -11.06 11.88
C ASN G 212 -11.17 -11.96 11.74
N ASP G 213 -10.02 -11.37 11.33
CA ASP G 213 -8.76 -12.02 11.20
C ASP G 213 -7.75 -11.28 12.02
N LEU G 214 -6.71 -12.00 12.49
CA LEU G 214 -5.65 -11.42 13.25
C LEU G 214 -4.53 -12.43 13.22
N TYR G 215 -3.48 -12.18 14.02
CA TYR G 215 -2.36 -13.04 14.21
C TYR G 215 -2.36 -13.12 15.70
N ALA G 216 -2.55 -14.35 16.20
CA ALA G 216 -2.93 -14.63 17.55
C ALA G 216 -1.94 -15.52 18.24
N ASN G 217 -0.84 -14.92 18.74
CA ASN G 217 -0.02 -15.53 19.75
C ASN G 217 0.32 -14.41 20.68
N THR G 218 -0.12 -14.49 21.95
CA THR G 218 0.23 -13.56 22.99
C THR G 218 0.75 -14.31 24.18
N ASN G 219 1.18 -15.58 23.96
CA ASN G 219 1.63 -16.54 24.95
C ASN G 219 0.42 -17.17 25.57
N LEU G 220 -0.45 -17.69 24.68
CA LEU G 220 -1.66 -18.39 25.04
C LEU G 220 -1.28 -19.85 25.01
N LYS G 221 -1.51 -20.55 26.16
CA LYS G 221 -1.09 -21.92 26.38
C LYS G 221 -2.24 -22.75 26.83
N LEU G 222 -2.66 -23.70 25.96
CA LEU G 222 -3.60 -24.75 26.30
C LEU G 222 -2.88 -25.76 27.15
N GLN G 223 -3.59 -26.36 28.14
CA GLN G 223 -3.04 -27.40 28.96
C GLN G 223 -4.11 -28.45 29.11
N ARG G 224 -3.73 -29.60 29.71
CA ARG G 224 -4.51 -30.81 29.84
C ARG G 224 -5.77 -30.57 30.64
N PRO G 225 -7.00 -30.86 30.18
CA PRO G 225 -8.25 -30.75 30.95
C PRO G 225 -8.20 -31.41 32.30
N GLN G 226 -8.88 -30.81 33.31
CA GLN G 226 -8.74 -31.19 34.69
C GLN G 226 -9.65 -32.35 34.95
N ALA G 227 -9.14 -33.33 35.74
CA ALA G 227 -9.90 -34.38 36.37
C ALA G 227 -10.21 -35.47 35.38
N GLY G 228 -9.57 -35.44 34.18
CA GLY G 228 -9.74 -36.42 33.13
C GLY G 228 -11.13 -36.29 32.57
N ILE G 229 -11.60 -35.02 32.46
CA ILE G 229 -12.91 -34.66 31.98
C ILE G 229 -12.70 -33.40 31.19
N VAL G 230 -13.48 -33.27 30.08
CA VAL G 230 -13.59 -32.21 29.11
C VAL G 230 -13.51 -30.80 29.66
N HIS G 231 -13.10 -29.84 28.80
CA HIS G 231 -13.27 -28.41 28.89
C HIS G 231 -12.01 -27.86 28.30
N THR G 232 -11.86 -26.52 28.34
CA THR G 232 -10.77 -25.83 27.69
C THR G 232 -10.00 -25.10 28.77
N PRO G 233 -8.78 -25.53 29.08
CA PRO G 233 -7.88 -24.73 29.90
C PRO G 233 -7.21 -23.73 29.02
N PHE G 234 -7.45 -22.42 29.25
CA PHE G 234 -6.71 -21.36 28.62
C PHE G 234 -5.89 -20.65 29.66
N THR G 235 -4.55 -20.76 29.55
CA THR G 235 -3.60 -20.07 30.40
C THR G 235 -3.05 -18.95 29.58
N GLN G 236 -3.21 -17.69 30.05
CA GLN G 236 -2.93 -16.52 29.25
C GLN G 236 -1.98 -15.69 30.07
N ALA G 237 -0.85 -15.26 29.45
CA ALA G 237 0.15 -14.39 30.06
C ALA G 237 0.05 -13.01 29.44
N PRO G 238 0.53 -11.95 30.09
CA PRO G 238 0.75 -10.60 29.55
C PRO G 238 1.28 -10.45 28.15
N SER G 239 1.01 -9.27 27.54
CA SER G 239 1.09 -9.06 26.13
C SER G 239 1.32 -7.59 25.91
N GLY G 240 1.55 -7.17 24.65
CA GLY G 240 1.47 -5.79 24.20
C GLY G 240 0.21 -5.12 24.70
N PHE G 241 0.37 -3.91 25.28
CA PHE G 241 -0.70 -3.02 25.66
C PHE G 241 -1.27 -3.56 26.96
N GLU G 242 -0.35 -3.92 27.88
CA GLU G 242 -0.70 -4.36 29.18
C GLU G 242 0.58 -4.20 29.94
N ARG G 243 1.61 -4.95 29.51
CA ARG G 243 2.99 -4.63 29.71
C ARG G 243 3.45 -3.76 28.58
N TRP G 244 4.59 -3.08 28.82
CA TRP G 244 5.07 -1.94 28.09
C TRP G 244 4.18 -0.75 28.39
N LYS G 245 3.85 -0.62 29.69
CA LYS G 245 3.17 0.50 30.28
C LYS G 245 3.81 0.72 31.62
N ARG G 246 4.80 -0.13 31.94
CA ARG G 246 5.57 -0.12 33.14
C ARG G 246 6.83 -0.89 32.82
N ASP G 247 6.85 -1.55 31.62
CA ASP G 247 8.05 -2.03 30.98
C ASP G 247 8.40 -0.99 29.93
N LYS G 248 7.59 0.09 29.89
CA LYS G 248 7.55 1.21 28.98
C LYS G 248 8.83 1.65 28.33
N GLY G 249 8.70 2.10 27.06
CA GLY G 249 9.70 2.86 26.36
C GLY G 249 9.63 4.28 26.83
N ALA G 250 9.94 5.22 25.92
CA ALA G 250 10.04 6.63 26.24
C ALA G 250 8.65 7.20 26.07
N PRO G 251 7.97 7.80 27.07
CA PRO G 251 6.58 8.18 26.94
C PRO G 251 6.57 9.56 26.36
N LEU G 252 6.43 9.62 25.02
CA LEU G 252 6.64 10.77 24.18
C LEU G 252 5.75 11.93 24.45
N ASN G 253 4.54 11.77 25.04
CA ASN G 253 3.80 12.97 25.36
C ASN G 253 4.34 13.71 26.56
N ASP G 254 5.44 13.20 27.16
CA ASP G 254 6.19 13.90 28.16
C ASP G 254 7.65 13.85 27.84
N VAL G 255 8.13 13.16 26.78
CA VAL G 255 9.56 13.07 26.57
C VAL G 255 9.90 13.15 25.10
N ALA G 256 8.97 13.55 24.22
CA ALA G 256 9.26 13.59 22.80
C ALA G 256 10.40 14.54 22.50
N PRO G 257 11.36 14.19 21.64
CA PRO G 257 12.24 15.15 21.03
C PRO G 257 11.41 16.14 20.25
N PHE G 258 11.92 17.38 20.16
CA PHE G 258 11.35 18.44 19.38
C PHE G 258 10.21 19.06 20.15
N GLY G 259 10.11 18.73 21.46
CA GLY G 259 9.33 19.45 22.44
C GLY G 259 7.87 19.23 22.25
N CYS G 260 7.49 18.03 21.76
CA CYS G 260 6.18 17.73 21.25
C CYS G 260 5.54 16.79 22.21
N SER G 261 4.25 16.50 22.00
CA SER G 261 3.62 15.38 22.64
C SER G 261 2.93 14.63 21.55
N ILE G 262 2.60 13.34 21.83
CA ILE G 262 2.19 12.39 20.83
C ILE G 262 1.04 11.67 21.49
N ALA G 263 0.12 11.04 20.72
CA ALA G 263 -0.90 10.19 21.28
C ALA G 263 -1.22 9.13 20.24
N LEU G 264 -2.48 8.63 20.19
CA LEU G 264 -2.99 7.86 19.07
C LEU G 264 -3.17 8.79 17.90
N GLU G 265 -2.37 8.59 16.82
CA GLU G 265 -2.19 9.58 15.79
C GLU G 265 -1.99 8.82 14.50
N PRO G 266 -2.38 9.38 13.34
CA PRO G 266 -2.02 8.86 12.02
C PRO G 266 -0.61 9.33 11.70
N LEU G 267 0.14 9.71 12.75
CA LEU G 267 1.51 10.13 12.84
C LEU G 267 1.42 11.62 12.81
N ARG G 268 1.48 12.24 14.01
CA ARG G 268 1.43 13.66 14.18
C ARG G 268 2.23 13.92 15.41
N ALA G 269 2.73 15.17 15.54
CA ALA G 269 3.46 15.58 16.69
C ALA G 269 2.87 16.84 17.20
N GLU G 270 1.91 16.74 18.15
CA GLU G 270 1.15 17.83 18.72
C GLU G 270 2.08 18.72 19.51
N ASN G 271 1.77 20.03 19.62
CA ASN G 271 2.24 20.88 20.70
C ASN G 271 3.74 20.94 20.77
N CYS G 272 4.40 21.11 19.61
CA CYS G 272 5.83 21.09 19.53
C CYS G 272 6.40 22.36 20.06
N ALA G 273 7.67 22.25 20.49
CA ALA G 273 8.37 23.33 21.09
C ALA G 273 9.79 22.97 20.81
N VAL G 274 10.09 22.69 19.51
CA VAL G 274 11.39 22.40 18.96
C VAL G 274 12.33 23.54 19.24
N GLY G 275 13.66 23.25 19.21
CA GLY G 275 14.80 24.11 19.53
C GLY G 275 14.57 25.50 19.09
N SER G 276 14.18 25.63 17.80
CA SER G 276 13.80 26.89 17.30
C SER G 276 13.06 26.56 16.05
N ILE G 277 12.23 27.53 15.58
CA ILE G 277 11.65 27.45 14.28
C ILE G 277 12.11 28.71 13.62
N PRO G 278 13.08 28.57 12.71
CA PRO G 278 13.46 29.68 11.88
C PRO G 278 12.52 29.56 10.72
N ILE G 279 11.61 30.54 10.59
CA ILE G 279 10.54 30.40 9.64
C ILE G 279 11.02 31.25 8.52
N SER G 280 10.78 30.81 7.27
CA SER G 280 11.20 31.55 6.12
C SER G 280 10.09 31.24 5.19
N ILE G 281 9.53 32.28 4.55
CA ILE G 281 8.36 32.14 3.74
C ILE G 281 8.70 32.78 2.42
N ASP G 282 8.16 32.22 1.32
CA ASP G 282 8.20 32.81 0.02
C ASP G 282 6.77 33.22 -0.17
N ILE G 283 6.56 34.56 -0.01
CA ILE G 283 5.30 35.24 0.08
C ILE G 283 5.37 36.47 -0.80
N PRO G 284 4.30 36.81 -1.52
CA PRO G 284 4.06 38.13 -2.12
C PRO G 284 4.06 39.29 -1.15
N ASP G 285 3.82 40.51 -1.71
CA ASP G 285 3.74 41.79 -1.03
C ASP G 285 2.63 41.84 0.01
N ALA G 286 1.55 41.05 -0.19
CA ALA G 286 0.42 41.03 0.71
C ALA G 286 0.73 40.60 2.11
N ALA G 287 1.67 39.63 2.29
CA ALA G 287 2.11 39.17 3.58
C ALA G 287 2.94 40.18 4.32
N PHE G 288 3.54 41.14 3.59
CA PHE G 288 4.29 42.24 4.15
C PHE G 288 3.36 43.42 4.22
N THR G 289 3.81 44.48 4.92
CA THR G 289 3.22 45.80 4.95
C THR G 289 4.09 46.61 4.05
N ARG G 290 3.49 47.45 3.19
CA ARG G 290 4.15 48.22 2.15
C ARG G 290 5.12 49.28 2.56
N ILE G 291 6.03 49.59 1.60
CA ILE G 291 7.22 50.41 1.70
C ILE G 291 6.84 51.86 1.81
N SER G 292 5.58 52.20 1.47
CA SER G 292 5.06 53.56 1.44
C SER G 292 4.91 54.07 2.85
N GLU G 293 4.71 53.13 3.81
CA GLU G 293 4.56 53.37 5.22
C GLU G 293 5.80 53.97 5.81
N THR G 294 6.98 53.53 5.32
CA THR G 294 8.26 54.04 5.69
C THR G 294 9.24 53.29 4.83
N PRO G 295 10.02 53.96 3.98
CA PRO G 295 11.00 53.27 3.14
C PRO G 295 12.13 52.77 3.99
N THR G 296 12.59 53.61 4.95
CA THR G 296 13.50 53.21 5.97
C THR G 296 13.15 54.06 7.15
N VAL G 297 13.34 53.52 8.38
CA VAL G 297 12.85 54.15 9.58
C VAL G 297 14.06 54.88 10.06
N SER G 298 13.98 56.22 10.01
CA SER G 298 15.13 57.07 10.08
C SER G 298 15.07 57.79 11.38
N ASP G 299 15.98 57.41 12.32
CA ASP G 299 16.03 57.85 13.69
C ASP G 299 14.91 57.30 14.54
N LEU G 300 15.15 57.29 15.87
CA LEU G 300 14.31 56.79 16.92
C LEU G 300 15.20 56.58 18.11
N GLU G 301 14.60 56.62 19.32
CA GLU G 301 15.28 56.27 20.55
C GLU G 301 14.18 55.81 21.44
N CYS G 302 14.46 54.81 22.30
CA CYS G 302 13.46 54.22 23.15
C CYS G 302 13.92 54.26 24.57
N LYS G 303 12.97 54.47 25.50
CA LYS G 303 13.22 54.38 26.91
C LYS G 303 11.90 54.00 27.51
N ILE G 304 11.93 53.19 28.59
CA ILE G 304 10.79 52.80 29.41
C ILE G 304 9.84 53.91 29.75
N THR G 305 8.61 53.49 30.09
CA THR G 305 7.58 54.28 30.70
C THR G 305 7.02 53.36 31.76
N GLU G 306 7.91 52.48 32.29
CA GLU G 306 7.77 51.53 33.36
C GLU G 306 7.51 50.21 32.73
N CYS G 307 8.32 49.20 33.10
CA CYS G 307 8.39 47.93 32.45
C CYS G 307 8.12 46.82 33.42
N THR G 308 8.30 45.58 32.93
CA THR G 308 8.10 44.37 33.65
C THR G 308 9.40 43.64 33.74
N TYR G 309 9.53 42.79 34.78
CA TYR G 309 10.68 42.01 35.11
C TYR G 309 10.28 40.59 34.76
N ALA G 310 9.38 40.48 33.77
CA ALA G 310 8.60 39.31 33.59
C ALA G 310 8.19 39.33 32.15
N SER G 311 7.86 38.13 31.64
CA SER G 311 7.55 37.89 30.26
C SER G 311 6.07 37.89 30.08
N ASP G 312 5.36 38.37 31.12
CA ASP G 312 3.98 38.78 31.04
C ASP G 312 3.98 40.09 30.30
N PHE G 313 2.89 40.36 29.55
CA PHE G 313 2.82 41.53 28.71
C PHE G 313 2.26 42.61 29.57
N GLY G 314 3.08 43.65 29.81
CA GLY G 314 2.72 44.73 30.68
C GLY G 314 3.80 45.76 30.62
N GLY G 315 4.99 45.40 30.07
CA GLY G 315 6.09 46.31 29.90
C GLY G 315 5.76 47.31 28.84
N ILE G 316 6.02 48.62 29.11
CA ILE G 316 5.80 49.66 28.14
C ILE G 316 7.02 50.54 28.11
N ALA G 317 7.18 51.27 26.99
CA ALA G 317 8.31 52.13 26.73
C ALA G 317 7.88 53.01 25.63
N THR G 318 7.90 54.35 25.83
CA THR G 318 7.74 55.29 24.76
C THR G 318 8.95 55.21 23.86
N VAL G 319 8.77 55.57 22.57
CA VAL G 319 9.84 55.55 21.63
C VAL G 319 9.64 56.81 20.86
N ALA G 320 10.61 57.74 20.87
CA ALA G 320 10.57 58.91 20.04
C ALA G 320 10.90 58.55 18.62
N TYR G 321 9.92 58.02 17.85
CA TYR G 321 10.07 57.56 16.49
C TYR G 321 10.24 58.68 15.51
N LYS G 322 10.82 58.33 14.34
CA LYS G 322 10.99 59.22 13.23
C LYS G 322 11.19 58.28 12.06
N SER G 323 10.91 58.73 10.82
CA SER G 323 10.86 57.85 9.67
C SER G 323 11.08 58.63 8.41
N SER G 324 11.52 57.95 7.33
CA SER G 324 11.67 58.52 6.00
C SER G 324 10.34 58.98 5.44
N LYS G 325 9.29 58.17 5.67
CA LYS G 325 7.93 58.56 5.44
C LYS G 325 7.19 58.04 6.63
N ALA G 326 6.27 58.85 7.19
CA ALA G 326 5.41 58.48 8.29
C ALA G 326 4.41 57.42 7.87
N GLY G 327 4.06 56.52 8.82
CA GLY G 327 3.06 55.51 8.59
C GLY G 327 3.16 54.50 9.67
N ASN G 328 2.73 53.25 9.37
CA ASN G 328 2.77 52.15 10.31
C ASN G 328 4.09 51.47 10.23
N CYS G 329 4.39 50.70 11.28
CA CYS G 329 5.66 50.10 11.39
C CYS G 329 5.50 48.92 12.28
N PRO G 330 5.40 47.70 11.80
CA PRO G 330 5.31 46.58 12.70
C PRO G 330 6.57 46.40 13.51
N ILE G 331 6.41 45.93 14.76
CA ILE G 331 7.53 45.85 15.66
C ILE G 331 7.52 44.55 16.35
N HIS G 332 8.73 44.11 16.72
CA HIS G 332 8.94 43.02 17.63
C HIS G 332 10.42 43.02 17.84
N SER G 333 10.90 42.54 19.02
CA SER G 333 12.31 42.32 19.27
C SER G 333 12.87 41.35 18.24
N PRO G 334 14.00 41.59 17.60
CA PRO G 334 14.58 40.68 16.62
C PRO G 334 15.25 39.48 17.26
N SER G 335 15.09 39.25 18.58
CA SER G 335 15.56 38.05 19.23
C SER G 335 14.40 37.36 19.87
N GLY G 336 13.32 38.12 20.14
CA GLY G 336 12.10 37.61 20.71
C GLY G 336 12.27 37.42 22.17
N VAL G 337 13.21 38.17 22.76
CA VAL G 337 13.49 38.16 24.17
C VAL G 337 12.54 39.09 24.85
N ALA G 338 12.05 40.06 24.07
CA ALA G 338 10.96 40.87 24.47
C ALA G 338 10.01 40.45 23.42
N VAL G 339 8.79 40.15 23.84
CA VAL G 339 7.78 39.67 22.96
C VAL G 339 6.79 40.77 22.99
N ILE G 340 6.38 41.23 21.80
CA ILE G 340 5.79 42.53 21.65
C ILE G 340 4.38 42.21 21.29
N LYS G 341 3.41 42.95 21.86
CA LYS G 341 2.03 42.66 21.62
C LYS G 341 1.52 43.59 20.56
N GLU G 342 2.30 44.65 20.25
CA GLU G 342 1.96 45.57 19.19
C GLU G 342 2.27 44.97 17.88
N ASN G 343 1.19 44.75 17.11
CA ASN G 343 1.21 44.38 15.73
C ASN G 343 1.86 45.47 14.92
N ASP G 344 1.41 46.72 15.14
CA ASP G 344 1.88 47.87 14.42
C ASP G 344 2.05 48.93 15.47
N VAL G 345 3.08 49.77 15.29
CA VAL G 345 3.31 50.94 16.09
C VAL G 345 3.48 52.01 15.04
N THR G 346 2.83 53.16 15.27
CA THR G 346 2.84 54.29 14.38
C THR G 346 4.13 55.06 14.57
N LEU G 347 4.60 55.70 13.49
CA LEU G 347 5.83 56.43 13.42
C LEU G 347 5.40 57.68 12.70
N ALA G 348 5.75 58.83 13.27
CA ALA G 348 5.69 60.09 12.58
C ALA G 348 7.03 60.67 12.82
N GLU G 349 7.44 61.66 11.98
CA GLU G 349 8.73 62.27 12.06
C GLU G 349 8.91 63.07 13.32
N SER G 350 9.72 62.51 14.24
CA SER G 350 10.18 63.10 15.48
C SER G 350 9.11 63.09 16.55
N GLY G 351 8.03 62.30 16.34
CA GLY G 351 6.98 62.07 17.31
C GLY G 351 7.45 61.13 18.39
N SER G 352 6.51 60.60 19.19
CA SER G 352 6.82 59.61 20.19
C SER G 352 5.57 58.79 20.33
N PHE G 353 5.75 57.45 20.41
CA PHE G 353 4.66 56.52 20.44
C PHE G 353 5.11 55.37 21.28
N THR G 354 4.35 55.08 22.36
CA THR G 354 4.56 53.95 23.22
C THR G 354 4.06 52.72 22.51
N PHE G 355 4.72 51.57 22.76
CA PHE G 355 4.26 50.28 22.32
C PHE G 355 4.13 49.42 23.54
N HIS G 356 3.59 48.19 23.34
CA HIS G 356 3.37 47.23 24.37
C HIS G 356 4.29 46.09 24.10
N PHE G 357 4.70 45.42 25.19
CA PHE G 357 5.64 44.34 25.15
C PHE G 357 5.56 43.59 26.42
N SER G 358 6.51 42.65 26.55
CA SER G 358 6.76 41.82 27.66
C SER G 358 8.24 41.68 27.48
N THR G 359 8.96 41.60 28.61
CA THR G 359 10.39 41.66 28.63
C THR G 359 10.72 40.55 29.57
N ALA G 360 11.53 40.78 30.61
CA ALA G 360 11.84 39.76 31.55
C ALA G 360 12.71 40.32 32.62
N ASN G 361 13.11 41.61 32.56
CA ASN G 361 13.87 42.20 33.65
C ASN G 361 13.64 43.69 33.71
N ILE G 362 14.07 44.29 34.84
CA ILE G 362 13.79 45.64 35.30
C ILE G 362 14.44 46.69 34.43
N HIS G 363 15.44 46.29 33.63
CA HIS G 363 16.14 47.18 32.75
C HIS G 363 15.99 46.47 31.44
N PRO G 364 14.98 46.77 30.64
CA PRO G 364 14.71 46.04 29.43
C PRO G 364 15.43 46.71 28.31
N ALA G 365 16.69 46.34 28.08
CA ALA G 365 17.46 46.88 27.00
C ALA G 365 17.42 45.84 25.94
N PHE G 366 16.22 45.75 25.31
CA PHE G 366 15.88 44.81 24.29
C PHE G 366 15.77 45.65 23.09
N LYS G 367 16.32 45.12 21.97
CA LYS G 367 16.16 45.74 20.69
C LYS G 367 14.73 45.54 20.29
N LEU G 368 14.22 46.48 19.52
CA LEU G 368 12.88 46.51 19.04
C LEU G 368 13.09 46.78 17.62
N GLN G 369 12.58 45.93 16.72
CA GLN G 369 12.96 46.00 15.34
C GLN G 369 11.78 46.68 14.73
N VAL G 370 11.96 48.02 14.66
CA VAL G 370 11.01 49.01 14.24
C VAL G 370 11.27 49.13 12.78
N CYS G 371 10.62 48.19 12.05
CA CYS G 371 10.51 48.01 10.63
C CYS G 371 11.62 48.65 9.80
N THR G 372 12.86 48.18 10.05
CA THR G 372 14.14 48.62 9.53
C THR G 372 14.70 49.73 10.40
N SER G 373 14.83 49.43 11.72
CA SER G 373 15.65 50.17 12.66
C SER G 373 15.45 49.56 14.03
N ALA G 374 16.54 49.10 14.65
CA ALA G 374 16.53 48.50 15.96
C ALA G 374 16.57 49.59 17.00
N VAL G 375 16.09 49.35 18.26
CA VAL G 375 16.28 50.33 19.31
C VAL G 375 16.08 49.67 20.65
N THR G 376 16.97 50.03 21.61
CA THR G 376 17.01 49.58 22.97
C THR G 376 16.11 50.41 23.83
N CYS G 377 15.11 49.76 24.50
CA CYS G 377 14.23 50.50 25.37
C CYS G 377 14.63 50.41 26.82
N LYS G 378 15.87 50.80 27.13
CA LYS G 378 16.44 50.86 28.47
C LYS G 378 15.73 51.80 29.42
N GLY G 379 15.77 51.47 30.74
CA GLY G 379 15.37 52.36 31.80
C GLY G 379 14.97 51.54 32.97
N ASP G 380 15.07 52.14 34.19
CA ASP G 380 14.76 51.47 35.43
C ASP G 380 13.27 51.52 35.66
N CYS G 381 12.75 50.47 36.32
CA CYS G 381 11.34 50.19 36.41
C CYS G 381 11.18 49.67 37.82
N LYS G 382 10.21 48.74 37.99
CA LYS G 382 9.85 48.10 39.24
C LYS G 382 9.84 46.65 38.83
N PRO G 383 10.27 45.67 39.64
CA PRO G 383 10.36 44.28 39.22
C PRO G 383 9.17 43.37 39.56
N PRO G 384 8.21 43.04 38.69
CA PRO G 384 7.24 41.97 38.93
C PRO G 384 7.77 40.65 38.40
N LYS G 385 7.43 39.52 39.07
CA LYS G 385 8.04 38.23 38.81
C LYS G 385 6.99 37.18 39.01
N ASP G 386 7.13 36.00 38.34
CA ASP G 386 5.97 35.19 37.99
C ASP G 386 6.43 34.06 37.08
N HIS G 387 7.63 33.48 37.34
CA HIS G 387 8.34 32.78 36.29
C HIS G 387 8.13 31.30 36.23
N ILE G 388 7.05 30.81 36.88
CA ILE G 388 6.52 29.48 36.68
C ILE G 388 5.66 29.44 35.43
N VAL G 389 5.19 30.62 34.95
CA VAL G 389 4.25 30.81 33.87
C VAL G 389 4.85 30.34 32.58
N ASP G 390 4.00 29.74 31.68
CA ASP G 390 4.28 28.89 30.51
C ASP G 390 5.41 29.35 29.61
N TYR G 391 5.89 28.44 28.73
CA TYR G 391 7.01 28.52 27.81
C TYR G 391 7.36 29.93 27.31
N PRO G 392 8.62 30.31 27.14
CA PRO G 392 9.08 31.69 27.02
C PRO G 392 8.34 32.66 26.13
N ALA G 393 8.02 33.86 26.66
CA ALA G 393 7.66 35.01 25.86
C ALA G 393 8.85 35.90 26.05
N GLN G 394 9.99 35.35 25.59
CA GLN G 394 11.32 35.83 25.80
C GLN G 394 12.23 34.81 25.18
N HIS G 395 11.60 33.82 24.53
CA HIS G 395 12.12 32.77 23.70
C HIS G 395 13.34 33.08 22.90
N THR G 396 14.24 32.08 22.96
CA THR G 396 15.62 32.01 22.59
C THR G 396 16.36 32.13 23.91
N GLU G 397 15.57 32.29 25.00
CA GLU G 397 15.88 32.49 26.39
C GLU G 397 16.91 31.54 26.96
N SER G 398 17.67 32.08 27.93
CA SER G 398 18.71 31.45 28.69
C SER G 398 19.36 32.58 29.42
N PHE G 399 18.50 33.39 30.08
CA PHE G 399 18.93 34.54 30.82
C PHE G 399 17.92 34.73 31.92
N THR G 400 18.14 35.81 32.70
CA THR G 400 17.41 36.15 33.89
C THR G 400 15.98 36.65 33.59
N ASP H 1 -32.37 -2.01 24.40
CA ASP H 1 -32.01 -2.59 25.72
C ASP H 1 -32.88 -3.79 25.96
N LEU H 2 -34.08 -3.54 26.54
CA LEU H 2 -35.15 -4.48 26.70
C LEU H 2 -36.09 -4.37 25.53
N ASP H 3 -35.66 -3.61 24.49
CA ASP H 3 -36.50 -3.19 23.40
C ASP H 3 -36.07 -4.03 22.24
N THR H 4 -34.87 -3.74 21.68
CA THR H 4 -34.33 -4.43 20.54
C THR H 4 -32.97 -4.91 20.95
N HIS H 5 -32.77 -6.24 20.81
CA HIS H 5 -31.60 -7.01 21.14
C HIS H 5 -32.09 -8.43 21.25
N PHE H 6 -33.26 -8.70 20.63
CA PHE H 6 -33.84 -10.01 20.43
C PHE H 6 -33.10 -10.79 19.37
N THR H 7 -32.08 -10.14 18.75
CA THR H 7 -30.99 -10.74 18.03
C THR H 7 -30.35 -11.86 18.82
N GLN H 8 -29.88 -11.55 20.06
CA GLN H 8 -29.31 -12.57 20.89
C GLN H 8 -30.37 -13.42 21.55
N TYR H 9 -31.34 -12.80 22.26
CA TYR H 9 -32.25 -13.51 23.16
C TYR H 9 -33.11 -14.58 22.56
N LYS H 10 -33.95 -14.22 21.56
CA LYS H 10 -34.87 -15.13 20.89
C LYS H 10 -34.16 -16.24 20.19
N LEU H 11 -33.00 -15.90 19.60
CA LEU H 11 -32.26 -16.74 18.68
C LEU H 11 -31.13 -17.30 19.49
N ALA H 12 -31.44 -17.69 20.74
CA ALA H 12 -30.49 -18.27 21.63
C ALA H 12 -31.24 -19.00 22.68
N ARG H 13 -30.46 -19.79 23.42
CA ARG H 13 -30.91 -20.56 24.53
C ARG H 13 -29.67 -20.52 25.38
N PRO H 14 -29.78 -20.60 26.70
CA PRO H 14 -28.62 -20.78 27.58
C PRO H 14 -28.10 -22.16 27.29
N TYR H 15 -26.82 -22.45 27.53
CA TYR H 15 -26.26 -23.73 27.13
C TYR H 15 -25.63 -24.28 28.34
N ILE H 16 -25.98 -25.54 28.66
CA ILE H 16 -25.41 -26.23 29.80
C ILE H 16 -24.11 -26.82 29.38
N ALA H 17 -23.10 -26.66 30.25
CA ALA H 17 -21.72 -26.95 29.94
C ALA H 17 -21.17 -27.61 31.18
N ASP H 18 -19.91 -27.31 31.57
CA ASP H 18 -19.20 -28.09 32.56
C ASP H 18 -18.15 -27.19 33.16
N CYS H 19 -17.67 -27.52 34.39
CA CYS H 19 -16.68 -26.70 35.05
C CYS H 19 -15.85 -27.57 35.98
N PRO H 20 -14.54 -27.34 36.15
CA PRO H 20 -13.67 -28.26 36.88
C PRO H 20 -13.82 -28.26 38.38
N ASN H 21 -14.11 -27.09 39.02
CA ASN H 21 -14.21 -27.02 40.47
C ASN H 21 -15.66 -27.05 40.89
N CYS H 22 -16.29 -28.25 40.75
CA CYS H 22 -17.69 -28.39 40.98
C CYS H 22 -17.97 -29.86 41.20
N GLY H 23 -19.25 -30.18 41.54
CA GLY H 23 -19.82 -31.47 41.81
C GLY H 23 -19.04 -32.41 42.68
N HIS H 24 -19.39 -33.71 42.53
CA HIS H 24 -18.75 -34.80 43.21
C HIS H 24 -17.78 -35.45 42.26
N SER H 25 -17.73 -34.97 41.00
CA SER H 25 -17.03 -35.55 39.88
C SER H 25 -17.28 -34.58 38.74
N ARG H 26 -17.39 -33.26 39.09
CA ARG H 26 -17.69 -32.16 38.21
C ARG H 26 -19.15 -32.09 37.90
N CYS H 27 -19.81 -30.99 38.37
CA CYS H 27 -21.16 -30.66 38.00
C CYS H 27 -21.15 -30.12 36.61
N ASP H 28 -22.27 -30.33 35.89
CA ASP H 28 -22.53 -29.64 34.65
C ASP H 28 -23.00 -28.26 35.02
N SER H 29 -22.16 -27.26 34.69
CA SER H 29 -22.39 -25.87 35.02
C SER H 29 -22.96 -25.21 33.79
N PRO H 30 -24.22 -24.80 33.77
CA PRO H 30 -24.76 -23.97 32.71
C PRO H 30 -24.37 -22.54 32.88
N ILE H 31 -23.41 -22.24 33.77
CA ILE H 31 -22.94 -20.93 34.09
C ILE H 31 -21.45 -21.02 33.92
N ALA H 32 -20.97 -21.93 33.03
CA ALA H 32 -19.57 -22.17 32.83
C ALA H 32 -18.87 -20.95 32.33
N ILE H 33 -17.82 -20.53 33.07
CA ILE H 33 -17.20 -19.24 32.88
C ILE H 33 -16.13 -19.38 31.86
N GLU H 34 -16.28 -18.60 30.78
CA GLU H 34 -15.28 -18.37 29.79
C GLU H 34 -15.14 -16.89 29.78
N GLU H 35 -14.08 -16.39 29.12
CA GLU H 35 -13.94 -15.00 28.72
C GLU H 35 -14.23 -13.97 29.78
N VAL H 36 -13.39 -13.96 30.83
CA VAL H 36 -13.36 -12.91 31.81
C VAL H 36 -12.67 -11.73 31.19
N ARG H 37 -13.22 -10.52 31.36
CA ARG H 37 -12.72 -9.32 30.78
C ARG H 37 -12.68 -8.26 31.83
N GLY H 38 -11.55 -8.25 32.55
CA GLY H 38 -11.17 -7.19 33.43
C GLY H 38 -10.00 -6.54 32.73
N ASP H 39 -9.89 -6.78 31.40
CA ASP H 39 -8.77 -6.46 30.57
C ASP H 39 -8.74 -5.00 30.25
N ALA H 40 -9.88 -4.30 30.39
CA ALA H 40 -10.09 -2.88 30.17
C ALA H 40 -9.18 -1.98 30.99
N HIS H 41 -9.68 -0.76 31.28
CA HIS H 41 -8.94 0.27 31.96
C HIS H 41 -9.83 0.69 33.12
N ALA H 42 -10.83 -0.16 33.42
CA ALA H 42 -12.04 0.19 34.14
C ALA H 42 -11.92 -0.01 35.62
N GLY H 43 -12.93 -0.70 36.19
CA GLY H 43 -13.15 -0.88 37.59
C GLY H 43 -14.31 -1.82 37.73
N VAL H 44 -15.01 -2.07 36.60
CA VAL H 44 -16.21 -2.87 36.51
C VAL H 44 -15.63 -4.04 35.77
N ILE H 45 -16.09 -5.28 36.04
CA ILE H 45 -15.55 -6.42 35.31
C ILE H 45 -16.66 -7.22 34.72
N ARG H 46 -16.39 -7.57 33.45
CA ARG H 46 -17.21 -8.33 32.55
C ARG H 46 -16.85 -9.78 32.67
N ILE H 47 -17.88 -10.63 32.82
CA ILE H 47 -17.75 -12.05 33.00
C ILE H 47 -18.62 -12.57 31.90
N GLN H 48 -18.35 -13.78 31.35
CA GLN H 48 -19.31 -14.44 30.50
C GLN H 48 -19.63 -15.72 31.22
N THR H 49 -20.91 -15.87 31.66
CA THR H 49 -21.52 -17.16 31.95
C THR H 49 -21.91 -17.81 30.67
N SER H 50 -21.96 -19.16 30.62
CA SER H 50 -22.62 -19.89 29.54
C SER H 50 -24.08 -19.58 29.47
N ALA H 51 -24.71 -19.36 30.63
CA ALA H 51 -26.08 -18.96 30.80
C ALA H 51 -26.36 -17.63 30.17
N MET H 52 -27.60 -17.50 29.67
CA MET H 52 -28.13 -16.30 29.11
C MET H 52 -29.07 -15.84 30.17
N PHE H 53 -28.58 -15.06 31.16
CA PHE H 53 -29.44 -14.37 32.10
C PHE H 53 -29.82 -13.10 31.39
N GLY H 54 -30.74 -12.32 31.97
CA GLY H 54 -31.18 -11.12 31.32
C GLY H 54 -32.63 -11.24 31.32
N LEU H 55 -33.18 -11.05 30.10
CA LEU H 55 -34.48 -11.48 29.68
C LEU H 55 -34.44 -12.99 29.74
N LYS H 56 -35.58 -13.64 30.08
CA LYS H 56 -35.70 -15.08 30.19
C LYS H 56 -35.37 -15.72 28.86
N THR H 57 -35.94 -15.09 27.82
CA THR H 57 -35.68 -15.18 26.41
C THR H 57 -36.71 -14.21 25.84
N ASP H 58 -37.49 -13.57 26.75
CA ASP H 58 -38.66 -12.78 26.52
C ASP H 58 -38.24 -11.36 26.24
N GLY H 59 -39.05 -10.37 26.67
CA GLY H 59 -38.92 -9.00 26.26
C GLY H 59 -38.24 -8.19 27.32
N VAL H 60 -38.57 -8.41 28.62
CA VAL H 60 -38.31 -7.45 29.66
C VAL H 60 -37.47 -8.04 30.75
N ASP H 61 -36.72 -7.13 31.42
CA ASP H 61 -36.08 -7.28 32.71
C ASP H 61 -34.76 -7.98 32.51
N LEU H 62 -33.67 -7.32 32.95
CA LEU H 62 -32.34 -7.87 32.98
C LEU H 62 -32.02 -8.54 34.29
N ALA H 63 -33.02 -8.64 35.20
CA ALA H 63 -32.82 -9.15 36.53
C ALA H 63 -33.48 -10.49 36.70
N TYR H 64 -33.75 -11.23 35.59
CA TYR H 64 -34.09 -12.63 35.71
C TYR H 64 -32.84 -13.39 35.39
N MET H 65 -32.98 -14.73 35.42
CA MET H 65 -31.88 -15.62 35.48
C MET H 65 -32.39 -16.80 34.73
N SER H 66 -31.88 -17.01 33.51
CA SER H 66 -32.21 -18.13 32.70
C SER H 66 -30.91 -18.83 32.46
N PHE H 67 -30.70 -19.97 33.13
CA PHE H 67 -29.62 -20.86 32.78
C PHE H 67 -30.29 -22.06 32.20
N MET H 68 -29.49 -23.03 31.71
CA MET H 68 -30.05 -24.23 31.14
C MET H 68 -30.03 -25.31 32.16
N ASN H 69 -31.19 -25.92 32.45
CA ASN H 69 -31.24 -27.16 33.15
C ASN H 69 -32.05 -28.02 32.24
N GLY H 70 -31.47 -29.14 31.75
CA GLY H 70 -32.09 -29.92 30.71
C GLY H 70 -31.72 -29.40 29.36
N LYS H 71 -32.69 -29.47 28.42
CA LYS H 71 -32.68 -28.80 27.14
C LYS H 71 -33.51 -27.56 27.26
N THR H 72 -34.10 -27.36 28.46
CA THR H 72 -35.09 -26.37 28.76
C THR H 72 -34.34 -25.31 29.51
N GLN H 73 -34.89 -24.09 29.53
CA GLN H 73 -34.40 -23.00 30.33
C GLN H 73 -34.73 -23.26 31.78
N LYS H 74 -34.29 -22.36 32.68
CA LYS H 74 -34.73 -22.37 34.04
C LYS H 74 -34.67 -20.93 34.40
N SER H 75 -35.82 -20.29 34.07
CA SER H 75 -36.07 -18.89 34.06
C SER H 75 -36.62 -18.45 35.40
N ILE H 76 -35.73 -18.02 36.32
CA ILE H 76 -36.11 -17.78 37.70
C ILE H 76 -35.46 -16.48 38.08
N LYS H 77 -35.51 -16.13 39.39
CA LYS H 77 -35.00 -14.90 39.93
C LYS H 77 -33.50 -14.97 40.02
N ILE H 78 -32.82 -13.79 39.97
CA ILE H 78 -31.38 -13.68 39.86
C ILE H 78 -30.78 -13.62 41.25
N ASP H 79 -31.55 -14.07 42.26
CA ASP H 79 -31.32 -13.74 43.65
C ASP H 79 -30.59 -14.93 44.25
N ASN H 80 -30.36 -15.97 43.42
CA ASN H 80 -29.79 -17.24 43.81
C ASN H 80 -28.40 -17.25 43.24
N LEU H 81 -28.18 -16.46 42.16
CA LEU H 81 -26.90 -16.15 41.56
C LEU H 81 -25.99 -15.49 42.55
N HIS H 82 -24.68 -15.69 42.35
CA HIS H 82 -23.65 -14.97 43.04
C HIS H 82 -22.65 -14.82 41.95
N VAL H 83 -22.52 -13.60 41.40
CA VAL H 83 -21.34 -13.21 40.70
C VAL H 83 -20.33 -12.79 41.73
N ARG H 84 -19.06 -13.11 41.43
CA ARG H 84 -17.92 -12.78 42.24
C ARG H 84 -16.83 -12.90 41.21
N THR H 85 -15.63 -12.42 41.53
CA THR H 85 -14.53 -12.37 40.61
C THR H 85 -13.36 -12.88 41.38
N SER H 86 -12.87 -12.08 42.33
CA SER H 86 -11.96 -12.53 43.34
C SER H 86 -12.29 -11.68 44.55
N ALA H 87 -13.42 -10.95 44.47
CA ALA H 87 -14.08 -10.31 45.56
C ALA H 87 -15.53 -10.40 45.18
N PRO H 88 -16.49 -10.55 46.11
CA PRO H 88 -17.92 -10.48 45.86
C PRO H 88 -18.31 -9.31 45.00
N CYS H 89 -19.09 -9.56 43.94
CA CYS H 89 -19.51 -8.54 43.02
C CYS H 89 -20.91 -8.16 43.36
N SER H 90 -21.34 -7.02 42.80
CA SER H 90 -22.73 -6.67 42.77
C SER H 90 -22.94 -6.55 41.30
N LEU H 91 -23.90 -7.34 40.75
CA LEU H 91 -24.28 -7.29 39.36
C LEU H 91 -24.68 -5.89 38.94
N VAL H 92 -24.37 -5.56 37.68
CA VAL H 92 -24.66 -4.26 37.12
C VAL H 92 -25.72 -4.53 36.10
N SER H 93 -25.47 -5.48 35.18
CA SER H 93 -26.46 -5.83 34.20
C SER H 93 -25.99 -7.03 33.46
N HIS H 94 -26.92 -7.83 32.90
CA HIS H 94 -26.59 -8.94 32.04
C HIS H 94 -27.22 -8.58 30.74
N HIS H 95 -26.55 -9.02 29.66
CA HIS H 95 -26.97 -8.77 28.33
C HIS H 95 -26.30 -9.84 27.52
N GLY H 96 -27.09 -10.70 26.84
CA GLY H 96 -26.60 -11.74 25.99
C GLY H 96 -26.28 -12.95 26.79
N TYR H 97 -24.98 -13.29 26.84
CA TYR H 97 -24.46 -14.41 27.60
C TYR H 97 -23.50 -13.83 28.60
N TYR H 98 -23.47 -12.49 28.70
CA TYR H 98 -22.37 -11.75 29.25
C TYR H 98 -23.02 -11.00 30.37
N ILE H 99 -22.31 -10.89 31.52
CA ILE H 99 -22.80 -10.17 32.66
C ILE H 99 -21.70 -9.22 33.00
N LEU H 100 -22.11 -8.01 33.39
CA LEU H 100 -21.24 -6.99 33.88
C LEU H 100 -21.57 -6.89 35.33
N ALA H 101 -20.52 -6.80 36.16
CA ALA H 101 -20.68 -6.79 37.57
C ALA H 101 -19.57 -5.95 38.12
N GLN H 102 -19.92 -5.12 39.12
CA GLN H 102 -19.06 -4.23 39.83
C GLN H 102 -18.40 -4.97 40.94
N CYS H 103 -17.07 -5.11 40.79
CA CYS H 103 -16.18 -5.73 41.73
C CYS H 103 -14.81 -5.36 41.24
N PRO H 104 -13.80 -5.32 42.13
CA PRO H 104 -12.37 -5.32 41.82
C PRO H 104 -11.92 -6.29 40.72
N PRO H 105 -10.80 -6.07 40.02
CA PRO H 105 -10.20 -7.05 39.11
C PRO H 105 -9.86 -8.35 39.82
N GLY H 106 -9.55 -9.43 39.06
CA GLY H 106 -9.23 -10.68 39.68
C GLY H 106 -8.71 -11.61 38.64
N ASP H 107 -7.67 -12.39 39.04
CA ASP H 107 -7.01 -13.43 38.28
C ASP H 107 -7.95 -14.52 37.87
N THR H 108 -9.00 -14.77 38.69
CA THR H 108 -9.94 -15.82 38.42
C THR H 108 -11.27 -15.10 38.36
N VAL H 109 -12.34 -15.86 38.12
CA VAL H 109 -13.72 -15.43 38.28
C VAL H 109 -14.42 -16.60 38.89
N THR H 110 -15.35 -16.37 39.85
CA THR H 110 -15.93 -17.46 40.58
C THR H 110 -17.39 -17.09 40.74
N VAL H 111 -18.25 -17.88 40.06
CA VAL H 111 -19.67 -17.65 39.90
C VAL H 111 -20.32 -18.87 40.49
N GLY H 112 -21.57 -18.78 40.99
CA GLY H 112 -22.22 -19.97 41.48
C GLY H 112 -23.51 -19.62 42.12
N PHE H 113 -24.52 -20.49 41.87
CA PHE H 113 -25.80 -20.44 42.52
C PHE H 113 -25.92 -21.78 43.19
N HIS H 114 -26.41 -21.79 44.46
CA HIS H 114 -26.73 -23.00 45.20
C HIS H 114 -27.83 -23.76 44.47
N ASP H 115 -27.66 -25.10 44.39
CA ASP H 115 -28.60 -25.97 43.74
C ASP H 115 -28.03 -27.36 43.94
N GLY H 116 -28.83 -28.27 44.53
CA GLY H 116 -28.42 -29.62 44.83
C GLY H 116 -27.91 -29.69 46.24
N PRO H 117 -27.26 -30.78 46.63
CA PRO H 117 -26.57 -30.90 47.92
C PRO H 117 -25.34 -30.04 47.91
N ASN H 118 -24.77 -29.80 46.70
CA ASN H 118 -23.55 -29.08 46.47
C ASN H 118 -23.95 -27.65 46.25
N ARG H 119 -22.96 -26.73 46.26
CA ARG H 119 -23.19 -25.31 46.12
C ARG H 119 -23.03 -24.86 44.69
N HIS H 120 -22.70 -25.81 43.77
CA HIS H 120 -22.82 -25.71 42.33
C HIS H 120 -22.20 -24.45 41.75
N THR H 121 -20.86 -24.33 41.83
CA THR H 121 -20.17 -23.13 41.44
C THR H 121 -19.46 -23.39 40.14
N CYS H 122 -18.83 -22.33 39.58
CA CYS H 122 -17.94 -22.47 38.46
C CYS H 122 -16.95 -21.35 38.54
N THR H 123 -15.69 -21.68 38.16
CA THR H 123 -14.55 -20.83 38.31
C THR H 123 -13.74 -20.96 37.04
N VAL H 124 -12.88 -19.96 36.73
CA VAL H 124 -11.99 -20.06 35.59
C VAL H 124 -10.91 -19.05 35.84
N ALA H 125 -9.72 -19.32 35.24
CA ALA H 125 -8.54 -18.49 35.11
C ALA H 125 -8.59 -17.61 33.89
N HIS H 126 -8.17 -16.34 34.04
CA HIS H 126 -7.85 -15.49 32.92
C HIS H 126 -7.14 -14.29 33.47
N LYS H 127 -5.96 -13.95 32.88
CA LYS H 127 -5.16 -12.81 33.28
C LYS H 127 -5.86 -11.52 32.94
N VAL H 128 -6.12 -10.73 34.00
CA VAL H 128 -6.90 -9.52 33.99
C VAL H 128 -6.04 -8.39 34.47
N GLU H 129 -6.18 -7.19 33.84
CA GLU H 129 -5.57 -5.99 34.37
C GLU H 129 -6.35 -4.78 33.94
N PHE H 130 -6.71 -3.88 34.90
CA PHE H 130 -7.20 -2.55 34.62
C PHE H 130 -6.01 -1.65 34.68
N ARG H 131 -6.13 -0.42 34.15
CA ARG H 131 -5.18 0.59 34.53
C ARG H 131 -5.83 1.92 34.29
N PRO H 132 -5.52 2.97 35.04
CA PRO H 132 -5.65 4.34 34.57
C PRO H 132 -4.67 4.58 33.45
N VAL H 133 -5.13 5.17 32.32
CA VAL H 133 -4.34 5.49 31.16
C VAL H 133 -3.26 6.50 31.49
N GLY H 134 -2.12 6.43 30.78
CA GLY H 134 -1.01 7.34 30.96
C GLY H 134 -0.02 6.86 31.96
N ARG H 135 0.91 7.79 32.29
CA ARG H 135 2.07 7.68 33.13
C ARG H 135 1.92 6.82 34.35
N GLU H 136 1.05 7.23 35.29
CA GLU H 136 0.63 6.40 36.38
C GLU H 136 -0.12 5.21 35.85
N LYS H 137 0.50 4.05 36.07
CA LYS H 137 0.08 2.76 35.64
C LYS H 137 -0.13 2.01 36.91
N TYR H 138 -1.32 1.37 37.01
CA TYR H 138 -1.69 0.56 38.13
C TYR H 138 -2.43 -0.60 37.55
N ARG H 139 -2.91 -1.51 38.43
CA ARG H 139 -3.77 -2.60 38.06
C ARG H 139 -5.23 -2.22 38.23
N HIS H 140 -5.49 -0.94 38.61
CA HIS H 140 -6.77 -0.40 39.01
C HIS H 140 -6.37 0.70 39.97
N PRO H 141 -7.03 1.85 40.09
CA PRO H 141 -6.65 2.93 41.01
C PRO H 141 -6.55 2.52 42.46
N PRO H 142 -5.76 3.17 43.33
CA PRO H 142 -5.75 2.83 44.75
C PRO H 142 -7.02 3.29 45.43
N GLU H 143 -7.39 4.58 45.30
CA GLU H 143 -8.61 5.16 45.82
C GLU H 143 -8.50 6.66 45.66
N HIS H 144 -7.43 7.15 44.99
CA HIS H 144 -7.10 8.56 44.98
C HIS H 144 -7.16 9.07 43.58
N GLY H 145 -6.77 10.35 43.45
CA GLY H 145 -6.63 11.12 42.24
C GLY H 145 -7.84 11.44 41.45
N VAL H 146 -7.56 12.24 40.40
CA VAL H 146 -8.45 12.82 39.43
C VAL H 146 -8.89 11.72 38.49
N GLU H 147 -10.07 11.90 37.88
CA GLU H 147 -10.59 11.03 36.85
C GLU H 147 -10.17 11.67 35.55
N LEU H 148 -9.81 10.83 34.56
CA LEU H 148 -9.20 11.29 33.35
C LEU H 148 -9.44 10.17 32.37
N PRO H 149 -9.33 10.41 31.06
CA PRO H 149 -10.08 9.70 30.03
C PRO H 149 -9.59 8.30 29.74
N CYS H 150 -10.11 7.25 30.43
CA CYS H 150 -9.81 5.90 30.07
C CYS H 150 -11.06 5.10 30.08
N ASN H 151 -10.97 3.89 29.47
CA ASN H 151 -12.01 2.92 29.30
C ASN H 151 -12.67 2.48 30.58
N ARG H 152 -13.99 2.22 30.48
CA ARG H 152 -14.84 1.92 31.60
C ARG H 152 -16.12 1.43 30.98
N TYR H 153 -16.89 0.62 31.73
CA TYR H 153 -18.11 0.03 31.26
C TYR H 153 -19.26 0.84 31.79
N THR H 154 -20.43 0.76 31.11
CA THR H 154 -21.59 1.57 31.41
C THR H 154 -22.45 0.81 32.39
N HIS H 155 -23.35 1.52 33.10
CA HIS H 155 -24.38 0.93 33.94
C HIS H 155 -25.34 0.07 33.16
N LYS H 156 -25.71 0.53 31.94
CA LYS H 156 -26.87 0.04 31.23
C LYS H 156 -26.45 -1.19 30.47
N ARG H 157 -27.40 -2.12 30.20
CA ARG H 157 -27.11 -3.37 29.57
C ARG H 157 -26.51 -3.26 28.18
N ALA H 158 -27.07 -2.38 27.33
CA ALA H 158 -26.64 -2.25 25.96
C ALA H 158 -25.47 -1.32 25.90
N ASP H 159 -24.37 -1.78 25.29
CA ASP H 159 -23.08 -1.20 25.46
C ASP H 159 -22.28 -1.89 24.40
N GLN H 160 -22.73 -1.70 23.14
CA GLN H 160 -22.18 -2.36 21.96
C GLN H 160 -21.02 -1.52 21.47
N GLY H 161 -20.32 -2.00 20.42
CA GLY H 161 -19.09 -1.41 19.95
C GLY H 161 -18.04 -2.46 19.77
N HIS H 162 -18.39 -3.76 19.94
CA HIS H 162 -17.50 -4.83 19.58
C HIS H 162 -18.36 -5.94 19.07
N TYR H 163 -17.73 -6.94 18.43
CA TYR H 163 -18.39 -8.15 18.06
C TYR H 163 -17.40 -9.27 18.11
N VAL H 164 -17.87 -10.39 18.66
CA VAL H 164 -17.21 -11.66 18.76
C VAL H 164 -17.85 -12.54 17.73
N GLU H 165 -17.09 -13.50 17.18
CA GLU H 165 -17.63 -14.53 16.34
C GLU H 165 -18.63 -15.33 17.14
N MET H 166 -19.82 -15.55 16.56
CA MET H 166 -20.83 -16.40 17.13
C MET H 166 -21.08 -17.45 16.11
N HIS H 167 -21.29 -18.67 16.61
CA HIS H 167 -21.48 -19.83 15.79
C HIS H 167 -22.91 -20.23 15.89
N GLN H 168 -23.49 -20.17 17.11
CA GLN H 168 -24.74 -20.82 17.47
C GLN H 168 -24.57 -21.14 18.91
N PRO H 169 -25.63 -21.46 19.67
CA PRO H 169 -25.56 -22.32 20.85
C PRO H 169 -25.21 -23.69 20.36
N GLY H 170 -23.89 -23.84 20.13
CA GLY H 170 -23.13 -24.97 19.73
C GLY H 170 -23.29 -26.21 20.48
N LEU H 171 -22.38 -27.11 20.11
CA LEU H 171 -22.27 -28.43 20.60
C LEU H 171 -21.92 -28.47 22.05
N VAL H 172 -22.87 -28.97 22.85
CA VAL H 172 -22.72 -29.34 24.21
C VAL H 172 -23.59 -30.54 24.27
N ALA H 173 -23.34 -31.44 25.25
CA ALA H 173 -24.25 -32.53 25.47
C ALA H 173 -25.40 -31.92 26.19
N ASP H 174 -26.62 -32.40 25.87
CA ASP H 174 -27.79 -32.23 26.66
C ASP H 174 -28.38 -33.58 26.48
N HIS H 175 -28.28 -34.49 27.48
CA HIS H 175 -28.78 -35.84 27.29
C HIS H 175 -30.25 -35.93 27.59
N SER H 176 -30.87 -34.81 28.03
CA SER H 176 -32.30 -34.61 28.01
C SER H 176 -32.87 -34.58 26.61
N LEU H 177 -32.09 -34.10 25.62
CA LEU H 177 -32.37 -34.21 24.20
C LEU H 177 -32.44 -35.63 23.79
N LEU H 178 -31.36 -36.36 24.14
CA LEU H 178 -31.07 -37.68 23.65
C LEU H 178 -32.08 -38.69 24.09
N SER H 179 -33.05 -39.00 23.20
CA SER H 179 -33.95 -40.10 23.38
C SER H 179 -33.25 -41.36 22.93
N ILE H 180 -34.01 -42.47 22.81
CA ILE H 180 -33.51 -43.74 22.38
C ILE H 180 -34.35 -44.14 21.19
N HIS H 181 -33.67 -44.58 20.10
CA HIS H 181 -34.23 -45.13 18.89
C HIS H 181 -34.38 -46.64 19.01
N SER H 182 -34.97 -47.11 20.14
CA SER H 182 -35.37 -48.47 20.43
C SER H 182 -34.25 -49.27 21.06
N ALA H 183 -32.97 -48.86 20.88
CA ALA H 183 -31.90 -49.32 21.74
C ALA H 183 -30.68 -48.47 21.51
N LYS H 184 -30.74 -47.52 20.54
CA LYS H 184 -29.59 -46.78 20.10
C LYS H 184 -29.91 -45.37 20.47
N VAL H 185 -28.88 -44.53 20.72
CA VAL H 185 -29.09 -43.18 21.20
C VAL H 185 -29.46 -42.23 20.07
N LYS H 186 -30.55 -41.44 20.30
CA LYS H 186 -31.18 -40.66 19.26
C LYS H 186 -31.12 -39.22 19.67
N ILE H 187 -30.38 -38.35 18.94
CA ILE H 187 -30.35 -36.93 19.25
C ILE H 187 -31.57 -36.22 18.70
N THR H 188 -31.99 -35.14 19.40
CA THR H 188 -33.09 -34.30 18.99
C THR H 188 -32.59 -32.87 19.06
N VAL H 189 -33.34 -31.95 18.41
CA VAL H 189 -33.01 -30.56 18.29
C VAL H 189 -33.27 -29.81 19.59
N PRO H 190 -32.53 -28.77 19.96
CA PRO H 190 -32.82 -27.95 21.12
C PRO H 190 -33.99 -27.04 20.88
N SER H 191 -34.09 -26.48 19.65
CA SER H 191 -34.98 -25.38 19.37
C SER H 191 -35.11 -25.28 17.87
N GLY H 192 -34.67 -26.33 17.12
CA GLY H 192 -34.48 -26.31 15.70
C GLY H 192 -33.01 -26.23 15.45
N ALA H 193 -32.43 -27.34 14.95
CA ALA H 193 -31.01 -27.42 14.71
C ALA H 193 -30.72 -28.62 13.85
N GLN H 194 -29.54 -28.56 13.21
CA GLN H 194 -28.97 -29.62 12.41
C GLN H 194 -28.05 -30.19 13.44
N VAL H 195 -28.33 -31.39 14.00
CA VAL H 195 -27.66 -31.78 15.21
C VAL H 195 -26.61 -32.79 14.88
N LYS H 196 -25.37 -32.43 15.25
CA LYS H 196 -24.15 -33.06 14.84
C LYS H 196 -23.93 -34.28 15.67
N TYR H 197 -23.35 -35.35 15.09
CA TYR H 197 -23.48 -36.63 15.71
C TYR H 197 -22.50 -37.54 15.04
N TYR H 198 -22.18 -38.64 15.75
CA TYR H 198 -21.48 -39.79 15.23
C TYR H 198 -21.46 -40.69 16.44
N CYS H 199 -21.13 -41.98 16.24
CA CYS H 199 -20.88 -42.99 17.22
C CYS H 199 -19.62 -43.65 16.76
N LYS H 200 -19.08 -44.65 17.51
CA LYS H 200 -18.00 -45.50 17.00
C LYS H 200 -18.46 -46.13 15.69
N CYS H 201 -19.76 -46.50 15.64
CA CYS H 201 -20.52 -46.92 14.49
C CYS H 201 -20.59 -45.82 13.43
N PRO H 202 -20.53 -46.12 12.12
CA PRO H 202 -20.69 -45.19 11.00
C PRO H 202 -21.69 -44.04 11.08
N ASP H 203 -21.27 -42.87 10.50
CA ASP H 203 -22.04 -41.68 10.18
C ASP H 203 -20.97 -40.71 9.73
N VAL H 204 -21.01 -39.41 10.14
CA VAL H 204 -20.04 -38.42 9.73
C VAL H 204 -19.43 -37.84 10.96
N ARG H 205 -18.08 -37.84 11.02
CA ARG H 205 -17.32 -37.57 12.23
C ARG H 205 -16.55 -36.29 12.07
N GLU H 206 -16.69 -35.62 10.90
CA GLU H 206 -16.13 -34.33 10.65
C GLU H 206 -16.98 -33.25 11.24
N GLY H 207 -18.28 -33.54 11.45
CA GLY H 207 -19.25 -32.57 11.87
C GLY H 207 -19.80 -31.82 10.72
N ILE H 208 -19.75 -32.44 9.51
CA ILE H 208 -20.54 -32.03 8.38
C ILE H 208 -21.87 -32.69 8.60
N THR H 209 -22.93 -31.86 8.67
CA THR H 209 -24.12 -32.19 9.39
C THR H 209 -25.24 -31.58 8.61
N SER H 210 -26.33 -32.36 8.45
CA SER H 210 -27.62 -31.83 8.09
C SER H 210 -28.55 -32.75 8.82
N SER H 211 -28.56 -32.61 10.17
CA SER H 211 -29.31 -33.40 11.10
C SER H 211 -28.77 -34.80 11.14
N ASP H 212 -27.47 -34.94 11.53
CA ASP H 212 -26.81 -36.21 11.77
C ASP H 212 -27.51 -36.94 12.88
N HIS H 213 -27.68 -38.27 12.69
CA HIS H 213 -28.12 -39.12 13.75
C HIS H 213 -27.41 -40.40 13.50
N THR H 214 -26.92 -41.02 14.58
CA THR H 214 -26.27 -42.31 14.52
C THR H 214 -27.02 -43.07 15.55
N THR H 215 -27.70 -44.11 15.08
CA THR H 215 -28.59 -44.92 15.85
C THR H 215 -28.23 -46.32 15.43
N THR H 216 -27.01 -46.74 15.81
CA THR H 216 -26.36 -47.91 15.26
C THR H 216 -25.54 -48.48 16.39
N CYS H 217 -25.19 -47.62 17.39
CA CYS H 217 -24.39 -47.98 18.52
C CYS H 217 -25.27 -47.68 19.70
N THR H 218 -25.41 -48.69 20.60
CA THR H 218 -26.30 -48.66 21.74
C THR H 218 -26.05 -47.58 22.76
N ASP H 219 -24.77 -47.41 23.18
CA ASP H 219 -24.39 -46.57 24.28
C ASP H 219 -24.57 -45.11 23.95
N VAL H 220 -25.04 -44.33 24.95
CA VAL H 220 -25.22 -42.91 24.92
C VAL H 220 -23.89 -42.21 25.11
N LYS H 221 -22.90 -42.93 25.69
CA LYS H 221 -21.63 -42.36 26.08
C LYS H 221 -20.60 -42.70 25.03
N GLN H 222 -20.98 -43.43 23.95
CA GLN H 222 -20.06 -43.78 22.88
C GLN H 222 -20.48 -42.99 21.67
N CYS H 223 -21.19 -41.86 21.86
CA CYS H 223 -21.69 -41.11 20.74
C CYS H 223 -21.55 -39.65 21.06
N ARG H 224 -21.67 -38.81 20.01
CA ARG H 224 -21.30 -37.41 20.01
C ARG H 224 -22.51 -36.55 20.15
N ALA H 225 -22.91 -36.24 21.41
CA ALA H 225 -24.01 -35.35 21.72
C ALA H 225 -23.68 -33.92 21.37
N TYR H 226 -23.85 -33.54 20.07
CA TYR H 226 -23.43 -32.25 19.58
C TYR H 226 -24.59 -31.58 18.89
N LEU H 227 -24.58 -30.22 18.89
CA LEU H 227 -25.71 -29.39 18.46
C LEU H 227 -25.28 -28.22 17.60
N ILE H 228 -25.23 -28.35 16.26
CA ILE H 228 -25.07 -27.18 15.39
C ILE H 228 -26.41 -26.48 15.21
N ASP H 229 -26.72 -25.39 15.96
CA ASP H 229 -28.03 -24.77 15.82
C ASP H 229 -27.97 -23.82 14.64
N ASN H 230 -29.04 -23.84 13.83
CA ASN H 230 -29.03 -23.35 12.46
C ASN H 230 -29.90 -22.13 12.26
N LYS H 231 -30.22 -21.39 13.34
CA LYS H 231 -30.92 -20.14 13.21
C LYS H 231 -30.73 -19.40 14.49
N LYS H 232 -29.73 -19.82 15.28
CA LYS H 232 -29.46 -19.26 16.58
C LYS H 232 -27.99 -18.94 16.62
N TRP H 233 -27.62 -17.99 17.51
CA TRP H 233 -26.29 -17.46 17.66
C TRP H 233 -26.09 -17.17 19.11
N VAL H 234 -24.95 -17.64 19.67
CA VAL H 234 -24.54 -17.31 21.02
C VAL H 234 -23.05 -17.30 20.93
N TYR H 235 -22.43 -16.59 21.89
CA TYR H 235 -21.02 -16.57 22.22
C TYR H 235 -20.29 -17.87 21.95
N ASN H 236 -19.10 -17.77 21.31
CA ASN H 236 -18.26 -18.90 21.01
C ASN H 236 -17.54 -19.24 22.28
N SER H 237 -17.70 -20.47 22.80
CA SER H 237 -17.02 -20.89 24.03
C SER H 237 -16.22 -22.09 23.66
N GLY H 238 -15.16 -22.38 24.43
CA GLY H 238 -14.41 -23.61 24.32
C GLY H 238 -15.15 -24.77 24.92
N ARG H 239 -16.11 -24.48 25.84
CA ARG H 239 -16.92 -25.46 26.49
C ARG H 239 -18.26 -25.48 25.79
N LEU H 240 -18.29 -24.92 24.56
CA LEU H 240 -19.38 -25.00 23.64
C LEU H 240 -18.72 -25.07 22.27
N PRO H 241 -18.10 -26.17 21.83
CA PRO H 241 -17.74 -26.46 20.43
C PRO H 241 -18.70 -26.04 19.35
N ARG H 242 -18.23 -26.04 18.07
CA ARG H 242 -19.04 -25.72 16.92
C ARG H 242 -18.73 -26.83 15.98
N GLY H 243 -19.58 -27.08 14.96
CA GLY H 243 -19.28 -27.96 13.86
C GLY H 243 -18.99 -27.16 12.63
N GLU H 244 -19.48 -27.64 11.48
CA GLU H 244 -19.05 -27.16 10.20
C GLU H 244 -20.03 -27.58 9.15
N GLY H 245 -21.21 -28.09 9.58
CA GLY H 245 -22.21 -28.66 8.72
C GLY H 245 -23.15 -27.60 8.24
N ASP H 246 -23.30 -26.54 9.06
CA ASP H 246 -24.33 -25.54 8.95
C ASP H 246 -24.06 -24.63 10.12
N THR H 247 -22.78 -24.59 10.57
CA THR H 247 -22.26 -23.61 11.48
C THR H 247 -22.27 -22.25 10.84
N PHE H 248 -22.46 -21.22 11.68
CA PHE H 248 -22.32 -19.85 11.26
C PHE H 248 -20.96 -19.44 11.70
N LYS H 249 -20.43 -18.41 11.01
CA LYS H 249 -19.20 -17.76 11.35
C LYS H 249 -19.60 -16.32 11.57
N GLY H 250 -20.93 -16.06 11.67
CA GLY H 250 -21.54 -14.76 11.75
C GLY H 250 -21.20 -14.11 13.04
N LYS H 251 -20.38 -13.04 12.95
CA LYS H 251 -20.12 -12.11 14.01
C LYS H 251 -21.37 -11.39 14.44
N LEU H 252 -21.65 -11.46 15.75
CA LEU H 252 -22.84 -10.95 16.38
C LEU H 252 -22.27 -10.40 17.65
N HIS H 253 -22.73 -9.21 18.06
CA HIS H 253 -21.99 -8.34 18.94
C HIS H 253 -21.70 -8.88 20.32
N VAL H 254 -20.89 -8.12 21.08
CA VAL H 254 -20.75 -8.33 22.49
C VAL H 254 -21.28 -7.07 23.11
N PRO H 255 -22.17 -7.14 24.08
CA PRO H 255 -22.52 -6.02 24.91
C PRO H 255 -21.59 -6.04 26.09
N PHE H 256 -21.37 -4.85 26.68
CA PHE H 256 -20.40 -4.58 27.70
C PHE H 256 -19.03 -4.40 27.12
N VAL H 257 -18.92 -3.37 26.26
CA VAL H 257 -17.71 -2.90 25.68
C VAL H 257 -17.22 -1.88 26.67
N PRO H 258 -15.98 -1.85 27.11
CA PRO H 258 -15.46 -0.73 27.86
C PRO H 258 -15.26 0.38 26.87
N VAL H 259 -15.86 1.54 27.15
CA VAL H 259 -15.97 2.63 26.22
C VAL H 259 -15.35 3.80 26.90
N LYS H 260 -15.02 4.85 26.13
CA LYS H 260 -14.35 6.01 26.64
C LYS H 260 -15.35 6.80 27.44
N ALA H 261 -15.09 6.89 28.76
CA ALA H 261 -15.85 7.70 29.66
C ALA H 261 -14.81 8.27 30.58
N LYS H 262 -15.23 8.80 31.74
CA LYS H 262 -14.31 9.10 32.80
C LYS H 262 -14.24 7.92 33.70
N CYS H 263 -13.20 7.10 33.48
CA CYS H 263 -12.74 6.06 34.34
C CYS H 263 -12.33 6.64 35.66
N ILE H 264 -12.61 5.94 36.77
CA ILE H 264 -11.85 6.14 37.98
C ILE H 264 -10.36 5.98 37.69
N ALA H 265 -9.56 6.99 38.10
CA ALA H 265 -8.20 7.14 37.64
C ALA H 265 -7.42 7.73 38.79
N THR H 266 -6.18 8.19 38.50
CA THR H 266 -5.16 8.44 39.52
C THR H 266 -4.52 9.77 39.24
N LEU H 267 -3.78 10.28 40.26
CA LEU H 267 -3.06 11.52 40.29
C LEU H 267 -2.87 11.74 41.75
N ALA H 268 -1.65 12.14 42.18
CA ALA H 268 -1.40 12.36 43.58
C ALA H 268 -1.04 13.82 43.73
N PRO H 269 -1.67 14.59 44.62
CA PRO H 269 -1.41 16.01 44.81
C PRO H 269 0.01 16.40 45.21
N GLU H 270 0.17 17.73 45.44
CA GLU H 270 1.38 18.45 45.76
C GLU H 270 2.48 18.43 44.72
N PRO H 271 2.30 19.09 43.57
CA PRO H 271 3.38 19.30 42.60
C PRO H 271 4.30 20.38 43.10
N LEU H 272 3.70 21.46 43.67
CA LEU H 272 4.32 22.60 44.30
C LEU H 272 5.31 23.27 43.38
N VAL H 273 4.78 23.78 42.25
CA VAL H 273 5.48 24.45 41.19
C VAL H 273 6.12 25.71 41.72
N GLU H 274 7.45 25.83 41.51
CA GLU H 274 8.23 26.95 41.96
C GLU H 274 9.28 27.08 40.93
N HIS H 275 9.65 28.31 40.54
CA HIS H 275 10.65 28.52 39.53
C HIS H 275 11.58 29.58 40.01
N LYS H 276 12.87 29.20 40.15
CA LYS H 276 13.96 30.12 40.24
C LYS H 276 14.85 29.79 39.07
N HIS H 277 15.27 30.86 38.34
CA HIS H 277 16.12 30.91 37.17
C HIS H 277 16.38 29.64 36.41
N ARG H 278 15.56 29.39 35.36
CA ARG H 278 15.69 28.29 34.43
C ARG H 278 15.52 26.94 35.08
N THR H 279 14.81 26.86 36.22
CA THR H 279 14.75 25.65 37.01
C THR H 279 13.43 25.66 37.72
N LEU H 280 12.71 24.52 37.66
CA LEU H 280 11.49 24.30 38.41
C LEU H 280 11.95 23.54 39.61
N ILE H 281 12.06 24.22 40.78
CA ILE H 281 12.14 23.54 42.06
C ILE H 281 10.77 22.97 42.31
N LEU H 282 10.71 21.70 42.78
CA LEU H 282 9.47 21.02 42.97
C LEU H 282 9.53 20.20 44.21
N HIS H 283 9.00 20.70 45.35
CA HIS H 283 8.63 19.91 46.49
C HIS H 283 7.46 19.00 46.15
N LEU H 284 7.58 17.70 46.46
CA LEU H 284 6.67 16.69 45.99
C LEU H 284 6.42 15.85 47.19
N HIS H 285 5.20 15.28 47.27
CA HIS H 285 4.69 14.65 48.44
C HIS H 285 3.38 14.05 48.01
N PRO H 286 3.40 12.86 47.42
CA PRO H 286 2.22 12.26 46.83
C PRO H 286 1.52 11.40 47.85
N ASP H 287 0.21 11.13 47.62
CA ASP H 287 -0.59 10.18 48.36
C ASP H 287 -0.22 8.76 48.01
N HIS H 288 0.13 8.50 46.73
CA HIS H 288 0.34 7.16 46.23
C HIS H 288 1.27 7.31 45.05
N PRO H 289 2.07 6.29 44.65
CA PRO H 289 3.01 6.31 43.54
C PRO H 289 2.64 7.12 42.31
N THR H 290 3.46 8.15 41.99
CA THR H 290 3.20 9.03 40.88
C THR H 290 4.35 8.83 39.96
N LEU H 291 4.07 8.47 38.68
CA LEU H 291 5.10 8.46 37.66
C LEU H 291 5.26 9.85 37.16
N LEU H 292 6.36 10.49 37.57
CA LEU H 292 6.77 11.76 37.08
C LEU H 292 7.67 11.54 35.90
N THR H 293 7.63 12.49 34.94
CA THR H 293 8.51 12.54 33.81
C THR H 293 8.35 13.95 33.26
N THR H 294 9.37 14.45 32.51
CA THR H 294 9.42 15.81 32.02
C THR H 294 10.04 15.80 30.64
N ARG H 295 10.05 16.99 30.00
CA ARG H 295 10.74 17.24 28.75
C ARG H 295 11.16 18.65 28.70
N SER H 296 12.47 18.87 28.99
CA SER H 296 13.17 20.12 28.77
C SER H 296 13.21 20.25 27.28
N LEU H 297 12.51 21.28 26.76
CA LEU H 297 12.07 21.29 25.40
C LEU H 297 13.16 21.75 24.51
N GLY H 298 12.89 21.57 23.22
CA GLY H 298 13.74 22.00 22.16
C GLY H 298 13.72 20.77 21.33
N SER H 299 14.74 20.59 20.47
CA SER H 299 14.99 19.35 19.77
C SER H 299 15.29 18.26 20.77
N ASP H 300 15.93 18.67 21.89
CA ASP H 300 15.96 18.07 23.20
C ASP H 300 14.69 17.31 23.56
N ALA H 301 14.87 16.05 24.01
CA ALA H 301 13.82 15.15 24.38
C ALA H 301 13.68 15.19 25.87
N ASN H 302 14.85 15.31 26.56
CA ASN H 302 15.08 15.25 27.99
C ASN H 302 14.08 14.41 28.74
N PRO H 303 14.18 13.09 28.80
CA PRO H 303 13.20 12.35 29.56
C PRO H 303 13.58 12.42 31.01
N THR H 304 12.66 11.97 31.86
CA THR H 304 12.87 11.79 33.25
C THR H 304 12.03 10.58 33.46
N ARG H 305 12.40 9.67 34.37
CA ARG H 305 11.45 8.70 34.79
C ARG H 305 11.75 8.70 36.25
N GLN H 306 10.72 8.79 37.10
CA GLN H 306 10.89 8.48 38.49
C GLN H 306 9.53 8.30 39.06
N TRP H 307 9.25 7.10 39.63
CA TRP H 307 8.18 6.92 40.58
C TRP H 307 8.45 7.72 41.83
N ILE H 308 7.47 8.53 42.27
CA ILE H 308 7.59 9.32 43.47
C ILE H 308 6.47 8.82 44.31
N GLU H 309 6.77 8.19 45.46
CA GLU H 309 5.76 7.75 46.39
C GLU H 309 6.03 8.26 47.78
N ARG H 310 7.00 9.18 47.97
CA ARG H 310 7.25 9.75 49.27
C ARG H 310 7.92 11.09 49.03
N PRO H 311 7.99 11.99 50.02
CA PRO H 311 8.55 13.31 49.86
C PRO H 311 9.94 13.45 49.26
N THR H 312 10.05 14.17 48.11
CA THR H 312 11.30 14.39 47.44
C THR H 312 11.18 15.72 46.73
N THR H 313 12.17 16.62 46.92
CA THR H 313 12.35 17.79 46.10
C THR H 313 13.13 17.41 44.85
N VAL H 314 12.55 17.60 43.64
CA VAL H 314 13.24 17.29 42.40
C VAL H 314 13.42 18.61 41.70
N ASN H 315 14.09 18.61 40.52
CA ASN H 315 14.31 19.81 39.75
C ASN H 315 14.29 19.42 38.31
N PHE H 316 13.91 20.38 37.42
CA PHE H 316 13.86 20.18 35.98
C PHE H 316 14.24 21.48 35.35
N THR H 317 15.38 21.50 34.64
CA THR H 317 16.01 22.64 34.01
C THR H 317 15.27 23.15 32.79
N VAL H 318 14.40 24.15 33.02
CA VAL H 318 13.64 24.91 32.04
C VAL H 318 14.57 25.60 31.07
N THR H 319 14.15 25.75 29.79
CA THR H 319 15.01 26.27 28.75
C THR H 319 14.30 27.33 27.92
N GLY H 320 14.89 27.73 26.75
CA GLY H 320 14.54 28.83 25.87
C GLY H 320 13.30 28.63 25.05
N GLU H 321 12.59 27.54 25.33
CA GLU H 321 11.42 27.12 24.61
C GLU H 321 10.65 26.28 25.58
N GLY H 322 11.02 26.43 26.87
CA GLY H 322 10.29 26.00 28.02
C GLY H 322 10.66 24.62 28.38
N LEU H 323 10.00 24.15 29.43
CA LEU H 323 10.04 22.80 29.88
C LEU H 323 8.63 22.55 30.24
N GLU H 324 8.25 21.27 30.29
CA GLU H 324 6.98 20.87 30.78
C GLU H 324 7.26 19.85 31.79
N TYR H 325 6.26 19.61 32.65
CA TYR H 325 6.47 18.91 33.85
C TYR H 325 5.16 18.22 34.05
N THR H 326 5.21 16.89 34.26
CA THR H 326 4.04 16.06 34.14
C THR H 326 3.97 15.17 35.35
N TRP H 327 3.42 15.72 36.44
CA TRP H 327 3.32 15.12 37.75
C TRP H 327 2.23 14.08 37.77
N GLY H 328 2.50 12.86 37.24
CA GLY H 328 1.50 11.81 37.13
C GLY H 328 1.05 11.72 35.72
N ASN H 329 -0.15 11.13 35.53
CA ASN H 329 -0.76 10.90 34.24
C ASN H 329 -1.75 11.98 33.90
N HIS H 330 -1.89 13.01 34.77
CA HIS H 330 -2.53 14.25 34.41
C HIS H 330 -1.71 14.99 33.36
N PRO H 331 -2.29 15.79 32.46
CA PRO H 331 -1.61 16.41 31.34
C PRO H 331 -0.42 17.31 31.70
N PRO H 332 0.53 17.55 30.79
CA PRO H 332 1.69 18.43 30.97
C PRO H 332 1.41 19.82 31.52
N LYS H 333 2.29 20.31 32.43
CA LYS H 333 2.34 21.68 32.89
C LYS H 333 3.32 22.40 32.00
N ARG H 334 3.52 23.73 32.17
CA ARG H 334 4.43 24.44 31.29
C ARG H 334 5.05 25.55 32.09
N VAL H 335 6.28 25.94 31.67
CA VAL H 335 7.11 26.86 32.41
C VAL H 335 8.04 27.61 31.47
N TRP H 336 8.11 28.96 31.55
CA TRP H 336 9.19 29.71 30.91
C TRP H 336 10.34 29.72 31.85
N ALA H 337 11.54 29.61 31.29
CA ALA H 337 12.77 29.88 31.98
C ALA H 337 12.91 31.36 32.21
N GLN H 338 13.50 31.74 33.38
CA GLN H 338 14.06 33.04 33.67
C GLN H 338 14.10 33.21 35.16
N GLU H 339 15.03 34.07 35.65
CA GLU H 339 15.22 34.39 37.04
C GLU H 339 14.02 35.10 37.60
N SER H 340 13.53 34.57 38.75
CA SER H 340 12.70 35.25 39.70
C SER H 340 13.61 35.71 40.81
N GLY H 341 13.43 36.97 41.33
CA GLY H 341 14.30 37.49 42.38
C GLY H 341 14.79 38.89 42.16
N GLU H 342 14.22 39.64 41.19
CA GLU H 342 14.37 41.07 41.03
C GLU H 342 15.66 41.49 40.35
N GLY H 343 15.53 42.55 39.51
CA GLY H 343 16.58 43.45 39.09
C GLY H 343 17.65 42.83 38.25
N ASN H 344 17.57 42.97 36.90
CA ASN H 344 18.67 42.64 36.02
C ASN H 344 18.50 43.44 34.75
N PRO H 345 19.51 43.54 33.87
CA PRO H 345 19.34 43.75 32.44
C PRO H 345 18.54 42.65 31.76
N HIS H 346 18.02 42.95 30.55
CA HIS H 346 17.14 42.10 29.79
C HIS H 346 17.33 42.50 28.35
N GLY H 347 16.97 41.61 27.40
CA GLY H 347 16.75 41.98 26.03
C GLY H 347 17.46 41.10 25.07
N TRP H 348 18.12 40.06 25.61
CA TRP H 348 18.86 39.11 24.85
C TRP H 348 18.87 37.89 25.71
N PRO H 349 19.20 36.69 25.21
CA PRO H 349 19.59 35.58 26.06
C PRO H 349 20.98 35.75 26.60
N HIS H 350 21.56 36.97 26.49
CA HIS H 350 22.91 37.29 26.86
C HIS H 350 22.89 38.18 28.06
N GLU H 351 21.70 38.67 28.46
CA GLU H 351 21.58 39.55 29.60
C GLU H 351 20.15 39.42 30.11
N TYR I 1 43.27 -72.54 30.43
CA TYR I 1 42.70 -71.44 29.63
C TYR I 1 41.63 -70.78 30.46
N GLU I 2 41.74 -69.44 30.62
CA GLU I 2 40.88 -68.70 31.51
C GLU I 2 41.03 -67.26 31.07
N HIS I 3 40.70 -67.01 29.77
CA HIS I 3 41.06 -65.82 29.02
C HIS I 3 40.21 -64.62 29.35
N THR I 4 40.62 -63.85 30.37
CA THR I 4 40.10 -62.57 30.79
C THR I 4 40.13 -61.56 29.66
N ALA I 5 39.13 -60.65 29.63
CA ALA I 5 38.98 -59.64 28.61
C ALA I 5 38.05 -58.58 29.16
N VAL I 6 38.59 -57.34 29.23
CA VAL I 6 37.86 -56.14 29.52
C VAL I 6 36.75 -55.92 28.52
N MET I 7 35.68 -55.23 28.98
CA MET I 7 34.44 -55.17 28.27
C MET I 7 33.75 -53.93 28.74
N PRO I 8 33.95 -52.78 28.11
CA PRO I 8 33.38 -51.51 28.55
C PRO I 8 31.89 -51.51 28.78
N ASN I 9 31.48 -50.80 29.83
CA ASN I 9 30.12 -50.68 30.29
C ASN I 9 29.53 -49.41 29.75
N LYS I 10 28.23 -49.45 29.45
CA LYS I 10 27.47 -48.26 29.15
C LYS I 10 26.12 -48.63 29.66
N VAL I 11 25.04 -48.35 28.89
CA VAL I 11 23.71 -48.12 29.40
C VAL I 11 23.14 -49.31 30.13
N GLY I 12 23.21 -50.53 29.57
CA GLY I 12 22.37 -51.62 30.02
C GLY I 12 21.73 -52.18 28.80
N ILE I 13 22.58 -52.66 27.87
CA ILE I 13 22.16 -53.10 26.57
C ILE I 13 23.35 -53.94 26.13
N PRO I 14 23.35 -54.68 25.03
CA PRO I 14 24.50 -55.45 24.59
C PRO I 14 25.76 -54.64 24.39
N TYR I 15 26.92 -55.28 24.61
CA TYR I 15 28.23 -54.65 24.64
C TYR I 15 29.07 -55.77 24.11
N LYS I 16 30.19 -55.54 23.40
CA LYS I 16 30.91 -56.68 22.86
C LYS I 16 32.38 -56.44 23.00
N ALA I 17 33.11 -57.51 23.35
CA ALA I 17 34.53 -57.54 23.58
C ALA I 17 34.92 -58.86 23.00
N LEU I 18 36.23 -59.13 22.87
CA LEU I 18 36.67 -60.27 22.11
C LEU I 18 37.75 -60.92 22.92
N VAL I 19 37.61 -62.24 23.17
CA VAL I 19 38.59 -63.09 23.79
C VAL I 19 39.50 -63.59 22.70
N GLU I 20 40.77 -63.13 22.69
CA GLU I 20 41.77 -63.52 21.72
C GLU I 20 42.32 -64.89 22.05
N ARG I 21 43.21 -65.39 21.16
CA ARG I 21 44.00 -66.60 21.32
C ARG I 21 44.56 -66.83 19.95
N PRO I 22 45.79 -67.30 19.77
CA PRO I 22 46.32 -67.59 18.45
C PRO I 22 46.40 -69.08 18.23
N GLY I 23 46.51 -69.91 19.29
CA GLY I 23 46.49 -71.36 19.22
C GLY I 23 45.24 -71.86 18.56
N TYR I 24 44.09 -71.39 19.07
CA TYR I 24 42.82 -71.67 18.47
C TYR I 24 42.20 -70.35 18.11
N ALA I 25 41.06 -70.38 17.40
CA ALA I 25 40.40 -69.20 16.91
C ALA I 25 39.82 -68.34 18.00
N PRO I 26 39.92 -67.01 17.96
CA PRO I 26 39.23 -66.06 18.82
C PRO I 26 37.75 -66.26 18.96
N VAL I 27 37.22 -65.88 20.14
CA VAL I 27 35.85 -66.04 20.51
C VAL I 27 35.41 -64.76 21.13
N HIS I 28 34.18 -64.34 20.80
CA HIS I 28 33.52 -63.15 21.22
C HIS I 28 33.03 -63.22 22.65
N LEU I 29 32.85 -62.02 23.23
CA LEU I 29 32.12 -61.77 24.44
C LEU I 29 31.01 -60.87 23.98
N GLN I 30 29.78 -61.03 24.50
CA GLN I 30 28.82 -59.97 24.44
C GLN I 30 28.23 -59.86 25.79
N ILE I 31 28.45 -58.73 26.48
CA ILE I 31 27.97 -58.52 27.80
C ILE I 31 26.81 -57.64 27.69
N GLN I 32 25.66 -58.28 27.92
CA GLN I 32 24.40 -57.60 27.92
C GLN I 32 24.00 -57.67 29.34
N LEU I 33 24.07 -56.50 30.00
CA LEU I 33 23.51 -56.33 31.30
C LEU I 33 22.17 -55.79 30.94
N VAL I 34 21.08 -56.46 31.37
CA VAL I 34 19.72 -56.16 30.95
C VAL I 34 19.37 -54.75 31.37
N ASN I 35 19.86 -54.42 32.57
CA ASN I 35 19.90 -53.12 33.14
C ASN I 35 21.21 -53.20 33.86
N THR I 36 21.93 -52.06 33.94
CA THR I 36 23.17 -51.99 34.68
C THR I 36 22.77 -51.43 36.01
N ARG I 37 22.08 -52.29 36.76
CA ARG I 37 21.47 -52.01 38.02
C ARG I 37 22.26 -52.67 39.10
N ILE I 38 21.93 -52.28 40.35
CA ILE I 38 22.77 -52.40 41.49
C ILE I 38 22.21 -53.61 42.19
N ILE I 39 21.04 -53.44 42.86
CA ILE I 39 20.33 -54.48 43.57
C ILE I 39 21.14 -54.86 44.80
N PRO I 40 21.19 -54.02 45.84
CA PRO I 40 21.93 -54.32 47.04
C PRO I 40 21.14 -55.14 48.02
N SER I 41 21.84 -55.67 49.04
CA SER I 41 21.25 -56.25 50.22
C SER I 41 21.06 -55.04 51.09
N THR I 42 19.83 -54.85 51.63
CA THR I 42 19.46 -53.54 52.13
C THR I 42 18.61 -53.72 53.35
N ASN I 43 18.23 -52.58 53.97
CA ASN I 43 17.44 -52.50 55.16
C ASN I 43 16.69 -51.21 55.04
N LEU I 44 15.35 -51.27 55.18
CA LEU I 44 14.45 -50.12 55.26
C LEU I 44 14.66 -49.45 56.58
N GLU I 45 15.20 -48.21 56.56
CA GLU I 45 15.63 -47.53 57.76
C GLU I 45 14.51 -46.73 58.30
N TYR I 46 13.84 -45.91 57.46
CA TYR I 46 12.66 -45.21 57.88
C TYR I 46 12.00 -44.65 56.66
N ILE I 47 10.65 -44.73 56.60
CA ILE I 47 9.86 -43.95 55.69
C ILE I 47 9.83 -42.52 56.20
N THR I 48 9.83 -41.55 55.26
CA THR I 48 9.54 -40.17 55.48
C THR I 48 8.45 -39.90 54.49
N CYS I 49 7.86 -38.70 54.60
CA CYS I 49 6.63 -38.32 54.00
C CYS I 49 6.32 -37.12 54.84
N LYS I 50 5.68 -36.08 54.25
CA LYS I 50 5.35 -34.88 54.96
C LYS I 50 4.35 -35.21 56.02
N TYR I 51 4.54 -34.68 57.24
CA TYR I 51 3.68 -35.02 58.35
C TYR I 51 2.25 -34.59 58.12
N LYS I 52 1.40 -35.01 59.06
CA LYS I 52 0.13 -34.42 59.33
C LYS I 52 -0.07 -34.46 60.79
N THR I 53 -0.22 -33.26 61.39
CA THR I 53 -0.52 -33.06 62.78
C THR I 53 -1.98 -33.43 62.98
N LYS I 54 -2.28 -34.75 62.99
CA LYS I 54 -3.60 -35.30 63.18
C LYS I 54 -3.76 -35.33 64.67
N VAL I 55 -4.14 -34.17 65.26
CA VAL I 55 -4.21 -33.80 66.66
C VAL I 55 -4.62 -34.97 67.55
N PRO I 56 -3.95 -35.27 68.67
CA PRO I 56 -4.43 -36.21 69.66
C PRO I 56 -5.24 -35.47 70.69
N SER I 57 -5.47 -36.13 71.85
CA SER I 57 -6.26 -35.62 72.92
C SER I 57 -5.27 -35.44 74.04
N PRO I 58 -5.15 -34.30 74.70
CA PRO I 58 -4.07 -34.13 75.66
C PRO I 58 -4.62 -34.57 76.99
N VAL I 59 -3.71 -34.65 77.99
CA VAL I 59 -4.07 -34.81 79.36
C VAL I 59 -3.76 -33.44 79.89
N VAL I 60 -4.69 -32.89 80.69
CA VAL I 60 -4.61 -31.53 81.15
C VAL I 60 -4.53 -31.53 82.64
N LYS I 61 -3.67 -30.63 83.16
CA LYS I 61 -3.61 -30.23 84.54
C LYS I 61 -4.05 -28.80 84.48
N CYS I 62 -5.03 -28.45 85.33
CA CYS I 62 -5.80 -27.24 85.17
C CYS I 62 -5.48 -26.27 86.28
N CYS I 63 -4.54 -26.64 87.17
CA CYS I 63 -4.07 -25.79 88.24
C CYS I 63 -2.60 -26.04 88.32
N GLY I 64 -2.14 -27.24 87.88
CA GLY I 64 -0.75 -27.60 87.79
C GLY I 64 -0.39 -27.71 86.35
N ALA I 65 0.52 -28.67 86.07
CA ALA I 65 1.17 -28.86 84.79
C ALA I 65 2.21 -29.88 85.11
N THR I 66 1.89 -31.18 84.88
CA THR I 66 2.82 -32.25 85.10
C THR I 66 2.30 -33.49 84.38
N GLN I 67 1.05 -33.46 83.86
CA GLN I 67 0.51 -34.57 83.12
C GLN I 67 0.05 -34.06 81.79
N CYS I 68 0.67 -34.58 80.71
CA CYS I 68 0.22 -34.33 79.36
C CYS I 68 0.23 -35.67 78.66
N THR I 69 0.95 -36.66 79.24
CA THR I 69 0.89 -38.07 78.93
C THR I 69 1.45 -38.44 77.58
N SER I 70 2.22 -39.56 77.54
CA SER I 70 2.89 -40.05 76.37
C SER I 70 1.92 -40.90 75.60
N LYS I 71 1.75 -40.57 74.31
CA LYS I 71 0.89 -41.27 73.39
C LYS I 71 1.69 -42.35 72.70
N PRO I 72 1.04 -43.25 71.95
CA PRO I 72 1.74 -44.29 71.22
C PRO I 72 2.49 -43.79 70.00
N HIS I 73 2.72 -42.46 69.88
CA HIS I 73 3.57 -41.84 68.90
C HIS I 73 4.67 -41.22 69.73
N PRO I 74 5.89 -41.76 69.76
CA PRO I 74 7.00 -41.19 70.51
C PRO I 74 7.36 -39.80 70.06
N ASP I 75 7.66 -38.91 71.05
CA ASP I 75 7.98 -37.51 70.87
C ASP I 75 6.72 -36.75 70.55
N TYR I 76 6.32 -35.82 71.45
CA TYR I 76 5.08 -35.11 71.28
C TYR I 76 5.26 -33.73 71.81
N GLN I 77 4.74 -32.74 71.05
CA GLN I 77 4.75 -31.35 71.43
C GLN I 77 3.50 -31.07 72.22
N CYS I 78 3.68 -30.52 73.43
CA CYS I 78 2.62 -30.21 74.35
C CYS I 78 3.13 -28.98 75.02
N GLN I 79 2.24 -27.96 75.15
CA GLN I 79 2.63 -26.67 75.65
C GLN I 79 1.47 -26.18 76.45
N VAL I 80 1.75 -25.88 77.73
CA VAL I 80 0.83 -25.34 78.70
C VAL I 80 0.44 -23.93 78.30
N PHE I 81 -0.81 -23.52 78.63
CA PHE I 81 -1.28 -22.17 78.53
C PHE I 81 -2.18 -22.01 79.72
N THR I 82 -2.14 -20.82 80.37
CA THR I 82 -3.08 -20.47 81.41
C THR I 82 -3.79 -19.25 80.87
N GLY I 83 -4.66 -18.61 81.69
CA GLY I 83 -5.34 -17.38 81.36
C GLY I 83 -6.38 -17.59 80.30
N VAL I 84 -6.97 -18.80 80.28
CA VAL I 84 -8.00 -19.19 79.37
C VAL I 84 -9.01 -19.92 80.22
N TYR I 85 -10.24 -20.10 79.66
CA TYR I 85 -11.35 -20.68 80.36
C TYR I 85 -11.98 -21.53 79.28
N PRO I 86 -12.35 -22.79 79.50
CA PRO I 86 -12.51 -23.73 78.41
C PRO I 86 -13.91 -23.62 77.89
N PHE I 87 -14.04 -23.57 76.55
CA PHE I 87 -15.28 -23.52 75.84
C PHE I 87 -14.97 -24.24 74.57
N MET I 88 -16.00 -24.88 73.99
CA MET I 88 -15.84 -25.67 72.78
C MET I 88 -17.09 -25.50 71.98
N TRP I 89 -18.22 -25.17 72.65
CA TRP I 89 -19.45 -24.70 72.07
C TRP I 89 -20.33 -24.30 73.24
N GLY I 90 -19.75 -24.25 74.45
CA GLY I 90 -20.48 -23.96 75.66
C GLY I 90 -19.87 -24.73 76.78
N GLY I 91 -19.05 -25.76 76.45
CA GLY I 91 -18.64 -26.80 77.37
C GLY I 91 -17.49 -26.37 78.22
N ALA I 92 -16.81 -27.38 78.79
CA ALA I 92 -15.61 -27.19 79.56
C ALA I 92 -14.91 -28.51 79.51
N TYR I 93 -13.60 -28.53 79.82
CA TYR I 93 -12.87 -29.76 79.88
C TYR I 93 -11.72 -29.50 80.79
N CYS I 94 -12.01 -29.06 82.03
CA CYS I 94 -10.96 -28.89 83.00
C CYS I 94 -11.53 -28.92 84.37
N PHE I 95 -10.59 -29.12 85.32
CA PHE I 95 -10.87 -29.49 86.67
C PHE I 95 -10.46 -28.44 87.66
N CYS I 96 -10.35 -27.19 87.21
CA CYS I 96 -10.19 -26.07 88.09
C CYS I 96 -11.21 -25.07 87.67
N ASP I 97 -11.89 -24.47 88.69
CA ASP I 97 -13.08 -23.67 88.54
C ASP I 97 -12.92 -22.43 87.70
N THR I 98 -11.80 -21.70 87.86
CA THR I 98 -11.51 -20.55 87.02
C THR I 98 -10.03 -20.32 87.05
N GLU I 99 -9.25 -21.25 87.66
CA GLU I 99 -7.81 -21.21 87.65
C GLU I 99 -7.30 -21.85 86.38
N ASN I 100 -8.21 -22.60 85.68
CA ASN I 100 -8.14 -23.15 84.34
C ASN I 100 -6.87 -22.94 83.57
N THR I 101 -6.06 -24.02 83.52
CA THR I 101 -4.81 -24.10 82.83
C THR I 101 -5.15 -25.15 81.81
N GLN I 102 -4.61 -25.03 80.59
CA GLN I 102 -4.98 -25.88 79.50
C GLN I 102 -3.72 -26.27 78.82
N MET I 103 -3.48 -27.59 78.74
CA MET I 103 -2.29 -28.13 78.18
C MET I 103 -2.78 -28.72 76.90
N SER I 104 -2.40 -28.04 75.79
CA SER I 104 -2.74 -28.38 74.44
C SER I 104 -1.61 -29.23 73.95
N GLU I 105 -1.92 -30.29 73.17
CA GLU I 105 -0.90 -31.17 72.68
C GLU I 105 -1.25 -31.45 71.27
N ALA I 106 -0.21 -31.43 70.44
CA ALA I 106 -0.33 -31.77 69.06
C ALA I 106 1.03 -32.28 68.73
N TYR I 107 1.14 -33.44 68.06
CA TYR I 107 2.40 -33.95 67.61
C TYR I 107 2.32 -34.16 66.15
N VAL I 108 3.49 -34.28 65.49
CA VAL I 108 3.50 -34.55 64.08
C VAL I 108 3.48 -36.06 64.00
N GLU I 109 2.73 -36.57 63.01
CA GLU I 109 2.52 -37.97 62.84
C GLU I 109 2.42 -38.18 61.39
N ARG I 110 2.81 -39.38 60.95
CA ARG I 110 2.81 -39.78 59.58
C ARG I 110 1.45 -39.62 58.92
N SER I 111 1.51 -39.05 57.69
CA SER I 111 0.40 -38.87 56.80
C SER I 111 -0.12 -40.15 56.24
N GLU I 112 -1.28 -40.05 55.58
CA GLU I 112 -1.88 -41.06 54.76
C GLU I 112 -1.08 -41.25 53.48
N GLU I 113 -0.31 -40.20 53.03
CA GLU I 113 0.53 -40.24 51.85
C GLU I 113 1.74 -41.12 52.04
N CYS I 114 2.12 -41.43 53.30
CA CYS I 114 3.24 -42.29 53.62
C CYS I 114 3.10 -43.68 53.05
N SER I 115 1.85 -44.19 52.95
CA SER I 115 1.54 -45.50 52.39
C SER I 115 1.88 -45.60 50.92
N ILE I 116 1.75 -44.49 50.15
CA ILE I 116 1.75 -44.56 48.71
C ILE I 116 2.18 -43.22 48.20
N ASP I 117 3.37 -43.23 47.54
CA ASP I 117 4.09 -42.08 47.02
C ASP I 117 4.71 -41.42 48.21
N HIS I 118 5.95 -41.81 48.53
CA HIS I 118 6.55 -41.51 49.80
C HIS I 118 8.02 -41.56 49.60
N ALA I 119 8.75 -41.20 50.67
CA ALA I 119 10.18 -41.22 50.75
C ALA I 119 10.62 -42.30 51.69
N LYS I 120 11.82 -42.87 51.47
CA LYS I 120 12.28 -44.04 52.17
C LYS I 120 13.79 -44.13 52.15
N ALA I 121 14.45 -44.01 53.33
CA ALA I 121 15.88 -44.14 53.44
C ALA I 121 16.20 -45.61 53.53
N TYR I 122 17.50 -45.95 53.32
CA TYR I 122 17.94 -47.31 53.26
C TYR I 122 19.39 -47.35 53.60
N LYS I 123 19.82 -48.42 54.31
CA LYS I 123 21.21 -48.79 54.41
C LYS I 123 21.43 -49.80 53.32
N VAL I 124 22.30 -49.43 52.35
CA VAL I 124 22.53 -50.09 51.10
C VAL I 124 23.90 -50.67 51.21
N HIS I 125 24.02 -52.01 51.09
CA HIS I 125 25.28 -52.70 51.08
C HIS I 125 25.65 -52.86 49.64
N THR I 126 26.72 -52.13 49.24
CA THR I 126 27.07 -51.91 47.87
C THR I 126 28.07 -52.96 47.40
N GLY I 127 28.48 -53.88 48.29
CA GLY I 127 29.39 -54.95 47.93
C GLY I 127 28.61 -56.06 47.30
N THR I 128 27.33 -56.23 47.71
CA THR I 128 26.55 -57.42 47.48
C THR I 128 25.54 -57.11 46.41
N VAL I 129 26.03 -56.80 45.20
CA VAL I 129 25.26 -56.20 44.16
C VAL I 129 25.47 -57.02 42.92
N GLN I 130 24.41 -57.16 42.08
CA GLN I 130 24.38 -58.10 41.00
C GLN I 130 23.31 -57.67 40.04
N ALA I 131 23.35 -58.26 38.82
CA ALA I 131 22.48 -57.95 37.72
C ALA I 131 23.02 -58.75 36.58
N MET I 132 22.12 -59.57 35.98
CA MET I 132 22.29 -60.48 34.87
C MET I 132 23.34 -60.14 33.86
N VAL I 133 24.10 -61.18 33.41
CA VAL I 133 25.24 -60.99 32.58
C VAL I 133 25.09 -62.05 31.51
N ASN I 134 24.86 -61.60 30.27
CA ASN I 134 25.01 -62.38 29.06
C ASN I 134 26.47 -62.34 28.73
N ILE I 135 27.08 -63.46 28.31
CA ILE I 135 28.30 -63.44 27.54
C ILE I 135 27.94 -64.30 26.37
N THR I 136 27.92 -63.73 25.13
CA THR I 136 27.85 -64.57 23.95
C THR I 136 29.21 -65.14 23.76
N TYR I 137 29.32 -66.47 23.77
CA TYR I 137 30.59 -67.10 23.88
C TYR I 137 30.46 -68.35 23.08
N GLY I 138 31.49 -68.62 22.26
CA GLY I 138 31.74 -69.87 21.59
C GLY I 138 31.21 -69.72 20.22
N SER I 139 30.77 -70.85 19.62
CA SER I 139 29.92 -70.84 18.47
C SER I 139 28.49 -70.93 18.93
N VAL I 140 28.29 -71.18 20.27
CA VAL I 140 27.02 -71.18 20.95
C VAL I 140 26.38 -69.82 20.89
N SER I 141 27.21 -68.76 21.09
CA SER I 141 26.92 -67.37 20.89
C SER I 141 25.76 -66.83 21.69
N TRP I 142 25.67 -67.26 22.97
CA TRP I 142 24.73 -66.76 23.94
C TRP I 142 24.83 -67.71 25.09
N ARG I 143 24.99 -67.14 26.30
CA ARG I 143 24.77 -67.82 27.55
C ARG I 143 24.66 -66.73 28.57
N SER I 144 23.63 -66.76 29.45
CA SER I 144 23.41 -65.68 30.39
C SER I 144 23.34 -66.07 31.85
N ALA I 145 24.50 -66.00 32.56
CA ALA I 145 24.60 -66.38 33.95
C ALA I 145 24.62 -65.09 34.72
N ASP I 146 23.72 -64.93 35.71
CA ASP I 146 23.71 -63.76 36.56
C ASP I 146 24.79 -63.95 37.59
N VAL I 147 25.73 -62.98 37.62
CA VAL I 147 26.89 -63.01 38.45
C VAL I 147 26.96 -61.63 39.01
N TYR I 148 27.66 -61.50 40.16
CA TYR I 148 27.78 -60.26 40.85
C TYR I 148 28.49 -59.21 40.04
N VAL I 149 27.80 -58.06 39.94
CA VAL I 149 28.15 -56.82 39.30
C VAL I 149 29.38 -56.28 39.97
N ASN I 150 29.43 -56.38 41.32
CA ASN I 150 30.61 -56.08 42.09
C ASN I 150 31.19 -57.43 42.35
N GLY I 151 32.28 -57.77 41.61
CA GLY I 151 32.76 -59.13 41.47
C GLY I 151 33.08 -59.74 42.79
N GLU I 152 32.45 -60.90 43.06
CA GLU I 152 32.82 -61.75 44.16
C GLU I 152 32.15 -63.08 43.94
N THR I 153 31.28 -63.18 42.91
CA THR I 153 30.56 -64.39 42.62
C THR I 153 30.88 -64.77 41.20
N PRO I 154 31.66 -65.82 40.98
CA PRO I 154 31.72 -66.53 39.72
C PRO I 154 30.48 -67.38 39.60
N ALA I 155 29.90 -67.52 38.38
CA ALA I 155 28.89 -68.51 38.15
C ALA I 155 28.94 -68.80 36.70
N LYS I 156 28.51 -70.02 36.33
CA LYS I 156 28.58 -70.55 35.01
C LYS I 156 27.18 -70.90 34.65
N ILE I 157 26.87 -70.87 33.33
CA ILE I 157 25.62 -71.38 32.79
C ILE I 157 26.09 -72.13 31.58
N GLY I 158 26.69 -71.43 30.59
CA GLY I 158 26.98 -72.00 29.30
C GLY I 158 28.44 -72.33 29.23
N ASP I 159 29.03 -71.89 28.10
CA ASP I 159 30.44 -71.97 27.75
C ASP I 159 31.35 -71.33 28.75
N ALA I 160 30.93 -70.19 29.32
CA ALA I 160 31.79 -69.38 30.14
C ALA I 160 31.33 -69.41 31.55
N LYS I 161 32.33 -69.51 32.48
CA LYS I 161 32.15 -69.34 33.91
C LYS I 161 32.77 -68.01 34.09
N LEU I 162 32.05 -67.05 34.70
CA LEU I 162 32.30 -65.65 34.52
C LEU I 162 32.28 -64.88 35.78
N ILE I 163 33.31 -64.02 35.94
CA ILE I 163 33.43 -63.15 37.08
C ILE I 163 33.39 -61.83 36.37
N ILE I 164 32.56 -60.91 36.91
CA ILE I 164 32.19 -59.69 36.24
C ILE I 164 32.53 -58.61 37.20
N GLY I 165 32.98 -57.46 36.64
CA GLY I 165 33.14 -56.23 37.36
C GLY I 165 34.17 -56.32 38.45
N PRO I 166 34.23 -55.39 39.40
CA PRO I 166 33.35 -54.24 39.55
C PRO I 166 33.22 -53.35 38.35
N LEU I 167 31.98 -52.92 38.05
CA LEU I 167 31.62 -52.06 36.95
C LEU I 167 30.86 -50.93 37.57
N SER I 168 30.19 -50.09 36.77
CA SER I 168 29.52 -48.89 37.23
C SER I 168 28.53 -49.09 38.37
N SER I 169 27.69 -50.16 38.31
CA SER I 169 26.64 -50.37 39.28
C SER I 169 27.14 -51.22 40.43
N ALA I 170 28.48 -51.34 40.56
CA ALA I 170 29.12 -52.21 41.51
C ALA I 170 29.43 -51.39 42.71
N TRP I 171 30.11 -50.26 42.49
CA TRP I 171 30.43 -49.32 43.53
C TRP I 171 29.22 -48.44 43.74
N SER I 172 28.36 -48.35 42.70
CA SER I 172 26.99 -47.90 42.76
C SER I 172 26.92 -46.41 42.89
N PRO I 173 25.90 -45.72 42.37
CA PRO I 173 25.79 -44.27 42.49
C PRO I 173 25.49 -43.95 43.93
N PHE I 174 24.73 -44.85 44.58
CA PHE I 174 24.49 -44.96 45.98
C PHE I 174 25.75 -45.04 46.76
N ASP I 175 25.71 -44.43 47.96
CA ASP I 175 26.70 -44.58 48.99
C ASP I 175 26.20 -45.71 49.85
N ASN I 176 26.89 -46.01 50.97
CA ASN I 176 26.46 -46.99 51.95
C ASN I 176 25.14 -46.59 52.54
N LYS I 177 25.00 -45.29 52.85
CA LYS I 177 23.80 -44.71 53.39
C LYS I 177 23.11 -44.01 52.25
N VAL I 178 21.78 -44.22 52.12
CA VAL I 178 21.01 -43.81 50.96
C VAL I 178 19.74 -43.24 51.48
N VAL I 179 19.30 -42.15 50.83
CA VAL I 179 18.02 -41.53 51.00
C VAL I 179 17.23 -41.73 49.75
N VAL I 180 15.90 -41.82 49.84
CA VAL I 180 15.08 -41.88 48.64
C VAL I 180 13.98 -40.95 49.04
N TYR I 181 13.51 -40.13 48.10
CA TYR I 181 12.59 -39.06 48.33
C TYR I 181 11.82 -39.04 47.05
N GLY I 182 10.64 -39.71 47.00
CA GLY I 182 9.75 -39.61 45.86
C GLY I 182 10.43 -40.11 44.60
N HIS I 183 10.30 -39.32 43.51
CA HIS I 183 11.06 -39.44 42.28
C HIS I 183 12.56 -39.33 42.43
N GLU I 184 13.05 -38.42 43.31
CA GLU I 184 14.46 -38.19 43.50
C GLU I 184 15.06 -39.22 44.42
N VAL I 185 16.04 -39.99 43.91
CA VAL I 185 16.67 -41.06 44.63
C VAL I 185 18.00 -40.48 44.96
N TYR I 186 18.46 -40.58 46.23
CA TYR I 186 19.59 -39.84 46.76
C TYR I 186 20.63 -40.81 47.25
N ASN I 187 21.83 -40.66 46.66
CA ASN I 187 23.03 -41.36 47.04
C ASN I 187 23.45 -40.91 48.42
N TYR I 188 23.02 -39.67 48.80
CA TYR I 188 23.34 -38.98 50.02
C TYR I 188 22.87 -39.79 51.21
N ASP I 189 23.68 -39.78 52.28
CA ASP I 189 23.44 -40.46 53.53
C ASP I 189 22.15 -40.10 54.24
N PHE I 190 21.62 -41.07 55.01
CA PHE I 190 20.51 -40.89 55.90
C PHE I 190 21.17 -40.70 57.26
N PRO I 191 20.65 -39.89 58.19
CA PRO I 191 21.33 -39.62 59.45
C PRO I 191 21.28 -40.81 60.38
N GLU I 192 20.09 -41.46 60.51
CA GLU I 192 19.81 -42.67 61.27
C GLU I 192 18.46 -42.42 61.88
N TYR I 193 17.59 -43.46 61.87
CA TYR I 193 16.35 -43.55 62.62
C TYR I 193 16.50 -43.30 64.10
N GLY I 194 15.53 -42.53 64.67
CA GLY I 194 15.34 -42.41 66.10
C GLY I 194 16.25 -41.36 66.69
N THR I 195 16.81 -40.48 65.85
CA THR I 195 17.86 -39.58 66.26
C THR I 195 18.01 -38.53 65.17
N GLY I 196 17.04 -38.51 64.22
CA GLY I 196 17.12 -37.79 62.95
C GLY I 196 17.21 -36.30 63.12
N LYS I 197 17.51 -35.60 62.01
CA LYS I 197 17.73 -34.17 62.03
C LYS I 197 16.71 -33.53 61.15
N ALA I 198 16.05 -32.48 61.71
CA ALA I 198 14.98 -31.77 61.06
C ALA I 198 15.55 -30.60 60.33
N GLY I 199 14.92 -30.25 59.19
CA GLY I 199 15.39 -29.24 58.26
C GLY I 199 16.23 -29.91 57.21
N SER I 200 16.24 -31.26 57.21
CA SER I 200 16.93 -32.07 56.26
C SER I 200 16.20 -33.37 56.29
N PHE I 201 16.57 -34.31 55.39
CA PHE I 201 15.92 -35.59 55.29
C PHE I 201 16.27 -36.41 56.52
N GLY I 202 15.24 -36.77 57.29
CA GLY I 202 15.38 -37.48 58.54
C GLY I 202 14.61 -36.73 59.58
N ASP I 203 13.85 -35.68 59.17
CA ASP I 203 12.96 -34.94 60.01
C ASP I 203 11.88 -35.81 60.63
N LEU I 204 10.92 -36.32 59.83
CA LEU I 204 9.97 -37.31 60.25
C LEU I 204 10.58 -38.63 59.87
N GLN I 205 10.54 -39.60 60.79
CA GLN I 205 11.14 -40.88 60.57
C GLN I 205 10.21 -41.84 61.23
N SER I 206 9.31 -42.46 60.45
CA SER I 206 8.48 -43.54 60.96
C SER I 206 9.12 -44.75 60.36
N ARG I 207 9.29 -45.83 61.14
CA ARG I 207 9.90 -47.05 60.68
C ARG I 207 9.10 -47.69 59.57
N THR I 208 7.75 -47.69 59.74
CA THR I 208 6.82 -48.11 58.71
C THR I 208 5.76 -47.05 58.73
N SER I 209 5.12 -46.82 57.55
CA SER I 209 4.09 -45.84 57.34
C SER I 209 2.86 -46.08 58.18
N THR I 210 2.38 -47.35 58.25
CA THR I 210 1.23 -47.73 59.03
C THR I 210 1.42 -47.51 60.51
N SER I 211 2.61 -47.89 61.04
CA SER I 211 2.91 -47.90 62.45
C SER I 211 2.91 -46.50 63.02
N ASN I 212 2.52 -46.38 64.30
CA ASN I 212 2.47 -45.12 65.01
C ASN I 212 3.77 -44.93 65.74
N ASP I 213 4.71 -45.92 65.66
CA ASP I 213 6.05 -45.80 66.18
C ASP I 213 6.83 -44.96 65.20
N LEU I 214 7.47 -43.87 65.71
CA LEU I 214 8.19 -42.97 64.86
C LEU I 214 9.10 -42.14 65.71
N TYR I 215 9.71 -41.13 65.06
CA TYR I 215 10.48 -40.07 65.63
C TYR I 215 9.80 -38.88 65.02
N ALA I 216 9.22 -38.03 65.90
CA ALA I 216 8.32 -36.99 65.51
C ALA I 216 8.86 -35.69 66.00
N ASN I 217 9.81 -35.12 65.22
CA ASN I 217 10.18 -33.74 65.35
C ASN I 217 10.51 -33.30 63.96
N THR I 218 9.66 -32.40 63.39
CA THR I 218 9.96 -31.70 62.16
C THR I 218 9.99 -30.26 62.59
N ASN I 219 8.82 -29.62 62.74
CA ASN I 219 8.73 -28.25 63.14
C ASN I 219 7.27 -27.97 63.29
N LEU I 220 6.76 -28.28 64.51
CA LEU I 220 5.41 -28.01 64.91
C LEU I 220 5.55 -27.26 66.18
N LYS I 221 4.97 -26.04 66.21
CA LYS I 221 5.10 -25.14 67.32
C LYS I 221 3.74 -24.67 67.75
N LEU I 222 3.34 -25.08 68.98
CA LEU I 222 2.15 -24.60 69.63
C LEU I 222 2.47 -23.19 70.09
N GLN I 223 1.46 -22.29 70.05
CA GLN I 223 1.62 -20.92 70.46
C GLN I 223 0.41 -20.54 71.27
N ARG I 224 0.49 -19.37 71.93
CA ARG I 224 -0.49 -18.85 72.87
C ARG I 224 -1.82 -18.63 72.19
N PRO I 225 -2.95 -19.17 72.63
CA PRO I 225 -4.26 -18.89 72.08
C PRO I 225 -4.86 -17.74 72.88
N GLN I 226 -4.25 -16.54 72.77
CA GLN I 226 -4.53 -15.40 73.63
C GLN I 226 -5.94 -14.90 73.49
N ALA I 227 -6.49 -14.42 74.64
CA ALA I 227 -7.64 -13.55 74.80
C ALA I 227 -8.61 -14.13 75.79
N GLY I 228 -8.51 -15.45 76.10
CA GLY I 228 -9.29 -16.05 77.17
C GLY I 228 -10.05 -17.26 76.70
N ILE I 229 -9.87 -17.67 75.43
CA ILE I 229 -10.50 -18.86 74.89
C ILE I 229 -9.36 -19.74 74.47
N VAL I 230 -9.42 -21.03 74.89
CA VAL I 230 -8.41 -22.02 74.57
C VAL I 230 -8.72 -22.62 73.23
N HIS I 231 -7.64 -22.82 72.44
CA HIS I 231 -7.70 -23.64 71.26
C HIS I 231 -6.28 -24.06 71.03
N THR I 232 -6.05 -24.89 69.98
CA THR I 232 -4.76 -25.44 69.69
C THR I 232 -4.42 -24.82 68.35
N PRO I 233 -3.51 -23.86 68.25
CA PRO I 233 -3.02 -23.38 66.97
C PRO I 233 -1.86 -24.27 66.58
N PHE I 234 -1.72 -24.53 65.27
CA PHE I 234 -0.61 -25.29 64.73
C PHE I 234 0.20 -24.31 63.93
N THR I 235 1.46 -24.02 64.36
CA THR I 235 2.37 -23.21 63.56
C THR I 235 3.29 -24.25 62.98
N GLN I 236 3.33 -24.31 61.63
CA GLN I 236 3.83 -25.45 60.89
C GLN I 236 4.79 -24.95 59.86
N ALA I 237 5.62 -25.87 59.31
CA ALA I 237 6.53 -25.56 58.25
C ALA I 237 6.66 -26.78 57.36
N PRO I 238 7.12 -26.65 56.12
CA PRO I 238 7.59 -27.72 55.25
C PRO I 238 8.41 -28.83 55.88
N SER I 239 8.35 -30.01 55.25
CA SER I 239 8.73 -31.29 55.80
C SER I 239 9.52 -31.93 54.69
N GLY I 240 10.22 -33.05 54.97
CA GLY I 240 10.92 -33.86 53.99
C GLY I 240 10.03 -34.69 53.11
N PHE I 241 9.05 -34.04 52.44
CA PHE I 241 8.40 -34.59 51.28
C PHE I 241 7.72 -33.44 50.60
N GLU I 242 8.11 -32.19 50.91
CA GLU I 242 7.55 -31.04 50.26
C GLU I 242 8.58 -29.94 50.32
N ARG I 243 9.76 -30.25 50.87
CA ARG I 243 11.02 -29.61 50.60
C ARG I 243 11.99 -30.73 50.78
N TRP I 244 13.28 -30.47 50.50
CA TRP I 244 14.30 -31.46 50.23
C TRP I 244 14.11 -31.87 48.79
N LYS I 245 13.93 -30.84 47.93
CA LYS I 245 13.91 -30.99 46.51
C LYS I 245 14.20 -29.64 45.93
N ARG I 246 14.72 -28.74 46.79
CA ARG I 246 15.25 -27.46 46.43
C ARG I 246 16.01 -27.02 47.67
N ASP I 247 15.86 -27.77 48.79
CA ASP I 247 16.68 -27.70 49.97
C ASP I 247 17.55 -28.94 49.96
N LYS I 248 17.53 -29.66 48.82
CA LYS I 248 18.15 -30.94 48.58
C LYS I 248 19.64 -30.96 48.77
N GLY I 249 20.13 -32.14 49.22
CA GLY I 249 21.53 -32.49 49.27
C GLY I 249 21.95 -32.92 47.90
N ALA I 250 22.26 -34.22 47.73
CA ALA I 250 22.79 -34.73 46.49
C ALA I 250 21.84 -35.81 46.02
N PRO I 251 20.98 -35.55 45.03
CA PRO I 251 20.07 -36.56 44.54
C PRO I 251 20.90 -37.27 43.53
N LEU I 252 20.91 -38.61 43.52
CA LEU I 252 21.75 -39.39 42.66
C LEU I 252 21.36 -39.21 41.23
N ASN I 253 20.07 -38.89 40.95
CA ASN I 253 19.60 -38.61 39.62
C ASN I 253 19.91 -37.22 39.13
N ASP I 254 20.63 -36.42 39.93
CA ASP I 254 21.07 -35.12 39.51
C ASP I 254 22.53 -34.97 39.82
N VAL I 255 23.14 -35.96 40.48
CA VAL I 255 24.54 -35.90 40.85
C VAL I 255 24.84 -37.14 41.61
N ALA I 256 25.74 -37.96 41.03
CA ALA I 256 26.21 -39.17 41.62
C ALA I 256 27.10 -39.77 40.58
N PRO I 257 28.20 -40.41 40.95
CA PRO I 257 28.98 -41.21 40.03
C PRO I 257 28.20 -42.38 39.45
N PHE I 258 28.72 -42.94 38.35
CA PHE I 258 28.35 -44.17 37.72
C PHE I 258 27.20 -44.08 36.76
N GLY I 259 26.78 -42.86 36.41
CA GLY I 259 26.05 -42.55 35.21
C GLY I 259 24.76 -43.28 34.96
N CYS I 260 23.95 -43.38 36.02
CA CYS I 260 22.80 -44.23 36.10
C CYS I 260 21.60 -43.44 35.71
N SER I 261 20.41 -44.08 35.76
CA SER I 261 19.18 -43.40 35.57
C SER I 261 18.29 -43.75 36.71
N ILE I 262 17.26 -42.91 36.85
CA ILE I 262 16.32 -42.91 37.92
C ILE I 262 15.01 -42.66 37.24
N ALA I 263 13.89 -43.06 37.87
CA ALA I 263 12.58 -42.72 37.44
C ALA I 263 11.84 -42.49 38.72
N LEU I 264 11.69 -43.56 39.51
CA LEU I 264 11.26 -43.51 40.88
C LEU I 264 11.83 -44.81 41.39
N GLU I 265 13.18 -44.90 41.50
CA GLU I 265 13.86 -46.18 41.55
C GLU I 265 14.65 -46.25 42.84
N PRO I 266 14.16 -46.83 43.92
CA PRO I 266 14.91 -46.97 45.16
C PRO I 266 15.76 -48.20 45.06
N LEU I 267 16.90 -48.22 45.80
CA LEU I 267 17.78 -49.35 45.99
C LEU I 267 18.73 -49.53 44.86
N ARG I 268 18.19 -49.66 43.62
CA ARG I 268 18.95 -49.78 42.42
C ARG I 268 18.60 -48.56 41.65
N ALA I 269 19.55 -48.15 40.80
CA ALA I 269 19.47 -47.06 39.90
C ALA I 269 19.88 -47.66 38.62
N GLU I 270 18.90 -48.12 37.81
CA GLU I 270 19.14 -48.93 36.64
C GLU I 270 19.90 -48.10 35.64
N ASN I 271 20.73 -48.76 34.82
CA ASN I 271 21.20 -48.23 33.58
C ASN I 271 22.45 -47.40 33.78
N CYS I 272 23.26 -47.76 34.81
CA CYS I 272 24.53 -47.17 35.12
C CYS I 272 25.47 -47.35 33.97
N ALA I 273 26.22 -46.30 33.64
CA ALA I 273 27.07 -46.26 32.49
C ALA I 273 28.29 -45.55 32.95
N VAL I 274 29.48 -46.09 32.61
CA VAL I 274 30.81 -45.54 32.83
C VAL I 274 31.68 -46.73 33.02
N GLY I 275 32.98 -46.55 32.70
CA GLY I 275 34.04 -47.49 32.91
C GLY I 275 33.79 -48.75 32.16
N SER I 276 34.24 -49.87 32.77
CA SER I 276 34.24 -51.11 32.10
C SER I 276 33.85 -52.16 33.07
N ILE I 277 33.55 -53.33 32.48
CA ILE I 277 33.22 -54.51 33.19
C ILE I 277 34.41 -55.36 32.86
N PRO I 278 35.33 -55.67 33.76
CA PRO I 278 36.40 -56.56 33.42
C PRO I 278 35.83 -57.94 33.50
N ILE I 279 35.86 -58.70 32.38
CA ILE I 279 35.17 -59.96 32.33
C ILE I 279 36.30 -60.87 32.53
N SER I 280 36.07 -61.96 33.26
CA SER I 280 37.14 -62.89 33.44
C SER I 280 36.32 -64.09 33.36
N ILE I 281 36.80 -65.00 32.50
CA ILE I 281 36.07 -66.15 32.16
C ILE I 281 36.98 -67.30 32.34
N ASP I 282 36.42 -68.44 32.77
CA ASP I 282 37.07 -69.71 32.81
C ASP I 282 36.37 -70.47 31.73
N ILE I 283 37.13 -70.60 30.62
CA ILE I 283 36.70 -71.12 29.35
C ILE I 283 37.41 -72.45 29.20
N PRO I 284 36.71 -73.59 29.24
CA PRO I 284 37.20 -74.87 28.74
C PRO I 284 37.54 -74.76 27.27
N ASP I 285 38.53 -75.53 26.74
CA ASP I 285 38.88 -75.42 25.34
C ASP I 285 37.73 -75.78 24.41
N ALA I 286 36.81 -76.69 24.84
CA ALA I 286 35.60 -77.01 24.12
C ALA I 286 34.66 -75.84 23.95
N ALA I 287 34.59 -74.98 25.00
CA ALA I 287 33.82 -73.76 25.03
C ALA I 287 34.42 -72.71 24.14
N PHE I 288 35.74 -72.85 23.84
CA PHE I 288 36.47 -72.03 22.93
C PHE I 288 36.29 -72.66 21.57
N THR I 289 36.54 -71.87 20.50
CA THR I 289 36.48 -72.38 19.15
C THR I 289 37.87 -72.61 18.61
N ARG I 290 38.06 -73.77 17.93
CA ARG I 290 39.29 -74.19 17.28
C ARG I 290 39.57 -73.29 16.12
N ILE I 291 40.86 -73.25 15.72
CA ILE I 291 41.39 -72.38 14.69
C ILE I 291 40.75 -72.71 13.37
N SER I 292 40.29 -73.98 13.19
CA SER I 292 39.70 -74.46 11.97
C SER I 292 38.25 -74.79 12.17
N GLU I 293 37.78 -74.97 13.45
CA GLU I 293 36.39 -75.28 13.79
C GLU I 293 35.52 -74.14 13.37
N THR I 294 35.96 -72.92 13.74
CA THR I 294 35.47 -71.70 13.23
C THR I 294 36.66 -71.33 12.38
N PRO I 295 36.51 -71.14 11.07
CA PRO I 295 37.60 -70.93 10.13
C PRO I 295 38.71 -70.04 10.54
N THR I 296 39.90 -70.27 9.95
CA THR I 296 40.98 -69.32 9.97
C THR I 296 40.60 -68.43 8.83
N VAL I 297 40.37 -67.13 9.12
CA VAL I 297 39.58 -66.27 8.26
C VAL I 297 40.59 -65.46 7.52
N SER I 298 41.33 -66.15 6.64
CA SER I 298 42.58 -65.69 6.11
C SER I 298 42.35 -65.34 4.67
N ASP I 299 42.92 -64.17 4.28
CA ASP I 299 42.74 -63.49 3.02
C ASP I 299 41.42 -62.74 3.02
N LEU I 300 40.88 -62.46 4.23
CA LEU I 300 39.61 -61.79 4.41
C LEU I 300 39.72 -60.35 4.03
N GLU I 301 38.55 -59.71 3.89
CA GLU I 301 38.51 -58.29 3.69
C GLU I 301 37.19 -57.87 4.24
N CYS I 302 37.18 -56.69 4.86
CA CYS I 302 36.02 -56.00 5.32
C CYS I 302 36.26 -54.68 4.68
N LYS I 303 35.20 -54.00 4.20
CA LYS I 303 35.45 -52.80 3.46
C LYS I 303 34.25 -51.92 3.46
N ILE I 304 34.48 -50.71 2.88
CA ILE I 304 33.54 -49.71 2.46
C ILE I 304 32.21 -50.25 1.99
N THR I 305 31.13 -49.67 2.52
CA THR I 305 29.82 -49.92 2.01
C THR I 305 28.99 -48.80 2.54
N GLU I 306 29.51 -48.06 3.56
CA GLU I 306 28.94 -46.83 4.08
C GLU I 306 27.58 -47.07 4.68
N CYS I 307 26.96 -46.03 5.27
CA CYS I 307 25.73 -46.18 6.01
C CYS I 307 25.34 -44.83 6.55
N THR I 308 24.61 -44.89 7.69
CA THR I 308 24.25 -43.81 8.56
C THR I 308 24.44 -44.48 9.89
N TYR I 309 25.16 -43.83 10.83
CA TYR I 309 25.67 -44.50 12.00
C TYR I 309 24.90 -44.06 13.21
N ALA I 310 24.70 -45.03 14.12
CA ALA I 310 23.79 -44.94 15.22
C ALA I 310 24.40 -45.81 16.26
N SER I 311 24.19 -45.43 17.55
CA SER I 311 24.78 -46.02 18.71
C SER I 311 24.40 -47.47 18.88
N ASP I 312 23.11 -47.77 18.60
CA ASP I 312 22.49 -49.08 18.58
C ASP I 312 23.23 -50.13 17.81
N PHE I 313 23.20 -50.07 16.46
CA PHE I 313 23.75 -51.06 15.56
C PHE I 313 23.71 -50.45 14.18
N GLY I 314 23.96 -49.12 14.09
CA GLY I 314 23.87 -48.37 12.86
C GLY I 314 25.00 -48.59 11.89
N GLY I 315 26.23 -48.89 12.38
CA GLY I 315 27.36 -49.09 11.51
C GLY I 315 27.25 -50.36 10.73
N ILE I 316 27.48 -50.30 9.39
CA ILE I 316 27.56 -51.47 8.56
C ILE I 316 28.78 -51.31 7.71
N ALA I 317 29.23 -52.46 7.19
CA ALA I 317 30.39 -52.59 6.39
C ALA I 317 30.19 -53.92 5.75
N THR I 318 30.19 -53.98 4.40
CA THR I 318 30.17 -55.25 3.70
C THR I 318 31.48 -55.91 3.98
N VAL I 319 31.48 -57.26 3.93
CA VAL I 319 32.68 -57.96 4.26
C VAL I 319 32.79 -59.03 3.24
N ALA I 320 33.87 -59.01 2.45
CA ALA I 320 34.27 -60.13 1.64
C ALA I 320 34.93 -61.13 2.57
N TYR I 321 34.13 -61.95 3.30
CA TYR I 321 34.65 -62.92 4.23
C TYR I 321 35.27 -64.02 3.44
N LYS I 322 36.59 -64.17 3.60
CA LYS I 322 37.38 -65.12 2.88
C LYS I 322 38.19 -65.82 3.90
N SER I 323 38.26 -67.16 3.77
CA SER I 323 38.71 -68.04 4.81
C SER I 323 39.35 -69.21 4.15
N SER I 324 39.98 -70.09 4.96
CA SER I 324 40.57 -71.33 4.51
C SER I 324 39.74 -72.51 4.94
N LYS I 325 38.64 -72.25 5.67
CA LYS I 325 37.63 -73.25 5.96
C LYS I 325 36.33 -72.49 5.88
N ALA I 326 35.18 -73.20 5.92
CA ALA I 326 33.90 -72.55 5.93
C ALA I 326 33.18 -73.04 7.16
N GLY I 327 32.45 -72.14 7.85
CA GLY I 327 31.70 -72.51 9.03
C GLY I 327 31.26 -71.27 9.74
N ASN I 328 31.08 -71.40 11.08
CA ASN I 328 30.62 -70.36 11.96
C ASN I 328 31.83 -69.59 12.42
N CYS I 329 31.63 -68.35 12.93
CA CYS I 329 32.74 -67.54 13.32
C CYS I 329 32.27 -66.55 14.33
N PRO I 330 32.50 -66.61 15.64
CA PRO I 330 32.13 -65.49 16.49
C PRO I 330 32.99 -64.31 16.14
N ILE I 331 32.45 -63.08 16.23
CA ILE I 331 33.18 -61.93 15.78
C ILE I 331 33.01 -60.88 16.81
N HIS I 332 34.03 -60.02 16.91
CA HIS I 332 33.96 -58.78 17.61
C HIS I 332 35.27 -58.16 17.28
N SER I 333 35.38 -56.81 17.27
CA SER I 333 36.62 -56.04 17.25
C SER I 333 37.66 -56.62 18.20
N PRO I 334 38.97 -56.58 17.97
CA PRO I 334 40.00 -57.12 18.86
C PRO I 334 39.82 -56.97 20.35
N SER I 335 39.34 -55.81 20.83
CA SER I 335 38.94 -55.62 22.21
C SER I 335 37.69 -54.81 22.15
N GLY I 336 36.98 -54.71 23.30
CA GLY I 336 35.72 -54.02 23.43
C GLY I 336 35.76 -52.58 23.04
N VAL I 337 35.18 -52.27 21.85
CA VAL I 337 35.05 -50.94 21.32
C VAL I 337 33.82 -50.92 20.45
N ALA I 338 33.11 -52.07 20.36
CA ALA I 338 31.98 -52.20 19.48
C ALA I 338 31.09 -53.25 20.04
N VAL I 339 29.81 -53.18 19.65
CA VAL I 339 28.79 -54.13 19.97
C VAL I 339 28.46 -54.64 18.62
N ILE I 340 28.41 -55.96 18.40
CA ILE I 340 28.23 -56.43 17.05
C ILE I 340 26.87 -57.01 17.16
N LYS I 341 26.04 -56.74 16.12
CA LYS I 341 24.66 -57.17 16.04
C LYS I 341 24.69 -58.66 15.82
N GLU I 342 25.56 -59.08 14.88
CA GLU I 342 25.78 -60.45 14.57
C GLU I 342 26.84 -60.90 15.53
N ASN I 343 26.43 -61.73 16.52
CA ASN I 343 27.35 -62.33 17.45
C ASN I 343 28.35 -63.18 16.72
N ASP I 344 27.83 -63.96 15.76
CA ASP I 344 28.62 -64.86 14.97
C ASP I 344 28.10 -64.67 13.57
N VAL I 345 29.03 -64.77 12.61
CA VAL I 345 28.82 -64.54 11.21
C VAL I 345 29.33 -65.76 10.52
N THR I 346 28.57 -66.26 9.52
CA THR I 346 28.95 -67.38 8.71
C THR I 346 29.94 -66.90 7.68
N LEU I 347 30.86 -67.80 7.29
CA LEU I 347 31.97 -67.47 6.45
C LEU I 347 32.03 -68.56 5.45
N ALA I 348 32.08 -68.14 4.18
CA ALA I 348 32.44 -68.96 3.06
C ALA I 348 33.83 -68.53 2.70
N GLU I 349 34.50 -69.36 1.86
CA GLU I 349 35.83 -69.10 1.41
C GLU I 349 35.70 -68.35 0.13
N SER I 350 35.76 -66.99 0.23
CA SER I 350 35.81 -66.01 -0.85
C SER I 350 34.43 -65.43 -1.03
N GLY I 351 33.47 -65.76 -0.15
CA GLY I 351 32.14 -65.18 -0.13
C GLY I 351 32.16 -63.74 0.32
N SER I 352 30.95 -63.17 0.50
CA SER I 352 30.83 -61.85 1.03
C SER I 352 29.51 -61.84 1.73
N PHE I 353 29.49 -61.26 2.94
CA PHE I 353 28.34 -61.17 3.78
C PHE I 353 28.56 -59.86 4.48
N THR I 354 27.62 -58.90 4.37
CA THR I 354 27.67 -57.68 5.16
C THR I 354 27.21 -58.05 6.54
N PHE I 355 27.74 -57.39 7.58
CA PHE I 355 27.23 -57.57 8.92
C PHE I 355 26.82 -56.23 9.44
N HIS I 356 26.16 -56.25 10.63
CA HIS I 356 25.77 -55.08 11.36
C HIS I 356 26.55 -55.05 12.62
N PHE I 357 26.78 -53.83 13.12
CA PHE I 357 27.50 -53.60 14.33
C PHE I 357 27.17 -52.19 14.72
N SER I 358 27.82 -51.75 15.80
CA SER I 358 27.85 -50.42 16.30
C SER I 358 29.17 -50.42 16.94
N THR I 359 29.85 -49.30 16.95
CA THR I 359 31.19 -49.24 17.45
C THR I 359 31.10 -48.12 18.41
N ALA I 360 30.96 -46.93 17.86
CA ALA I 360 30.80 -45.68 18.52
C ALA I 360 31.15 -44.69 17.47
N ASN I 361 32.12 -45.06 16.60
CA ASN I 361 32.58 -44.21 15.55
C ASN I 361 31.53 -43.96 14.53
N ILE I 362 31.33 -42.66 14.23
CA ILE I 362 30.35 -42.14 13.34
C ILE I 362 30.64 -42.63 11.95
N HIS I 363 31.93 -42.64 11.54
CA HIS I 363 32.36 -43.22 10.30
C HIS I 363 32.96 -44.50 10.77
N PRO I 364 32.47 -45.69 10.46
CA PRO I 364 32.98 -46.87 11.09
C PRO I 364 34.14 -47.48 10.40
N ALA I 365 35.36 -47.02 10.74
CA ALA I 365 36.59 -47.70 10.39
C ALA I 365 37.02 -48.34 11.67
N PHE I 366 36.31 -49.41 12.07
CA PHE I 366 36.53 -50.15 13.29
C PHE I 366 37.02 -51.50 12.88
N LYS I 367 38.02 -52.05 13.59
CA LYS I 367 38.45 -53.40 13.36
C LYS I 367 37.41 -54.40 13.80
N LEU I 368 37.39 -55.57 13.15
CA LEU I 368 36.54 -56.68 13.47
C LEU I 368 37.48 -57.84 13.47
N GLN I 369 37.52 -58.61 14.58
CA GLN I 369 38.42 -59.71 14.78
C GLN I 369 37.60 -60.94 14.59
N VAL I 370 37.67 -61.42 13.33
CA VAL I 370 36.85 -62.45 12.75
C VAL I 370 37.56 -63.75 13.00
N CYS I 371 37.34 -64.38 14.19
CA CYS I 371 37.80 -65.68 14.66
C CYS I 371 39.10 -66.17 14.02
N THR I 372 40.15 -65.34 14.16
CA THR I 372 41.47 -65.42 13.62
C THR I 372 41.45 -64.51 12.42
N SER I 373 41.98 -63.29 12.61
CA SER I 373 42.30 -62.28 11.63
C SER I 373 41.39 -61.11 11.80
N ALA I 374 42.00 -59.95 12.15
CA ALA I 374 41.35 -58.67 12.31
C ALA I 374 41.27 -58.05 10.93
N VAL I 375 40.30 -57.13 10.72
CA VAL I 375 40.13 -56.51 9.43
C VAL I 375 39.30 -55.28 9.65
N THR I 376 39.61 -54.16 8.93
CA THR I 376 38.90 -52.91 9.10
C THR I 376 37.67 -52.97 8.25
N CYS I 377 36.54 -52.84 8.97
CA CYS I 377 35.18 -52.88 8.54
C CYS I 377 34.71 -51.49 8.35
N LYS I 378 35.41 -50.81 7.42
CA LYS I 378 35.27 -49.45 7.01
C LYS I 378 33.90 -49.13 6.47
N GLY I 379 33.50 -47.86 6.65
CA GLY I 379 32.31 -47.28 6.12
C GLY I 379 32.45 -45.84 6.48
N ASP I 380 31.75 -44.96 5.75
CA ASP I 380 31.75 -43.53 5.94
C ASP I 380 30.29 -43.24 6.06
N CYS I 381 29.85 -42.88 7.28
CA CYS I 381 28.46 -42.88 7.59
C CYS I 381 28.18 -41.61 8.32
N LYS I 382 27.18 -40.84 7.85
CA LYS I 382 26.86 -39.57 8.45
C LYS I 382 25.72 -39.92 9.36
N PRO I 383 25.70 -39.50 10.62
CA PRO I 383 24.72 -39.95 11.57
C PRO I 383 23.50 -39.06 11.52
N PRO I 384 22.44 -39.36 12.29
CA PRO I 384 21.31 -38.48 12.51
C PRO I 384 21.68 -37.12 13.06
N LYS I 385 20.70 -36.19 13.08
CA LYS I 385 20.95 -34.78 13.36
C LYS I 385 20.67 -34.50 14.82
N ASP I 386 20.33 -35.55 15.61
CA ASP I 386 19.67 -35.37 16.87
C ASP I 386 19.93 -36.67 17.58
N HIS I 387 20.04 -36.65 18.93
CA HIS I 387 20.65 -37.72 19.68
C HIS I 387 20.27 -37.48 21.12
N ILE I 388 18.95 -37.42 21.39
CA ILE I 388 18.37 -37.23 22.71
C ILE I 388 17.96 -38.51 23.42
N VAL I 389 18.11 -39.71 22.83
CA VAL I 389 17.58 -40.94 23.41
C VAL I 389 18.67 -41.59 24.20
N ASP I 390 18.30 -42.39 25.25
CA ASP I 390 19.13 -42.80 26.39
C ASP I 390 20.50 -43.32 26.05
N TYR I 391 21.42 -43.21 27.05
CA TYR I 391 22.85 -43.47 27.11
C TYR I 391 23.33 -44.53 26.14
N PRO I 392 24.51 -44.41 25.50
CA PRO I 392 24.84 -45.16 24.29
C PRO I 392 24.68 -46.64 24.36
N ALA I 393 24.38 -47.26 23.21
CA ALA I 393 24.36 -48.69 23.05
C ALA I 393 25.63 -49.10 22.37
N GLN I 394 26.63 -48.20 22.39
CA GLN I 394 27.91 -48.34 21.75
C GLN I 394 28.77 -49.12 22.67
N HIS I 395 28.47 -49.03 23.99
CA HIS I 395 29.00 -49.77 25.11
C HIS I 395 30.28 -49.17 25.58
N THR I 396 31.12 -48.76 24.62
CA THR I 396 32.46 -48.36 24.85
C THR I 396 32.42 -46.96 25.32
N GLU I 397 33.43 -46.60 26.15
CA GLU I 397 33.62 -45.32 26.76
C GLU I 397 34.25 -44.50 25.67
N SER I 398 33.38 -44.06 24.75
CA SER I 398 33.75 -43.49 23.50
C SER I 398 33.42 -42.05 23.44
N PHE I 399 32.58 -41.54 24.38
CA PHE I 399 32.26 -40.14 24.49
C PHE I 399 31.84 -39.55 23.18
N THR I 400 30.91 -40.24 22.49
CA THR I 400 30.58 -39.97 21.11
C THR I 400 29.92 -38.59 20.95
N ASP J 1 -20.20 -45.74 47.85
CA ASP J 1 -19.96 -44.84 49.01
C ASP J 1 -21.20 -44.81 49.86
N LEU J 2 -21.09 -45.31 51.11
CA LEU J 2 -22.13 -45.15 52.09
C LEU J 2 -21.45 -45.35 53.42
N ASP J 3 -20.88 -46.55 53.62
CA ASP J 3 -20.40 -46.98 54.89
C ASP J 3 -19.48 -48.11 54.55
N THR J 4 -18.44 -47.78 53.73
CA THR J 4 -17.48 -48.72 53.19
C THR J 4 -16.71 -49.41 54.29
N HIS J 5 -16.30 -48.64 55.33
CA HIS J 5 -15.66 -49.17 56.49
C HIS J 5 -16.52 -48.77 57.64
N PHE J 6 -17.19 -49.79 58.23
CA PHE J 6 -17.93 -49.66 59.46
C PHE J 6 -17.00 -49.57 60.64
N THR J 7 -15.67 -49.75 60.43
CA THR J 7 -14.62 -49.36 61.34
C THR J 7 -14.74 -47.93 61.80
N GLN J 8 -14.71 -46.97 60.85
CA GLN J 8 -14.83 -45.59 61.20
C GLN J 8 -16.25 -45.17 61.49
N TYR J 9 -17.16 -45.41 60.51
CA TYR J 9 -18.48 -44.83 60.47
C TYR J 9 -19.39 -45.12 61.62
N LYS J 10 -19.66 -46.44 61.86
CA LYS J 10 -20.53 -46.95 62.90
C LYS J 10 -20.03 -46.56 64.25
N LEU J 11 -18.69 -46.58 64.38
CA LEU J 11 -17.99 -46.48 65.63
C LEU J 11 -17.52 -45.04 65.73
N ALA J 12 -18.31 -44.12 65.15
CA ALA J 12 -18.09 -42.70 65.21
C ALA J 12 -19.43 -42.07 65.40
N ARG J 13 -19.39 -40.81 65.86
CA ARG J 13 -20.54 -40.01 66.19
C ARG J 13 -19.99 -38.62 66.15
N PRO J 14 -20.76 -37.55 66.07
CA PRO J 14 -20.24 -36.19 66.14
C PRO J 14 -19.55 -35.91 67.45
N TYR J 15 -18.67 -34.89 67.48
CA TYR J 15 -17.97 -34.54 68.67
C TYR J 15 -17.90 -33.05 68.57
N ILE J 16 -17.53 -32.38 69.68
CA ILE J 16 -17.41 -30.95 69.68
C ILE J 16 -16.10 -30.61 70.35
N ALA J 17 -15.35 -29.71 69.68
CA ALA J 17 -14.07 -29.24 70.10
C ALA J 17 -14.10 -27.79 69.70
N ASP J 18 -13.17 -26.96 70.23
CA ASP J 18 -13.26 -25.52 70.08
C ASP J 18 -12.76 -25.17 68.71
N CYS J 19 -13.37 -24.14 68.07
CA CYS J 19 -12.97 -23.64 66.78
C CYS J 19 -11.68 -22.87 66.91
N PRO J 20 -10.56 -23.20 66.24
CA PRO J 20 -9.29 -22.53 66.50
C PRO J 20 -9.25 -21.15 65.90
N ASN J 21 -9.82 -20.99 64.68
CA ASN J 21 -9.85 -19.73 63.99
C ASN J 21 -11.19 -19.73 63.31
N CYS J 22 -11.90 -18.59 63.38
CA CYS J 22 -13.30 -18.53 62.98
C CYS J 22 -13.41 -17.76 61.69
N GLY J 23 -12.35 -16.99 61.34
CA GLY J 23 -12.31 -16.15 60.17
C GLY J 23 -11.88 -14.78 60.59
N HIS J 24 -11.50 -14.62 61.88
CA HIS J 24 -10.97 -13.38 62.40
C HIS J 24 -9.90 -13.75 63.37
N SER J 25 -10.27 -14.45 64.46
CA SER J 25 -9.39 -14.67 65.57
C SER J 25 -9.73 -16.04 66.11
N ARG J 26 -10.92 -16.20 66.72
CA ARG J 26 -11.35 -17.45 67.30
C ARG J 26 -12.82 -17.34 67.59
N CYS J 27 -13.51 -18.50 67.72
CA CYS J 27 -14.86 -18.56 68.20
C CYS J 27 -15.01 -19.92 68.83
N ASP J 28 -16.23 -20.49 68.75
CA ASP J 28 -16.51 -21.85 69.12
C ASP J 28 -17.47 -22.35 68.09
N SER J 29 -17.37 -23.66 67.73
CA SER J 29 -18.22 -24.24 66.72
C SER J 29 -18.35 -25.71 67.04
N PRO J 30 -19.48 -26.36 66.74
CA PRO J 30 -19.64 -27.80 66.82
C PRO J 30 -19.06 -28.52 65.64
N ILE J 31 -18.43 -27.80 64.68
CA ILE J 31 -17.93 -28.33 63.44
C ILE J 31 -16.45 -28.06 63.35
N ALA J 32 -15.80 -27.59 64.45
CA ALA J 32 -14.40 -27.22 64.53
C ALA J 32 -13.41 -28.04 63.73
N ILE J 33 -12.55 -27.35 62.96
CA ILE J 33 -11.74 -27.97 61.94
C ILE J 33 -10.43 -28.44 62.52
N GLU J 34 -10.20 -29.76 62.35
CA GLU J 34 -8.96 -30.43 62.64
C GLU J 34 -8.55 -31.06 61.34
N GLU J 35 -7.29 -31.54 61.26
CA GLU J 35 -6.77 -32.42 60.23
C GLU J 35 -7.15 -32.05 58.81
N VAL J 36 -6.70 -30.88 58.29
CA VAL J 36 -6.89 -30.59 56.89
C VAL J 36 -5.88 -31.37 56.11
N ARG J 37 -6.36 -32.01 55.04
CA ARG J 37 -5.60 -32.88 54.22
C ARG J 37 -5.87 -32.55 52.81
N GLY J 38 -5.13 -31.59 52.27
CA GLY J 38 -5.14 -31.21 50.89
C GLY J 38 -3.84 -31.70 50.35
N ASP J 39 -3.19 -32.66 51.07
CA ASP J 39 -1.84 -33.14 50.86
C ASP J 39 -1.67 -33.70 49.48
N ALA J 40 -2.72 -34.38 48.97
CA ALA J 40 -2.77 -34.84 47.60
C ALA J 40 -2.69 -33.67 46.66
N HIS J 41 -1.91 -33.83 45.57
CA HIS J 41 -1.64 -32.74 44.66
C HIS J 41 -2.73 -32.83 43.65
N ALA J 42 -3.82 -32.08 43.91
CA ALA J 42 -5.10 -32.39 43.35
C ALA J 42 -5.98 -31.21 43.61
N GLY J 43 -7.23 -31.27 43.08
CA GLY J 43 -8.18 -30.18 43.14
C GLY J 43 -9.08 -30.36 44.33
N VAL J 44 -8.91 -31.49 45.07
CA VAL J 44 -9.84 -31.94 46.08
C VAL J 44 -9.11 -31.73 47.38
N ILE J 45 -9.89 -31.37 48.43
CA ILE J 45 -9.36 -31.21 49.76
C ILE J 45 -10.25 -32.02 50.67
N ARG J 46 -9.60 -32.78 51.57
CA ARG J 46 -10.15 -33.53 52.67
C ARG J 46 -10.08 -32.67 53.89
N ILE J 47 -11.20 -32.55 54.63
CA ILE J 47 -11.37 -31.68 55.77
C ILE J 47 -11.85 -32.59 56.86
N GLN J 48 -11.58 -32.27 58.15
CA GLN J 48 -12.28 -32.92 59.23
C GLN J 48 -13.04 -31.82 59.90
N THR J 49 -14.39 -31.88 59.91
CA THR J 49 -15.21 -31.21 60.89
C THR J 49 -15.21 -32.00 62.17
N SER J 50 -15.41 -31.34 63.33
CA SER J 50 -15.67 -32.00 64.60
C SER J 50 -16.91 -32.82 64.54
N ALA J 51 -17.93 -32.24 63.87
CA ALA J 51 -19.14 -32.90 63.51
C ALA J 51 -18.89 -34.08 62.62
N MET J 52 -19.69 -35.14 62.81
CA MET J 52 -19.59 -36.34 62.02
C MET J 52 -20.81 -36.19 61.16
N PHE J 53 -20.64 -35.51 60.00
CA PHE J 53 -21.69 -35.49 59.01
C PHE J 53 -21.49 -36.77 58.25
N GLY J 54 -22.45 -37.11 57.37
CA GLY J 54 -22.37 -38.34 56.65
C GLY J 54 -23.69 -38.92 56.95
N LEU J 55 -23.56 -40.18 57.39
CA LEU J 55 -24.47 -40.91 58.23
C LEU J 55 -24.50 -40.14 59.54
N LYS J 56 -25.69 -40.03 60.17
CA LYS J 56 -25.88 -39.18 61.34
C LYS J 56 -24.99 -39.53 62.51
N THR J 57 -24.97 -40.83 62.85
CA THR J 57 -24.09 -41.44 63.81
C THR J 57 -24.22 -42.94 63.57
N ASP J 58 -25.05 -43.28 62.57
CA ASP J 58 -25.57 -44.59 62.29
C ASP J 58 -24.92 -45.12 61.04
N GLY J 59 -25.73 -45.73 60.14
CA GLY J 59 -25.28 -46.54 59.05
C GLY J 59 -25.87 -46.06 57.75
N VAL J 60 -26.76 -45.03 57.80
CA VAL J 60 -27.61 -44.68 56.68
C VAL J 60 -27.55 -43.19 56.50
N ASP J 61 -27.71 -42.74 55.22
CA ASP J 61 -28.04 -41.39 54.83
C ASP J 61 -26.77 -40.59 54.72
N LEU J 62 -25.87 -41.02 53.79
CA LEU J 62 -24.70 -40.29 53.38
C LEU J 62 -25.05 -38.94 52.78
N ALA J 63 -24.19 -37.94 53.07
CA ALA J 63 -24.30 -36.56 52.66
C ALA J 63 -25.49 -35.88 53.27
N TYR J 64 -25.79 -36.21 54.54
CA TYR J 64 -26.68 -35.47 55.40
C TYR J 64 -25.73 -34.74 56.31
N MET J 65 -26.23 -34.00 57.32
CA MET J 65 -25.40 -33.06 58.03
C MET J 65 -25.93 -33.16 59.43
N SER J 66 -25.12 -33.84 60.27
CA SER J 66 -25.31 -34.06 61.68
C SER J 66 -24.15 -33.50 62.43
N PHE J 67 -24.32 -32.37 63.14
CA PHE J 67 -23.32 -31.99 64.09
C PHE J 67 -23.90 -32.18 65.45
N MET J 68 -23.08 -31.97 66.51
CA MET J 68 -23.48 -32.12 67.87
C MET J 68 -23.82 -30.79 68.46
N ASN J 69 -25.04 -30.67 69.03
CA ASN J 69 -25.37 -29.57 69.89
C ASN J 69 -25.78 -30.35 71.11
N GLY J 70 -25.06 -30.13 72.22
CA GLY J 70 -25.14 -31.00 73.38
C GLY J 70 -24.47 -32.32 73.07
N LYS J 71 -25.12 -33.41 73.52
CA LYS J 71 -24.82 -34.76 73.10
C LYS J 71 -25.74 -35.17 71.98
N THR J 72 -26.59 -34.24 71.49
CA THR J 72 -27.72 -34.55 70.67
C THR J 72 -27.26 -34.18 69.29
N GLN J 73 -27.89 -34.77 68.25
CA GLN J 73 -27.61 -34.47 66.87
C GLN J 73 -28.17 -33.13 66.49
N LYS J 74 -27.92 -32.72 65.24
CA LYS J 74 -28.62 -31.64 64.60
C LYS J 74 -28.56 -32.08 63.19
N SER J 75 -29.57 -32.89 62.85
CA SER J 75 -29.72 -33.65 61.64
C SER J 75 -30.45 -32.79 60.65
N ILE J 76 -29.70 -32.03 59.80
CA ILE J 76 -30.30 -31.03 58.96
C ILE J 76 -29.67 -31.21 57.60
N LYS J 77 -29.94 -30.24 56.69
CA LYS J 77 -29.60 -30.29 55.31
C LYS J 77 -28.15 -30.04 55.03
N ILE J 78 -27.70 -30.61 53.89
CA ILE J 78 -26.33 -30.64 53.47
C ILE J 78 -26.09 -29.47 52.54
N ASP J 79 -27.15 -28.66 52.34
CA ASP J 79 -27.20 -27.66 51.30
C ASP J 79 -27.09 -26.36 52.09
N ASN J 80 -27.07 -26.51 53.44
CA ASN J 80 -27.05 -25.49 54.45
C ASN J 80 -25.67 -25.59 55.04
N LEU J 81 -24.96 -26.74 54.81
CA LEU J 81 -23.53 -26.87 54.96
C LEU J 81 -22.93 -26.07 53.86
N HIS J 82 -21.76 -25.45 54.11
CA HIS J 82 -21.03 -24.81 53.06
C HIS J 82 -19.60 -25.06 53.43
N VAL J 83 -18.96 -25.98 52.68
CA VAL J 83 -17.51 -26.03 52.58
C VAL J 83 -17.20 -24.97 51.53
N ARG J 84 -16.07 -24.27 51.71
CA ARG J 84 -15.67 -23.21 50.80
C ARG J 84 -14.19 -23.01 50.99
N THR J 85 -13.59 -22.25 50.06
CA THR J 85 -12.17 -22.00 50.01
C THR J 85 -12.01 -20.56 49.57
N SER J 86 -11.97 -20.31 48.23
CA SER J 86 -12.04 -18.99 47.66
C SER J 86 -13.40 -18.76 47.07
N ALA J 87 -14.20 -19.84 46.97
CA ALA J 87 -15.60 -19.77 46.67
C ALA J 87 -16.12 -21.09 47.18
N PRO J 88 -17.41 -21.25 47.48
CA PRO J 88 -18.02 -22.52 47.86
C PRO J 88 -17.57 -23.72 47.08
N CYS J 89 -17.22 -24.81 47.82
CA CYS J 89 -16.78 -26.06 47.27
C CYS J 89 -18.01 -26.84 46.94
N SER J 90 -17.82 -27.99 46.28
CA SER J 90 -18.88 -28.94 46.08
C SER J 90 -18.37 -30.18 46.70
N LEU J 91 -19.11 -30.75 47.68
CA LEU J 91 -18.83 -32.02 48.30
C LEU J 91 -18.72 -33.14 47.30
N VAL J 92 -17.83 -34.11 47.62
CA VAL J 92 -17.55 -35.28 46.83
C VAL J 92 -18.06 -36.46 47.58
N SER J 93 -17.66 -36.60 48.86
CA SER J 93 -18.10 -37.74 49.63
C SER J 93 -17.66 -37.44 51.03
N HIS J 94 -18.37 -38.03 52.01
CA HIS J 94 -18.07 -37.90 53.41
C HIS J 94 -17.76 -39.29 53.86
N HIS J 95 -16.85 -39.44 54.84
CA HIS J 95 -16.56 -40.70 55.46
C HIS J 95 -15.99 -40.32 56.77
N GLY J 96 -16.67 -40.72 57.87
CA GLY J 96 -16.24 -40.43 59.21
C GLY J 96 -16.63 -39.04 59.55
N TYR J 97 -15.73 -38.29 60.22
CA TYR J 97 -15.95 -36.89 60.54
C TYR J 97 -15.33 -36.06 59.44
N TYR J 98 -15.00 -36.71 58.29
CA TYR J 98 -14.08 -36.19 57.32
C TYR J 98 -14.90 -36.09 56.08
N ILE J 99 -14.73 -34.98 55.33
CA ILE J 99 -15.46 -34.75 54.11
C ILE J 99 -14.41 -34.47 53.10
N LEU J 100 -14.63 -34.97 51.87
CA LEU J 100 -13.83 -34.69 50.71
C LEU J 100 -14.70 -33.85 49.86
N ALA J 101 -14.10 -32.79 49.29
CA ALA J 101 -14.82 -31.82 48.52
C ALA J 101 -13.90 -31.32 47.46
N GLN J 102 -14.47 -31.15 46.25
CA GLN J 102 -13.86 -30.60 45.07
C GLN J 102 -14.05 -29.13 45.28
N CYS J 103 -12.92 -28.45 45.50
CA CYS J 103 -12.87 -27.09 45.93
C CYS J 103 -12.12 -26.30 44.91
N PRO J 104 -12.43 -25.00 44.75
CA PRO J 104 -11.53 -24.01 44.20
C PRO J 104 -10.19 -23.98 44.94
N PRO J 105 -9.05 -23.61 44.36
CA PRO J 105 -7.77 -23.49 45.05
C PRO J 105 -7.79 -22.90 46.44
N GLY J 106 -7.16 -23.58 47.43
CA GLY J 106 -6.99 -22.96 48.72
C GLY J 106 -6.09 -23.82 49.56
N ASP J 107 -5.17 -23.12 50.28
CA ASP J 107 -4.29 -23.60 51.31
C ASP J 107 -4.99 -24.12 52.56
N THR J 108 -6.17 -23.56 52.89
CA THR J 108 -6.81 -23.76 54.16
C THR J 108 -8.17 -24.33 53.83
N VAL J 109 -9.00 -24.61 54.87
CA VAL J 109 -10.39 -24.99 54.63
C VAL J 109 -11.30 -24.34 55.61
N THR J 110 -12.51 -23.93 55.16
CA THR J 110 -13.40 -23.04 55.86
C THR J 110 -14.77 -23.63 55.62
N VAL J 111 -15.40 -24.11 56.71
CA VAL J 111 -16.63 -24.86 56.69
C VAL J 111 -17.57 -24.03 57.52
N GLY J 112 -18.91 -24.10 57.30
CA GLY J 112 -19.81 -23.38 58.15
C GLY J 112 -21.22 -23.46 57.64
N PHE J 113 -22.15 -23.62 58.61
CA PHE J 113 -23.58 -23.61 58.42
C PHE J 113 -24.12 -22.20 58.43
N HIS J 114 -25.30 -22.02 57.80
CA HIS J 114 -26.10 -20.83 57.89
C HIS J 114 -27.31 -21.13 58.74
N ASP J 115 -27.28 -22.25 59.51
CA ASP J 115 -28.29 -22.64 60.46
C ASP J 115 -28.45 -21.59 61.53
N GLY J 116 -29.73 -21.25 61.87
CA GLY J 116 -30.08 -20.23 62.82
C GLY J 116 -30.04 -18.87 62.16
N PRO J 117 -30.48 -17.82 62.87
CA PRO J 117 -30.38 -16.44 62.44
C PRO J 117 -28.97 -15.88 62.58
N ASN J 118 -27.95 -16.74 62.70
CA ASN J 118 -26.59 -16.34 62.97
C ASN J 118 -25.75 -17.41 62.35
N ARG J 119 -24.49 -17.06 62.01
CA ARG J 119 -23.54 -17.94 61.37
C ARG J 119 -22.41 -18.16 62.33
N HIS J 120 -22.04 -19.45 62.54
CA HIS J 120 -20.82 -19.82 63.21
C HIS J 120 -20.14 -20.75 62.25
N THR J 121 -19.00 -20.29 61.69
CA THR J 121 -18.26 -21.03 60.71
C THR J 121 -17.04 -21.51 61.45
N CYS J 122 -16.20 -22.35 60.80
CA CYS J 122 -14.91 -22.68 61.36
C CYS J 122 -13.96 -23.02 60.25
N THR J 123 -12.68 -22.62 60.45
CA THR J 123 -11.64 -22.72 59.47
C THR J 123 -10.38 -23.12 60.23
N VAL J 124 -9.40 -23.73 59.52
CA VAL J 124 -8.14 -24.03 60.14
C VAL J 124 -7.15 -24.26 59.03
N ALA J 125 -5.88 -24.02 59.45
CA ALA J 125 -4.60 -24.30 58.85
C ALA J 125 -4.18 -25.68 59.23
N HIS J 126 -3.62 -26.41 58.25
CA HIS J 126 -3.02 -27.70 58.43
C HIS J 126 -2.30 -27.89 57.13
N LYS J 127 -1.00 -28.26 57.22
CA LYS J 127 -0.04 -28.23 56.14
C LYS J 127 -0.35 -29.21 55.03
N VAL J 128 -0.54 -28.64 53.82
CA VAL J 128 -0.94 -29.31 52.61
C VAL J 128 0.10 -29.10 51.53
N GLU J 129 0.34 -30.14 50.70
CA GLU J 129 1.12 -30.01 49.48
C GLU J 129 0.11 -29.82 48.38
N PHE J 130 0.57 -29.35 47.20
CA PHE J 130 -0.22 -29.38 45.99
C PHE J 130 0.72 -29.37 44.81
N ARG J 131 2.05 -29.44 45.06
CA ARG J 131 3.02 -29.82 44.05
C ARG J 131 3.30 -31.29 44.17
N PRO J 132 3.33 -32.09 43.10
CA PRO J 132 4.04 -33.36 43.04
C PRO J 132 5.49 -33.23 43.44
N VAL J 133 6.00 -34.26 44.16
CA VAL J 133 7.35 -34.33 44.66
C VAL J 133 8.39 -34.55 43.60
N GLY J 134 9.66 -34.27 43.98
CA GLY J 134 10.81 -34.31 43.13
C GLY J 134 10.91 -33.00 42.40
N ARG J 135 12.08 -32.33 42.53
CA ARG J 135 12.43 -31.10 41.88
C ARG J 135 11.39 -30.00 42.03
N GLU J 136 10.71 -29.65 40.91
CA GLU J 136 9.60 -28.73 40.76
C GLU J 136 8.63 -28.58 41.89
N LYS J 137 8.25 -27.32 42.14
CA LYS J 137 7.24 -26.88 43.05
C LYS J 137 6.41 -26.03 42.13
N TYR J 138 5.17 -26.48 41.84
CA TYR J 138 4.24 -25.72 41.06
C TYR J 138 2.91 -25.85 41.74
N ARG J 139 2.44 -24.70 42.29
CA ARG J 139 1.12 -24.34 42.79
C ARG J 139 0.14 -25.46 43.08
N HIS J 140 -1.03 -25.40 42.41
CA HIS J 140 -2.23 -26.17 42.61
C HIS J 140 -2.92 -26.02 41.28
N PRO J 141 -3.81 -26.89 40.83
CA PRO J 141 -4.44 -26.77 39.52
C PRO J 141 -5.73 -25.93 39.59
N PRO J 142 -5.85 -24.70 39.10
CA PRO J 142 -7.11 -23.96 39.15
C PRO J 142 -8.09 -24.47 38.11
N GLU J 143 -7.64 -24.61 36.86
CA GLU J 143 -8.43 -25.10 35.77
C GLU J 143 -7.46 -25.44 34.67
N HIS J 144 -6.14 -25.45 34.99
CA HIS J 144 -5.09 -25.67 34.04
C HIS J 144 -3.95 -26.28 34.81
N GLY J 145 -2.91 -26.72 34.07
CA GLY J 145 -1.79 -27.46 34.57
C GLY J 145 -1.91 -28.81 33.94
N VAL J 146 -0.76 -29.41 33.52
CA VAL J 146 -0.78 -30.69 32.85
C VAL J 146 -1.06 -31.74 33.91
N GLU J 147 -1.68 -32.88 33.53
CA GLU J 147 -1.89 -34.00 34.41
C GLU J 147 -0.81 -35.03 34.17
N LEU J 148 -0.36 -35.65 35.27
CA LEU J 148 0.67 -36.67 35.26
C LEU J 148 0.43 -37.37 36.57
N PRO J 149 0.92 -38.58 36.84
CA PRO J 149 0.32 -39.40 37.86
C PRO J 149 0.92 -39.03 39.19
N CYS J 150 0.06 -38.76 40.19
CA CYS J 150 0.49 -38.38 41.51
C CYS J 150 -0.63 -38.68 42.44
N ASN J 151 -0.44 -38.34 43.74
CA ASN J 151 -1.43 -38.42 44.77
C ASN J 151 -2.67 -37.62 44.47
N ARG J 152 -3.83 -38.14 44.93
CA ARG J 152 -5.14 -37.64 44.60
C ARG J 152 -5.97 -38.34 45.62
N TYR J 153 -7.15 -37.75 45.97
CA TYR J 153 -8.09 -38.35 46.87
C TYR J 153 -9.17 -38.98 46.06
N THR J 154 -9.85 -39.95 46.68
CA THR J 154 -10.79 -40.83 46.03
C THR J 154 -12.15 -40.18 46.01
N HIS J 155 -12.71 -40.04 44.79
CA HIS J 155 -14.07 -39.63 44.55
C HIS J 155 -15.00 -40.82 44.54
N LYS J 156 -14.64 -41.90 45.28
CA LYS J 156 -15.15 -43.23 45.08
C LYS J 156 -14.56 -44.06 46.20
N ARG J 157 -14.29 -43.40 47.36
CA ARG J 157 -13.69 -43.93 48.57
C ARG J 157 -14.08 -45.32 49.02
N ALA J 158 -13.20 -45.90 49.86
CA ALA J 158 -13.27 -47.24 50.37
C ALA J 158 -11.94 -47.45 51.04
N ASP J 159 -11.43 -46.38 51.68
CA ASP J 159 -10.03 -46.24 51.99
C ASP J 159 -9.82 -46.53 53.46
N GLN J 160 -8.61 -47.03 53.76
CA GLN J 160 -8.18 -47.50 55.05
C GLN J 160 -6.79 -47.95 54.69
N GLY J 161 -5.77 -47.34 55.33
CA GLY J 161 -4.41 -47.50 54.93
C GLY J 161 -3.53 -46.81 55.92
N HIS J 162 -4.15 -45.98 56.78
CA HIS J 162 -3.53 -45.38 57.92
C HIS J 162 -4.59 -45.32 58.97
N TYR J 163 -4.17 -45.04 60.21
CA TYR J 163 -5.10 -44.89 61.28
C TYR J 163 -4.52 -43.88 62.21
N VAL J 164 -5.41 -42.99 62.68
CA VAL J 164 -5.13 -41.98 63.64
C VAL J 164 -5.73 -42.53 64.91
N GLU J 165 -5.08 -42.16 66.03
CA GLU J 165 -5.56 -42.49 67.34
C GLU J 165 -6.90 -41.84 67.53
N MET J 166 -7.86 -42.65 67.99
CA MET J 166 -9.17 -42.24 68.37
C MET J 166 -9.45 -42.99 69.63
N HIS J 167 -8.42 -43.69 70.18
CA HIS J 167 -8.47 -44.47 71.38
C HIS J 167 -8.49 -43.54 72.55
N GLN J 168 -9.28 -43.90 73.59
CA GLN J 168 -9.73 -43.04 74.66
C GLN J 168 -10.02 -41.59 74.28
N PRO J 169 -11.05 -41.29 73.48
CA PRO J 169 -11.57 -39.95 73.32
C PRO J 169 -12.01 -39.27 74.59
N GLY J 170 -12.11 -37.93 74.52
CA GLY J 170 -12.78 -37.10 75.48
C GLY J 170 -14.21 -36.90 75.15
N LEU J 171 -14.81 -36.01 75.97
CA LEU J 171 -16.15 -35.49 75.96
C LEU J 171 -16.62 -34.87 74.66
N VAL J 172 -17.74 -34.11 74.78
CA VAL J 172 -18.29 -33.24 73.79
C VAL J 172 -18.79 -32.10 74.61
N ALA J 173 -18.95 -30.93 73.94
CA ALA J 173 -19.25 -29.68 74.54
C ALA J 173 -20.68 -29.50 74.97
N ASP J 174 -20.80 -28.76 76.09
CA ASP J 174 -21.94 -28.13 76.70
C ASP J 174 -21.87 -28.63 78.10
N HIS J 175 -22.33 -27.83 79.08
CA HIS J 175 -22.20 -28.21 80.47
C HIS J 175 -23.34 -29.12 80.88
N SER J 176 -24.29 -29.41 79.95
CA SER J 176 -25.21 -30.51 80.11
C SER J 176 -24.51 -31.86 80.14
N LEU J 177 -23.37 -31.99 79.42
CA LEU J 177 -22.46 -33.10 79.49
C LEU J 177 -21.88 -33.23 80.87
N LEU J 178 -21.30 -32.12 81.38
CA LEU J 178 -20.54 -32.09 82.61
C LEU J 178 -21.49 -31.63 83.68
N SER J 179 -22.57 -32.40 83.90
CA SER J 179 -23.55 -32.15 84.93
C SER J 179 -23.07 -32.66 86.28
N ILE J 180 -24.02 -32.71 87.25
CA ILE J 180 -23.76 -33.08 88.62
C ILE J 180 -24.69 -34.23 88.95
N HIS J 181 -24.14 -35.29 89.57
CA HIS J 181 -24.81 -36.44 90.16
C HIS J 181 -25.14 -36.15 91.61
N SER J 182 -25.73 -34.96 91.87
CA SER J 182 -26.27 -34.51 93.14
C SER J 182 -25.24 -34.13 94.17
N ALA J 183 -23.94 -34.45 93.95
CA ALA J 183 -22.86 -33.80 94.63
C ALA J 183 -21.58 -34.17 93.95
N LYS J 184 -21.64 -35.12 92.98
CA LYS J 184 -20.49 -35.70 92.35
C LYS J 184 -20.57 -35.28 90.92
N VAL J 185 -19.43 -35.19 90.21
CA VAL J 185 -19.43 -34.69 88.86
C VAL J 185 -19.87 -35.79 87.91
N LYS J 186 -20.82 -35.46 87.00
CA LYS J 186 -21.49 -36.47 86.20
C LYS J 186 -21.27 -36.20 84.76
N ILE J 187 -20.56 -37.09 84.05
CA ILE J 187 -20.48 -37.03 82.62
C ILE J 187 -21.57 -37.94 82.12
N THR J 188 -22.46 -37.38 81.27
CA THR J 188 -23.55 -38.10 80.68
C THR J 188 -23.10 -38.66 79.35
N VAL J 189 -23.39 -39.96 79.13
CA VAL J 189 -22.98 -40.72 77.97
C VAL J 189 -23.63 -40.18 76.70
N PRO J 190 -22.94 -40.15 75.56
CA PRO J 190 -23.47 -39.70 74.30
C PRO J 190 -24.33 -40.75 73.65
N SER J 191 -23.99 -42.05 73.81
CA SER J 191 -24.53 -43.14 73.04
C SER J 191 -24.30 -44.40 73.83
N GLY J 192 -23.97 -44.27 75.14
CA GLY J 192 -23.41 -45.31 75.96
C GLY J 192 -21.93 -45.21 75.86
N ALA J 193 -21.23 -45.16 77.01
CA ALA J 193 -19.79 -45.02 77.04
C ALA J 193 -19.31 -45.43 78.39
N GLN J 194 -18.00 -45.82 78.45
CA GLN J 194 -17.31 -46.22 79.65
C GLN J 194 -16.60 -44.96 80.00
N VAL J 195 -17.03 -44.26 81.05
CA VAL J 195 -16.65 -42.89 81.26
C VAL J 195 -15.65 -42.72 82.36
N LYS J 196 -14.53 -42.09 81.95
CA LYS J 196 -13.31 -41.97 82.71
C LYS J 196 -13.19 -40.48 82.93
N TYR J 197 -12.29 -40.05 83.82
CA TYR J 197 -12.38 -38.78 84.47
C TYR J 197 -11.05 -38.49 85.09
N TYR J 198 -10.97 -37.33 85.77
CA TYR J 198 -9.97 -37.01 86.73
C TYR J 198 -10.43 -35.66 87.21
N CYS J 199 -9.87 -35.21 88.34
CA CYS J 199 -10.05 -33.93 88.95
C CYS J 199 -8.68 -33.42 89.26
N LYS J 200 -8.54 -32.17 89.80
CA LYS J 200 -7.26 -31.67 90.26
C LYS J 200 -6.77 -32.50 91.43
N CYS J 201 -7.72 -32.98 92.28
CA CYS J 201 -7.50 -33.93 93.35
C CYS J 201 -7.02 -35.27 92.77
N PRO J 202 -6.13 -36.04 93.41
CA PRO J 202 -5.77 -37.42 93.08
C PRO J 202 -6.94 -38.33 92.73
N ASP J 203 -6.76 -39.30 91.81
CA ASP J 203 -7.83 -40.21 91.47
C ASP J 203 -7.20 -41.48 90.96
N VAL J 204 -8.04 -42.54 90.90
CA VAL J 204 -7.73 -43.82 90.30
C VAL J 204 -8.78 -43.91 89.24
N ARG J 205 -8.37 -44.21 87.99
CA ARG J 205 -9.15 -43.89 86.82
C ARG J 205 -8.94 -45.06 85.91
N GLU J 206 -10.02 -45.50 85.22
CA GLU J 206 -9.95 -46.53 84.22
C GLU J 206 -10.95 -46.21 83.15
N GLY J 207 -10.67 -46.70 81.92
CA GLY J 207 -11.40 -46.38 80.71
C GLY J 207 -11.97 -47.65 80.16
N ILE J 208 -11.79 -48.76 80.92
CA ILE J 208 -12.52 -49.99 80.80
C ILE J 208 -13.71 -49.93 81.73
N THR J 209 -13.89 -48.79 82.43
CA THR J 209 -14.73 -48.66 83.60
C THR J 209 -15.63 -47.51 83.28
N SER J 210 -16.96 -47.77 83.35
CA SER J 210 -17.96 -46.73 83.42
C SER J 210 -18.02 -46.18 84.82
N SER J 211 -17.96 -44.83 84.89
CA SER J 211 -18.00 -44.01 86.07
C SER J 211 -16.69 -44.04 86.81
N ASP J 212 -15.98 -42.89 86.77
CA ASP J 212 -14.78 -42.62 87.53
C ASP J 212 -14.94 -41.17 87.87
N HIS J 213 -14.18 -40.69 88.88
CA HIS J 213 -14.01 -39.30 89.23
C HIS J 213 -13.67 -39.29 90.68
N THR J 214 -12.97 -38.22 91.13
CA THR J 214 -12.66 -38.01 92.52
C THR J 214 -13.92 -37.49 93.16
N THR J 215 -14.10 -37.80 94.46
CA THR J 215 -15.26 -37.43 95.23
C THR J 215 -14.90 -36.26 96.11
N THR J 216 -13.63 -35.82 96.06
CA THR J 216 -13.04 -34.86 96.97
C THR J 216 -13.06 -33.54 96.26
N CYS J 217 -12.96 -33.62 94.90
CA CYS J 217 -13.00 -32.51 94.00
C CYS J 217 -14.15 -32.93 93.14
N THR J 218 -15.24 -32.13 93.12
CA THR J 218 -16.44 -32.46 92.38
C THR J 218 -17.10 -31.16 92.02
N ASP J 219 -17.81 -31.16 90.86
CA ASP J 219 -18.50 -30.06 90.20
C ASP J 219 -18.08 -30.05 88.76
N VAL J 220 -18.91 -29.38 87.93
CA VAL J 220 -18.82 -29.18 86.49
C VAL J 220 -17.46 -28.70 86.03
N LYS J 221 -16.90 -27.69 86.73
CA LYS J 221 -15.68 -27.04 86.36
C LYS J 221 -14.60 -27.52 87.28
N GLN J 222 -14.95 -28.36 88.27
CA GLN J 222 -14.01 -28.85 89.25
C GLN J 222 -13.48 -30.18 88.81
N CYS J 223 -14.02 -30.79 87.72
CA CYS J 223 -13.44 -32.01 87.21
C CYS J 223 -13.50 -31.96 85.71
N ARG J 224 -12.66 -32.82 85.08
CA ARG J 224 -12.41 -32.92 83.67
C ARG J 224 -13.09 -34.11 83.09
N ALA J 225 -14.36 -33.97 82.64
CA ALA J 225 -15.09 -35.06 82.04
C ALA J 225 -14.49 -35.58 80.74
N TYR J 226 -14.50 -36.92 80.56
CA TYR J 226 -13.99 -37.58 79.38
C TYR J 226 -15.16 -38.43 78.95
N LEU J 227 -15.19 -38.80 77.65
CA LEU J 227 -16.17 -39.71 77.14
C LEU J 227 -15.34 -40.61 76.29
N ILE J 228 -14.82 -41.69 76.92
CA ILE J 228 -14.25 -42.81 76.21
C ILE J 228 -15.42 -43.64 75.76
N ASP J 229 -15.84 -43.48 74.49
CA ASP J 229 -17.02 -44.14 74.01
C ASP J 229 -16.54 -45.42 73.41
N ASN J 230 -16.98 -46.55 73.99
CA ASN J 230 -16.46 -47.87 73.76
C ASN J 230 -17.26 -48.58 72.70
N LYS J 231 -18.03 -47.81 71.90
CA LYS J 231 -18.76 -48.37 70.80
C LYS J 231 -18.93 -47.33 69.73
N LYS J 232 -18.56 -46.06 70.03
CA LYS J 232 -18.59 -45.02 69.03
C LYS J 232 -17.52 -44.03 69.41
N TRP J 233 -16.24 -44.49 69.40
CA TRP J 233 -15.08 -43.69 69.72
C TRP J 233 -14.96 -42.57 68.73
N VAL J 234 -14.87 -41.32 69.23
CA VAL J 234 -14.72 -40.18 68.37
C VAL J 234 -13.25 -39.95 68.21
N TYR J 235 -12.87 -39.17 67.18
CA TYR J 235 -11.53 -38.68 67.00
C TYR J 235 -11.07 -37.87 68.16
N ASN J 236 -9.77 -38.05 68.48
CA ASN J 236 -9.10 -37.42 69.59
C ASN J 236 -8.77 -36.04 69.12
N SER J 237 -9.45 -35.02 69.67
CA SER J 237 -9.26 -33.65 69.27
C SER J 237 -8.39 -33.02 70.31
N GLY J 238 -7.72 -31.90 69.94
CA GLY J 238 -6.93 -31.06 70.81
C GLY J 238 -7.64 -30.53 72.02
N ARG J 239 -8.98 -30.35 71.94
CA ARG J 239 -9.76 -29.82 73.03
C ARG J 239 -10.59 -30.90 73.66
N LEU J 240 -10.45 -32.17 73.19
CA LEU J 240 -11.02 -33.31 73.86
C LEU J 240 -9.95 -33.80 74.83
N PRO J 241 -10.16 -33.88 76.14
CA PRO J 241 -9.30 -34.60 77.07
C PRO J 241 -9.23 -36.09 76.81
N ARG J 242 -8.50 -36.85 77.66
CA ARG J 242 -8.44 -38.28 77.53
C ARG J 242 -7.94 -38.83 78.82
N GLY J 243 -8.03 -40.17 78.97
CA GLY J 243 -7.37 -40.97 79.98
C GLY J 243 -5.88 -40.82 80.08
N GLU J 244 -5.34 -41.42 81.17
CA GLU J 244 -3.98 -41.21 81.61
C GLU J 244 -3.72 -42.30 82.62
N GLY J 245 -4.79 -43.01 83.07
CA GLY J 245 -4.78 -44.00 84.11
C GLY J 245 -4.87 -45.35 83.47
N ASP J 246 -5.19 -45.36 82.16
CA ASP J 246 -5.57 -46.52 81.41
C ASP J 246 -5.27 -46.11 80.00
N THR J 247 -5.11 -47.12 79.12
CA THR J 247 -5.15 -46.94 77.70
C THR J 247 -6.26 -47.86 77.30
N PHE J 248 -7.37 -47.29 76.79
CA PHE J 248 -8.48 -48.06 76.28
C PHE J 248 -8.40 -47.90 74.80
N LYS J 249 -8.14 -49.02 74.10
CA LYS J 249 -8.01 -49.11 72.67
C LYS J 249 -9.29 -48.76 71.95
N GLY J 250 -9.13 -48.16 70.75
CA GLY J 250 -10.22 -47.62 70.00
C GLY J 250 -9.66 -46.75 68.92
N LYS J 251 -8.41 -47.04 68.48
CA LYS J 251 -7.78 -46.51 67.31
C LYS J 251 -8.55 -46.89 66.08
N LEU J 252 -8.91 -45.90 65.25
CA LEU J 252 -9.90 -46.09 64.20
C LEU J 252 -9.34 -45.32 63.06
N HIS J 253 -9.44 -45.90 61.85
CA HIS J 253 -8.68 -45.51 60.70
C HIS J 253 -8.98 -44.10 60.24
N VAL J 254 -8.21 -43.66 59.23
CA VAL J 254 -8.54 -42.46 58.52
C VAL J 254 -8.89 -42.93 57.13
N PRO J 255 -10.03 -42.52 56.58
CA PRO J 255 -10.37 -42.78 55.20
C PRO J 255 -9.89 -41.61 54.40
N PHE J 256 -10.18 -41.62 53.07
CA PHE J 256 -9.60 -40.73 52.09
C PHE J 256 -8.10 -40.72 52.13
N VAL J 257 -7.48 -41.91 51.89
CA VAL J 257 -6.06 -42.07 51.72
C VAL J 257 -5.76 -41.43 50.38
N PRO J 258 -4.78 -40.56 50.21
CA PRO J 258 -4.37 -40.07 48.92
C PRO J 258 -3.59 -41.15 48.21
N VAL J 259 -4.03 -41.50 46.99
CA VAL J 259 -3.52 -42.64 46.28
C VAL J 259 -3.00 -42.17 44.96
N LYS J 260 -2.19 -43.04 44.30
CA LYS J 260 -1.63 -42.80 42.99
C LYS J 260 -2.77 -42.98 42.02
N ALA J 261 -3.06 -41.93 41.25
CA ALA J 261 -4.07 -41.97 40.23
C ALA J 261 -3.68 -40.93 39.24
N LYS J 262 -4.56 -40.72 38.21
CA LYS J 262 -4.50 -39.56 37.34
C LYS J 262 -5.03 -38.37 38.07
N CYS J 263 -4.19 -37.82 38.98
CA CYS J 263 -4.38 -36.62 39.72
C CYS J 263 -4.54 -35.45 38.80
N ILE J 264 -5.49 -34.53 39.12
CA ILE J 264 -5.43 -33.15 38.69
C ILE J 264 -4.09 -32.62 39.13
N ALA J 265 -3.26 -32.03 38.24
CA ALA J 265 -1.87 -31.88 38.60
C ALA J 265 -1.30 -30.62 38.07
N THR J 266 0.05 -30.54 38.16
CA THR J 266 0.77 -29.32 38.09
C THR J 266 2.17 -29.70 37.66
N LEU J 267 2.31 -29.86 36.33
CA LEU J 267 3.56 -30.04 35.64
C LEU J 267 3.44 -28.93 34.63
N ALA J 268 4.38 -27.96 34.68
CA ALA J 268 4.36 -26.75 33.89
C ALA J 268 4.47 -27.06 32.42
N PRO J 269 3.84 -26.34 31.49
CA PRO J 269 3.78 -26.68 30.07
C PRO J 269 5.13 -27.06 29.48
N GLU J 270 5.12 -28.18 28.74
CA GLU J 270 6.25 -29.00 28.37
C GLU J 270 7.36 -28.27 27.62
N PRO J 271 8.62 -28.70 27.76
CA PRO J 271 9.76 -28.06 27.14
C PRO J 271 10.00 -28.66 25.78
N LEU J 272 11.13 -28.27 25.15
CA LEU J 272 11.64 -28.82 23.93
C LEU J 272 12.94 -29.45 24.29
N VAL J 273 13.18 -30.69 23.78
CA VAL J 273 14.34 -31.48 24.06
C VAL J 273 15.06 -31.56 22.73
N GLU J 274 16.38 -31.27 22.75
CA GLU J 274 17.18 -31.23 21.55
C GLU J 274 18.57 -31.59 21.91
N HIS J 275 19.33 -32.15 20.96
CA HIS J 275 20.70 -32.51 21.15
C HIS J 275 21.29 -32.39 19.79
N LYS J 276 22.59 -32.03 19.73
CA LYS J 276 23.36 -32.15 18.52
C LYS J 276 24.44 -33.13 18.82
N HIS J 277 25.58 -32.63 19.31
CA HIS J 277 26.73 -33.42 19.58
C HIS J 277 27.16 -33.07 20.96
N ARG J 278 26.90 -34.01 21.91
CA ARG J 278 27.29 -33.94 23.30
C ARG J 278 26.77 -32.74 24.04
N THR J 279 25.55 -32.28 23.68
CA THR J 279 24.98 -31.08 24.21
C THR J 279 23.51 -31.29 24.15
N LEU J 280 22.80 -31.03 25.27
CA LEU J 280 21.36 -30.94 25.28
C LEU J 280 21.18 -29.47 25.19
N ILE J 281 20.83 -28.94 23.99
CA ILE J 281 20.19 -27.65 23.88
C ILE J 281 18.80 -27.89 24.38
N LEU J 282 18.25 -26.98 25.21
CA LEU J 282 16.91 -27.14 25.70
C LEU J 282 16.31 -25.80 25.69
N HIS J 283 15.52 -25.50 24.62
CA HIS J 283 14.53 -24.46 24.61
C HIS J 283 13.41 -24.83 25.54
N LEU J 284 13.01 -23.91 26.44
CA LEU J 284 12.12 -24.22 27.52
C LEU J 284 11.20 -23.05 27.52
N HIS J 285 9.92 -23.28 27.88
CA HIS J 285 8.91 -22.27 27.74
C HIS J 285 7.75 -22.65 28.63
N PRO J 286 7.89 -22.66 29.96
CA PRO J 286 6.79 -23.00 30.85
C PRO J 286 6.10 -21.71 31.19
N ASP J 287 4.98 -21.78 31.95
CA ASP J 287 4.32 -20.63 32.49
C ASP J 287 4.39 -20.71 33.99
N HIS J 288 5.13 -21.70 34.55
CA HIS J 288 5.11 -21.95 35.98
C HIS J 288 6.47 -22.47 36.40
N PRO J 289 6.92 -22.24 37.64
CA PRO J 289 8.22 -22.69 38.12
C PRO J 289 8.47 -24.18 38.07
N THR J 290 9.44 -24.60 37.25
CA THR J 290 9.85 -25.97 37.11
C THR J 290 11.27 -25.93 37.57
N LEU J 291 11.66 -26.75 38.58
CA LEU J 291 13.06 -26.86 38.94
C LEU J 291 13.69 -27.82 37.99
N LEU J 292 14.49 -27.27 37.06
CA LEU J 292 15.26 -28.06 36.15
C LEU J 292 16.57 -28.34 36.82
N THR J 293 17.11 -29.54 36.53
CA THR J 293 18.38 -29.98 37.02
C THR J 293 18.73 -31.14 36.12
N THR J 294 20.04 -31.48 36.05
CA THR J 294 20.59 -32.44 35.15
C THR J 294 21.67 -33.18 35.89
N ARG J 295 22.27 -34.18 35.23
CA ARG J 295 23.32 -34.99 35.77
C ARG J 295 24.13 -35.39 34.58
N SER J 296 25.27 -34.71 34.30
CA SER J 296 26.20 -35.14 33.28
C SER J 296 26.79 -36.43 33.77
N LEU J 297 26.47 -37.55 33.09
CA LEU J 297 26.60 -38.87 33.65
C LEU J 297 27.97 -39.42 33.56
N GLY J 298 28.17 -40.43 34.40
CA GLY J 298 29.31 -41.28 34.41
C GLY J 298 29.74 -41.15 35.81
N SER J 299 31.00 -41.51 36.11
CA SER J 299 31.65 -41.26 37.36
C SER J 299 31.72 -39.78 37.64
N ASP J 300 31.96 -38.98 36.59
CA ASP J 300 31.63 -37.56 36.54
C ASP J 300 30.15 -37.33 36.74
N ALA J 301 29.84 -36.29 37.54
CA ALA J 301 28.49 -35.95 37.91
C ALA J 301 28.43 -34.46 37.81
N ASN J 302 27.20 -33.89 37.79
CA ASN J 302 27.06 -32.49 37.52
C ASN J 302 25.65 -32.12 37.81
N PRO J 303 25.28 -31.55 38.95
CA PRO J 303 23.93 -31.06 39.11
C PRO J 303 23.90 -29.71 38.44
N THR J 304 22.68 -29.19 38.26
CA THR J 304 22.46 -27.86 37.80
C THR J 304 21.22 -27.51 38.53
N ARG J 305 20.99 -26.25 38.92
CA ARG J 305 19.69 -25.92 39.42
C ARG J 305 19.37 -24.61 38.83
N GLN J 306 18.13 -24.53 38.31
CA GLN J 306 17.58 -23.30 37.86
C GLN J 306 16.12 -23.55 37.78
N TRP J 307 15.33 -22.74 38.53
CA TRP J 307 13.92 -22.59 38.36
C TRP J 307 13.64 -22.01 37.00
N ILE J 308 12.72 -22.63 36.24
CA ILE J 308 12.39 -22.20 34.91
C ILE J 308 10.93 -21.90 35.03
N GLU J 309 10.60 -20.61 34.87
CA GLU J 309 9.27 -20.08 34.76
C GLU J 309 9.32 -19.07 33.66
N ARG J 310 10.56 -18.59 33.39
CA ARG J 310 10.91 -17.71 32.31
C ARG J 310 11.34 -18.56 31.14
N PRO J 311 10.85 -18.37 29.92
CA PRO J 311 11.32 -19.11 28.76
C PRO J 311 12.78 -18.87 28.48
N THR J 312 13.62 -19.93 28.51
CA THR J 312 15.05 -19.78 28.44
C THR J 312 15.58 -21.01 27.76
N THR J 313 16.43 -20.80 26.74
CA THR J 313 17.25 -21.86 26.20
C THR J 313 18.45 -22.01 27.09
N VAL J 314 18.62 -23.20 27.70
CA VAL J 314 19.71 -23.51 28.59
C VAL J 314 20.49 -24.57 27.87
N ASN J 315 21.60 -25.05 28.47
CA ASN J 315 22.35 -26.12 27.86
C ASN J 315 22.90 -26.90 29.01
N PHE J 316 23.14 -28.22 28.78
CA PHE J 316 23.68 -29.12 29.77
C PHE J 316 24.51 -30.06 28.96
N THR J 317 25.83 -30.02 29.21
CA THR J 317 26.85 -30.72 28.47
C THR J 317 26.86 -32.21 28.68
N VAL J 318 26.16 -32.92 27.76
CA VAL J 318 26.07 -34.35 27.69
C VAL J 318 27.44 -34.93 27.48
N THR J 319 27.70 -36.07 28.14
CA THR J 319 28.97 -36.71 28.20
C THR J 319 28.69 -38.14 27.83
N GLY J 320 29.75 -38.95 27.63
CA GLY J 320 29.75 -40.28 27.06
C GLY J 320 28.75 -41.23 27.60
N GLU J 321 28.49 -41.14 28.91
CA GLU J 321 27.70 -42.07 29.67
C GLU J 321 26.30 -41.57 29.71
N GLY J 322 26.07 -40.50 28.91
CA GLY J 322 24.85 -39.82 28.69
C GLY J 322 24.89 -38.64 29.59
N LEU J 323 23.71 -38.03 29.76
CA LEU J 323 23.41 -37.05 30.73
C LEU J 323 22.03 -37.52 31.07
N GLU J 324 21.48 -37.15 32.24
CA GLU J 324 20.09 -37.40 32.46
C GLU J 324 19.59 -36.06 32.85
N TYR J 325 18.27 -35.85 32.72
CA TYR J 325 17.76 -34.52 32.61
C TYR J 325 16.42 -34.60 33.22
N THR J 326 16.16 -33.69 34.17
CA THR J 326 15.10 -33.88 35.11
C THR J 326 14.27 -32.63 35.16
N TRP J 327 13.31 -32.55 34.21
CA TRP J 327 12.41 -31.43 33.99
C TRP J 327 11.34 -31.43 35.05
N GLY J 328 11.64 -30.92 36.27
CA GLY J 328 10.71 -30.92 37.37
C GLY J 328 10.34 -32.28 37.85
N ASN J 329 9.12 -32.38 38.42
CA ASN J 329 8.55 -33.55 39.05
C ASN J 329 8.22 -34.66 38.09
N HIS J 330 8.24 -34.37 36.76
CA HIS J 330 8.34 -35.38 35.74
C HIS J 330 9.64 -36.18 35.93
N PRO J 331 9.62 -37.52 35.91
CA PRO J 331 10.75 -38.38 36.27
C PRO J 331 11.96 -38.13 35.40
N PRO J 332 13.20 -38.39 35.82
CA PRO J 332 14.39 -38.17 35.02
C PRO J 332 14.35 -38.82 33.65
N LYS J 333 14.69 -38.01 32.64
CA LYS J 333 14.81 -38.30 31.23
C LYS J 333 16.23 -38.73 31.03
N ARG J 334 16.59 -39.14 29.79
CA ARG J 334 17.90 -39.66 29.52
C ARG J 334 18.24 -39.27 28.13
N VAL J 335 19.56 -39.16 27.85
CA VAL J 335 20.10 -38.69 26.61
C VAL J 335 21.43 -39.36 26.42
N TRP J 336 21.72 -39.98 25.26
CA TRP J 336 23.05 -40.44 24.95
C TRP J 336 23.88 -39.29 24.49
N ALA J 337 25.21 -39.45 24.66
CA ALA J 337 26.14 -38.69 23.87
C ALA J 337 26.27 -39.46 22.59
N GLN J 338 25.80 -38.85 21.49
CA GLN J 338 26.20 -39.27 20.19
C GLN J 338 26.32 -38.03 19.38
N GLU J 339 27.39 -37.98 18.57
CA GLU J 339 27.75 -36.92 17.68
C GLU J 339 26.82 -36.85 16.52
N SER J 340 26.31 -35.62 16.24
CA SER J 340 25.76 -35.27 14.96
C SER J 340 26.84 -34.72 14.09
N GLY J 341 26.89 -35.24 12.85
CA GLY J 341 27.83 -34.91 11.81
C GLY J 341 29.18 -35.54 12.04
N GLU J 342 29.55 -36.48 11.15
CA GLU J 342 30.88 -36.98 10.89
C GLU J 342 31.64 -37.50 12.10
N GLY J 343 32.91 -37.92 11.91
CA GLY J 343 33.85 -38.16 12.98
C GLY J 343 34.13 -39.63 13.07
N ASN J 344 34.94 -40.03 14.07
CA ASN J 344 35.15 -41.43 14.40
C ASN J 344 35.37 -41.52 15.91
N PRO J 345 34.45 -41.19 16.83
CA PRO J 345 34.43 -41.63 18.23
C PRO J 345 34.86 -43.02 18.59
N HIS J 346 35.60 -43.14 19.71
CA HIS J 346 36.15 -44.37 20.18
C HIS J 346 36.79 -44.05 21.51
N GLY J 347 36.80 -42.75 21.91
CA GLY J 347 37.19 -42.34 23.23
C GLY J 347 36.97 -40.87 23.39
N TRP J 348 36.67 -40.18 22.26
CA TRP J 348 36.59 -38.73 22.20
C TRP J 348 35.31 -38.39 21.48
N PRO J 349 34.83 -37.14 21.58
CA PRO J 349 33.87 -36.50 20.70
C PRO J 349 33.86 -36.85 19.24
N HIS J 350 35.03 -37.14 18.61
CA HIS J 350 35.08 -37.33 17.18
C HIS J 350 36.34 -38.05 16.81
N GLU J 351 37.04 -38.66 17.80
CA GLU J 351 38.28 -39.39 17.56
C GLU J 351 38.25 -40.70 18.35
N TYR K 1 34.62 12.77 105.24
CA TYR K 1 33.94 13.96 105.81
C TYR K 1 32.97 14.47 104.79
N GLU K 2 33.50 15.04 103.68
CA GLU K 2 32.71 15.58 102.61
C GLU K 2 32.99 14.71 101.43
N HIS K 3 32.55 13.43 101.54
CA HIS K 3 32.97 12.36 100.68
C HIS K 3 32.29 12.36 99.35
N THR K 4 32.90 13.10 98.40
CA THR K 4 32.65 13.02 96.98
C THR K 4 32.92 11.59 96.57
N ALA K 5 32.16 11.09 95.59
CA ALA K 5 32.33 9.76 95.13
C ALA K 5 31.70 9.77 93.79
N VAL K 6 32.59 9.49 92.82
CA VAL K 6 32.27 9.03 91.51
C VAL K 6 31.79 7.63 91.69
N MET K 7 30.61 7.38 91.15
CA MET K 7 29.88 6.20 91.45
C MET K 7 28.91 6.39 90.35
N PRO K 8 29.31 6.04 89.13
CA PRO K 8 28.66 6.49 87.92
C PRO K 8 27.20 6.20 87.88
N ASN K 9 26.43 7.12 87.26
CA ASN K 9 25.02 7.01 86.96
C ASN K 9 24.77 5.67 86.36
N LYS K 10 23.95 4.84 87.01
CA LYS K 10 23.74 3.50 86.55
C LYS K 10 22.33 3.21 86.90
N VAL K 11 21.61 2.66 85.91
CA VAL K 11 20.18 2.66 85.83
C VAL K 11 19.58 1.66 86.79
N GLY K 12 20.34 0.59 87.10
CA GLY K 12 19.80 -0.64 87.59
C GLY K 12 19.84 -0.64 89.08
N ILE K 13 20.15 -1.83 89.61
CA ILE K 13 20.16 -2.26 90.99
C ILE K 13 21.06 -1.35 91.82
N PRO K 14 20.77 -1.03 93.09
CA PRO K 14 21.56 -0.15 93.95
C PRO K 14 23.03 -0.43 93.96
N TYR K 15 23.84 0.64 94.12
CA TYR K 15 25.24 0.55 93.89
C TYR K 15 25.90 1.52 94.81
N LYS K 16 27.12 1.15 95.26
CA LYS K 16 27.63 1.56 96.55
C LYS K 16 29.10 1.71 96.44
N ALA K 17 29.63 2.76 97.10
CA ALA K 17 31.04 3.01 97.23
C ALA K 17 31.28 3.09 98.69
N LEU K 18 32.46 3.61 99.08
CA LEU K 18 32.94 3.55 100.44
C LEU K 18 33.46 4.92 100.71
N VAL K 19 33.05 5.49 101.87
CA VAL K 19 33.32 6.83 102.33
C VAL K 19 34.68 6.76 102.92
N GLU K 20 35.66 7.41 102.26
CA GLU K 20 37.00 7.49 102.77
C GLU K 20 37.03 8.65 103.72
N ARG K 21 37.55 8.33 104.91
CA ARG K 21 37.72 9.22 106.01
C ARG K 21 38.25 8.21 106.98
N PRO K 22 39.54 8.17 107.32
CA PRO K 22 40.08 7.19 108.24
C PRO K 22 40.41 7.87 109.55
N GLY K 23 39.75 9.00 109.86
CA GLY K 23 39.74 9.57 111.19
C GLY K 23 38.55 8.99 111.88
N TYR K 24 37.55 8.65 111.05
CA TYR K 24 36.31 8.01 111.39
C TYR K 24 36.36 6.76 110.61
N ALA K 25 35.37 5.88 110.79
CA ALA K 25 35.27 4.63 110.09
C ALA K 25 35.02 4.95 108.65
N PRO K 26 35.65 4.22 107.75
CA PRO K 26 35.23 4.25 106.36
C PRO K 26 33.95 3.45 106.34
N VAL K 27 32.93 4.12 105.78
CA VAL K 27 31.53 3.83 105.98
C VAL K 27 30.87 3.87 104.64
N HIS K 28 29.89 2.98 104.39
CA HIS K 28 29.39 2.70 103.07
C HIS K 28 28.56 3.82 102.51
N LEU K 29 28.52 3.86 101.16
CA LEU K 29 27.59 4.64 100.38
C LEU K 29 26.59 3.65 99.86
N GLN K 30 25.51 4.18 99.25
CA GLN K 30 24.66 3.42 98.38
C GLN K 30 23.98 4.48 97.60
N ILE K 31 24.69 5.02 96.60
CA ILE K 31 24.18 6.12 95.85
C ILE K 31 23.78 5.53 94.55
N GLN K 32 22.45 5.42 94.36
CA GLN K 32 21.86 4.79 93.22
C GLN K 32 21.15 5.83 92.42
N LEU K 33 21.69 6.21 91.24
CA LEU K 33 20.97 7.04 90.31
C LEU K 33 20.28 6.12 89.37
N VAL K 34 19.11 5.59 89.84
CA VAL K 34 18.29 4.60 89.18
C VAL K 34 17.76 5.19 87.90
N ASN K 35 17.45 6.50 87.96
CA ASN K 35 17.06 7.30 86.86
C ASN K 35 17.82 8.56 87.09
N THR K 36 17.88 9.39 86.04
CA THR K 36 18.40 10.73 86.14
C THR K 36 17.35 11.45 85.37
N ARG K 37 16.11 11.27 85.87
CA ARG K 37 14.89 11.86 85.40
C ARG K 37 14.93 13.34 85.63
N ILE K 38 13.96 14.07 85.05
CA ILE K 38 14.18 15.44 84.71
C ILE K 38 12.99 16.16 85.23
N ILE K 39 11.83 15.98 84.56
CA ILE K 39 10.56 16.58 84.86
C ILE K 39 10.72 18.07 84.59
N PRO K 40 11.19 18.44 83.38
CA PRO K 40 11.49 19.81 83.01
C PRO K 40 10.35 20.80 83.14
N SER K 41 10.73 22.11 83.10
CA SER K 41 9.85 23.23 82.93
C SER K 41 9.76 23.34 81.43
N THR K 42 8.57 22.99 80.90
CA THR K 42 8.36 22.67 79.52
C THR K 42 7.01 23.22 79.17
N ASN K 43 6.60 23.09 77.88
CA ASN K 43 5.32 23.58 77.42
C ASN K 43 4.86 22.66 76.33
N LEU K 44 3.61 22.18 76.52
CA LEU K 44 2.82 21.40 75.60
C LEU K 44 2.38 22.25 74.47
N GLU K 45 2.88 21.97 73.26
CA GLU K 45 2.63 22.75 72.08
C GLU K 45 1.43 22.14 71.42
N TYR K 46 1.44 20.80 71.26
CA TYR K 46 0.34 20.13 70.66
C TYR K 46 0.51 18.68 70.98
N ILE K 47 -0.61 17.99 71.30
CA ILE K 47 -0.59 16.54 71.35
C ILE K 47 -0.55 16.11 69.91
N THR K 48 0.21 15.04 69.63
CA THR K 48 0.21 14.40 68.35
C THR K 48 -0.06 12.96 68.61
N CYS K 49 -0.29 12.19 67.53
CA CYS K 49 -0.97 10.92 67.60
C CYS K 49 -1.41 10.63 66.21
N LYS K 50 -1.60 9.32 65.90
CA LYS K 50 -2.18 8.85 64.67
C LYS K 50 -3.59 9.34 64.65
N TYR K 51 -4.05 9.80 63.47
CA TYR K 51 -5.32 10.46 63.29
C TYR K 51 -6.52 9.60 63.64
N LYS K 52 -7.69 10.25 63.63
CA LYS K 52 -8.97 9.62 63.52
C LYS K 52 -9.71 10.60 62.67
N THR K 53 -10.15 10.18 61.48
CA THR K 53 -10.89 11.00 60.54
C THR K 53 -12.32 11.22 61.01
N LYS K 54 -12.46 12.13 62.01
CA LYS K 54 -13.66 12.56 62.68
C LYS K 54 -14.30 13.61 61.85
N VAL K 55 -15.09 13.21 60.82
CA VAL K 55 -15.62 14.09 59.81
C VAL K 55 -16.34 15.27 60.45
N PRO K 56 -16.01 16.53 60.11
CA PRO K 56 -16.78 17.69 60.49
C PRO K 56 -17.83 17.88 59.43
N SER K 57 -18.84 16.99 59.46
CA SER K 57 -19.81 16.70 58.44
C SER K 57 -20.04 17.71 57.35
N PRO K 58 -20.13 17.30 56.07
CA PRO K 58 -20.21 18.21 54.96
C PRO K 58 -21.22 19.30 55.08
N VAL K 59 -20.82 20.51 54.65
CA VAL K 59 -21.70 21.62 54.43
C VAL K 59 -22.12 21.29 53.03
N VAL K 60 -23.22 20.51 52.98
CA VAL K 60 -23.72 19.83 51.80
C VAL K 60 -24.00 20.80 50.69
N LYS K 61 -23.22 20.64 49.60
CA LYS K 61 -23.34 21.43 48.42
C LYS K 61 -23.25 20.50 47.25
N CYS K 62 -24.22 20.61 46.33
CA CYS K 62 -24.41 19.63 45.29
C CYS K 62 -25.12 20.33 44.16
N CYS K 63 -25.27 21.69 44.23
CA CYS K 63 -25.89 22.45 43.15
C CYS K 63 -25.86 23.93 43.42
N GLY K 64 -25.29 24.38 44.56
CA GLY K 64 -25.13 25.80 44.82
C GLY K 64 -23.75 26.03 45.33
N ALA K 65 -23.47 27.31 45.69
CA ALA K 65 -22.14 27.82 45.97
C ALA K 65 -21.51 27.11 47.12
N THR K 66 -20.25 26.65 46.94
CA THR K 66 -19.48 25.92 47.91
C THR K 66 -19.29 26.63 49.24
N GLN K 67 -19.27 25.81 50.31
CA GLN K 67 -19.01 26.22 51.66
C GLN K 67 -18.29 25.05 52.26
N CYS K 68 -17.31 25.35 53.13
CA CYS K 68 -16.49 24.39 53.82
C CYS K 68 -16.51 24.90 55.23
N THR K 69 -16.84 24.02 56.22
CA THR K 69 -16.88 24.27 57.66
C THR K 69 -15.91 25.33 58.12
N SER K 70 -16.44 26.39 58.77
CA SER K 70 -15.67 27.55 59.16
C SER K 70 -15.76 27.71 60.66
N LYS K 71 -16.54 26.83 61.32
CA LYS K 71 -16.71 26.77 62.75
C LYS K 71 -15.45 26.30 63.41
N PRO K 72 -15.13 26.68 64.66
CA PRO K 72 -13.83 26.50 65.30
C PRO K 72 -13.25 25.11 65.19
N HIS K 73 -11.90 25.07 65.12
CA HIS K 73 -10.98 23.96 65.03
C HIS K 73 -10.37 24.09 63.65
N PRO K 74 -9.44 25.04 63.42
CA PRO K 74 -8.84 25.37 62.13
C PRO K 74 -8.43 24.28 61.18
N ASP K 75 -8.44 24.65 59.87
CA ASP K 75 -8.01 23.87 58.73
C ASP K 75 -8.98 22.76 58.41
N TYR K 76 -9.64 22.86 57.25
CA TYR K 76 -10.65 21.93 56.82
C TYR K 76 -10.42 21.65 55.36
N GLN K 77 -10.25 20.36 55.00
CA GLN K 77 -10.14 19.91 53.63
C GLN K 77 -11.53 19.65 53.15
N CYS K 78 -11.92 20.26 52.01
CA CYS K 78 -13.23 20.07 51.44
C CYS K 78 -12.99 20.13 49.96
N GLN K 79 -13.55 19.15 49.22
CA GLN K 79 -13.39 19.03 47.79
C GLN K 79 -14.65 18.48 47.22
N VAL K 80 -15.27 19.20 46.25
CA VAL K 80 -16.39 18.72 45.46
C VAL K 80 -15.92 17.58 44.56
N PHE K 81 -16.82 16.61 44.28
CA PHE K 81 -16.65 15.53 43.34
C PHE K 81 -18.00 15.33 42.72
N THR K 82 -18.02 15.02 41.40
CA THR K 82 -19.24 14.72 40.70
C THR K 82 -19.08 13.29 40.25
N GLY K 83 -20.05 12.77 39.46
CA GLY K 83 -20.03 11.43 38.92
C GLY K 83 -20.33 10.41 39.98
N VAL K 84 -21.13 10.82 41.01
CA VAL K 84 -21.55 9.98 42.10
C VAL K 84 -22.97 9.55 41.82
N TYR K 85 -23.78 9.24 42.86
CA TYR K 85 -25.12 8.74 42.66
C TYR K 85 -25.80 8.80 44.02
N PRO K 86 -26.35 9.93 44.47
CA PRO K 86 -26.56 10.16 45.89
C PRO K 86 -27.94 9.71 46.28
N PHE K 87 -28.06 9.21 47.53
CA PHE K 87 -29.29 8.76 48.11
C PHE K 87 -29.10 8.91 49.59
N MET K 88 -30.22 8.85 50.35
CA MET K 88 -30.16 8.95 51.77
C MET K 88 -31.47 8.38 52.25
N TRP K 89 -31.80 7.18 51.73
CA TRP K 89 -32.84 6.30 52.20
C TRP K 89 -34.19 6.94 52.01
N GLY K 90 -34.43 7.41 50.75
CA GLY K 90 -35.58 8.17 50.36
C GLY K 90 -35.12 9.59 50.38
N GLY K 91 -35.29 10.31 49.24
CA GLY K 91 -34.59 11.52 48.91
C GLY K 91 -33.09 11.31 48.88
N ALA K 92 -32.33 12.41 49.03
CA ALA K 92 -30.90 12.36 49.15
C ALA K 92 -30.52 13.50 50.03
N TYR K 93 -29.40 13.32 50.74
CA TYR K 93 -28.81 14.24 51.69
C TYR K 93 -28.44 15.55 51.05
N CYS K 94 -27.93 15.44 49.80
CA CYS K 94 -27.49 16.48 48.92
C CYS K 94 -28.36 17.70 48.82
N PHE K 95 -27.71 18.78 48.30
CA PHE K 95 -28.25 20.09 48.13
C PHE K 95 -29.30 19.96 47.04
N CYS K 96 -28.97 19.20 45.97
CA CYS K 96 -29.91 18.82 44.96
C CYS K 96 -29.81 17.33 44.82
N ASP K 97 -30.98 16.66 44.92
CA ASP K 97 -31.10 15.22 44.93
C ASP K 97 -31.34 14.74 43.51
N THR K 98 -31.33 15.68 42.54
CA THR K 98 -31.41 15.41 41.13
C THR K 98 -30.07 15.70 40.49
N GLU K 99 -29.02 15.99 41.30
CA GLU K 99 -27.68 16.16 40.82
C GLU K 99 -26.85 15.06 41.38
N ASN K 100 -25.91 14.55 40.54
CA ASN K 100 -24.89 13.60 40.91
C ASN K 100 -23.63 14.30 41.34
N THR K 101 -23.75 15.26 42.28
CA THR K 101 -22.65 16.05 42.79
C THR K 101 -22.57 15.68 44.24
N GLN K 102 -21.35 15.65 44.81
CA GLN K 102 -21.04 15.27 46.16
C GLN K 102 -20.03 16.23 46.71
N MET K 103 -20.33 16.88 47.86
CA MET K 103 -19.38 17.77 48.47
C MET K 103 -18.93 17.00 49.67
N SER K 104 -17.66 16.54 49.56
CA SER K 104 -16.98 15.76 50.55
C SER K 104 -16.25 16.76 51.38
N GLU K 105 -16.26 16.57 52.72
CA GLU K 105 -15.50 17.43 53.59
C GLU K 105 -14.95 16.49 54.60
N ALA K 106 -13.66 16.66 54.94
CA ALA K 106 -13.04 15.86 55.97
C ALA K 106 -11.93 16.67 56.52
N TYR K 107 -11.78 16.73 57.85
CA TYR K 107 -10.59 17.29 58.42
C TYR K 107 -10.07 16.18 59.27
N VAL K 108 -8.78 16.33 59.64
CA VAL K 108 -8.07 15.39 60.45
C VAL K 108 -8.40 15.91 61.81
N GLU K 109 -8.58 15.01 62.78
CA GLU K 109 -9.00 15.41 64.09
C GLU K 109 -8.29 14.45 64.95
N ARG K 110 -7.98 14.90 66.18
CA ARG K 110 -7.39 14.08 67.17
C ARG K 110 -8.22 12.84 67.40
N SER K 111 -7.50 11.72 67.45
CA SER K 111 -7.97 10.43 67.80
C SER K 111 -8.19 10.39 69.27
N GLU K 112 -8.80 9.29 69.67
CA GLU K 112 -8.96 8.81 70.99
C GLU K 112 -7.61 8.37 71.52
N GLU K 113 -6.68 7.97 70.62
CA GLU K 113 -5.35 7.58 71.01
C GLU K 113 -4.52 8.76 71.46
N CYS K 114 -4.88 10.00 71.05
CA CYS K 114 -4.24 11.20 71.53
C CYS K 114 -4.38 11.41 73.01
N SER K 115 -5.57 11.02 73.55
CA SER K 115 -5.91 11.02 74.95
C SER K 115 -5.11 10.04 75.76
N ILE K 116 -4.76 8.89 75.13
CA ILE K 116 -4.31 7.73 75.84
C ILE K 116 -3.70 6.82 74.82
N ASP K 117 -2.37 6.66 74.97
CA ASP K 117 -1.44 5.94 74.12
C ASP K 117 -0.12 6.46 74.62
N HIS K 118 -0.10 7.74 75.05
CA HIS K 118 1.06 8.53 75.42
C HIS K 118 1.74 9.01 74.17
N ALA K 119 0.89 9.43 73.21
CA ALA K 119 1.28 10.13 72.03
C ALA K 119 1.02 11.58 72.33
N LYS K 120 2.09 12.39 72.41
CA LYS K 120 2.05 13.75 72.91
C LYS K 120 3.26 14.45 72.32
N ALA K 121 3.14 15.47 71.42
CA ALA K 121 4.34 16.13 70.92
C ALA K 121 4.71 17.18 71.94
N TYR K 122 5.95 17.72 71.87
CA TYR K 122 6.41 18.66 72.85
C TYR K 122 7.51 19.51 72.28
N LYS K 123 7.53 20.79 72.71
CA LYS K 123 8.70 21.62 72.67
C LYS K 123 9.29 21.44 74.05
N VAL K 124 10.50 20.87 74.12
CA VAL K 124 11.10 20.35 75.33
C VAL K 124 12.22 21.29 75.63
N HIS K 125 12.16 21.94 76.81
CA HIS K 125 13.22 22.79 77.29
C HIS K 125 13.88 21.99 78.36
N THR K 126 15.14 22.35 78.72
CA THR K 126 15.98 21.59 79.61
C THR K 126 15.36 21.54 81.00
N GLY K 127 14.85 22.71 81.47
CA GLY K 127 14.21 22.93 82.75
C GLY K 127 14.92 22.31 83.92
N THR K 128 14.12 21.86 84.91
CA THR K 128 14.61 21.46 86.20
C THR K 128 14.91 19.99 86.07
N VAL K 129 15.87 19.51 86.88
CA VAL K 129 16.46 18.21 86.71
C VAL K 129 16.26 17.61 88.07
N GLN K 130 15.55 16.47 88.10
CA GLN K 130 15.01 15.97 89.34
C GLN K 130 15.23 14.49 89.35
N ALA K 131 16.51 14.09 89.18
CA ALA K 131 17.02 12.74 89.13
C ALA K 131 16.65 11.97 90.35
N MET K 132 16.23 10.69 90.18
CA MET K 132 15.87 9.84 91.29
C MET K 132 17.15 9.23 91.79
N VAL K 133 17.52 9.55 93.05
CA VAL K 133 18.83 9.29 93.58
C VAL K 133 18.62 8.79 94.97
N ASN K 134 19.13 7.56 95.26
CA ASN K 134 19.30 7.03 96.58
C ASN K 134 20.62 7.59 97.04
N ILE K 135 20.75 8.07 98.28
CA ILE K 135 22.02 8.29 98.93
C ILE K 135 21.96 7.62 100.27
N THR K 136 22.82 6.61 100.51
CA THR K 136 23.14 6.20 101.87
C THR K 136 24.59 6.62 101.97
N TYR K 137 25.11 6.68 103.22
CA TYR K 137 26.40 7.25 103.47
C TYR K 137 26.80 6.70 104.81
N GLY K 138 25.84 6.19 105.61
CA GLY K 138 26.07 5.30 106.72
C GLY K 138 26.32 6.08 107.98
N SER K 139 26.98 7.26 107.87
CA SER K 139 26.99 8.32 108.85
C SER K 139 25.59 8.84 109.01
N VAL K 140 24.91 9.05 107.86
CA VAL K 140 23.50 9.28 107.75
C VAL K 140 23.20 8.37 106.60
N SER K 141 22.26 7.41 106.77
CA SER K 141 21.90 6.51 105.71
C SER K 141 20.48 6.69 105.26
N TRP K 142 20.33 6.55 103.92
CA TRP K 142 19.14 6.53 103.14
C TRP K 142 18.46 7.85 102.96
N ARG K 143 18.14 8.09 101.67
CA ARG K 143 17.13 8.98 101.18
C ARG K 143 17.03 8.46 99.80
N SER K 144 15.82 8.15 99.29
CA SER K 144 15.66 7.77 97.90
C SER K 144 14.63 8.70 97.36
N ALA K 145 15.09 9.84 96.82
CA ALA K 145 14.21 10.94 96.54
C ALA K 145 14.80 11.67 95.39
N ASP K 146 13.91 12.36 94.64
CA ASP K 146 14.29 13.18 93.53
C ASP K 146 15.07 14.38 94.01
N VAL K 147 16.10 14.75 93.22
CA VAL K 147 17.00 15.82 93.54
C VAL K 147 16.38 17.04 92.93
N TYR K 148 17.03 18.20 93.08
CA TYR K 148 16.59 19.41 92.46
C TYR K 148 17.80 20.08 91.92
N VAL K 149 19.00 19.46 92.11
CA VAL K 149 20.27 19.92 91.60
C VAL K 149 20.17 19.96 90.10
N ASN K 150 20.72 21.03 89.48
CA ASN K 150 20.73 21.26 88.05
C ASN K 150 19.35 21.73 87.63
N GLY K 151 19.29 22.88 86.91
CA GLY K 151 18.09 23.67 86.75
C GLY K 151 17.81 24.44 88.00
N GLU K 152 16.74 24.06 88.75
CA GLU K 152 16.50 24.44 90.13
C GLU K 152 17.68 24.32 91.07
N THR K 153 17.54 24.92 92.28
CA THR K 153 18.53 24.91 93.34
C THR K 153 18.75 23.48 93.81
N PRO K 154 19.94 23.04 94.20
CA PRO K 154 20.21 21.78 94.88
C PRO K 154 19.20 21.24 95.86
N ALA K 155 18.94 19.91 95.80
CA ALA K 155 18.22 19.20 96.83
C ALA K 155 19.13 19.08 98.00
N LYS K 156 18.68 19.61 99.15
CA LYS K 156 19.46 19.65 100.36
C LYS K 156 18.66 18.86 101.38
N ILE K 157 17.58 18.18 100.91
CA ILE K 157 16.77 17.27 101.69
C ILE K 157 17.28 15.90 101.34
N GLY K 158 17.68 15.13 102.38
CA GLY K 158 18.42 13.92 102.19
C GLY K 158 19.45 13.81 103.27
N ASP K 159 20.47 12.95 103.04
CA ASP K 159 21.62 12.78 103.89
C ASP K 159 22.40 14.05 104.04
N ALA K 160 22.35 14.65 105.27
CA ALA K 160 22.94 15.93 105.63
C ALA K 160 22.81 16.98 104.56
N LYS K 161 23.95 17.55 104.09
CA LYS K 161 23.95 18.46 102.98
C LYS K 161 24.50 17.64 101.85
N LEU K 162 23.78 17.58 100.72
CA LEU K 162 24.04 16.62 99.68
C LEU K 162 23.97 17.34 98.38
N ILE K 163 25.01 17.11 97.55
CA ILE K 163 25.19 17.72 96.27
C ILE K 163 25.24 16.52 95.38
N ILE K 164 24.52 16.52 94.25
CA ILE K 164 24.44 15.33 93.45
C ILE K 164 24.93 15.87 92.16
N GLY K 165 25.72 15.06 91.42
CA GLY K 165 26.16 15.39 90.10
C GLY K 165 27.03 16.63 90.09
N PRO K 166 26.79 17.70 89.32
CA PRO K 166 25.69 17.96 88.41
C PRO K 166 25.36 16.82 87.47
N LEU K 167 24.04 16.59 87.32
CA LEU K 167 23.46 15.49 86.59
C LEU K 167 23.86 15.54 85.13
N SER K 168 24.13 14.34 84.57
CA SER K 168 24.56 14.15 83.21
C SER K 168 23.41 14.21 82.26
N SER K 169 22.17 14.10 82.80
CA SER K 169 20.96 14.10 82.02
C SER K 169 20.27 15.28 82.59
N ALA K 170 19.92 16.27 81.73
CA ALA K 170 19.49 17.56 82.19
C ALA K 170 18.27 17.95 81.41
N TRP K 171 18.05 17.27 80.27
CA TRP K 171 16.91 17.42 79.41
C TRP K 171 16.32 16.05 79.46
N SER K 172 15.03 15.93 79.12
CA SER K 172 14.43 14.67 78.79
C SER K 172 15.05 14.19 77.49
N PRO K 173 15.21 12.89 77.21
CA PRO K 173 15.81 12.37 75.98
C PRO K 173 14.84 12.49 74.82
N PHE K 174 13.76 13.26 75.00
CA PHE K 174 12.94 13.79 73.96
C PHE K 174 13.66 15.01 73.50
N ASP K 175 13.96 15.07 72.18
CA ASP K 175 14.49 16.19 71.43
C ASP K 175 13.71 17.47 71.69
N ASN K 176 14.31 18.65 71.34
CA ASN K 176 13.67 19.95 71.51
C ASN K 176 12.32 19.95 70.83
N LYS K 177 12.27 19.58 69.54
CA LYS K 177 11.00 19.30 68.93
C LYS K 177 10.95 17.82 68.92
N VAL K 178 9.84 17.24 69.41
CA VAL K 178 9.71 15.81 69.45
C VAL K 178 8.29 15.59 69.05
N VAL K 179 8.05 14.55 68.24
CA VAL K 179 6.71 14.08 68.01
C VAL K 179 6.68 12.73 68.65
N VAL K 180 5.53 12.29 69.20
CA VAL K 180 5.51 11.09 70.01
C VAL K 180 4.29 10.33 69.61
N TYR K 181 4.43 8.99 69.55
CA TYR K 181 3.33 8.13 69.25
C TYR K 181 3.67 6.96 70.10
N GLY K 182 3.09 6.96 71.31
CA GLY K 182 3.12 5.87 72.24
C GLY K 182 4.48 5.60 72.81
N HIS K 183 4.88 4.30 72.81
CA HIS K 183 6.20 3.82 73.12
C HIS K 183 7.26 4.41 72.24
N GLU K 184 6.94 4.59 70.95
CA GLU K 184 7.86 5.08 69.97
C GLU K 184 7.88 6.57 70.08
N VAL K 185 9.06 7.12 70.40
CA VAL K 185 9.26 8.52 70.65
C VAL K 185 9.96 8.91 69.40
N TYR K 186 9.54 10.00 68.71
CA TYR K 186 9.99 10.26 67.37
C TYR K 186 10.65 11.59 67.30
N ASN K 187 11.92 11.52 66.86
CA ASN K 187 12.90 12.58 66.74
C ASN K 187 12.49 13.69 65.80
N TYR K 188 11.45 13.47 64.97
CA TYR K 188 11.03 14.39 63.92
C TYR K 188 10.65 15.74 64.49
N ASP K 189 11.07 16.79 63.77
CA ASP K 189 10.85 18.18 64.09
C ASP K 189 9.45 18.61 63.75
N PHE K 190 9.14 19.88 64.11
CA PHE K 190 7.91 20.52 63.74
C PHE K 190 8.17 22.00 63.83
N PRO K 191 7.45 22.86 63.12
CA PRO K 191 7.72 24.29 63.16
C PRO K 191 7.19 24.86 64.46
N GLU K 192 5.87 24.77 64.69
CA GLU K 192 5.26 25.07 65.96
C GLU K 192 3.88 24.49 65.79
N TYR K 193 3.05 24.54 66.86
CA TYR K 193 1.61 24.40 66.75
C TYR K 193 1.00 25.48 65.88
N GLY K 194 -0.01 25.09 65.08
CA GLY K 194 -0.90 26.00 64.39
C GLY K 194 -0.28 26.58 63.17
N THR K 195 0.69 25.87 62.55
CA THR K 195 1.51 26.41 61.51
C THR K 195 2.21 25.25 60.85
N GLY K 196 1.66 24.03 61.02
CA GLY K 196 2.28 22.77 60.68
C GLY K 196 2.37 22.58 59.19
N LYS K 197 2.79 21.37 58.76
CA LYS K 197 2.94 21.07 57.37
C LYS K 197 2.91 19.58 57.25
N ALA K 198 2.62 19.08 56.03
CA ALA K 198 2.50 17.68 55.75
C ALA K 198 3.66 17.30 54.89
N GLY K 199 4.31 16.17 55.27
CA GLY K 199 5.52 15.69 54.69
C GLY K 199 6.47 15.42 55.82
N SER K 200 5.96 15.51 57.07
CA SER K 200 6.71 15.25 58.27
C SER K 200 5.76 14.61 59.23
N PHE K 201 6.31 14.08 60.34
CA PHE K 201 5.59 13.43 61.40
C PHE K 201 5.27 14.55 62.35
N GLY K 202 3.99 14.60 62.80
CA GLY K 202 3.47 15.68 63.61
C GLY K 202 2.86 16.68 62.68
N ASP K 203 2.31 16.18 61.56
CA ASP K 203 1.54 16.94 60.62
C ASP K 203 0.12 17.15 61.09
N LEU K 204 -0.38 16.32 62.04
CA LEU K 204 -1.56 16.64 62.81
C LEU K 204 -1.02 17.28 64.03
N GLN K 205 -1.64 18.40 64.43
CA GLN K 205 -1.18 19.15 65.56
C GLN K 205 -2.48 19.58 66.15
N SER K 206 -2.97 18.83 67.16
CA SER K 206 -4.15 19.17 67.90
C SER K 206 -3.65 19.67 69.23
N ARG K 207 -4.21 20.78 69.74
CA ARG K 207 -3.73 21.42 70.96
C ARG K 207 -3.83 20.57 72.21
N THR K 208 -5.04 20.48 72.80
CA THR K 208 -5.31 19.67 73.98
C THR K 208 -6.58 18.90 73.71
N SER K 209 -6.82 17.84 74.51
CA SER K 209 -7.94 16.92 74.35
C SER K 209 -9.15 17.43 75.08
N THR K 210 -9.08 18.69 75.58
CA THR K 210 -10.17 19.38 76.23
C THR K 210 -10.86 20.23 75.19
N SER K 211 -10.49 20.03 73.92
CA SER K 211 -10.96 20.77 72.78
C SER K 211 -10.63 19.87 71.63
N ASN K 212 -11.16 20.19 70.44
CA ASN K 212 -10.86 19.47 69.23
C ASN K 212 -10.20 20.48 68.32
N ASP K 213 -9.70 21.60 68.91
CA ASP K 213 -8.95 22.68 68.30
C ASP K 213 -7.65 22.13 67.75
N LEU K 214 -7.35 22.42 66.46
CA LEU K 214 -6.19 21.82 65.84
C LEU K 214 -5.77 22.51 64.57
N TYR K 215 -4.79 21.87 63.88
CA TYR K 215 -4.27 22.12 62.57
C TYR K 215 -4.33 20.78 61.86
N ALA K 216 -5.08 20.69 60.75
CA ALA K 216 -5.35 19.45 60.05
C ALA K 216 -4.90 19.51 58.63
N ASN K 217 -3.60 19.27 58.40
CA ASN K 217 -3.13 18.90 57.09
C ASN K 217 -2.16 17.78 57.37
N THR K 218 -2.54 16.54 57.02
CA THR K 218 -1.67 15.38 57.08
C THR K 218 -1.47 14.88 55.67
N ASN K 219 -1.87 15.73 54.69
CA ASN K 219 -1.97 15.46 53.29
C ASN K 219 -3.20 14.62 53.11
N LEU K 220 -4.28 15.01 53.85
CA LEU K 220 -5.58 14.43 53.72
C LEU K 220 -6.16 15.13 52.55
N LYS K 221 -6.41 14.34 51.50
CA LYS K 221 -6.85 14.78 50.21
C LYS K 221 -8.03 13.95 49.91
N LEU K 222 -9.21 14.58 49.82
CA LEU K 222 -10.43 13.91 49.44
C LEU K 222 -10.31 13.70 47.95
N GLN K 223 -10.82 12.55 47.46
CA GLN K 223 -10.75 12.19 46.07
C GLN K 223 -12.03 11.47 45.75
N ARG K 224 -12.17 11.00 44.49
CA ARG K 224 -13.36 10.33 44.00
C ARG K 224 -13.63 9.04 44.75
N PRO K 225 -14.88 8.65 44.96
CA PRO K 225 -15.21 7.40 45.64
C PRO K 225 -15.19 6.28 44.65
N GLN K 226 -15.28 5.03 45.18
CA GLN K 226 -15.06 3.82 44.43
C GLN K 226 -16.33 3.54 43.67
N ALA K 227 -16.18 3.46 42.33
CA ALA K 227 -17.15 2.95 41.40
C ALA K 227 -18.17 4.00 41.05
N GLY K 228 -17.87 5.29 41.37
CA GLY K 228 -18.68 6.42 40.99
C GLY K 228 -19.99 6.46 41.71
N ILE K 229 -19.98 6.20 43.04
CA ILE K 229 -21.17 6.31 43.85
C ILE K 229 -20.72 6.71 45.24
N VAL K 230 -21.51 7.63 45.86
CA VAL K 230 -21.36 8.29 47.15
C VAL K 230 -20.63 7.57 48.25
N HIS K 231 -19.75 8.36 48.92
CA HIS K 231 -19.09 8.15 50.19
C HIS K 231 -17.91 9.07 50.09
N THR K 232 -17.27 9.40 51.24
CA THR K 232 -16.19 10.36 51.27
C THR K 232 -14.96 9.54 51.62
N PRO K 233 -14.02 9.25 50.72
CA PRO K 233 -12.76 8.63 51.09
C PRO K 233 -11.83 9.72 51.52
N PHE K 234 -10.93 9.39 52.46
CA PHE K 234 -9.88 10.28 52.89
C PHE K 234 -8.66 9.61 52.38
N THR K 235 -7.92 10.22 51.41
CA THR K 235 -6.71 9.62 50.90
C THR K 235 -5.59 10.40 51.54
N GLN K 236 -4.74 9.67 52.30
CA GLN K 236 -3.81 10.24 53.22
C GLN K 236 -2.51 9.60 52.86
N ALA K 237 -1.52 10.46 52.50
CA ALA K 237 -0.18 10.08 52.13
C ALA K 237 0.57 9.37 53.24
N PRO K 238 1.51 8.46 52.94
CA PRO K 238 2.54 8.05 53.89
C PRO K 238 3.37 9.26 54.25
N SER K 239 3.25 9.70 55.52
CA SER K 239 3.65 11.01 55.91
C SER K 239 3.84 10.84 57.38
N GLY K 240 3.31 11.76 58.23
CA GLY K 240 3.15 11.53 59.63
C GLY K 240 2.20 10.41 59.91
N PHE K 241 2.57 9.58 60.91
CA PHE K 241 1.74 8.63 61.61
C PHE K 241 1.59 7.38 60.79
N GLU K 242 2.43 7.24 59.74
CA GLU K 242 2.40 6.09 58.87
C GLU K 242 3.83 5.76 58.59
N ARG K 243 4.45 6.49 57.65
CA ARG K 243 5.88 6.64 57.49
C ARG K 243 6.57 7.15 58.72
N TRP K 244 7.83 6.67 58.90
CA TRP K 244 8.61 6.71 60.10
C TRP K 244 7.94 5.92 61.21
N LYS K 245 7.53 4.68 60.89
CA LYS K 245 7.07 3.69 61.83
C LYS K 245 7.38 2.34 61.22
N ARG K 246 8.08 2.36 60.07
CA ARG K 246 8.55 1.19 59.39
C ARG K 246 9.46 1.69 58.31
N ASP K 247 9.67 3.02 58.25
CA ASP K 247 10.76 3.64 57.52
C ASP K 247 11.84 3.97 58.53
N LYS K 248 11.63 3.54 59.79
CA LYS K 248 12.51 3.77 60.90
C LYS K 248 12.92 2.40 61.29
N GLY K 249 14.19 2.26 61.72
CA GLY K 249 14.70 1.05 62.32
C GLY K 249 14.76 1.23 63.80
N ALA K 250 14.77 2.49 64.28
CA ALA K 250 14.88 2.77 65.68
C ALA K 250 14.17 4.07 65.88
N PRO K 251 13.37 4.25 66.94
CA PRO K 251 12.74 5.53 67.17
C PRO K 251 13.76 6.25 68.01
N LEU K 252 13.38 7.45 68.52
CA LEU K 252 14.17 8.27 69.40
C LEU K 252 14.38 7.56 70.70
N ASN K 253 13.48 6.63 71.09
CA ASN K 253 13.66 5.85 72.29
C ASN K 253 14.63 4.70 72.18
N ASP K 254 15.33 4.53 71.04
CA ASP K 254 16.37 3.54 70.93
C ASP K 254 17.61 4.14 70.34
N VAL K 255 17.59 5.44 69.96
CA VAL K 255 18.77 6.16 69.54
C VAL K 255 19.06 7.18 70.63
N ALA K 256 18.16 7.23 71.65
CA ALA K 256 18.02 8.17 72.75
C ALA K 256 19.26 8.93 73.18
N PRO K 257 19.18 10.23 73.41
CA PRO K 257 20.18 11.01 74.10
C PRO K 257 20.55 10.54 75.50
N PHE K 258 21.83 10.79 75.87
CA PHE K 258 22.45 10.70 77.17
C PHE K 258 21.98 9.60 78.10
N GLY K 259 22.15 8.33 77.67
CA GLY K 259 22.14 7.17 78.53
C GLY K 259 20.79 6.77 79.06
N CYS K 260 19.71 7.46 78.62
CA CYS K 260 18.39 7.35 79.18
C CYS K 260 17.60 6.67 78.13
N SER K 261 16.51 5.97 78.52
CA SER K 261 15.63 5.40 77.54
C SER K 261 14.24 5.78 77.87
N ILE K 262 13.36 5.59 76.87
CA ILE K 262 12.12 6.31 76.76
C ILE K 262 11.10 5.29 76.40
N ALA K 263 9.81 5.61 76.69
CA ALA K 263 8.66 4.86 76.30
C ALA K 263 7.57 5.36 77.20
N LEU K 264 6.60 6.10 76.60
CA LEU K 264 5.34 6.46 77.21
C LEU K 264 5.47 7.64 78.13
N GLU K 265 6.59 8.41 78.05
CA GLU K 265 6.98 9.29 79.13
C GLU K 265 6.38 10.66 78.91
N PRO K 266 5.90 11.36 79.94
CA PRO K 266 5.29 12.68 79.82
C PRO K 266 6.32 13.79 79.78
N LEU K 267 7.62 13.43 79.83
CA LEU K 267 8.80 14.28 79.79
C LEU K 267 9.43 14.14 81.13
N ARG K 268 10.38 13.21 81.18
CA ARG K 268 11.21 12.88 82.31
C ARG K 268 12.25 12.06 81.61
N ALA K 269 13.27 11.58 82.35
CA ALA K 269 14.23 10.70 81.72
C ALA K 269 14.43 9.46 82.53
N GLU K 270 13.63 8.41 82.24
CA GLU K 270 13.79 7.12 82.86
C GLU K 270 15.08 6.50 82.38
N ASN K 271 15.71 5.66 83.21
CA ASN K 271 16.60 4.64 82.75
C ASN K 271 17.94 5.24 82.43
N CYS K 272 18.29 6.38 83.06
CA CYS K 272 19.52 7.05 82.74
C CYS K 272 20.64 6.36 83.41
N ALA K 273 21.82 6.43 82.77
CA ALA K 273 22.97 5.79 83.27
C ALA K 273 24.14 6.37 82.56
N VAL K 274 23.97 7.55 81.92
CA VAL K 274 25.02 8.27 81.26
C VAL K 274 26.16 8.61 82.15
N GLY K 275 27.32 7.99 81.82
CA GLY K 275 28.61 8.17 82.43
C GLY K 275 28.57 8.31 83.90
N SER K 276 29.38 9.26 84.41
CA SER K 276 29.57 9.47 85.81
C SER K 276 28.78 10.66 86.23
N ILE K 277 28.07 10.50 87.36
CA ILE K 277 27.38 11.57 88.02
C ILE K 277 28.04 11.44 89.37
N PRO K 278 28.95 12.34 89.76
CA PRO K 278 29.71 12.20 90.99
C PRO K 278 28.93 12.84 92.10
N ILE K 279 28.59 12.04 93.12
CA ILE K 279 27.67 12.46 94.14
C ILE K 279 28.53 12.78 95.31
N SER K 280 28.21 13.83 96.08
CA SER K 280 29.07 14.29 97.13
C SER K 280 28.17 14.75 98.20
N ILE K 281 28.48 14.34 99.44
CA ILE K 281 27.64 14.66 100.54
C ILE K 281 28.64 15.28 101.47
N ASP K 282 28.20 16.32 102.20
CA ASP K 282 28.91 16.90 103.30
C ASP K 282 28.09 16.50 104.47
N ILE K 283 28.60 15.50 105.21
CA ILE K 283 27.96 15.01 106.39
C ILE K 283 28.90 15.48 107.46
N PRO K 284 28.45 16.18 108.50
CA PRO K 284 29.21 16.45 109.72
C PRO K 284 30.03 15.29 110.19
N ASP K 285 31.28 15.57 110.64
CA ASP K 285 32.20 14.57 111.13
C ASP K 285 31.65 13.87 112.34
N ALA K 286 30.80 14.56 113.15
CA ALA K 286 30.09 13.99 114.27
C ALA K 286 29.14 12.86 113.94
N ALA K 287 28.44 12.94 112.78
CA ALA K 287 27.43 11.97 112.39
C ALA K 287 27.96 10.61 112.04
N PHE K 288 29.26 10.52 111.65
CA PHE K 288 30.00 9.32 111.36
C PHE K 288 29.88 8.20 112.35
N THR K 289 30.37 7.01 111.93
CA THR K 289 30.73 5.96 112.84
C THR K 289 32.22 6.13 112.85
N ARG K 290 32.82 6.09 114.06
CA ARG K 290 34.21 6.23 114.38
C ARG K 290 35.04 5.10 113.90
N ILE K 291 36.37 5.33 113.71
CA ILE K 291 37.30 4.38 113.15
C ILE K 291 37.53 3.30 114.18
N SER K 292 37.17 3.59 115.45
CA SER K 292 37.30 2.71 116.58
C SER K 292 36.20 1.68 116.57
N GLU K 293 35.11 1.93 115.79
CA GLU K 293 33.97 1.07 115.68
C GLU K 293 34.12 0.18 114.49
N THR K 294 35.25 0.30 113.77
CA THR K 294 35.53 -0.56 112.66
C THR K 294 36.94 -1.09 112.79
N PRO K 295 37.24 -2.23 112.21
CA PRO K 295 38.58 -2.74 112.22
C PRO K 295 39.34 -2.17 111.07
N THR K 296 40.67 -2.18 111.18
CA THR K 296 41.58 -1.93 110.11
C THR K 296 41.86 -3.32 109.60
N VAL K 297 41.23 -3.66 108.45
CA VAL K 297 41.06 -5.04 108.06
C VAL K 297 42.14 -5.34 107.09
N SER K 298 43.09 -6.18 107.54
CA SER K 298 44.34 -6.37 106.88
C SER K 298 44.84 -7.68 107.39
N ASP K 299 45.74 -8.31 106.60
CA ASP K 299 46.30 -9.64 106.78
C ASP K 299 45.36 -10.69 106.27
N LEU K 300 44.35 -10.30 105.47
CA LEU K 300 43.35 -11.19 104.95
C LEU K 300 43.88 -11.89 103.72
N GLU K 301 43.04 -12.78 103.16
CA GLU K 301 43.28 -13.40 101.89
C GLU K 301 41.88 -13.69 101.47
N CYS K 302 41.64 -13.61 100.15
CA CYS K 302 40.32 -13.77 99.61
C CYS K 302 40.46 -14.87 98.61
N LYS K 303 39.42 -15.71 98.55
CA LYS K 303 39.34 -16.84 97.67
C LYS K 303 37.87 -17.01 97.45
N ILE K 304 37.36 -18.24 97.23
CA ILE K 304 35.94 -18.47 97.22
C ILE K 304 35.70 -19.75 97.93
N THR K 305 34.40 -19.97 98.26
CA THR K 305 33.86 -21.25 98.65
C THR K 305 33.22 -21.73 97.37
N GLU K 306 32.46 -20.81 96.72
CA GLU K 306 31.98 -20.96 95.38
C GLU K 306 31.67 -19.56 94.98
N CYS K 307 31.46 -19.32 93.66
CA CYS K 307 31.25 -18.01 93.12
C CYS K 307 30.46 -18.19 91.87
N THR K 308 29.57 -17.23 91.57
CA THR K 308 28.72 -17.24 90.41
C THR K 308 28.64 -15.80 90.00
N TYR K 309 29.82 -15.24 89.64
CA TYR K 309 30.05 -13.84 89.43
C TYR K 309 29.15 -13.21 88.40
N ALA K 310 28.62 -12.04 88.79
CA ALA K 310 27.41 -11.52 88.26
C ALA K 310 27.37 -10.08 88.65
N SER K 311 26.41 -9.35 88.05
CA SER K 311 26.26 -7.94 88.22
C SER K 311 24.95 -7.70 88.89
N ASP K 312 24.32 -8.74 89.48
CA ASP K 312 23.08 -8.57 90.20
C ASP K 312 23.26 -8.98 91.64
N PHE K 313 24.54 -9.11 92.09
CA PHE K 313 24.97 -9.52 93.40
C PHE K 313 25.11 -11.02 93.50
N GLY K 314 25.31 -11.70 92.35
CA GLY K 314 25.43 -13.14 92.32
C GLY K 314 26.82 -13.59 92.68
N GLY K 315 27.86 -12.75 92.44
CA GLY K 315 29.22 -13.11 92.76
C GLY K 315 29.39 -13.12 94.24
N ILE K 316 30.01 -14.20 94.76
CA ILE K 316 30.28 -14.35 96.16
C ILE K 316 31.70 -14.78 96.23
N ALA K 317 32.32 -14.61 97.40
CA ALA K 317 33.70 -14.96 97.56
C ALA K 317 33.84 -15.03 99.03
N THR K 318 34.25 -16.23 99.56
CA THR K 318 34.67 -16.34 100.93
C THR K 318 35.95 -15.59 101.05
N VAL K 319 36.21 -15.09 102.26
CA VAL K 319 37.40 -14.35 102.49
C VAL K 319 37.84 -14.84 103.80
N ALA K 320 39.05 -15.43 103.95
CA ALA K 320 39.59 -15.69 105.25
C ALA K 320 40.12 -14.38 105.79
N TYR K 321 39.21 -13.54 106.35
CA TYR K 321 39.50 -12.21 106.81
C TYR K 321 40.23 -12.23 108.10
N LYS K 322 41.21 -11.31 108.19
CA LYS K 322 41.93 -11.00 109.38
C LYS K 322 41.67 -9.54 109.53
N SER K 323 41.42 -9.11 110.78
CA SER K 323 40.89 -7.81 111.09
C SER K 323 41.65 -7.39 112.31
N SER K 324 41.55 -6.10 112.71
CA SER K 324 42.21 -5.63 113.91
C SER K 324 41.22 -5.58 115.06
N LYS K 325 39.93 -5.84 114.78
CA LYS K 325 38.93 -6.02 115.81
C LYS K 325 37.75 -6.69 115.17
N ALA K 326 36.75 -7.04 116.01
CA ALA K 326 35.51 -7.61 115.58
C ALA K 326 34.45 -6.58 115.85
N GLY K 327 33.56 -6.37 114.86
CA GLY K 327 32.49 -5.42 114.96
C GLY K 327 31.99 -5.29 113.57
N ASN K 328 31.41 -4.11 113.22
CA ASN K 328 30.96 -3.89 111.87
C ASN K 328 32.13 -3.37 111.11
N CYS K 329 32.02 -3.48 109.79
CA CYS K 329 33.07 -3.09 108.91
C CYS K 329 32.31 -2.82 107.67
N PRO K 330 31.99 -1.60 107.26
CA PRO K 330 31.37 -1.42 105.97
C PRO K 330 32.37 -1.80 104.93
N ILE K 331 31.95 -2.41 103.80
CA ILE K 331 32.95 -2.73 102.82
C ILE K 331 32.27 -2.26 101.58
N HIS K 332 33.08 -1.78 100.63
CA HIS K 332 32.71 -1.41 99.29
C HIS K 332 34.03 -1.05 98.73
N SER K 333 34.23 -1.18 97.40
CA SER K 333 35.33 -0.53 96.73
C SER K 333 35.24 0.96 96.99
N PRO K 334 36.34 1.70 97.12
CA PRO K 334 36.27 3.13 97.39
C PRO K 334 35.74 3.86 96.18
N SER K 335 36.04 3.33 94.97
CA SER K 335 35.46 3.70 93.70
C SER K 335 33.97 3.45 93.67
N GLY K 336 33.59 2.28 94.20
CA GLY K 336 32.23 1.80 94.26
C GLY K 336 32.05 0.76 93.22
N VAL K 337 33.19 0.29 92.66
CA VAL K 337 33.32 -0.76 91.69
C VAL K 337 32.73 -2.00 92.27
N ALA K 338 33.14 -2.31 93.51
CA ALA K 338 32.60 -3.40 94.26
C ALA K 338 31.48 -2.80 95.01
N VAL K 339 30.31 -3.36 94.71
CA VAL K 339 29.11 -3.03 95.38
C VAL K 339 28.84 -4.34 95.99
N ILE K 340 28.57 -4.29 97.30
CA ILE K 340 28.52 -5.46 98.12
C ILE K 340 27.05 -5.39 98.42
N LYS K 341 26.32 -6.53 98.41
CA LYS K 341 24.89 -6.53 98.62
C LYS K 341 24.55 -5.96 99.96
N GLU K 342 25.38 -6.33 100.96
CA GLU K 342 25.34 -5.82 102.28
C GLU K 342 26.08 -4.51 102.21
N ASN K 343 25.55 -3.45 102.85
CA ASN K 343 26.26 -2.20 103.05
C ASN K 343 27.50 -2.46 103.88
N ASP K 344 27.32 -3.26 104.95
CA ASP K 344 28.36 -3.57 105.88
C ASP K 344 28.29 -5.03 106.19
N VAL K 345 29.48 -5.64 106.39
CA VAL K 345 29.64 -7.04 106.69
C VAL K 345 30.47 -7.00 107.93
N THR K 346 30.14 -7.80 108.98
CA THR K 346 30.99 -7.79 110.16
C THR K 346 32.17 -8.67 109.85
N LEU K 347 33.37 -8.29 110.35
CA LEU K 347 34.59 -8.99 110.08
C LEU K 347 35.32 -9.07 111.39
N ALA K 348 35.77 -10.29 111.75
CA ALA K 348 36.67 -10.55 112.84
C ALA K 348 37.95 -11.10 112.32
N GLU K 349 38.94 -11.26 113.22
CA GLU K 349 40.29 -11.67 112.90
C GLU K 349 40.39 -13.16 112.81
N SER K 350 40.94 -13.64 111.67
CA SER K 350 41.38 -14.99 111.39
C SER K 350 40.21 -15.91 111.13
N GLY K 351 38.98 -15.34 110.99
CA GLY K 351 37.79 -16.06 110.62
C GLY K 351 37.72 -16.15 109.12
N SER K 352 36.49 -16.34 108.61
CA SER K 352 36.24 -16.35 107.20
C SER K 352 34.83 -15.87 107.09
N PHE K 353 34.57 -14.98 106.12
CA PHE K 353 33.26 -14.39 105.95
C PHE K 353 33.14 -14.20 104.47
N THR K 354 32.09 -14.82 103.88
CA THR K 354 31.71 -14.58 102.52
C THR K 354 30.96 -13.28 102.53
N PHE K 355 31.09 -12.48 101.45
CA PHE K 355 30.15 -11.42 101.20
C PHE K 355 29.63 -11.68 99.82
N HIS K 356 28.63 -10.89 99.39
CA HIS K 356 28.07 -10.97 98.07
C HIS K 356 28.45 -9.68 97.44
N PHE K 357 28.60 -9.68 96.11
CA PHE K 357 28.96 -8.47 95.46
C PHE K 357 28.62 -8.62 94.01
N SER K 358 28.96 -7.53 93.31
CA SER K 358 28.86 -7.35 91.91
C SER K 358 29.98 -6.37 91.74
N THR K 359 30.70 -6.43 90.60
CA THR K 359 31.91 -5.66 90.51
C THR K 359 32.03 -5.10 89.14
N ALA K 360 32.42 -3.81 89.08
CA ALA K 360 32.50 -3.00 87.89
C ALA K 360 33.85 -3.11 87.26
N ASN K 361 34.72 -3.95 87.85
CA ASN K 361 35.96 -4.39 87.31
C ASN K 361 35.52 -5.56 86.48
N ILE K 362 36.34 -5.98 85.51
CA ILE K 362 36.01 -7.01 84.57
C ILE K 362 35.72 -8.32 85.26
N HIS K 363 36.49 -8.71 86.29
CA HIS K 363 36.27 -9.91 87.06
C HIS K 363 36.24 -9.46 88.51
N PRO K 364 36.21 -10.35 89.51
CA PRO K 364 36.20 -9.98 90.92
C PRO K 364 37.52 -9.49 91.45
N ALA K 365 38.33 -8.76 90.67
CA ALA K 365 39.56 -8.15 91.12
C ALA K 365 39.21 -6.71 91.31
N PHE K 366 38.45 -6.47 92.40
CA PHE K 366 37.93 -5.21 92.83
C PHE K 366 38.65 -4.86 94.07
N LYS K 367 39.03 -3.56 94.20
CA LYS K 367 39.49 -3.10 95.49
C LYS K 367 38.27 -3.08 96.37
N LEU K 368 38.50 -3.32 97.65
CA LEU K 368 37.50 -3.36 98.65
C LEU K 368 38.10 -2.56 99.74
N GLN K 369 37.43 -1.51 100.23
CA GLN K 369 38.00 -0.63 101.20
C GLN K 369 37.27 -1.14 102.39
N VAL K 370 37.96 -2.08 103.09
CA VAL K 370 37.37 -2.83 104.15
C VAL K 370 37.62 -2.02 105.39
N CYS K 371 36.70 -1.05 105.61
CA CYS K 371 36.52 -0.17 106.73
C CYS K 371 37.78 0.36 107.37
N THR K 372 38.75 0.77 106.53
CA THR K 372 40.08 1.24 106.80
C THR K 372 40.91 0.14 106.24
N SER K 373 41.50 0.42 105.05
CA SER K 373 42.50 -0.35 104.36
C SER K 373 41.85 -1.01 103.19
N ALA K 374 42.41 -0.78 101.98
CA ALA K 374 41.96 -1.35 100.75
C ALA K 374 42.56 -2.72 100.61
N VAL K 375 41.92 -3.62 99.83
CA VAL K 375 42.43 -4.94 99.58
C VAL K 375 41.69 -5.42 98.37
N THR K 376 42.38 -6.13 97.45
CA THR K 376 41.71 -6.71 96.30
C THR K 376 41.18 -8.02 96.80
N CYS K 377 39.85 -8.19 96.72
CA CYS K 377 39.20 -9.39 97.17
C CYS K 377 38.92 -10.31 96.02
N LYS K 378 40.01 -10.72 95.32
CA LYS K 378 39.97 -11.70 94.26
C LYS K 378 39.46 -13.00 94.80
N GLY K 379 38.78 -13.80 93.97
CA GLY K 379 38.36 -15.11 94.36
C GLY K 379 39.15 -16.10 93.59
N ASP K 380 38.48 -17.24 93.33
CA ASP K 380 38.88 -18.31 92.46
C ASP K 380 37.68 -18.34 91.53
N CYS K 381 36.97 -17.18 91.46
CA CYS K 381 35.63 -16.95 91.01
C CYS K 381 35.29 -17.47 89.65
N LYS K 382 34.04 -17.96 89.55
CA LYS K 382 33.52 -18.60 88.38
C LYS K 382 32.42 -17.68 87.97
N PRO K 383 32.25 -17.32 86.71
CA PRO K 383 31.09 -16.55 86.30
C PRO K 383 30.28 -17.36 85.30
N PRO K 384 29.54 -18.44 85.62
CA PRO K 384 28.64 -19.13 84.69
C PRO K 384 27.69 -18.22 83.96
N LYS K 385 27.16 -18.67 82.80
CA LYS K 385 26.38 -17.87 81.88
C LYS K 385 25.13 -17.31 82.51
N ASP K 386 24.85 -16.01 82.31
CA ASP K 386 23.97 -15.24 83.17
C ASP K 386 24.10 -13.79 82.81
N HIS K 387 24.82 -13.46 81.71
CA HIS K 387 25.30 -12.13 81.45
C HIS K 387 24.47 -11.48 80.39
N ILE K 388 23.21 -11.96 80.26
CA ILE K 388 22.17 -11.35 79.46
C ILE K 388 21.16 -10.72 80.38
N VAL K 389 21.34 -10.90 81.71
CA VAL K 389 20.35 -10.57 82.71
C VAL K 389 20.64 -9.16 83.14
N ASP K 390 19.58 -8.36 83.38
CA ASP K 390 19.48 -6.91 83.42
C ASP K 390 20.61 -6.13 84.04
N TYR K 391 20.62 -4.81 83.73
CA TYR K 391 21.54 -3.74 84.09
C TYR K 391 22.30 -3.92 85.40
N PRO K 392 23.56 -3.48 85.54
CA PRO K 392 24.41 -3.82 86.67
C PRO K 392 23.91 -3.44 88.04
N ALA K 393 24.65 -3.86 89.08
CA ALA K 393 24.40 -3.48 90.44
C ALA K 393 25.66 -2.92 90.99
N GLN K 394 26.70 -2.82 90.14
CA GLN K 394 28.04 -2.59 90.55
C GLN K 394 28.55 -1.21 90.26
N HIS K 395 27.66 -0.34 89.72
CA HIS K 395 27.78 1.10 89.59
C HIS K 395 28.12 1.51 88.19
N THR K 396 28.30 0.54 87.27
CA THR K 396 28.71 0.66 85.90
C THR K 396 29.66 -0.51 85.72
N GLU K 397 30.56 -0.46 84.73
CA GLU K 397 31.46 -1.51 84.37
C GLU K 397 32.47 -0.87 83.46
N SER K 398 32.24 0.43 83.12
CA SER K 398 33.14 1.25 82.36
C SER K 398 34.07 1.96 83.31
N PHE K 399 33.84 1.83 84.63
CA PHE K 399 34.71 2.32 85.66
C PHE K 399 35.06 1.06 86.38
N THR K 400 36.34 0.63 86.25
CA THR K 400 36.83 -0.63 86.74
C THR K 400 37.61 -0.41 88.05
N ASP L 1 -23.17 -6.56 75.95
CA ASP L 1 -22.81 -5.38 76.81
C ASP L 1 -23.91 -4.35 76.71
N LEU L 2 -24.06 -3.51 77.76
CA LEU L 2 -24.99 -2.40 77.75
C LEU L 2 -24.32 -1.25 78.45
N ASP L 3 -24.90 -0.04 78.30
CA ASP L 3 -24.33 1.20 78.75
C ASP L 3 -25.52 2.10 78.98
N THR L 4 -25.35 3.11 79.86
CA THR L 4 -26.42 3.98 80.31
C THR L 4 -26.12 5.39 79.91
N HIS L 5 -25.21 5.60 78.91
CA HIS L 5 -24.84 6.93 78.47
C HIS L 5 -25.84 7.44 77.47
N PHE L 6 -26.93 8.01 78.03
CA PHE L 6 -27.92 8.83 77.38
C PHE L 6 -27.38 10.19 77.07
N THR L 7 -26.12 10.46 77.49
CA THR L 7 -25.28 11.53 77.00
C THR L 7 -25.26 11.52 75.50
N GLN L 8 -24.83 10.38 74.88
CA GLN L 8 -24.95 10.25 73.45
C GLN L 8 -26.36 9.92 73.05
N TYR L 9 -26.96 8.84 73.63
CA TYR L 9 -28.16 8.20 73.10
C TYR L 9 -29.38 9.07 72.96
N LYS L 10 -29.84 9.70 74.07
CA LYS L 10 -31.00 10.58 74.07
C LYS L 10 -30.78 11.74 73.16
N LEU L 11 -29.52 12.23 73.13
CA LEU L 11 -29.14 13.45 72.50
C LEU L 11 -28.49 13.08 71.19
N ALA L 12 -28.98 12.00 70.55
CA ALA L 12 -28.55 11.46 69.28
C ALA L 12 -29.71 10.67 68.76
N ARG L 13 -29.63 10.21 67.50
CA ARG L 13 -30.73 9.54 66.83
C ARG L 13 -30.12 8.68 65.76
N PRO L 14 -30.78 7.63 65.28
CA PRO L 14 -30.36 6.82 64.15
C PRO L 14 -30.10 7.55 62.86
N TYR L 15 -29.59 6.81 61.87
CA TYR L 15 -29.17 7.35 60.61
C TYR L 15 -29.14 6.14 59.69
N ILE L 16 -28.74 6.29 58.41
CA ILE L 16 -28.66 5.23 57.41
C ILE L 16 -28.29 5.94 56.15
N ALA L 17 -27.43 5.35 55.30
CA ALA L 17 -26.89 6.11 54.20
C ALA L 17 -26.50 5.18 53.10
N ASP L 18 -26.06 5.77 51.97
CA ASP L 18 -25.82 5.10 50.72
C ASP L 18 -24.50 4.38 50.83
N CYS L 19 -24.35 3.25 50.11
CA CYS L 19 -23.13 2.49 50.11
C CYS L 19 -22.95 2.02 48.67
N PRO L 20 -21.73 1.88 48.14
CA PRO L 20 -21.51 1.55 46.74
C PRO L 20 -21.96 0.17 46.36
N ASN L 21 -21.81 -0.81 47.27
CA ASN L 21 -22.19 -2.18 47.01
C ASN L 21 -23.36 -2.48 47.91
N CYS L 22 -24.10 -3.55 47.50
CA CYS L 22 -25.36 -4.01 48.01
C CYS L 22 -25.91 -4.76 46.84
N GLY L 23 -26.44 -5.99 47.11
CA GLY L 23 -26.94 -6.94 46.14
C GLY L 23 -27.91 -6.37 45.14
N HIS L 24 -27.89 -6.96 43.92
CA HIS L 24 -28.76 -6.66 42.81
C HIS L 24 -28.43 -5.34 42.18
N SER L 25 -29.08 -4.24 42.62
CA SER L 25 -29.01 -2.97 41.92
C SER L 25 -28.90 -1.88 42.94
N ARG L 26 -27.98 -2.06 43.92
CA ARG L 26 -27.67 -1.13 44.99
C ARG L 26 -28.79 -0.92 45.99
N CYS L 27 -28.42 -0.41 47.18
CA CYS L 27 -29.35 0.01 48.19
C CYS L 27 -28.61 0.95 49.08
N ASP L 28 -29.36 1.68 49.94
CA ASP L 28 -28.79 2.38 51.06
C ASP L 28 -28.88 1.40 52.18
N SER L 29 -27.69 0.92 52.62
CA SER L 29 -27.59 -0.08 53.64
C SER L 29 -27.53 0.63 54.97
N PRO L 30 -28.13 0.12 56.05
CA PRO L 30 -27.96 0.66 57.40
C PRO L 30 -26.62 0.27 57.97
N ILE L 31 -25.78 -0.44 57.17
CA ILE L 31 -24.47 -0.91 57.53
C ILE L 31 -23.52 -0.19 56.62
N ALA L 32 -23.90 1.03 56.15
CA ALA L 32 -23.10 1.85 55.27
C ALA L 32 -21.93 2.41 56.02
N ILE L 33 -20.70 2.04 55.59
CA ILE L 33 -19.52 2.28 56.38
C ILE L 33 -18.90 3.62 56.08
N GLU L 34 -18.79 4.42 57.15
CA GLU L 34 -18.00 5.62 57.26
C GLU L 34 -17.09 5.40 58.42
N GLU L 35 -16.07 6.28 58.61
CA GLU L 35 -15.24 6.36 59.80
C GLU L 35 -14.69 5.04 60.29
N VAL L 36 -13.81 4.45 59.47
CA VAL L 36 -13.02 3.28 59.75
C VAL L 36 -11.90 3.71 60.67
N ARG L 37 -11.62 2.88 61.71
CA ARG L 37 -10.77 3.24 62.81
C ARG L 37 -9.78 2.15 63.13
N GLY L 38 -8.61 2.16 62.45
CA GLY L 38 -7.51 1.28 62.76
C GLY L 38 -6.62 1.93 63.76
N ASP L 39 -7.21 2.37 64.89
CA ASP L 39 -6.58 3.14 65.91
C ASP L 39 -6.32 2.20 67.07
N ALA L 40 -6.81 0.95 66.93
CA ALA L 40 -6.52 -0.17 67.78
C ALA L 40 -5.82 -1.11 66.86
N HIS L 41 -4.96 -1.98 67.42
CA HIS L 41 -4.05 -2.78 66.65
C HIS L 41 -4.04 -4.13 67.29
N ALA L 42 -5.26 -4.64 67.50
CA ALA L 42 -5.54 -5.70 68.42
C ALA L 42 -6.67 -6.46 67.81
N GLY L 43 -7.19 -7.46 68.54
CA GLY L 43 -8.18 -8.42 68.10
C GLY L 43 -9.45 -7.77 67.62
N VAL L 44 -9.80 -6.61 68.24
CA VAL L 44 -11.07 -5.99 68.01
C VAL L 44 -10.78 -4.74 67.22
N ILE L 45 -11.71 -4.44 66.29
CA ILE L 45 -11.67 -3.27 65.44
C ILE L 45 -13.02 -2.63 65.54
N ARG L 46 -13.01 -1.27 65.66
CA ARG L 46 -14.19 -0.46 65.60
C ARG L 46 -14.44 0.00 64.20
N ILE L 47 -15.71 -0.17 63.77
CA ILE L 47 -16.19 0.15 62.45
C ILE L 47 -17.34 1.06 62.80
N GLN L 48 -17.72 2.00 61.91
CA GLN L 48 -18.89 2.80 62.09
C GLN L 48 -19.82 2.48 60.96
N THR L 49 -21.01 1.92 61.30
CA THR L 49 -22.15 1.91 60.44
C THR L 49 -22.76 3.28 60.47
N SER L 50 -23.43 3.66 59.37
CA SER L 50 -24.20 4.88 59.27
C SER L 50 -25.30 4.94 60.28
N ALA L 51 -26.07 3.85 60.43
CA ALA L 51 -27.10 3.73 61.42
C ALA L 51 -26.59 3.67 62.81
N MET L 52 -27.47 3.99 63.79
CA MET L 52 -27.10 3.99 65.17
C MET L 52 -27.78 2.75 65.67
N PHE L 53 -27.11 1.57 65.56
CA PHE L 53 -27.60 0.37 66.21
C PHE L 53 -27.08 0.40 67.61
N GLY L 54 -27.56 -0.53 68.45
CA GLY L 54 -27.12 -0.55 69.82
C GLY L 54 -28.41 -0.58 70.51
N LEU L 55 -28.51 0.36 71.47
CA LEU L 55 -29.74 0.80 72.07
C LEU L 55 -30.39 1.77 71.12
N LYS L 56 -31.59 2.25 71.51
CA LYS L 56 -32.39 3.19 70.76
C LYS L 56 -31.91 4.56 71.13
N THR L 57 -32.63 5.60 70.63
CA THR L 57 -32.51 6.97 71.10
C THR L 57 -32.83 6.99 72.57
N ASP L 58 -33.89 6.24 72.94
CA ASP L 58 -34.45 6.23 74.27
C ASP L 58 -33.62 5.36 75.19
N GLY L 59 -32.79 4.46 74.61
CA GLY L 59 -32.04 3.47 75.35
C GLY L 59 -32.69 2.13 75.24
N VAL L 60 -32.20 1.20 76.10
CA VAL L 60 -32.34 -0.24 76.16
C VAL L 60 -32.12 -1.04 74.89
N ASP L 61 -31.51 -2.24 75.10
CA ASP L 61 -31.46 -3.38 74.22
C ASP L 61 -30.43 -3.19 73.14
N LEU L 62 -29.22 -3.79 73.33
CA LEU L 62 -28.16 -3.94 72.36
C LEU L 62 -28.56 -4.71 71.12
N ALA L 63 -29.35 -5.79 71.32
CA ALA L 63 -29.62 -6.79 70.32
C ALA L 63 -30.39 -6.33 69.11
N TYR L 64 -31.00 -5.11 69.12
CA TYR L 64 -31.56 -4.57 67.91
C TYR L 64 -30.66 -3.55 67.27
N MET L 65 -31.21 -3.03 66.15
CA MET L 65 -30.54 -2.39 65.08
C MET L 65 -31.59 -1.42 64.64
N SER L 66 -31.31 -0.14 64.90
CA SER L 66 -32.21 0.97 64.74
C SER L 66 -31.59 1.88 63.74
N PHE L 67 -32.19 1.93 62.53
CA PHE L 67 -31.81 2.94 61.57
C PHE L 67 -32.97 3.88 61.50
N MET L 68 -32.82 4.97 60.72
CA MET L 68 -33.78 6.05 60.74
C MET L 68 -34.73 5.87 59.61
N ASN L 69 -36.04 5.82 59.95
CA ASN L 69 -37.12 5.97 59.01
C ASN L 69 -37.91 7.08 59.62
N GLY L 70 -38.08 8.23 58.93
CA GLY L 70 -38.65 9.42 59.51
C GLY L 70 -37.78 9.95 60.62
N LYS L 71 -38.41 10.33 61.77
CA LYS L 71 -37.72 10.58 63.01
C LYS L 71 -37.81 9.40 63.93
N THR L 72 -38.39 8.27 63.45
CA THR L 72 -38.73 7.12 64.24
C THR L 72 -37.68 6.07 63.98
N GLN L 73 -37.52 5.11 64.91
CA GLN L 73 -36.56 4.03 64.79
C GLN L 73 -37.01 3.07 63.71
N LYS L 74 -36.18 2.04 63.45
CA LYS L 74 -36.62 0.93 62.64
C LYS L 74 -35.80 -0.15 63.27
N SER L 75 -36.41 -0.71 64.33
CA SER L 75 -35.84 -1.56 65.33
C SER L 75 -35.92 -3.01 64.97
N ILE L 76 -34.88 -3.59 64.31
CA ILE L 76 -34.97 -4.97 63.84
C ILE L 76 -33.67 -5.62 64.21
N LYS L 77 -33.41 -6.86 63.74
CA LYS L 77 -32.30 -7.65 64.22
C LYS L 77 -30.97 -7.21 63.71
N ILE L 78 -29.93 -7.49 64.53
CA ILE L 78 -28.58 -7.03 64.29
C ILE L 78 -27.78 -8.26 63.89
N ASP L 79 -28.39 -9.47 64.04
CA ASP L 79 -27.64 -10.71 64.14
C ASP L 79 -27.79 -11.44 62.83
N ASN L 80 -28.71 -10.93 61.97
CA ASN L 80 -29.03 -11.50 60.68
C ASN L 80 -28.20 -10.71 59.70
N LEU L 81 -27.72 -9.53 60.16
CA LEU L 81 -26.70 -8.75 59.52
C LEU L 81 -25.43 -9.08 60.24
N HIS L 82 -24.31 -8.69 59.60
CA HIS L 82 -22.99 -8.85 60.14
C HIS L 82 -22.26 -7.63 59.68
N VAL L 83 -21.97 -6.70 60.62
CA VAL L 83 -20.99 -5.66 60.40
C VAL L 83 -19.66 -6.33 60.62
N ARG L 84 -18.66 -5.90 59.82
CA ARG L 84 -17.37 -6.54 59.80
C ARG L 84 -16.42 -5.52 59.24
N THR L 85 -15.11 -5.82 59.36
CA THR L 85 -14.03 -4.97 58.92
C THR L 85 -13.55 -5.59 57.63
N SER L 86 -13.66 -6.93 57.48
CA SER L 86 -13.51 -7.58 56.21
C SER L 86 -14.19 -8.93 56.32
N ALA L 87 -13.39 -10.03 56.38
CA ALA L 87 -13.75 -11.41 56.65
C ALA L 87 -14.68 -11.59 57.85
N PRO L 88 -15.41 -12.71 58.00
CA PRO L 88 -16.23 -13.06 59.16
C PRO L 88 -15.71 -12.62 60.49
N CYS L 89 -16.62 -12.04 61.31
CA CYS L 89 -16.30 -11.43 62.56
C CYS L 89 -17.23 -12.01 63.56
N SER L 90 -16.94 -11.73 64.84
CA SER L 90 -17.89 -11.93 65.89
C SER L 90 -18.01 -10.56 66.47
N LEU L 91 -19.24 -10.02 66.48
CA LEU L 91 -19.60 -8.78 67.13
C LEU L 91 -19.25 -8.82 68.59
N VAL L 92 -18.86 -7.66 69.17
CA VAL L 92 -18.57 -7.57 70.57
C VAL L 92 -19.66 -6.73 71.14
N SER L 93 -19.90 -5.54 70.59
CA SER L 93 -21.01 -4.74 71.04
C SER L 93 -21.10 -3.59 70.08
N HIS L 94 -22.31 -3.02 69.97
CA HIS L 94 -22.55 -1.85 69.17
C HIS L 94 -23.00 -0.86 70.20
N HIS L 95 -22.64 0.41 69.95
CA HIS L 95 -23.07 1.50 70.77
C HIS L 95 -22.94 2.69 69.91
N GLY L 96 -24.06 3.38 69.67
CA GLY L 96 -24.03 4.58 68.89
C GLY L 96 -24.03 4.15 67.47
N TYR L 97 -23.22 4.83 66.64
CA TYR L 97 -23.07 4.53 65.25
C TYR L 97 -21.97 3.53 65.07
N TYR L 98 -21.41 3.03 66.20
CA TYR L 98 -20.10 2.47 66.22
C TYR L 98 -20.29 1.08 66.70
N ILE L 99 -19.57 0.13 66.10
CA ILE L 99 -19.65 -1.25 66.48
C ILE L 99 -18.24 -1.61 66.72
N LEU L 100 -18.03 -2.45 67.75
CA LEU L 100 -16.79 -3.08 68.01
C LEU L 100 -17.05 -4.52 67.70
N ALA L 101 -16.10 -5.12 66.96
CA ALA L 101 -16.25 -6.45 66.48
C ALA L 101 -14.86 -7.01 66.41
N GLN L 102 -14.71 -8.29 66.82
CA GLN L 102 -13.47 -9.01 66.75
C GLN L 102 -13.51 -9.50 65.33
N CYS L 103 -12.57 -8.91 64.55
CA CYS L 103 -12.50 -8.95 63.12
C CYS L 103 -11.05 -8.99 62.76
N PRO L 104 -10.68 -9.32 61.51
CA PRO L 104 -9.39 -8.95 60.92
C PRO L 104 -9.22 -7.44 60.88
N PRO L 105 -8.03 -6.86 60.73
CA PRO L 105 -7.86 -5.44 60.55
C PRO L 105 -8.04 -5.13 59.09
N GLY L 106 -8.16 -3.84 58.70
CA GLY L 106 -8.23 -3.53 57.31
C GLY L 106 -8.14 -2.06 57.10
N ASP L 107 -7.38 -1.69 56.05
CA ASP L 107 -7.26 -0.37 55.46
C ASP L 107 -8.58 0.06 54.90
N THR L 108 -9.41 -0.89 54.42
CA THR L 108 -10.67 -0.62 53.77
C THR L 108 -11.67 -1.34 54.62
N VAL L 109 -12.98 -1.32 54.25
CA VAL L 109 -13.96 -2.13 54.96
C VAL L 109 -14.89 -2.77 53.98
N THR L 110 -15.25 -4.04 54.26
CA THR L 110 -16.00 -4.91 53.39
C THR L 110 -16.91 -5.68 54.30
N VAL L 111 -18.23 -5.43 54.15
CA VAL L 111 -19.29 -5.89 55.03
C VAL L 111 -20.15 -6.74 54.14
N GLY L 112 -20.85 -7.74 54.72
CA GLY L 112 -21.78 -8.55 53.99
C GLY L 112 -22.23 -9.67 54.87
N PHE L 113 -23.54 -10.00 54.80
CA PHE L 113 -24.14 -11.12 55.49
C PHE L 113 -24.74 -12.03 54.45
N HIS L 114 -24.84 -13.33 54.79
CA HIS L 114 -25.56 -14.30 54.01
C HIS L 114 -26.41 -15.08 54.98
N ASP L 115 -27.73 -15.10 54.71
CA ASP L 115 -28.68 -15.91 55.44
C ASP L 115 -29.11 -17.03 54.51
N GLY L 116 -28.72 -16.93 53.22
CA GLY L 116 -29.07 -17.89 52.21
C GLY L 116 -28.18 -17.58 51.04
N PRO L 117 -28.57 -17.83 49.79
CA PRO L 117 -27.83 -17.42 48.60
C PRO L 117 -28.03 -15.94 48.29
N ASN L 118 -28.49 -15.11 49.26
CA ASN L 118 -28.82 -13.72 49.07
C ASN L 118 -27.58 -12.87 49.20
N ARG L 119 -27.61 -11.68 48.57
CA ARG L 119 -26.52 -10.72 48.62
C ARG L 119 -27.09 -9.44 49.19
N HIS L 120 -26.29 -8.76 50.03
CA HIS L 120 -26.56 -7.45 50.54
C HIS L 120 -25.30 -7.11 51.28
N THR L 121 -24.29 -6.60 50.53
CA THR L 121 -22.96 -6.34 51.03
C THR L 121 -22.82 -4.84 51.17
N CYS L 122 -21.69 -4.37 51.74
CA CYS L 122 -21.38 -2.96 51.68
C CYS L 122 -19.87 -2.83 51.74
N THR L 123 -19.28 -1.86 51.00
CA THR L 123 -17.84 -1.73 50.94
C THR L 123 -17.55 -0.24 50.96
N VAL L 124 -16.32 0.15 51.39
CA VAL L 124 -15.95 1.54 51.32
C VAL L 124 -14.43 1.60 51.43
N ALA L 125 -13.85 2.67 50.82
CA ALA L 125 -12.51 3.21 50.94
C ALA L 125 -12.38 4.24 52.04
N HIS L 126 -11.30 4.21 52.85
CA HIS L 126 -10.89 5.32 53.70
C HIS L 126 -9.49 4.95 54.13
N LYS L 127 -8.47 5.84 53.97
CA LYS L 127 -7.13 5.47 54.40
C LYS L 127 -7.01 5.37 55.90
N VAL L 128 -6.72 4.13 56.33
CA VAL L 128 -6.48 3.67 57.67
C VAL L 128 -5.14 3.01 57.64
N GLU L 129 -4.31 3.15 58.70
CA GLU L 129 -3.14 2.31 58.82
C GLU L 129 -3.11 1.81 60.24
N PHE L 130 -2.61 0.57 60.43
CA PHE L 130 -2.45 -0.07 61.72
C PHE L 130 -0.99 -0.34 61.92
N ARG L 131 -0.52 -0.19 63.18
CA ARG L 131 0.67 -0.87 63.63
C ARG L 131 0.42 -1.07 65.10
N PRO L 132 0.73 -2.19 65.75
CA PRO L 132 0.95 -2.24 67.18
C PRO L 132 2.02 -1.27 67.56
N VAL L 133 1.73 -0.43 68.57
CA VAL L 133 2.60 0.60 69.09
C VAL L 133 3.89 -0.04 69.55
N GLY L 134 5.00 0.45 68.99
CA GLY L 134 6.31 -0.11 69.19
C GLY L 134 6.83 -0.49 67.84
N ARG L 135 8.15 -0.69 67.81
CA ARG L 135 9.04 -0.98 66.71
C ARG L 135 8.54 -1.91 65.64
N GLU L 136 8.18 -3.17 65.97
CA GLU L 136 7.58 -4.10 65.04
C GLU L 136 6.30 -3.61 64.42
N LYS L 137 6.17 -3.87 63.11
CA LYS L 137 5.07 -3.51 62.28
C LYS L 137 4.32 -4.78 62.10
N TYR L 138 3.03 -4.77 62.50
CA TYR L 138 2.12 -5.86 62.26
C TYR L 138 0.82 -5.11 62.14
N ARG L 139 -0.35 -5.73 62.46
CA ARG L 139 -1.59 -4.99 62.52
C ARG L 139 -2.54 -5.58 63.54
N HIS L 140 -2.38 -6.87 63.94
CA HIS L 140 -3.45 -7.57 64.64
C HIS L 140 -3.01 -9.00 64.93
N PRO L 141 -3.34 -9.61 66.08
CA PRO L 141 -3.02 -10.99 66.44
C PRO L 141 -3.61 -11.99 65.48
N PRO L 142 -2.90 -12.95 64.87
CA PRO L 142 -3.52 -13.95 64.01
C PRO L 142 -4.25 -14.97 64.85
N GLU L 143 -3.62 -15.45 65.94
CA GLU L 143 -4.13 -16.37 66.93
C GLU L 143 -2.94 -16.86 67.70
N HIS L 144 -1.77 -16.18 67.54
CA HIS L 144 -0.52 -16.63 68.07
C HIS L 144 0.40 -15.44 68.16
N GLY L 145 1.56 -15.64 68.82
CA GLY L 145 2.53 -14.62 69.09
C GLY L 145 2.34 -14.13 70.50
N VAL L 146 3.36 -13.42 71.01
CA VAL L 146 3.41 -12.90 72.37
C VAL L 146 2.48 -11.71 72.46
N GLU L 147 1.96 -11.44 73.67
CA GLU L 147 1.14 -10.28 73.96
C GLU L 147 2.06 -9.22 74.52
N LEU L 148 1.78 -7.97 74.13
CA LEU L 148 2.66 -6.86 74.36
C LEU L 148 1.80 -5.63 74.25
N PRO L 149 2.20 -4.46 74.73
CA PRO L 149 1.28 -3.38 74.93
C PRO L 149 1.19 -2.57 73.65
N CYS L 150 -0.06 -2.31 73.21
CA CYS L 150 -0.34 -1.46 72.08
C CYS L 150 -1.72 -0.95 72.32
N ASN L 151 -2.17 0.02 71.48
CA ASN L 151 -3.53 0.48 71.52
C ASN L 151 -4.50 -0.62 71.15
N ARG L 152 -5.68 -0.60 71.77
CA ARG L 152 -6.62 -1.68 71.73
C ARG L 152 -7.85 -1.09 72.31
N TYR L 153 -9.05 -1.62 71.93
CA TYR L 153 -10.29 -1.17 72.48
C TYR L 153 -10.69 -2.13 73.55
N THR L 154 -11.53 -1.62 74.47
CA THR L 154 -12.09 -2.40 75.54
C THR L 154 -13.32 -3.00 74.90
N HIS L 155 -13.75 -4.19 75.36
CA HIS L 155 -14.98 -4.81 74.94
C HIS L 155 -16.18 -3.92 75.19
N LYS L 156 -16.09 -3.13 76.30
CA LYS L 156 -17.20 -2.42 76.87
C LYS L 156 -17.38 -1.16 76.07
N ARG L 157 -18.62 -0.66 76.03
CA ARG L 157 -19.00 0.51 75.28
C ARG L 157 -19.33 1.61 76.27
N ALA L 158 -18.69 1.55 77.46
CA ALA L 158 -18.94 2.44 78.56
C ALA L 158 -17.95 3.58 78.59
N ASP L 159 -17.18 3.78 77.48
CA ASP L 159 -16.03 4.66 77.51
C ASP L 159 -16.54 6.03 77.19
N GLN L 160 -15.77 7.07 77.57
CA GLN L 160 -16.12 8.45 77.33
C GLN L 160 -14.83 9.23 77.43
N GLY L 161 -13.68 8.53 77.26
CA GLY L 161 -12.35 9.05 77.51
C GLY L 161 -11.94 10.07 76.47
N HIS L 162 -12.62 10.03 75.30
CA HIS L 162 -12.48 11.03 74.30
C HIS L 162 -13.85 11.16 73.67
N TYR L 163 -14.01 12.21 72.84
CA TYR L 163 -15.27 12.55 72.26
C TYR L 163 -15.05 13.11 70.90
N VAL L 164 -15.96 12.67 70.01
CA VAL L 164 -16.00 12.96 68.61
C VAL L 164 -17.06 14.01 68.42
N GLU L 165 -16.87 14.90 67.42
CA GLU L 165 -17.84 15.90 67.05
C GLU L 165 -19.12 15.24 66.60
N MET L 166 -20.25 15.70 67.16
CA MET L 166 -21.56 15.32 66.71
C MET L 166 -22.36 16.59 66.68
N HIS L 167 -21.79 17.68 67.26
CA HIS L 167 -22.38 18.99 67.36
C HIS L 167 -22.71 19.54 66.01
N GLN L 168 -23.79 20.37 65.97
CA GLN L 168 -24.46 20.82 64.76
C GLN L 168 -24.50 19.82 63.62
N PRO L 169 -25.12 18.65 63.74
CA PRO L 169 -25.42 17.82 62.60
C PRO L 169 -26.29 18.48 61.56
N GLY L 170 -26.43 17.83 60.41
CA GLY L 170 -27.49 18.10 59.49
C GLY L 170 -28.18 16.80 59.31
N LEU L 171 -29.51 16.82 59.47
CA LEU L 171 -30.48 15.77 59.27
C LEU L 171 -30.20 14.47 59.97
N VAL L 172 -31.09 13.52 59.64
CA VAL L 172 -31.00 12.11 59.85
C VAL L 172 -31.68 11.64 58.61
N ALA L 173 -31.39 10.38 58.23
CA ALA L 173 -31.85 9.87 56.97
C ALA L 173 -33.29 9.53 56.96
N ASP L 174 -33.85 9.78 55.77
CA ASP L 174 -35.18 9.51 55.32
C ASP L 174 -35.75 10.89 55.32
N HIS L 175 -36.02 11.39 54.11
CA HIS L 175 -36.43 12.75 53.83
C HIS L 175 -37.90 12.92 54.02
N SER L 176 -38.62 11.86 54.43
CA SER L 176 -39.95 12.01 54.98
C SER L 176 -39.95 12.84 56.25
N LEU L 177 -38.84 12.83 57.05
CA LEU L 177 -38.63 13.74 58.16
C LEU L 177 -38.59 15.17 57.69
N LEU L 178 -37.71 15.46 56.69
CA LEU L 178 -37.48 16.79 56.17
C LEU L 178 -38.17 16.82 54.85
N SER L 179 -39.51 16.74 54.94
CA SER L 179 -40.43 16.72 53.84
C SER L 179 -40.67 18.11 53.32
N ILE L 180 -41.74 18.22 52.51
CA ILE L 180 -42.15 19.42 51.82
C ILE L 180 -43.53 19.60 52.38
N HIS L 181 -43.85 20.84 52.82
CA HIS L 181 -45.14 21.20 53.34
C HIS L 181 -46.04 21.67 52.23
N SER L 182 -46.08 20.90 51.11
CA SER L 182 -47.00 21.04 50.00
C SER L 182 -46.70 22.27 49.17
N ALA L 183 -45.45 22.80 49.27
CA ALA L 183 -44.91 23.73 48.31
C ALA L 183 -43.48 23.94 48.69
N LYS L 184 -43.21 24.21 49.99
CA LYS L 184 -41.92 24.64 50.47
C LYS L 184 -41.38 23.58 51.38
N VAL L 185 -40.04 23.52 51.47
CA VAL L 185 -39.31 22.49 52.16
C VAL L 185 -39.37 22.74 53.65
N LYS L 186 -39.68 21.66 54.40
CA LYS L 186 -40.19 21.75 55.74
C LYS L 186 -39.17 21.11 56.61
N ILE L 187 -38.56 21.95 57.49
CA ILE L 187 -37.62 21.53 58.48
C ILE L 187 -38.49 21.11 59.64
N THR L 188 -38.38 19.83 60.04
CA THR L 188 -39.12 19.31 61.16
C THR L 188 -38.11 18.91 62.18
N VAL L 189 -38.15 19.60 63.34
CA VAL L 189 -37.26 19.37 64.46
C VAL L 189 -37.60 18.02 65.06
N PRO L 190 -36.65 17.25 65.59
CA PRO L 190 -36.93 15.97 66.20
C PRO L 190 -37.59 16.12 67.56
N SER L 191 -37.19 17.12 68.35
CA SER L 191 -37.56 17.22 69.74
C SER L 191 -37.26 18.63 70.15
N GLY L 192 -36.87 19.49 69.19
CA GLY L 192 -36.27 20.77 69.43
C GLY L 192 -34.91 20.71 68.82
N ALA L 193 -34.70 21.61 67.84
CA ALA L 193 -33.45 21.77 67.16
C ALA L 193 -33.49 23.18 66.70
N GLN L 194 -32.34 23.90 66.78
CA GLN L 194 -32.28 25.30 66.44
C GLN L 194 -31.73 25.14 65.06
N VAL L 195 -32.56 25.37 64.03
CA VAL L 195 -32.25 24.87 62.70
C VAL L 195 -31.78 25.93 61.77
N LYS L 196 -30.56 25.68 61.22
CA LYS L 196 -29.82 26.58 60.38
C LYS L 196 -29.92 25.83 59.08
N TYR L 197 -30.12 26.55 57.97
CA TYR L 197 -30.67 25.95 56.77
C TYR L 197 -30.37 26.96 55.70
N TYR L 198 -30.64 26.60 54.42
CA TYR L 198 -30.56 27.50 53.30
C TYR L 198 -31.02 26.68 52.12
N CYS L 199 -31.24 27.35 50.97
CA CYS L 199 -31.61 26.75 49.72
C CYS L 199 -30.66 27.33 48.72
N LYS L 200 -30.71 26.87 47.44
CA LYS L 200 -29.86 27.44 46.40
C LYS L 200 -30.45 28.77 45.99
N CYS L 201 -31.76 28.98 46.34
CA CYS L 201 -32.48 30.21 46.29
C CYS L 201 -31.84 31.16 47.29
N PRO L 202 -31.69 32.46 47.03
CA PRO L 202 -31.17 33.42 47.98
C PRO L 202 -31.96 33.50 49.28
N ASP L 203 -31.24 33.40 50.42
CA ASP L 203 -31.76 33.62 51.74
C ASP L 203 -30.52 33.59 52.61
N VAL L 204 -30.70 33.77 53.95
CA VAL L 204 -29.66 33.68 54.95
C VAL L 204 -29.09 32.28 55.00
N ARG L 205 -27.75 32.17 55.20
CA ARG L 205 -27.01 30.98 54.88
C ARG L 205 -26.70 30.22 56.13
N GLU L 206 -25.53 30.48 56.77
CA GLU L 206 -25.17 29.89 58.03
C GLU L 206 -24.64 31.00 58.89
N GLY L 207 -24.61 30.76 60.22
CA GLY L 207 -24.31 31.78 61.19
C GLY L 207 -24.62 31.20 62.53
N ILE L 208 -24.02 31.77 63.59
CA ILE L 208 -24.40 31.53 64.97
C ILE L 208 -25.68 32.29 65.26
N THR L 209 -26.75 31.53 65.52
CA THR L 209 -28.12 32.00 65.46
C THR L 209 -28.91 30.92 66.15
N SER L 210 -30.19 31.20 66.49
CA SER L 210 -31.14 30.15 66.81
C SER L 210 -32.20 30.05 65.74
N SER L 211 -32.23 31.03 64.80
CA SER L 211 -33.15 31.04 63.68
C SER L 211 -32.33 31.38 62.49
N ASP L 212 -32.31 30.47 61.49
CA ASP L 212 -31.61 30.63 60.25
C ASP L 212 -32.19 29.60 59.33
N HIS L 213 -33.43 29.13 59.66
CA HIS L 213 -34.28 28.35 58.79
C HIS L 213 -34.61 29.09 57.52
N THR L 214 -34.70 28.33 56.42
CA THR L 214 -34.90 28.82 55.09
C THR L 214 -35.75 27.78 54.43
N THR L 215 -36.70 28.23 53.58
CA THR L 215 -37.62 27.34 52.93
C THR L 215 -37.78 27.85 51.51
N THR L 216 -36.87 28.76 51.05
CA THR L 216 -37.07 29.60 49.88
C THR L 216 -37.27 28.83 48.59
N CYS L 217 -36.46 27.77 48.32
CA CYS L 217 -36.69 26.96 47.14
C CYS L 217 -37.64 25.89 47.58
N THR L 218 -38.50 25.45 46.63
CA THR L 218 -39.61 24.55 46.87
C THR L 218 -39.26 23.18 47.42
N ASP L 219 -38.27 22.48 46.83
CA ASP L 219 -38.01 21.10 47.16
C ASP L 219 -36.83 21.01 48.09
N VAL L 220 -36.58 19.78 48.58
CA VAL L 220 -35.46 19.41 49.41
C VAL L 220 -34.37 18.93 48.47
N LYS L 221 -34.66 19.05 47.15
CA LYS L 221 -33.85 18.62 46.04
C LYS L 221 -33.32 19.90 45.45
N GLN L 222 -33.21 20.94 46.29
CA GLN L 222 -32.69 22.24 45.94
C GLN L 222 -32.42 23.00 47.21
N CYS L 223 -32.42 22.30 48.37
CA CYS L 223 -32.19 22.90 49.66
C CYS L 223 -31.35 21.95 50.47
N ARG L 224 -30.77 22.48 51.56
CA ARG L 224 -29.77 21.82 52.37
C ARG L 224 -30.46 21.30 53.58
N ALA L 225 -30.97 20.06 53.49
CA ALA L 225 -31.63 19.37 54.58
C ALA L 225 -30.75 19.19 55.78
N TYR L 226 -30.95 20.06 56.80
CA TYR L 226 -30.19 20.05 58.00
C TYR L 226 -31.18 20.00 59.13
N LEU L 227 -30.74 19.44 60.26
CA LEU L 227 -31.39 19.46 61.53
C LEU L 227 -30.21 19.73 62.38
N ILE L 228 -29.93 21.04 62.64
CA ILE L 228 -28.89 21.49 63.53
C ILE L 228 -29.44 21.33 64.93
N ASP L 229 -29.06 20.22 65.58
CA ASP L 229 -29.66 19.85 66.84
C ASP L 229 -28.96 20.55 67.96
N ASN L 230 -29.48 20.35 69.19
CA ASN L 230 -29.07 21.04 70.38
C ASN L 230 -29.52 20.19 71.53
N LYS L 231 -30.07 18.99 71.23
CA LYS L 231 -30.42 18.01 72.22
C LYS L 231 -30.72 16.72 71.51
N LYS L 232 -30.28 16.56 70.23
CA LYS L 232 -30.52 15.37 69.45
C LYS L 232 -29.37 15.14 68.50
N TRP L 233 -28.20 15.77 68.78
CA TRP L 233 -26.98 15.73 68.01
C TRP L 233 -26.55 14.36 67.53
N VAL L 234 -26.63 14.12 66.19
CA VAL L 234 -26.23 12.87 65.61
C VAL L 234 -24.80 12.99 65.19
N TYR L 235 -24.05 11.87 65.23
CA TYR L 235 -22.69 11.82 64.75
C TYR L 235 -22.53 12.33 63.35
N ASN L 236 -21.48 13.17 63.21
CA ASN L 236 -21.09 13.84 62.03
C ASN L 236 -20.31 12.86 61.20
N SER L 237 -21.04 12.07 60.38
CA SER L 237 -20.54 11.06 59.49
C SER L 237 -19.99 11.70 58.24
N GLY L 238 -19.33 10.90 57.37
CA GLY L 238 -18.86 11.33 56.08
C GLY L 238 -19.93 11.78 55.12
N ARG L 239 -21.09 11.09 55.11
CA ARG L 239 -22.15 11.40 54.18
C ARG L 239 -23.25 12.18 54.86
N LEU L 240 -23.15 12.39 56.19
CA LEU L 240 -24.09 13.21 56.92
C LEU L 240 -23.86 14.68 56.57
N PRO L 241 -24.86 15.48 56.20
CA PRO L 241 -24.83 16.93 56.19
C PRO L 241 -24.52 17.57 57.54
N ARG L 242 -24.38 18.91 57.56
CA ARG L 242 -24.09 19.72 58.71
C ARG L 242 -23.80 21.06 58.15
N GLY L 243 -24.67 22.05 58.46
CA GLY L 243 -24.37 23.44 58.25
C GLY L 243 -23.32 23.92 59.20
N GLU L 244 -22.65 25.02 58.82
CA GLU L 244 -21.50 25.55 59.50
C GLU L 244 -21.97 26.70 60.36
N GLY L 245 -23.22 26.57 60.89
CA GLY L 245 -23.92 27.60 61.61
C GLY L 245 -23.60 27.44 63.05
N ASP L 246 -24.64 27.43 63.92
CA ASP L 246 -24.48 27.58 65.34
C ASP L 246 -23.77 26.37 65.91
N THR L 247 -22.52 26.58 66.42
CA THR L 247 -21.79 25.65 67.23
C THR L 247 -22.52 25.34 68.50
N PHE L 248 -22.42 24.07 68.94
CA PHE L 248 -23.03 23.61 70.16
C PHE L 248 -22.02 22.81 70.89
N LYS L 249 -22.36 22.49 72.16
CA LYS L 249 -21.61 21.60 73.00
C LYS L 249 -22.29 20.27 72.84
N GLY L 250 -22.32 19.84 71.56
CA GLY L 250 -22.96 18.66 71.07
C GLY L 250 -21.89 17.71 70.72
N LYS L 251 -20.63 18.01 71.15
CA LYS L 251 -19.56 17.07 71.23
C LYS L 251 -19.98 16.00 72.19
N LEU L 252 -19.93 14.75 71.72
CA LEU L 252 -20.59 13.65 72.34
C LEU L 252 -19.62 12.54 72.21
N HIS L 253 -19.51 11.75 73.28
CA HIS L 253 -18.43 10.84 73.54
C HIS L 253 -18.32 9.76 72.50
N VAL L 254 -17.25 8.95 72.64
CA VAL L 254 -17.13 7.72 71.92
C VAL L 254 -17.20 6.61 72.94
N PRO L 255 -18.00 5.56 72.71
CA PRO L 255 -18.05 4.39 73.58
C PRO L 255 -16.82 3.52 73.43
N PHE L 256 -15.93 3.81 72.46
CA PHE L 256 -14.85 2.93 72.12
C PHE L 256 -13.69 3.86 71.96
N VAL L 257 -12.70 3.69 72.86
CA VAL L 257 -11.49 4.46 72.95
C VAL L 257 -10.40 3.43 72.81
N PRO L 258 -9.41 3.52 71.91
CA PRO L 258 -8.23 2.69 71.95
C PRO L 258 -7.37 3.21 73.07
N VAL L 259 -7.00 2.32 73.99
CA VAL L 259 -6.31 2.70 75.20
C VAL L 259 -5.04 1.93 75.22
N LYS L 260 -4.10 2.38 76.08
CA LYS L 260 -2.82 1.74 76.27
C LYS L 260 -3.13 0.63 77.23
N ALA L 261 -2.94 -0.62 76.76
CA ALA L 261 -3.11 -1.78 77.58
C ALA L 261 -2.25 -2.82 76.96
N LYS L 262 -2.15 -4.00 77.62
CA LYS L 262 -1.59 -5.22 77.09
C LYS L 262 -2.51 -5.78 76.03
N CYS L 263 -2.41 -5.24 74.79
CA CYS L 263 -3.13 -5.74 73.66
C CYS L 263 -2.78 -7.17 73.37
N ILE L 264 -3.78 -8.01 73.03
CA ILE L 264 -3.54 -9.20 72.25
C ILE L 264 -2.83 -8.83 70.96
N ALA L 265 -1.68 -9.50 70.72
CA ALA L 265 -0.74 -8.98 69.75
C ALA L 265 -0.05 -10.12 69.06
N THR L 266 1.02 -9.75 68.32
CA THR L 266 1.72 -10.60 67.42
C THR L 266 3.14 -10.27 67.71
N LEU L 267 3.95 -11.28 68.05
CA LEU L 267 5.36 -11.07 68.22
C LEU L 267 5.98 -12.40 67.96
N ALA L 268 7.15 -12.35 67.31
CA ALA L 268 7.94 -13.50 66.97
C ALA L 268 8.53 -14.07 68.23
N PRO L 269 8.81 -15.37 68.36
CA PRO L 269 9.35 -16.01 69.55
C PRO L 269 10.49 -15.25 70.19
N GLU L 270 10.48 -15.12 71.54
CA GLU L 270 11.37 -14.25 72.28
C GLU L 270 12.82 -14.60 72.05
N PRO L 271 13.74 -13.64 72.01
CA PRO L 271 15.17 -13.84 71.76
C PRO L 271 15.81 -15.02 72.43
N LEU L 272 16.65 -15.77 71.68
CA LEU L 272 17.47 -16.82 72.22
C LEU L 272 18.74 -16.11 72.61
N VAL L 273 18.73 -15.62 73.86
CA VAL L 273 19.73 -14.80 74.48
C VAL L 273 21.06 -15.50 74.59
N GLU L 274 22.15 -14.73 74.38
CA GLU L 274 23.50 -15.19 74.41
C GLU L 274 24.30 -13.97 74.79
N HIS L 275 25.60 -14.14 75.05
CA HIS L 275 26.42 -13.05 75.48
C HIS L 275 27.84 -13.35 75.17
N LYS L 276 28.66 -12.28 75.19
CA LYS L 276 30.08 -12.32 75.34
C LYS L 276 30.29 -11.19 76.31
N HIS L 277 31.57 -10.77 76.53
CA HIS L 277 31.88 -9.68 77.43
C HIS L 277 31.41 -8.41 76.83
N ARG L 278 30.49 -7.72 77.56
CA ARG L 278 29.94 -6.45 77.17
C ARG L 278 29.27 -6.52 75.82
N THR L 279 28.58 -7.65 75.55
CA THR L 279 27.91 -7.85 74.29
C THR L 279 26.78 -8.76 74.61
N LEU L 280 25.57 -8.37 74.19
CA LEU L 280 24.38 -9.15 74.20
C LEU L 280 24.29 -9.63 72.78
N ILE L 281 24.73 -10.88 72.55
CA ILE L 281 24.49 -11.70 71.39
C ILE L 281 23.05 -12.17 71.39
N LEU L 282 22.35 -12.20 70.23
CA LEU L 282 21.00 -12.70 70.15
C LEU L 282 20.89 -13.51 68.90
N HIS L 283 20.98 -14.84 69.07
CA HIS L 283 20.46 -15.81 68.14
C HIS L 283 18.95 -15.70 68.15
N LEU L 284 18.34 -15.58 66.97
CA LEU L 284 16.97 -15.17 66.83
C LEU L 284 16.40 -16.05 65.78
N HIS L 285 15.09 -16.35 65.91
CA HIS L 285 14.44 -17.37 65.14
C HIS L 285 13.01 -16.89 65.07
N PRO L 286 12.65 -15.98 64.17
CA PRO L 286 11.37 -15.32 64.22
C PRO L 286 10.31 -16.06 63.46
N ASP L 287 9.03 -15.74 63.75
CA ASP L 287 7.89 -16.20 63.00
C ASP L 287 7.20 -14.99 62.42
N HIS L 288 7.72 -13.76 62.67
CA HIS L 288 7.06 -12.55 62.29
C HIS L 288 8.13 -11.53 62.02
N PRO L 289 7.95 -10.55 61.12
CA PRO L 289 8.89 -9.47 60.88
C PRO L 289 8.97 -8.59 62.10
N THR L 290 10.05 -8.72 62.88
CA THR L 290 10.16 -8.04 64.14
C THR L 290 11.31 -7.11 63.97
N LEU L 291 11.06 -5.81 64.22
CA LEU L 291 12.08 -4.80 64.16
C LEU L 291 12.84 -4.83 65.44
N LEU L 292 14.07 -5.38 65.40
CA LEU L 292 14.94 -5.29 66.52
C LEU L 292 15.72 -4.03 66.34
N THR L 293 16.04 -3.43 67.49
CA THR L 293 16.87 -2.29 67.58
C THR L 293 17.20 -2.33 69.02
N THR L 294 18.29 -1.68 69.44
CA THR L 294 18.73 -1.80 70.79
C THR L 294 19.18 -0.42 71.13
N ARG L 295 19.53 -0.25 72.40
CA ARG L 295 19.90 1.01 72.94
C ARG L 295 20.85 0.68 74.02
N SER L 296 22.16 0.80 73.73
CA SER L 296 23.24 0.57 74.66
C SER L 296 23.14 1.61 75.74
N LEU L 297 22.83 1.15 76.96
CA LEU L 297 22.23 1.97 77.97
C LEU L 297 23.30 2.52 78.87
N GLY L 298 23.55 3.83 78.73
CA GLY L 298 24.27 4.58 79.74
C GLY L 298 25.34 5.38 79.11
N SER L 299 26.60 4.97 79.34
CA SER L 299 27.79 5.59 78.80
C SER L 299 27.83 5.65 77.30
N ASP L 300 27.41 4.56 76.62
CA ASP L 300 27.02 4.59 75.22
C ASP L 300 25.56 4.90 75.14
N ALA L 301 25.06 5.10 73.91
CA ALA L 301 23.69 5.47 73.69
C ALA L 301 23.37 5.09 72.27
N ASN L 302 24.25 4.30 71.62
CA ASN L 302 24.15 3.95 70.23
C ASN L 302 22.95 3.06 69.95
N PRO L 303 22.23 3.29 68.86
CA PRO L 303 21.20 2.40 68.40
C PRO L 303 21.85 1.30 67.62
N THR L 304 21.05 0.30 67.24
CA THR L 304 21.42 -0.71 66.30
C THR L 304 20.09 -0.86 65.63
N ARG L 305 20.06 -1.16 64.32
CA ARG L 305 18.79 -1.31 63.63
C ARG L 305 18.94 -2.48 62.74
N GLN L 306 17.93 -3.37 62.77
CA GLN L 306 17.78 -4.41 61.80
C GLN L 306 16.38 -4.93 61.91
N TRP L 307 15.58 -4.91 60.81
CA TRP L 307 14.42 -5.77 60.72
C TRP L 307 14.87 -7.22 60.73
N ILE L 308 14.30 -8.05 61.63
CA ILE L 308 14.64 -9.45 61.71
C ILE L 308 13.37 -10.22 61.50
N GLU L 309 13.30 -10.99 60.40
CA GLU L 309 12.25 -11.95 60.17
C GLU L 309 12.90 -13.26 59.87
N ARG L 310 14.15 -13.21 59.35
CA ARG L 310 14.94 -14.37 59.07
C ARG L 310 15.82 -14.64 60.27
N PRO L 311 16.09 -15.89 60.65
CA PRO L 311 16.96 -16.21 61.76
C PRO L 311 18.37 -15.66 61.62
N THR L 312 18.85 -14.88 62.62
CA THR L 312 20.12 -14.22 62.53
C THR L 312 20.64 -14.12 63.93
N THR L 313 21.91 -14.54 64.14
CA THR L 313 22.65 -14.21 65.32
C THR L 313 23.22 -12.83 65.11
N VAL L 314 22.82 -11.88 65.98
CA VAL L 314 23.20 -10.49 65.90
C VAL L 314 24.00 -10.20 67.15
N ASN L 315 24.48 -8.95 67.32
CA ASN L 315 25.30 -8.56 68.44
C ASN L 315 24.90 -7.16 68.73
N PHE L 316 25.05 -6.76 70.01
CA PHE L 316 24.65 -5.46 70.50
C PHE L 316 25.63 -5.11 71.56
N THR L 317 26.42 -4.05 71.32
CA THR L 317 27.48 -3.61 72.19
C THR L 317 26.99 -2.99 73.49
N VAL L 318 26.88 -3.85 74.53
CA VAL L 318 26.52 -3.50 75.88
C VAL L 318 27.56 -2.55 76.42
N THR L 319 27.12 -1.49 77.12
CA THR L 319 28.02 -0.48 77.62
C THR L 319 28.00 -0.64 79.11
N GLY L 320 28.68 0.27 79.84
CA GLY L 320 28.98 0.21 81.26
C GLY L 320 27.83 -0.09 82.16
N GLU L 321 26.62 0.36 81.78
CA GLU L 321 25.50 0.36 82.66
C GLU L 321 24.41 -0.45 82.00
N GLY L 322 24.84 -1.40 81.16
CA GLY L 322 23.99 -2.36 80.54
C GLY L 322 23.57 -1.81 79.23
N LEU L 323 22.70 -2.57 78.54
CA LEU L 323 22.12 -2.27 77.28
C LEU L 323 20.72 -2.74 77.43
N GLU L 324 19.83 -2.24 76.58
CA GLU L 324 18.50 -2.76 76.48
C GLU L 324 18.34 -3.06 75.03
N TYR L 325 17.37 -3.94 74.70
CA TYR L 325 17.30 -4.54 73.40
C TYR L 325 15.86 -4.75 73.20
N THR L 326 15.34 -4.32 72.04
CA THR L 326 13.97 -3.96 71.90
C THR L 326 13.47 -4.71 70.72
N TRP L 327 13.09 -5.98 71.04
CA TRP L 327 12.68 -7.02 70.15
C TRP L 327 11.28 -6.74 69.69
N GLY L 328 11.15 -5.83 68.70
CA GLY L 328 9.90 -5.38 68.19
C GLY L 328 9.21 -4.45 69.11
N ASN L 329 7.89 -4.41 68.87
CA ASN L 329 6.89 -3.60 69.48
C ASN L 329 6.81 -3.77 70.97
N HIS L 330 7.03 -5.02 71.43
CA HIS L 330 7.40 -5.38 72.78
C HIS L 330 8.47 -4.50 73.39
N PRO L 331 8.27 -3.94 74.61
CA PRO L 331 9.19 -3.01 75.25
C PRO L 331 10.58 -3.55 75.45
N PRO L 332 11.61 -2.72 75.62
CA PRO L 332 12.99 -3.15 75.80
C PRO L 332 13.22 -4.18 76.90
N LYS L 333 14.08 -5.18 76.61
CA LYS L 333 14.64 -6.19 77.47
C LYS L 333 15.94 -5.58 77.97
N ARG L 334 16.67 -6.26 78.87
CA ARG L 334 17.84 -5.64 79.48
C ARG L 334 18.86 -6.69 79.79
N VAL L 335 20.13 -6.22 79.86
CA VAL L 335 21.34 -7.01 79.93
C VAL L 335 22.34 -6.23 80.73
N TRP L 336 22.98 -6.84 81.74
CA TRP L 336 24.05 -6.22 82.47
C TRP L 336 25.25 -6.00 81.61
N ALA L 337 25.99 -4.93 81.94
CA ALA L 337 27.37 -4.77 81.58
C ALA L 337 28.20 -5.77 82.31
N GLN L 338 29.15 -6.39 81.58
CA GLN L 338 30.36 -7.02 82.05
C GLN L 338 30.46 -8.29 81.31
N GLU L 339 31.59 -8.96 81.59
CA GLU L 339 32.10 -10.19 81.09
C GLU L 339 31.15 -11.32 80.85
N SER L 340 31.60 -12.29 80.03
CA SER L 340 31.09 -13.62 80.08
C SER L 340 32.28 -14.52 80.02
N GLY L 341 32.51 -15.30 81.08
CA GLY L 341 33.65 -16.19 81.19
C GLY L 341 33.13 -17.57 81.20
N GLU L 342 31.88 -17.70 81.70
CA GLU L 342 31.01 -18.83 81.51
C GLU L 342 31.40 -19.96 82.43
N GLY L 343 32.21 -19.67 83.48
CA GLY L 343 32.33 -20.51 84.64
C GLY L 343 33.77 -20.80 84.94
N ASN L 344 34.71 -20.14 84.23
CA ASN L 344 36.14 -20.25 84.44
C ASN L 344 36.58 -19.72 85.80
N PRO L 345 37.52 -20.33 86.53
CA PRO L 345 38.35 -19.73 87.58
C PRO L 345 38.77 -18.29 87.45
N HIS L 346 39.18 -17.66 88.60
CA HIS L 346 39.49 -16.26 88.69
C HIS L 346 40.64 -15.89 87.81
N GLY L 347 40.57 -14.66 87.27
CA GLY L 347 41.61 -14.06 86.49
C GLY L 347 41.13 -14.12 85.07
N TRP L 348 39.98 -14.80 84.86
CA TRP L 348 39.34 -14.96 83.59
C TRP L 348 38.01 -14.32 83.83
N PRO L 349 37.79 -13.08 83.42
CA PRO L 349 36.46 -12.55 83.23
C PRO L 349 35.88 -13.15 81.99
N HIS L 350 36.67 -13.15 80.91
CA HIS L 350 36.27 -13.54 79.59
C HIS L 350 37.56 -13.59 78.81
N GLU L 351 38.67 -13.18 79.46
CA GLU L 351 39.98 -13.04 78.90
C GLU L 351 40.79 -14.28 79.30
#